data_2KPT
#
_entry.id   2KPT
#
_entity_poly.entity_id   1
_entity_poly.type   'polypeptide(L)'
_entity_poly.pdbx_seq_one_letter_code
;TETYVLAESPEFYQDNVTDYTGQISSSDITNIQAAIDDVKASEQKVIFVVFLSSFDGVDPETWTQQALQANGGGNVLIYA
LAPEERQYGIQGGTQWTDAELDAANNAAFQALSQEDWAGSALALAESVGSSSSSSSGSSSLEHHHHHH
;
_entity_poly.pdbx_strand_id   A
#
# COMPACT_ATOMS: atom_id res chain seq x y z
N THR A 1 25.36 4.86 -16.11
CA THR A 1 24.17 4.19 -16.74
C THR A 1 22.94 4.28 -15.82
N GLU A 2 22.76 5.42 -15.16
CA GLU A 2 21.73 5.58 -14.13
C GLU A 2 20.39 6.09 -14.71
N THR A 3 20.19 5.94 -16.02
CA THR A 3 18.93 6.36 -16.67
C THR A 3 17.84 5.29 -16.52
N TYR A 4 16.62 5.64 -16.93
CA TYR A 4 15.45 4.75 -16.80
C TYR A 4 15.20 3.97 -18.10
N VAL A 5 14.22 3.07 -18.08
CA VAL A 5 13.86 2.29 -19.27
C VAL A 5 12.81 3.03 -20.13
N LEU A 6 13.02 3.04 -21.43
CA LEU A 6 12.11 3.72 -22.37
C LEU A 6 10.97 2.78 -22.82
N ALA A 7 9.73 3.13 -22.44
CA ALA A 7 8.54 2.34 -22.81
C ALA A 7 8.54 0.95 -22.17
N GLU A 8 7.68 0.06 -22.69
CA GLU A 8 7.58 -1.33 -22.21
C GLU A 8 7.17 -1.41 -20.73
N SER A 9 6.49 -0.37 -20.25
CA SER A 9 6.02 -0.31 -18.86
C SER A 9 5.03 -1.43 -18.54
N PRO A 10 4.88 -1.81 -17.25
CA PRO A 10 3.90 -2.83 -16.84
C PRO A 10 2.44 -2.36 -17.02
N GLU A 11 1.75 -2.97 -17.98
CA GLU A 11 0.36 -2.59 -18.29
C GLU A 11 -0.64 -3.26 -17.33
N PHE A 12 -0.12 -4.05 -16.39
CA PHE A 12 -0.94 -4.72 -15.38
C PHE A 12 -1.28 -3.76 -14.24
N TYR A 13 -1.75 -4.31 -13.12
CA TYR A 13 -2.04 -3.53 -11.90
C TYR A 13 -3.04 -2.39 -12.18
N GLN A 14 -4.27 -2.76 -12.53
CA GLN A 14 -5.33 -1.78 -12.85
C GLN A 14 -5.48 -0.75 -11.72
N ASP A 15 -5.53 -1.24 -10.49
CA ASP A 15 -5.68 -0.38 -9.31
C ASP A 15 -4.89 -0.94 -8.11
N ASN A 16 -4.41 -0.05 -7.26
CA ASN A 16 -3.74 -0.43 -6.01
C ASN A 16 -4.50 0.13 -4.79
N VAL A 17 -5.65 0.74 -5.04
CA VAL A 17 -6.49 1.33 -3.99
C VAL A 17 -7.97 0.97 -4.19
N THR A 18 -8.56 0.26 -3.22
CA THR A 18 -9.97 -0.13 -3.28
C THR A 18 -10.71 0.32 -2.01
N ASP A 19 -11.87 0.96 -2.17
CA ASP A 19 -12.63 1.45 -1.01
C ASP A 19 -14.01 0.76 -0.91
N TYR A 20 -14.47 0.60 0.33
CA TYR A 20 -15.83 0.13 0.62
C TYR A 20 -16.59 1.21 1.40
N THR A 21 -15.97 2.39 1.51
CA THR A 21 -16.51 3.48 2.34
C THR A 21 -17.17 4.58 1.50
N GLY A 22 -16.57 4.91 0.36
CA GLY A 22 -17.04 6.04 -0.44
C GLY A 22 -16.74 7.39 0.21
N GLN A 23 -15.91 7.38 1.26
CA GLN A 23 -15.57 8.59 2.02
C GLN A 23 -14.30 9.29 1.48
N ILE A 24 -13.54 8.58 0.66
CA ILE A 24 -12.26 9.10 0.15
C ILE A 24 -12.44 9.75 -1.22
N SER A 25 -11.97 10.98 -1.37
CA SER A 25 -12.09 11.72 -2.64
C SER A 25 -11.32 11.02 -3.77
N SER A 26 -11.98 10.81 -4.90
CA SER A 26 -11.41 10.09 -6.05
C SER A 26 -10.03 10.62 -6.46
N SER A 27 -9.87 11.94 -6.48
CA SER A 27 -8.58 12.56 -6.81
C SER A 27 -7.47 12.12 -5.83
N ASP A 28 -7.80 12.10 -4.53
CA ASP A 28 -6.84 11.66 -3.51
C ASP A 28 -6.52 10.17 -3.65
N ILE A 29 -7.51 9.38 -4.07
CA ILE A 29 -7.29 7.97 -4.39
C ILE A 29 -6.22 7.83 -5.49
N THR A 30 -6.31 8.69 -6.50
CA THR A 30 -5.32 8.74 -7.59
C THR A 30 -3.94 9.19 -7.06
N ASN A 31 -3.95 10.12 -6.08
CA ASN A 31 -2.69 10.56 -5.45
C ASN A 31 -2.00 9.41 -4.71
N ILE A 32 -2.77 8.67 -3.91
CA ILE A 32 -2.25 7.46 -3.24
C ILE A 32 -1.68 6.47 -4.26
N GLN A 33 -2.46 6.22 -5.31
CA GLN A 33 -2.05 5.35 -6.42
C GLN A 33 -0.68 5.78 -6.98
N ALA A 34 -0.54 7.07 -7.27
CA ALA A 34 0.71 7.64 -7.81
C ALA A 34 1.90 7.38 -6.87
N ALA A 35 1.68 7.59 -5.57
CA ALA A 35 2.72 7.34 -4.57
C ALA A 35 3.11 5.84 -4.54
N ILE A 36 2.12 4.98 -4.66
CA ILE A 36 2.34 3.52 -4.69
C ILE A 36 3.14 3.11 -5.95
N ASP A 37 2.78 3.67 -7.11
CA ASP A 37 3.45 3.36 -8.37
C ASP A 37 4.93 3.77 -8.37
N ASP A 38 5.29 4.80 -7.61
CA ASP A 38 6.70 5.17 -7.46
C ASP A 38 7.48 4.00 -6.83
N VAL A 39 6.89 3.42 -5.79
CA VAL A 39 7.44 2.23 -5.13
C VAL A 39 7.44 1.02 -6.09
N LYS A 40 6.35 0.88 -6.84
CA LYS A 40 6.21 -0.20 -7.83
C LYS A 40 7.25 -0.09 -8.96
N ALA A 41 7.61 1.14 -9.33
CA ALA A 41 8.54 1.37 -10.44
C ALA A 41 10.01 1.31 -10.00
N SER A 42 10.32 1.83 -8.80
CA SER A 42 11.71 1.88 -8.32
C SER A 42 12.09 0.65 -7.47
N GLU A 43 11.25 0.34 -6.48
CA GLU A 43 11.58 -0.72 -5.51
C GLU A 43 10.96 -2.07 -5.89
N GLN A 44 10.25 -2.12 -7.03
CA GLN A 44 9.57 -3.35 -7.48
C GLN A 44 8.54 -3.85 -6.45
N LYS A 45 8.17 -2.98 -5.51
CA LYS A 45 7.25 -3.34 -4.43
C LYS A 45 5.82 -2.85 -4.73
N VAL A 46 4.85 -3.76 -4.70
CA VAL A 46 3.46 -3.43 -5.02
C VAL A 46 2.58 -3.33 -3.76
N ILE A 47 2.20 -2.11 -3.41
CA ILE A 47 1.35 -1.87 -2.23
C ILE A 47 -0.15 -1.92 -2.60
N PHE A 48 -0.98 -2.33 -1.65
CA PHE A 48 -2.43 -2.44 -1.84
C PHE A 48 -3.18 -1.82 -0.66
N VAL A 49 -3.95 -0.77 -0.93
CA VAL A 49 -4.70 -0.06 0.12
C VAL A 49 -6.21 -0.33 0.01
N VAL A 50 -6.77 -0.95 1.04
CA VAL A 50 -8.21 -1.25 1.08
C VAL A 50 -8.91 -0.50 2.23
N PHE A 51 -9.79 0.44 1.87
CA PHE A 51 -10.59 1.17 2.87
C PHE A 51 -11.86 0.39 3.21
N LEU A 52 -11.86 -0.30 4.35
CA LEU A 52 -13.01 -1.11 4.78
C LEU A 52 -13.96 -0.31 5.68
N SER A 53 -15.20 -0.79 5.80
CA SER A 53 -16.14 -0.23 6.77
C SER A 53 -15.75 -0.68 8.18
N SER A 54 -15.58 -1.98 8.34
CA SER A 54 -15.06 -2.58 9.58
C SER A 54 -14.45 -3.95 9.27
N PHE A 55 -13.93 -4.62 10.29
CA PHE A 55 -13.31 -5.94 10.11
C PHE A 55 -14.23 -7.09 10.55
N ASP A 56 -15.50 -6.77 10.86
CA ASP A 56 -16.52 -7.77 11.19
C ASP A 56 -16.09 -8.68 12.37
N GLY A 57 -15.32 -9.72 12.06
CA GLY A 57 -14.80 -10.62 13.08
C GLY A 57 -13.54 -11.35 12.61
N VAL A 58 -12.78 -10.69 11.73
CA VAL A 58 -11.57 -11.27 11.15
C VAL A 58 -10.29 -10.72 11.79
N ASP A 59 -10.42 -9.54 12.39
CA ASP A 59 -9.30 -8.79 12.98
C ASP A 59 -8.37 -8.19 11.90
N PRO A 60 -7.88 -6.95 12.11
CA PRO A 60 -7.12 -6.20 11.09
C PRO A 60 -5.85 -6.92 10.57
N GLU A 61 -4.93 -7.26 11.47
CA GLU A 61 -3.67 -7.92 11.08
C GLU A 61 -3.94 -9.31 10.47
N THR A 62 -4.93 -10.01 11.00
CA THR A 62 -5.31 -11.34 10.48
C THR A 62 -5.93 -11.23 9.09
N TRP A 63 -6.77 -10.22 8.88
CA TRP A 63 -7.39 -9.97 7.57
C TRP A 63 -6.33 -9.72 6.49
N THR A 64 -5.42 -8.78 6.75
CA THR A 64 -4.35 -8.44 5.82
C THR A 64 -3.51 -9.64 5.44
N GLN A 65 -3.08 -10.38 6.47
CA GLN A 65 -2.26 -11.55 6.25
C GLN A 65 -2.96 -12.56 5.33
N GLN A 66 -4.24 -12.86 5.62
CA GLN A 66 -5.02 -13.79 4.79
C GLN A 66 -5.13 -13.30 3.33
N ALA A 67 -5.43 -12.01 3.16
CA ALA A 67 -5.48 -11.40 1.82
C ALA A 67 -4.12 -11.52 1.12
N LEU A 68 -3.05 -11.38 1.90
CA LEU A 68 -1.68 -11.52 1.37
C LEU A 68 -1.43 -12.98 0.93
N GLN A 69 -1.93 -13.94 1.72
CA GLN A 69 -1.79 -15.37 1.38
C GLN A 69 -2.49 -15.68 0.04
N ALA A 70 -3.74 -15.27 -0.09
CA ALA A 70 -4.51 -15.46 -1.32
C ALA A 70 -3.82 -14.78 -2.53
N ASN A 71 -3.18 -13.65 -2.27
CA ASN A 71 -2.45 -12.91 -3.30
C ASN A 71 -1.05 -13.51 -3.57
N GLY A 72 -0.62 -14.45 -2.74
CA GLY A 72 0.74 -14.97 -2.84
C GLY A 72 1.78 -13.86 -2.73
N GLY A 73 1.60 -13.01 -1.72
CA GLY A 73 2.40 -11.81 -1.56
C GLY A 73 3.92 -12.01 -1.65
N GLY A 74 4.46 -11.86 -2.86
CA GLY A 74 5.90 -11.79 -3.03
C GLY A 74 6.42 -10.39 -2.75
N ASN A 75 6.08 -9.44 -3.62
CA ASN A 75 6.42 -8.02 -3.46
C ASN A 75 5.20 -7.21 -2.99
N VAL A 76 4.13 -7.91 -2.61
CA VAL A 76 2.85 -7.28 -2.27
C VAL A 76 2.79 -6.83 -0.80
N LEU A 77 2.11 -5.70 -0.55
CA LEU A 77 1.83 -5.24 0.81
C LEU A 77 0.33 -4.91 0.96
N ILE A 78 -0.37 -5.65 1.83
CA ILE A 78 -1.79 -5.42 2.08
C ILE A 78 -2.01 -4.45 3.26
N TYR A 79 -2.68 -3.34 2.99
CA TYR A 79 -3.02 -2.35 4.02
C TYR A 79 -4.55 -2.21 4.16
N ALA A 80 -5.08 -2.67 5.28
CA ALA A 80 -6.53 -2.61 5.53
C ALA A 80 -6.86 -1.56 6.60
N LEU A 81 -7.73 -0.61 6.25
CA LEU A 81 -8.10 0.48 7.17
C LEU A 81 -9.62 0.54 7.38
N ALA A 82 -10.05 0.64 8.64
CA ALA A 82 -11.46 0.80 8.98
C ALA A 82 -11.69 2.16 9.67
N PRO A 83 -11.93 3.22 8.88
CA PRO A 83 -12.13 4.58 9.40
C PRO A 83 -13.24 4.65 10.45
N GLU A 84 -14.31 3.90 10.22
CA GLU A 84 -15.48 3.91 11.11
C GLU A 84 -15.12 3.50 12.55
N GLU A 85 -14.12 2.63 12.67
CA GLU A 85 -13.68 2.13 13.98
C GLU A 85 -12.24 2.52 14.34
N ARG A 86 -11.65 3.41 13.54
CA ARG A 86 -10.29 3.93 13.80
C ARG A 86 -9.25 2.79 13.99
N GLN A 87 -9.47 1.65 13.34
CA GLN A 87 -8.54 0.51 13.42
C GLN A 87 -7.97 0.17 12.04
N TYR A 88 -6.81 -0.50 12.00
CA TYR A 88 -6.15 -0.82 10.73
C TYR A 88 -5.18 -2.01 10.87
N GLY A 89 -4.65 -2.47 9.74
CA GLY A 89 -3.68 -3.56 9.71
C GLY A 89 -2.74 -3.50 8.52
N ILE A 90 -1.46 -3.82 8.73
CA ILE A 90 -0.45 -3.73 7.65
C ILE A 90 0.43 -4.99 7.59
N GLN A 91 0.45 -5.66 6.43
CA GLN A 91 1.28 -6.86 6.22
C GLN A 91 1.89 -6.89 4.82
N GLY A 92 3.20 -7.17 4.76
CA GLY A 92 3.91 -7.23 3.47
C GLY A 92 4.40 -8.62 3.11
N GLY A 93 4.78 -8.81 1.85
CA GLY A 93 5.22 -10.12 1.39
C GLY A 93 6.70 -10.41 1.65
N THR A 94 7.19 -11.51 1.08
CA THR A 94 8.58 -11.96 1.31
C THR A 94 9.63 -10.88 0.96
N GLN A 95 9.33 -10.07 -0.04
CA GLN A 95 10.27 -9.00 -0.48
C GLN A 95 10.08 -7.72 0.33
N TRP A 96 9.53 -7.83 1.54
CA TRP A 96 9.44 -6.72 2.50
C TRP A 96 10.10 -7.12 3.83
N THR A 97 10.82 -6.19 4.46
CA THR A 97 11.44 -6.48 5.77
C THR A 97 10.53 -6.02 6.93
N ASP A 98 10.72 -6.62 8.09
CA ASP A 98 10.00 -6.24 9.32
C ASP A 98 10.16 -4.74 9.62
N ALA A 99 11.32 -4.18 9.25
CA ALA A 99 11.59 -2.75 9.41
C ALA A 99 10.72 -1.91 8.46
N GLU A 100 10.64 -2.34 7.20
CA GLU A 100 9.80 -1.65 6.20
C GLU A 100 8.33 -1.61 6.66
N LEU A 101 7.82 -2.77 7.10
CA LEU A 101 6.45 -2.89 7.58
C LEU A 101 6.20 -1.97 8.79
N ASP A 102 7.14 -1.93 9.73
CA ASP A 102 7.03 -1.07 10.90
C ASP A 102 7.03 0.42 10.50
N ALA A 103 8.00 0.83 9.69
CA ALA A 103 8.06 2.21 9.19
C ALA A 103 6.74 2.61 8.50
N ALA A 104 6.21 1.70 7.68
CA ALA A 104 4.92 1.91 7.02
C ALA A 104 3.79 2.06 8.06
N ASN A 105 3.85 1.24 9.11
CA ASN A 105 2.89 1.30 10.21
C ASN A 105 2.92 2.67 10.90
N ASN A 106 4.13 3.11 11.27
CA ASN A 106 4.33 4.43 11.89
C ASN A 106 3.93 5.57 10.94
N ALA A 107 4.25 5.41 9.65
CA ALA A 107 3.91 6.41 8.63
C ALA A 107 2.39 6.62 8.54
N ALA A 108 1.65 5.53 8.38
CA ALA A 108 0.19 5.58 8.30
C ALA A 108 -0.42 6.09 9.61
N PHE A 109 0.07 5.57 10.75
CA PHE A 109 -0.45 5.93 12.08
C PHE A 109 -0.48 7.45 12.30
N GLN A 110 0.57 8.14 11.88
CA GLN A 110 0.66 9.60 12.01
C GLN A 110 -0.59 10.29 11.45
N ALA A 111 -0.98 9.93 10.22
CA ALA A 111 -2.17 10.50 9.59
C ALA A 111 -3.47 9.96 10.23
N LEU A 112 -3.43 8.72 10.72
CA LEU A 112 -4.60 8.08 11.31
C LEU A 112 -5.03 8.74 12.63
N SER A 113 -4.08 9.18 13.45
CA SER A 113 -4.39 9.92 14.67
C SER A 113 -5.05 11.26 14.34
N GLN A 114 -4.63 11.82 13.21
CA GLN A 114 -5.22 13.05 12.67
C GLN A 114 -6.54 12.75 11.93
N GLU A 115 -6.87 11.46 11.80
CA GLU A 115 -8.07 11.00 11.09
C GLU A 115 -8.07 11.42 9.61
N ASP A 116 -6.87 11.60 9.05
CA ASP A 116 -6.72 11.81 7.61
C ASP A 116 -6.53 10.44 6.94
N TRP A 117 -7.65 9.73 6.74
CA TRP A 117 -7.63 8.32 6.34
C TRP A 117 -6.89 8.09 5.02
N ALA A 118 -7.11 8.94 4.03
CA ALA A 118 -6.44 8.83 2.74
C ALA A 118 -4.94 9.10 2.86
N GLY A 119 -4.58 10.06 3.72
CA GLY A 119 -3.18 10.42 3.92
C GLY A 119 -2.34 9.30 4.52
N SER A 120 -2.95 8.44 5.32
CA SER A 120 -2.24 7.30 5.92
C SER A 120 -1.66 6.38 4.85
N ALA A 121 -2.49 6.04 3.87
CA ALA A 121 -2.07 5.22 2.74
C ALA A 121 -0.98 5.91 1.91
N LEU A 122 -1.20 7.18 1.61
CA LEU A 122 -0.23 7.98 0.87
C LEU A 122 1.14 8.02 1.60
N ALA A 123 1.11 8.33 2.89
CA ALA A 123 2.32 8.37 3.72
C ALA A 123 3.00 6.99 3.79
N LEU A 124 2.19 5.95 3.89
CA LEU A 124 2.69 4.56 3.89
C LEU A 124 3.54 4.30 2.64
N ALA A 125 3.02 4.69 1.48
CA ALA A 125 3.74 4.56 0.21
C ALA A 125 5.01 5.43 0.18
N GLU A 126 4.85 6.70 0.56
CA GLU A 126 5.97 7.67 0.59
C GLU A 126 7.15 7.18 1.45
N SER A 127 6.83 6.53 2.57
CA SER A 127 7.86 5.98 3.48
C SER A 127 8.79 5.00 2.74
N VAL A 128 8.27 4.36 1.69
CA VAL A 128 9.07 3.44 0.88
C VAL A 128 9.53 4.10 -0.43
N GLY A 129 8.71 5.00 -0.96
CA GLY A 129 9.06 5.71 -2.19
C GLY A 129 10.32 6.54 -2.05
N SER A 130 10.55 7.09 -0.87
CA SER A 130 11.76 7.88 -0.58
C SER A 130 13.04 7.05 -0.76
N SER A 131 12.89 5.72 -0.72
CA SER A 131 14.04 4.80 -0.89
C SER A 131 14.54 4.76 -2.33
N SER A 132 13.77 5.35 -3.26
CA SER A 132 14.14 5.37 -4.68
C SER A 132 15.46 6.12 -4.93
N SER A 133 16.54 5.36 -5.14
CA SER A 133 17.87 5.92 -5.37
C SER A 133 18.30 5.75 -6.84
N SER A 134 19.54 6.09 -7.15
CA SER A 134 20.08 5.93 -8.51
C SER A 134 20.56 4.50 -8.78
N SER A 135 20.12 3.56 -7.94
CA SER A 135 20.51 2.15 -8.07
C SER A 135 19.83 1.49 -9.28
N SER A 136 20.42 1.67 -10.46
CA SER A 136 19.89 1.07 -11.70
C SER A 136 20.56 -0.27 -12.00
N GLY A 137 19.80 -1.21 -12.55
CA GLY A 137 20.35 -2.52 -12.91
C GLY A 137 20.55 -2.68 -14.42
N SER A 138 21.40 -3.63 -14.81
CA SER A 138 21.66 -3.89 -16.24
C SER A 138 20.45 -4.55 -16.90
N SER A 139 19.44 -3.74 -17.24
CA SER A 139 18.20 -4.23 -17.86
C SER A 139 17.75 -3.31 -19.01
N SER A 140 17.45 -3.90 -20.17
CA SER A 140 17.02 -3.12 -21.35
C SER A 140 16.07 -3.94 -22.23
N LEU A 141 14.97 -3.33 -22.67
CA LEU A 141 13.94 -4.02 -23.47
C LEU A 141 13.78 -3.41 -24.87
N GLU A 142 13.35 -4.23 -25.83
CA GLU A 142 13.07 -3.76 -27.19
C GLU A 142 12.29 -4.81 -28.01
N HIS A 143 11.16 -4.41 -28.58
CA HIS A 143 10.44 -5.25 -29.54
C HIS A 143 11.06 -5.13 -30.94
N HIS A 144 12.11 -5.92 -31.18
CA HIS A 144 12.79 -5.91 -32.48
C HIS A 144 11.82 -6.35 -33.59
N HIS A 145 11.49 -5.42 -34.48
CA HIS A 145 10.40 -5.61 -35.45
C HIS A 145 10.77 -6.57 -36.60
N HIS A 146 9.90 -7.55 -36.84
CA HIS A 146 10.08 -8.51 -37.93
C HIS A 146 10.00 -7.80 -39.29
N HIS A 147 10.90 -8.17 -40.20
CA HIS A 147 10.93 -7.61 -41.55
C HIS A 147 11.55 -8.62 -42.52
N HIS A 148 10.72 -9.14 -43.44
CA HIS A 148 11.10 -10.29 -44.28
C HIS A 148 11.27 -11.57 -43.41
N THR A 1 -3.27 19.90 -26.68
CA THR A 1 -3.01 18.44 -26.89
C THR A 1 -1.66 18.02 -26.31
N GLU A 2 -0.58 18.57 -26.87
CA GLU A 2 0.78 18.26 -26.41
C GLU A 2 1.05 18.88 -25.03
N THR A 3 0.71 18.15 -23.97
CA THR A 3 0.81 18.67 -22.60
C THR A 3 2.23 18.55 -22.02
N TYR A 4 2.50 17.49 -21.26
CA TYR A 4 3.81 17.29 -20.62
C TYR A 4 3.82 16.01 -19.76
N VAL A 5 4.90 15.82 -19.00
CA VAL A 5 5.04 14.65 -18.13
C VAL A 5 5.14 15.03 -16.64
N LEU A 6 4.16 14.60 -15.85
CA LEU A 6 4.17 14.83 -14.40
C LEU A 6 4.27 13.49 -13.63
N ALA A 7 3.16 12.74 -13.62
CA ALA A 7 3.10 11.43 -12.95
C ALA A 7 1.81 10.69 -13.32
N GLU A 8 1.93 9.52 -13.94
CA GLU A 8 0.77 8.77 -14.44
C GLU A 8 0.61 7.42 -13.70
N SER A 9 -0.65 7.00 -13.53
CA SER A 9 -0.97 5.76 -12.81
C SER A 9 -1.12 4.56 -13.76
N PRO A 10 -0.86 3.32 -13.26
CA PRO A 10 -0.96 2.09 -14.08
C PRO A 10 -2.40 1.80 -14.54
N GLU A 11 -2.58 1.71 -15.87
CA GLU A 11 -3.89 1.41 -16.48
C GLU A 11 -4.32 -0.06 -16.25
N PHE A 12 -3.46 -0.85 -15.61
CA PHE A 12 -3.74 -2.26 -15.37
C PHE A 12 -4.41 -2.46 -13.99
N TYR A 13 -4.55 -3.72 -13.58
CA TYR A 13 -5.08 -4.06 -12.24
C TYR A 13 -6.53 -3.57 -12.05
N GLN A 14 -7.00 -3.61 -10.81
CA GLN A 14 -8.27 -2.99 -10.42
C GLN A 14 -8.00 -1.78 -9.52
N ASP A 15 -6.87 -1.13 -9.78
CA ASP A 15 -6.35 -0.04 -8.93
C ASP A 15 -5.98 -0.53 -7.52
N ASN A 16 -4.80 -0.14 -7.05
CA ASN A 16 -4.31 -0.56 -5.73
C ASN A 16 -5.11 0.09 -4.59
N VAL A 17 -5.78 1.19 -4.88
CA VAL A 17 -6.60 1.89 -3.90
C VAL A 17 -8.09 1.52 -4.05
N THR A 18 -8.59 0.67 -3.15
CA THR A 18 -9.98 0.19 -3.22
C THR A 18 -10.81 0.74 -2.05
N ASP A 19 -11.85 1.52 -2.37
CA ASP A 19 -12.71 2.12 -1.36
C ASP A 19 -14.08 1.41 -1.23
N TYR A 20 -14.48 1.14 0.01
CA TYR A 20 -15.81 0.58 0.30
C TYR A 20 -16.66 1.54 1.16
N THR A 21 -16.05 2.65 1.59
CA THR A 21 -16.71 3.58 2.54
C THR A 21 -17.54 4.64 1.81
N GLY A 22 -17.02 5.13 0.69
CA GLY A 22 -17.69 6.21 -0.03
C GLY A 22 -17.31 7.59 0.49
N GLN A 23 -16.37 7.62 1.45
CA GLN A 23 -15.89 8.87 2.04
C GLN A 23 -14.67 9.41 1.29
N ILE A 24 -13.94 8.52 0.63
CA ILE A 24 -12.73 8.89 -0.11
C ILE A 24 -13.08 9.56 -1.46
N SER A 25 -12.30 10.55 -1.86
CA SER A 25 -12.53 11.25 -3.13
C SER A 25 -11.70 10.62 -4.26
N SER A 26 -12.22 10.69 -5.49
CA SER A 26 -11.53 10.12 -6.67
C SER A 26 -10.10 10.68 -6.80
N SER A 27 -9.93 11.94 -6.40
CA SER A 27 -8.61 12.57 -6.36
C SER A 27 -7.63 11.79 -5.48
N ASP A 28 -8.07 11.44 -4.27
CA ASP A 28 -7.23 10.71 -3.32
C ASP A 28 -6.84 9.33 -3.87
N ILE A 29 -7.76 8.69 -4.60
CA ILE A 29 -7.49 7.40 -5.24
C ILE A 29 -6.24 7.47 -6.13
N THR A 30 -6.21 8.45 -7.02
CA THR A 30 -5.08 8.64 -7.94
C THR A 30 -3.80 9.05 -7.19
N ASN A 31 -3.93 9.98 -6.25
CA ASN A 31 -2.79 10.50 -5.48
C ASN A 31 -2.07 9.38 -4.70
N ILE A 32 -2.83 8.56 -3.98
CA ILE A 32 -2.26 7.42 -3.25
C ILE A 32 -1.58 6.44 -4.22
N GLN A 33 -2.26 6.15 -5.33
CA GLN A 33 -1.68 5.28 -6.38
C GLN A 33 -0.38 5.86 -6.94
N ALA A 34 -0.32 7.18 -7.10
CA ALA A 34 0.88 7.85 -7.63
C ALA A 34 2.11 7.57 -6.75
N ALA A 35 1.90 7.51 -5.43
CA ALA A 35 2.98 7.17 -4.49
C ALA A 35 3.28 5.65 -4.51
N ILE A 36 2.21 4.85 -4.57
CA ILE A 36 2.35 3.37 -4.60
C ILE A 36 3.09 2.88 -5.86
N ASP A 37 2.72 3.41 -7.01
CA ASP A 37 3.30 2.97 -8.28
C ASP A 37 4.82 3.22 -8.33
N ASP A 38 5.27 4.29 -7.68
CA ASP A 38 6.71 4.58 -7.62
C ASP A 38 7.46 3.46 -6.89
N VAL A 39 6.87 2.96 -5.81
CA VAL A 39 7.42 1.80 -5.09
C VAL A 39 7.38 0.55 -5.99
N LYS A 40 6.29 0.43 -6.76
CA LYS A 40 6.12 -0.68 -7.72
C LYS A 40 7.16 -0.61 -8.86
N ALA A 41 7.56 0.60 -9.25
CA ALA A 41 8.51 0.79 -10.35
C ALA A 41 9.97 0.82 -9.87
N SER A 42 10.20 1.40 -8.69
CA SER A 42 11.55 1.54 -8.14
C SER A 42 11.96 0.31 -7.31
N GLU A 43 11.12 -0.07 -6.35
CA GLU A 43 11.42 -1.18 -5.43
C GLU A 43 10.79 -2.51 -5.89
N GLN A 44 10.04 -2.48 -6.99
CA GLN A 44 9.35 -3.68 -7.51
C GLN A 44 8.30 -4.20 -6.50
N LYS A 45 7.98 -3.37 -5.52
CA LYS A 45 7.07 -3.74 -4.42
C LYS A 45 5.66 -3.20 -4.66
N VAL A 46 4.68 -4.09 -4.66
CA VAL A 46 3.29 -3.73 -4.97
C VAL A 46 2.45 -3.52 -3.69
N ILE A 47 2.17 -2.26 -3.38
CA ILE A 47 1.38 -1.91 -2.19
C ILE A 47 -0.12 -1.87 -2.52
N PHE A 48 -0.95 -2.25 -1.55
CA PHE A 48 -2.41 -2.26 -1.71
C PHE A 48 -3.10 -1.54 -0.54
N VAL A 49 -4.08 -0.71 -0.85
CA VAL A 49 -4.84 0.01 0.17
C VAL A 49 -6.34 -0.31 0.07
N VAL A 50 -6.93 -0.78 1.15
CA VAL A 50 -8.36 -1.12 1.19
C VAL A 50 -9.10 -0.35 2.29
N PHE A 51 -10.02 0.53 1.89
CA PHE A 51 -10.84 1.29 2.84
C PHE A 51 -12.15 0.54 3.15
N LEU A 52 -12.20 -0.12 4.30
CA LEU A 52 -13.37 -0.90 4.72
C LEU A 52 -14.30 -0.09 5.64
N SER A 53 -15.57 -0.49 5.69
CA SER A 53 -16.52 0.06 6.67
C SER A 53 -16.31 -0.58 8.03
N SER A 54 -15.86 -1.84 8.01
CA SER A 54 -15.54 -2.60 9.22
C SER A 54 -14.78 -3.89 8.85
N PHE A 55 -14.29 -4.60 9.85
CA PHE A 55 -13.60 -5.88 9.61
C PHE A 55 -14.52 -7.08 9.91
N ASP A 56 -15.79 -6.80 10.20
CA ASP A 56 -16.81 -7.84 10.43
C ASP A 56 -16.41 -8.82 11.57
N GLY A 57 -15.53 -8.39 12.47
CA GLY A 57 -15.11 -9.24 13.58
C GLY A 57 -13.78 -9.96 13.33
N VAL A 58 -13.20 -9.78 12.15
CA VAL A 58 -11.89 -10.36 11.83
C VAL A 58 -10.76 -9.40 12.18
N ASP A 59 -9.77 -9.90 12.92
CA ASP A 59 -8.63 -9.07 13.33
C ASP A 59 -7.93 -8.43 12.12
N PRO A 60 -7.64 -7.11 12.18
CA PRO A 60 -6.98 -6.40 11.06
C PRO A 60 -5.68 -7.08 10.59
N GLU A 61 -5.03 -7.81 11.49
CA GLU A 61 -3.83 -8.59 11.15
C GLU A 61 -4.19 -9.87 10.38
N THR A 62 -5.29 -10.51 10.79
CA THR A 62 -5.75 -11.75 10.14
C THR A 62 -6.36 -11.46 8.76
N TRP A 63 -7.19 -10.41 8.67
CA TRP A 63 -7.83 -10.02 7.42
C TRP A 63 -6.79 -9.71 6.33
N THR A 64 -5.77 -8.92 6.70
CA THR A 64 -4.69 -8.55 5.77
C THR A 64 -3.93 -9.78 5.32
N GLN A 65 -3.62 -10.65 6.27
CA GLN A 65 -2.90 -11.87 5.96
C GLN A 65 -3.66 -12.71 4.91
N GLN A 66 -4.96 -12.90 5.13
CA GLN A 66 -5.82 -13.63 4.18
C GLN A 66 -5.73 -13.02 2.77
N ALA A 67 -5.71 -11.69 2.70
CA ALA A 67 -5.57 -11.00 1.41
C ALA A 67 -4.16 -11.19 0.82
N LEU A 68 -3.15 -11.15 1.69
CA LEU A 68 -1.75 -11.30 1.27
C LEU A 68 -1.47 -12.71 0.74
N GLN A 69 -1.95 -13.73 1.45
CA GLN A 69 -1.83 -15.12 1.00
C GLN A 69 -2.53 -15.33 -0.35
N ALA A 70 -3.69 -14.69 -0.53
CA ALA A 70 -4.38 -14.70 -1.82
C ALA A 70 -3.55 -14.00 -2.90
N ASN A 71 -2.78 -13.00 -2.48
CA ASN A 71 -1.86 -12.27 -3.37
C ASN A 71 -0.47 -12.95 -3.42
N GLY A 72 -0.35 -14.10 -2.76
CA GLY A 72 0.94 -14.79 -2.68
C GLY A 72 1.90 -14.15 -1.68
N GLY A 73 2.12 -12.85 -1.82
CA GLY A 73 3.01 -12.11 -0.93
C GLY A 73 4.25 -11.60 -1.65
N GLY A 74 5.42 -12.05 -1.22
CA GLY A 74 6.67 -11.61 -1.82
C GLY A 74 6.85 -10.10 -1.81
N ASN A 75 6.55 -9.46 -2.93
CA ASN A 75 6.72 -8.00 -3.09
C ASN A 75 5.42 -7.25 -2.74
N VAL A 76 4.33 -7.98 -2.58
CA VAL A 76 3.02 -7.39 -2.30
C VAL A 76 2.85 -7.00 -0.81
N LEU A 77 2.11 -5.91 -0.56
CA LEU A 77 1.79 -5.47 0.81
C LEU A 77 0.34 -4.96 0.89
N ILE A 78 -0.46 -5.53 1.79
CA ILE A 78 -1.86 -5.10 1.97
C ILE A 78 -2.03 -4.20 3.20
N TYR A 79 -2.67 -3.06 2.99
CA TYR A 79 -3.01 -2.12 4.07
C TYR A 79 -4.54 -1.96 4.18
N ALA A 80 -5.11 -2.53 5.23
CA ALA A 80 -6.55 -2.46 5.45
C ALA A 80 -6.91 -1.41 6.52
N LEU A 81 -7.78 -0.47 6.16
CA LEU A 81 -8.16 0.62 7.08
C LEU A 81 -9.69 0.70 7.24
N ALA A 82 -10.16 0.85 8.48
CA ALA A 82 -11.59 1.02 8.75
C ALA A 82 -11.85 2.34 9.50
N PRO A 83 -12.07 3.45 8.75
CA PRO A 83 -12.31 4.77 9.34
C PRO A 83 -13.46 4.78 10.37
N GLU A 84 -14.51 4.01 10.08
CA GLU A 84 -15.68 3.95 10.95
C GLU A 84 -15.33 3.36 12.34
N GLU A 85 -14.32 2.50 12.38
CA GLU A 85 -13.94 1.79 13.62
C GLU A 85 -12.55 2.25 14.12
N ARG A 86 -11.96 3.26 13.46
CA ARG A 86 -10.64 3.79 13.85
C ARG A 86 -9.57 2.67 13.98
N GLN A 87 -9.73 1.59 13.21
CA GLN A 87 -8.79 0.46 13.26
C GLN A 87 -8.13 0.23 11.90
N TYR A 88 -7.02 -0.52 11.88
CA TYR A 88 -6.30 -0.81 10.64
C TYR A 88 -5.31 -1.98 10.80
N GLY A 89 -4.81 -2.48 9.68
CA GLY A 89 -3.83 -3.58 9.70
C GLY A 89 -2.89 -3.54 8.50
N ILE A 90 -1.62 -3.87 8.71
CA ILE A 90 -0.62 -3.81 7.63
C ILE A 90 0.24 -5.08 7.58
N GLN A 91 0.23 -5.76 6.43
CA GLN A 91 1.04 -6.97 6.24
C GLN A 91 1.75 -6.97 4.87
N GLY A 92 3.06 -7.21 4.88
CA GLY A 92 3.85 -7.23 3.66
C GLY A 92 4.42 -8.61 3.33
N GLY A 93 4.82 -8.81 2.08
CA GLY A 93 5.36 -10.10 1.66
C GLY A 93 6.79 -10.37 2.16
N THR A 94 7.32 -11.55 1.82
CA THR A 94 8.65 -11.98 2.30
C THR A 94 9.80 -11.15 1.69
N GLN A 95 9.49 -10.18 0.83
CA GLN A 95 10.52 -9.29 0.25
C GLN A 95 10.54 -7.94 0.97
N TRP A 96 9.66 -7.76 1.95
CA TRP A 96 9.63 -6.55 2.77
C TRP A 96 10.46 -6.75 4.06
N THR A 97 11.39 -5.83 4.32
CA THR A 97 12.23 -5.92 5.52
C THR A 97 11.48 -5.42 6.76
N ASP A 98 11.86 -5.92 7.94
CA ASP A 98 11.26 -5.49 9.21
C ASP A 98 11.29 -3.97 9.37
N ALA A 99 12.36 -3.34 8.89
CA ALA A 99 12.48 -1.88 8.89
C ALA A 99 11.35 -1.21 8.09
N GLU A 100 11.08 -1.75 6.90
CA GLU A 100 10.01 -1.24 6.03
C GLU A 100 8.62 -1.54 6.60
N LEU A 101 8.46 -2.71 7.22
CA LEU A 101 7.21 -3.06 7.90
C LEU A 101 6.91 -2.05 9.03
N ASP A 102 7.94 -1.71 9.80
CA ASP A 102 7.85 -0.69 10.84
C ASP A 102 7.52 0.68 10.23
N ALA A 103 8.28 1.06 9.20
CA ALA A 103 8.07 2.34 8.50
C ALA A 103 6.63 2.47 7.97
N ALA A 104 6.07 1.38 7.46
CA ALA A 104 4.70 1.37 6.93
C ALA A 104 3.67 1.75 8.02
N ASN A 105 3.70 1.03 9.14
CA ASN A 105 2.79 1.30 10.26
C ASN A 105 2.99 2.71 10.83
N ASN A 106 4.25 3.06 11.10
CA ASN A 106 4.59 4.39 11.62
C ASN A 106 4.12 5.51 10.68
N ALA A 107 4.39 5.37 9.39
CA ALA A 107 3.99 6.36 8.38
C ALA A 107 2.47 6.57 8.38
N ALA A 108 1.72 5.48 8.37
CA ALA A 108 0.25 5.54 8.36
C ALA A 108 -0.31 6.07 9.70
N PHE A 109 0.18 5.50 10.80
CA PHE A 109 -0.33 5.83 12.15
C PHE A 109 -0.21 7.32 12.47
N GLN A 110 0.89 7.95 12.04
CA GLN A 110 1.09 9.40 12.23
C GLN A 110 -0.14 10.19 11.75
N ALA A 111 -0.60 9.88 10.54
CA ALA A 111 -1.80 10.51 9.98
C ALA A 111 -3.07 10.01 10.67
N LEU A 112 -3.12 8.70 10.93
CA LEU A 112 -4.28 8.07 11.59
C LEU A 112 -4.53 8.64 13.00
N SER A 113 -3.49 9.15 13.64
CA SER A 113 -3.63 9.75 14.97
C SER A 113 -4.40 11.07 14.88
N GLN A 114 -4.37 11.67 13.69
CA GLN A 114 -5.16 12.87 13.39
C GLN A 114 -6.42 12.50 12.58
N GLU A 115 -6.64 11.19 12.42
CA GLU A 115 -7.77 10.65 11.65
C GLU A 115 -7.67 10.97 10.14
N ASP A 116 -6.46 11.19 9.64
CA ASP A 116 -6.25 11.37 8.20
C ASP A 116 -6.30 9.99 7.50
N TRP A 117 -7.52 9.54 7.20
CA TRP A 117 -7.73 8.20 6.64
C TRP A 117 -7.08 8.05 5.25
N ALA A 118 -7.35 8.98 4.35
CA ALA A 118 -6.76 8.94 3.01
C ALA A 118 -5.27 9.32 3.05
N GLY A 119 -4.93 10.30 3.89
CA GLY A 119 -3.55 10.74 4.02
C GLY A 119 -2.60 9.66 4.56
N SER A 120 -3.14 8.77 5.40
CA SER A 120 -2.32 7.68 5.97
C SER A 120 -1.77 6.75 4.88
N ALA A 121 -2.66 6.25 4.03
CA ALA A 121 -2.28 5.40 2.90
C ALA A 121 -1.24 6.09 1.99
N LEU A 122 -1.49 7.35 1.69
CA LEU A 122 -0.57 8.15 0.89
C LEU A 122 0.82 8.20 1.56
N ALA A 123 0.85 8.58 2.84
CA ALA A 123 2.09 8.64 3.63
C ALA A 123 2.77 7.27 3.75
N LEU A 124 1.97 6.20 3.77
CA LEU A 124 2.50 4.83 3.87
C LEU A 124 3.42 4.52 2.68
N ALA A 125 2.95 4.83 1.47
CA ALA A 125 3.75 4.61 0.27
C ALA A 125 4.93 5.59 0.19
N GLU A 126 4.68 6.85 0.57
CA GLU A 126 5.71 7.90 0.57
C GLU A 126 6.92 7.55 1.45
N SER A 127 6.71 6.72 2.47
CA SER A 127 7.82 6.31 3.36
C SER A 127 8.92 5.59 2.58
N VAL A 128 8.54 4.57 1.82
CA VAL A 128 9.49 3.81 0.98
C VAL A 128 9.88 4.60 -0.28
N GLY A 129 8.91 5.33 -0.85
CA GLY A 129 9.17 6.09 -2.07
C GLY A 129 9.97 7.37 -1.84
N SER A 130 10.10 7.78 -0.58
CA SER A 130 10.87 8.97 -0.18
C SER A 130 10.29 10.26 -0.79
N SER A 131 10.57 10.49 -2.08
CA SER A 131 10.11 11.71 -2.77
C SER A 131 9.68 11.43 -4.22
N SER A 132 9.50 10.15 -4.54
CA SER A 132 9.07 9.71 -5.89
C SER A 132 10.13 9.99 -6.97
N SER A 133 10.59 8.93 -7.63
CA SER A 133 11.59 9.05 -8.70
C SER A 133 10.94 8.99 -10.08
N SER A 134 10.03 8.03 -10.28
CA SER A 134 9.35 7.86 -11.57
C SER A 134 8.25 8.91 -11.77
N SER A 135 8.63 10.06 -12.31
CA SER A 135 7.67 11.13 -12.65
C SER A 135 7.50 11.25 -14.17
N SER A 136 6.46 10.60 -14.70
CA SER A 136 6.20 10.59 -16.15
C SER A 136 4.71 10.38 -16.44
N GLY A 137 4.18 11.11 -17.42
CA GLY A 137 2.79 10.91 -17.85
C GLY A 137 1.85 12.06 -17.49
N SER A 138 0.57 11.72 -17.22
CA SER A 138 -0.47 12.71 -16.92
C SER A 138 -0.19 13.50 -15.63
N SER A 139 -1.15 14.36 -15.25
CA SER A 139 -1.02 15.21 -14.05
C SER A 139 -1.80 14.66 -12.85
N SER A 140 -1.71 15.33 -11.71
CA SER A 140 -2.46 14.95 -10.50
C SER A 140 -3.84 15.60 -10.48
N LEU A 141 -4.88 14.84 -10.82
CA LEU A 141 -6.24 15.39 -10.93
C LEU A 141 -6.84 15.76 -9.55
N GLU A 142 -7.24 17.03 -9.42
CA GLU A 142 -8.00 17.52 -8.26
C GLU A 142 -7.22 17.38 -6.93
N HIS A 143 -5.90 17.34 -6.99
CA HIS A 143 -5.05 17.14 -5.80
C HIS A 143 -5.54 18.00 -4.61
N HIS A 144 -6.06 17.36 -3.56
CA HIS A 144 -6.79 18.07 -2.49
C HIS A 144 -6.00 19.26 -1.90
N HIS A 145 -6.66 20.40 -1.82
CA HIS A 145 -6.14 21.56 -1.10
C HIS A 145 -7.02 21.87 0.12
N HIS A 146 -8.25 22.33 -0.15
CA HIS A 146 -9.26 22.59 0.90
C HIS A 146 -8.68 23.43 2.05
N HIS A 147 -7.75 24.32 1.71
CA HIS A 147 -7.01 25.13 2.69
C HIS A 147 -7.91 25.73 3.79
N HIS A 148 -7.51 25.50 5.04
CA HIS A 148 -8.21 26.08 6.20
C HIS A 148 -7.22 26.45 7.33
N THR A 1 16.36 -16.28 -21.06
CA THR A 1 16.59 -15.72 -19.70
C THR A 1 17.96 -16.15 -19.16
N GLU A 2 18.30 -15.67 -17.96
CA GLU A 2 19.60 -15.98 -17.34
C GLU A 2 19.73 -17.47 -16.99
N THR A 3 18.76 -18.00 -16.24
CA THR A 3 18.78 -19.41 -15.83
C THR A 3 17.38 -19.93 -15.50
N TYR A 4 16.60 -19.12 -14.78
CA TYR A 4 15.22 -19.49 -14.43
C TYR A 4 14.21 -18.72 -15.31
N VAL A 5 12.95 -19.16 -15.30
CA VAL A 5 11.91 -18.60 -16.18
C VAL A 5 10.75 -17.95 -15.39
N LEU A 6 11.05 -17.48 -14.17
CA LEU A 6 10.05 -16.81 -13.34
C LEU A 6 9.43 -15.60 -14.06
N ALA A 7 8.24 -15.80 -14.63
CA ALA A 7 7.52 -14.74 -15.34
C ALA A 7 6.01 -15.04 -15.38
N GLU A 8 5.21 -14.22 -14.71
CA GLU A 8 3.77 -14.46 -14.59
C GLU A 8 3.00 -13.19 -14.18
N SER A 9 1.98 -12.83 -14.96
CA SER A 9 1.15 -11.64 -14.68
C SER A 9 -0.02 -11.98 -13.76
N PRO A 10 -0.33 -11.10 -12.79
CA PRO A 10 -1.48 -11.28 -11.89
C PRO A 10 -2.83 -11.14 -12.62
N GLU A 11 -3.57 -12.24 -12.73
CA GLU A 11 -4.84 -12.27 -13.47
C GLU A 11 -6.04 -11.93 -12.56
N PHE A 12 -5.88 -10.90 -11.75
CA PHE A 12 -6.95 -10.42 -10.87
C PHE A 12 -6.72 -8.94 -10.52
N TYR A 13 -7.63 -8.37 -9.71
CA TYR A 13 -7.56 -6.97 -9.22
C TYR A 13 -7.39 -5.91 -10.34
N GLN A 14 -8.22 -4.88 -10.30
CA GLN A 14 -8.09 -3.75 -11.24
C GLN A 14 -7.06 -2.72 -10.75
N ASP A 15 -7.13 -2.37 -9.47
CA ASP A 15 -6.28 -1.33 -8.90
C ASP A 15 -5.75 -1.74 -7.51
N ASN A 16 -4.80 -0.98 -6.98
CA ASN A 16 -4.20 -1.28 -5.67
C ASN A 16 -5.04 -0.71 -4.52
N VAL A 17 -5.82 0.33 -4.81
CA VAL A 17 -6.67 0.97 -3.80
C VAL A 17 -8.16 0.63 -4.02
N THR A 18 -8.76 -0.08 -3.06
CA THR A 18 -10.19 -0.44 -3.13
C THR A 18 -10.91 0.00 -1.86
N ASP A 19 -11.99 0.77 -2.02
CA ASP A 19 -12.74 1.28 -0.86
C ASP A 19 -14.14 0.65 -0.76
N TYR A 20 -14.68 0.66 0.45
CA TYR A 20 -16.05 0.20 0.73
C TYR A 20 -16.84 1.32 1.45
N THR A 21 -16.25 2.52 1.47
CA THR A 21 -16.80 3.64 2.25
C THR A 21 -17.47 4.69 1.36
N GLY A 22 -16.77 5.11 0.31
CA GLY A 22 -17.26 6.22 -0.51
C GLY A 22 -16.96 7.60 0.10
N GLN A 23 -16.33 7.60 1.27
CA GLN A 23 -16.03 8.84 2.01
C GLN A 23 -14.67 9.44 1.60
N ILE A 24 -13.93 8.73 0.74
CA ILE A 24 -12.60 9.18 0.30
C ILE A 24 -12.64 9.77 -1.12
N SER A 25 -12.05 10.95 -1.28
CA SER A 25 -12.01 11.63 -2.58
C SER A 25 -11.15 10.88 -3.62
N SER A 26 -11.71 10.70 -4.82
CA SER A 26 -11.02 9.97 -5.90
C SER A 26 -9.65 10.60 -6.23
N SER A 27 -9.55 11.91 -6.13
CA SER A 27 -8.28 12.62 -6.38
C SER A 27 -7.21 12.20 -5.36
N ASP A 28 -7.60 12.12 -4.09
CA ASP A 28 -6.69 11.64 -3.04
C ASP A 28 -6.31 10.17 -3.29
N ILE A 29 -7.29 9.36 -3.67
CA ILE A 29 -7.04 7.97 -4.07
C ILE A 29 -6.02 7.90 -5.22
N THR A 30 -6.15 8.82 -6.18
CA THR A 30 -5.20 8.95 -7.29
C THR A 30 -3.79 9.27 -6.76
N ASN A 31 -3.71 10.20 -5.81
CA ASN A 31 -2.42 10.57 -5.19
C ASN A 31 -1.79 9.38 -4.44
N ILE A 32 -2.63 8.58 -3.78
CA ILE A 32 -2.17 7.36 -3.10
C ILE A 32 -1.58 6.37 -4.11
N GLN A 33 -2.36 6.02 -5.13
CA GLN A 33 -1.89 5.13 -6.20
C GLN A 33 -0.68 5.70 -6.95
N ALA A 34 -0.63 7.03 -7.10
CA ALA A 34 0.50 7.69 -7.75
C ALA A 34 1.83 7.32 -7.08
N ALA A 35 1.84 7.33 -5.75
CA ALA A 35 3.01 6.92 -4.97
C ALA A 35 3.22 5.40 -5.04
N ILE A 36 2.12 4.64 -4.89
CA ILE A 36 2.19 3.17 -4.94
C ILE A 36 2.80 2.66 -6.26
N ASP A 37 2.31 3.17 -7.39
CA ASP A 37 2.82 2.77 -8.72
C ASP A 37 4.33 3.01 -8.85
N ASP A 38 4.83 4.09 -8.24
CA ASP A 38 6.27 4.38 -8.24
C ASP A 38 7.03 3.30 -7.46
N VAL A 39 6.49 2.93 -6.29
CA VAL A 39 7.04 1.84 -5.48
C VAL A 39 7.00 0.49 -6.24
N LYS A 40 5.91 0.26 -6.97
CA LYS A 40 5.77 -0.93 -7.82
C LYS A 40 6.80 -0.92 -8.96
N ALA A 41 7.10 0.27 -9.49
CA ALA A 41 8.01 0.42 -10.62
C ALA A 41 9.49 0.35 -10.20
N SER A 42 9.93 1.31 -9.38
CA SER A 42 11.35 1.41 -9.01
C SER A 42 11.71 0.49 -7.83
N GLU A 43 10.99 0.62 -6.72
CA GLU A 43 11.21 -0.23 -5.54
C GLU A 43 10.91 -1.71 -5.83
N GLN A 44 10.09 -1.96 -6.86
CA GLN A 44 9.64 -3.30 -7.23
C GLN A 44 8.80 -3.93 -6.10
N LYS A 45 8.20 -3.06 -5.29
CA LYS A 45 7.37 -3.48 -4.15
C LYS A 45 5.90 -3.11 -4.39
N VAL A 46 5.03 -4.11 -4.46
CA VAL A 46 3.63 -3.89 -4.81
C VAL A 46 2.75 -3.67 -3.56
N ILE A 47 2.42 -2.40 -3.31
CA ILE A 47 1.59 -2.03 -2.14
C ILE A 47 0.09 -2.07 -2.49
N PHE A 48 -0.73 -2.42 -1.49
CA PHE A 48 -2.19 -2.44 -1.66
C PHE A 48 -2.88 -1.72 -0.49
N VAL A 49 -3.96 -1.02 -0.77
CA VAL A 49 -4.72 -0.28 0.26
C VAL A 49 -6.23 -0.50 0.12
N VAL A 50 -6.87 -0.97 1.19
CA VAL A 50 -8.32 -1.19 1.19
C VAL A 50 -9.01 -0.41 2.30
N PHE A 51 -9.94 0.48 1.92
CA PHE A 51 -10.71 1.26 2.89
C PHE A 51 -12.02 0.53 3.25
N LEU A 52 -12.05 -0.13 4.39
CA LEU A 52 -13.24 -0.83 4.86
C LEU A 52 -14.00 0.03 5.88
N SER A 53 -15.29 -0.23 6.03
CA SER A 53 -16.07 0.37 7.13
C SER A 53 -15.83 -0.42 8.42
N SER A 54 -15.65 -1.72 8.26
CA SER A 54 -15.31 -2.63 9.36
C SER A 54 -14.68 -3.91 8.82
N PHE A 55 -14.25 -4.79 9.72
CA PHE A 55 -13.66 -6.07 9.34
C PHE A 55 -14.65 -7.23 9.57
N ASP A 56 -15.90 -6.89 9.88
CA ASP A 56 -16.98 -7.86 10.08
C ASP A 56 -16.71 -8.78 11.29
N GLY A 57 -15.88 -9.79 11.10
CA GLY A 57 -15.51 -10.69 12.19
C GLY A 57 -14.10 -11.23 12.03
N VAL A 58 -13.27 -10.48 11.30
CA VAL A 58 -11.88 -10.86 11.03
C VAL A 58 -10.91 -9.86 11.65
N ASP A 59 -9.79 -10.35 12.16
CA ASP A 59 -8.77 -9.49 12.77
C ASP A 59 -8.16 -8.52 11.73
N PRO A 60 -7.89 -7.25 12.12
CA PRO A 60 -7.29 -6.26 11.21
C PRO A 60 -5.94 -6.72 10.64
N GLU A 61 -5.20 -7.52 11.43
CA GLU A 61 -3.92 -8.10 10.98
C GLU A 61 -4.12 -9.40 10.18
N THR A 62 -5.31 -10.01 10.30
CA THR A 62 -5.62 -11.27 9.60
C THR A 62 -6.22 -11.02 8.22
N TRP A 63 -7.17 -10.08 8.14
CA TRP A 63 -7.84 -9.73 6.88
C TRP A 63 -6.79 -9.44 5.80
N THR A 64 -5.85 -8.56 6.13
CA THR A 64 -4.72 -8.24 5.25
C THR A 64 -3.95 -9.48 4.84
N GLN A 65 -3.58 -10.28 5.83
CA GLN A 65 -2.73 -11.44 5.60
C GLN A 65 -3.43 -12.44 4.65
N GLN A 66 -4.73 -12.67 4.86
CA GLN A 66 -5.53 -13.55 4.00
C GLN A 66 -5.56 -13.04 2.55
N ALA A 67 -5.71 -11.73 2.38
CA ALA A 67 -5.64 -11.11 1.06
C ALA A 67 -4.25 -11.32 0.44
N LEU A 68 -3.22 -11.12 1.25
CA LEU A 68 -1.83 -11.34 0.84
C LEU A 68 -1.61 -12.76 0.32
N GLN A 69 -2.27 -13.73 0.97
CA GLN A 69 -2.21 -15.14 0.53
C GLN A 69 -2.69 -15.30 -0.92
N ALA A 70 -3.65 -14.46 -1.32
CA ALA A 70 -4.14 -14.45 -2.70
C ALA A 70 -3.13 -13.80 -3.65
N ASN A 71 -2.41 -12.81 -3.14
CA ASN A 71 -1.37 -12.13 -3.92
C ASN A 71 -0.07 -12.94 -4.00
N GLY A 72 0.03 -14.01 -3.19
CA GLY A 72 1.21 -14.87 -3.20
C GLY A 72 2.30 -14.40 -2.25
N GLY A 73 2.17 -13.18 -1.74
CA GLY A 73 3.18 -12.61 -0.86
C GLY A 73 4.36 -12.01 -1.61
N GLY A 74 5.56 -12.55 -1.39
CA GLY A 74 6.75 -12.08 -2.09
C GLY A 74 7.07 -10.60 -1.84
N ASN A 75 6.77 -9.77 -2.84
CA ASN A 75 7.06 -8.33 -2.78
C ASN A 75 5.79 -7.50 -2.53
N VAL A 76 4.68 -8.17 -2.27
CA VAL A 76 3.39 -7.50 -2.05
C VAL A 76 3.18 -7.10 -0.58
N LEU A 77 2.44 -6.01 -0.37
CA LEU A 77 2.04 -5.57 0.98
C LEU A 77 0.57 -5.15 0.98
N ILE A 78 -0.24 -5.76 1.85
CA ILE A 78 -1.66 -5.43 1.97
C ILE A 78 -1.90 -4.51 3.19
N TYR A 79 -2.47 -3.33 2.94
CA TYR A 79 -2.83 -2.39 4.00
C TYR A 79 -4.35 -2.18 4.07
N ALA A 80 -4.96 -2.60 5.16
CA ALA A 80 -6.40 -2.43 5.36
C ALA A 80 -6.68 -1.35 6.43
N LEU A 81 -7.65 -0.48 6.15
CA LEU A 81 -8.01 0.59 7.07
C LEU A 81 -9.53 0.61 7.33
N ALA A 82 -9.92 0.97 8.55
CA ALA A 82 -11.34 1.05 8.91
C ALA A 82 -11.64 2.35 9.68
N PRO A 83 -11.93 3.44 8.94
CA PRO A 83 -12.23 4.76 9.53
C PRO A 83 -13.35 4.69 10.58
N GLU A 84 -14.42 3.96 10.26
CA GLU A 84 -15.58 3.87 11.14
C GLU A 84 -15.28 3.12 12.44
N GLU A 85 -14.19 2.33 12.43
CA GLU A 85 -13.80 1.53 13.59
C GLU A 85 -12.50 2.05 14.24
N ARG A 86 -11.86 3.06 13.62
CA ARG A 86 -10.52 3.51 14.03
C ARG A 86 -9.54 2.32 14.10
N GLN A 87 -9.65 1.41 13.13
CA GLN A 87 -8.81 0.20 13.06
C GLN A 87 -8.03 0.13 11.75
N TYR A 88 -6.92 -0.62 11.75
CA TYR A 88 -6.16 -0.87 10.52
C TYR A 88 -5.25 -2.10 10.67
N GLY A 89 -4.66 -2.53 9.56
CA GLY A 89 -3.76 -3.66 9.59
C GLY A 89 -2.76 -3.64 8.43
N ILE A 90 -1.53 -4.10 8.67
CA ILE A 90 -0.46 -4.07 7.66
C ILE A 90 0.29 -5.41 7.58
N GLN A 91 0.30 -6.04 6.41
CA GLN A 91 1.00 -7.32 6.23
C GLN A 91 1.82 -7.35 4.93
N GLY A 92 3.07 -7.80 5.04
CA GLY A 92 3.96 -7.88 3.87
C GLY A 92 4.32 -9.32 3.50
N GLY A 93 4.68 -9.53 2.23
CA GLY A 93 5.01 -10.87 1.75
C GLY A 93 6.25 -11.49 2.39
N THR A 94 7.43 -11.16 1.86
CA THR A 94 8.69 -11.67 2.40
C THR A 94 9.86 -10.70 2.17
N GLN A 95 9.78 -9.91 1.10
CA GLN A 95 10.80 -8.88 0.81
C GLN A 95 10.63 -7.65 1.72
N TRP A 96 9.53 -7.61 2.46
CA TRP A 96 9.27 -6.52 3.41
C TRP A 96 9.80 -6.86 4.81
N THR A 97 10.90 -6.22 5.19
CA THR A 97 11.53 -6.46 6.50
C THR A 97 10.72 -5.82 7.63
N ASP A 98 11.06 -6.15 8.87
CA ASP A 98 10.45 -5.49 10.03
C ASP A 98 10.67 -3.98 9.99
N ALA A 99 11.82 -3.55 9.44
CA ALA A 99 12.12 -2.14 9.23
C ALA A 99 11.15 -1.49 8.24
N GLU A 100 10.96 -2.14 7.08
CA GLU A 100 10.01 -1.66 6.06
C GLU A 100 8.59 -1.54 6.62
N LEU A 101 8.12 -2.62 7.28
CA LEU A 101 6.81 -2.63 7.91
C LEU A 101 6.70 -1.56 9.02
N ASP A 102 7.77 -1.41 9.79
CA ASP A 102 7.83 -0.39 10.84
C ASP A 102 7.60 1.02 10.26
N ALA A 103 8.33 1.36 9.19
CA ALA A 103 8.15 2.64 8.51
C ALA A 103 6.71 2.81 8.00
N ALA A 104 6.16 1.73 7.44
CA ALA A 104 4.77 1.72 6.97
C ALA A 104 3.79 2.05 8.12
N ASN A 105 4.00 1.41 9.28
CA ASN A 105 3.14 1.65 10.45
C ASN A 105 3.27 3.09 10.96
N ASN A 106 4.52 3.54 11.16
CA ASN A 106 4.80 4.90 11.63
C ASN A 106 4.20 5.96 10.69
N ALA A 107 4.38 5.78 9.39
CA ALA A 107 3.85 6.71 8.38
C ALA A 107 2.32 6.78 8.44
N ALA A 108 1.66 5.62 8.44
CA ALA A 108 0.20 5.55 8.47
C ALA A 108 -0.38 6.16 9.75
N PHE A 109 0.14 5.73 10.91
CA PHE A 109 -0.39 6.16 12.21
C PHE A 109 -0.36 7.70 12.37
N GLN A 110 0.70 8.35 11.86
CA GLN A 110 0.81 9.81 11.95
C GLN A 110 -0.41 10.51 11.35
N ALA A 111 -0.88 10.02 10.20
CA ALA A 111 -2.10 10.56 9.58
C ALA A 111 -3.35 10.14 10.36
N LEU A 112 -3.36 8.90 10.84
CA LEU A 112 -4.48 8.37 11.64
C LEU A 112 -4.65 9.13 12.98
N SER A 113 -3.54 9.66 13.50
CA SER A 113 -3.57 10.48 14.72
C SER A 113 -4.35 11.77 14.46
N GLN A 114 -4.33 12.20 13.21
CA GLN A 114 -5.07 13.37 12.74
C GLN A 114 -6.44 12.96 12.17
N GLU A 115 -6.77 11.67 12.31
CA GLU A 115 -7.95 11.06 11.69
C GLU A 115 -8.01 11.31 10.18
N ASP A 116 -6.85 11.53 9.56
CA ASP A 116 -6.77 11.69 8.11
C ASP A 116 -6.61 10.31 7.45
N TRP A 117 -7.74 9.67 7.16
CA TRP A 117 -7.76 8.28 6.70
C TRP A 117 -7.03 8.08 5.36
N ALA A 118 -7.26 8.96 4.40
CA ALA A 118 -6.60 8.85 3.09
C ALA A 118 -5.08 9.12 3.18
N GLY A 119 -4.72 10.07 4.03
CA GLY A 119 -3.31 10.42 4.20
C GLY A 119 -2.45 9.28 4.72
N SER A 120 -3.05 8.37 5.50
CA SER A 120 -2.32 7.21 6.05
C SER A 120 -1.72 6.35 4.93
N ALA A 121 -2.54 6.01 3.94
CA ALA A 121 -2.11 5.23 2.79
C ALA A 121 -1.07 5.98 1.94
N LEU A 122 -1.32 7.27 1.71
CA LEU A 122 -0.40 8.11 0.95
C LEU A 122 0.98 8.18 1.63
N ALA A 123 0.99 8.55 2.91
CA ALA A 123 2.23 8.62 3.71
C ALA A 123 2.96 7.27 3.74
N LEU A 124 2.20 6.18 3.82
CA LEU A 124 2.76 4.81 3.80
C LEU A 124 3.51 4.56 2.49
N ALA A 125 2.85 4.81 1.37
CA ALA A 125 3.45 4.62 0.04
C ALA A 125 4.69 5.51 -0.15
N GLU A 126 4.54 6.80 0.15
CA GLU A 126 5.66 7.77 0.05
C GLU A 126 6.86 7.36 0.93
N SER A 127 6.57 6.85 2.14
CA SER A 127 7.63 6.40 3.05
C SER A 127 8.56 5.38 2.38
N VAL A 128 7.96 4.45 1.64
CA VAL A 128 8.73 3.44 0.90
C VAL A 128 9.34 4.03 -0.39
N GLY A 129 8.53 4.81 -1.12
CA GLY A 129 8.99 5.41 -2.37
C GLY A 129 10.19 6.34 -2.21
N SER A 130 10.37 6.88 -1.02
CA SER A 130 11.51 7.77 -0.73
C SER A 130 12.86 7.07 -0.95
N SER A 131 12.85 5.74 -0.93
CA SER A 131 14.06 4.93 -1.12
C SER A 131 14.64 5.07 -2.53
N SER A 132 13.91 4.57 -3.54
CA SER A 132 14.37 4.62 -4.94
C SER A 132 13.41 5.42 -5.82
N SER A 133 13.91 5.94 -6.95
CA SER A 133 13.11 6.83 -7.82
C SER A 133 13.14 6.37 -9.29
N SER A 134 12.20 6.91 -10.08
CA SER A 134 12.08 6.56 -11.51
C SER A 134 13.13 7.30 -12.36
N SER A 135 13.03 7.19 -13.70
CA SER A 135 14.02 7.82 -14.60
C SER A 135 13.60 7.67 -16.09
N SER A 136 14.48 8.11 -16.99
CA SER A 136 14.29 7.98 -18.46
C SER A 136 13.27 8.97 -19.03
N GLY A 137 13.14 8.98 -20.36
CA GLY A 137 12.22 9.89 -21.04
C GLY A 137 12.63 10.19 -22.49
N SER A 138 11.88 9.63 -23.45
CA SER A 138 12.16 9.83 -24.89
C SER A 138 10.85 9.81 -25.72
N SER A 139 10.97 9.85 -27.05
CA SER A 139 9.79 9.85 -27.94
C SER A 139 9.99 8.94 -29.16
N SER A 140 9.15 7.91 -29.28
CA SER A 140 9.19 6.97 -30.41
C SER A 140 7.91 7.06 -31.26
N LEU A 141 8.02 7.59 -32.48
CA LEU A 141 6.86 7.74 -33.35
C LEU A 141 7.24 7.70 -34.85
N GLU A 142 6.24 7.47 -35.70
CA GLU A 142 6.46 7.40 -37.15
C GLU A 142 5.33 8.12 -37.91
N HIS A 143 5.70 9.06 -38.79
CA HIS A 143 4.73 9.85 -39.54
C HIS A 143 4.35 9.20 -40.89
N HIS A 144 3.07 9.16 -41.22
CA HIS A 144 2.59 8.65 -42.51
C HIS A 144 1.77 9.70 -43.26
N HIS A 145 1.73 9.61 -44.59
CA HIS A 145 0.96 10.55 -45.41
C HIS A 145 0.62 9.95 -46.79
N HIS A 146 -0.58 10.25 -47.29
CA HIS A 146 -1.03 9.74 -48.59
C HIS A 146 -0.74 10.74 -49.72
N HIS A 147 -0.43 10.23 -50.91
CA HIS A 147 -0.32 11.09 -52.10
C HIS A 147 -1.68 11.75 -52.39
N HIS A 148 -2.70 10.92 -52.63
CA HIS A 148 -4.09 11.40 -52.79
C HIS A 148 -5.09 10.35 -52.24
N THR A 1 18.73 -19.69 -24.19
CA THR A 1 19.33 -19.39 -22.86
C THR A 1 18.71 -18.12 -22.25
N GLU A 2 17.66 -18.30 -21.44
CA GLU A 2 16.97 -17.18 -20.80
C GLU A 2 17.22 -17.14 -19.28
N THR A 3 16.57 -16.18 -18.59
CA THR A 3 16.72 -16.02 -17.13
C THR A 3 15.97 -14.78 -16.61
N TYR A 4 15.82 -13.77 -17.47
CA TYR A 4 15.29 -12.47 -17.06
C TYR A 4 13.78 -12.34 -17.34
N VAL A 5 13.00 -12.07 -16.29
CA VAL A 5 11.55 -11.86 -16.42
C VAL A 5 11.14 -10.49 -15.87
N LEU A 6 10.81 -9.57 -16.77
CA LEU A 6 10.45 -8.20 -16.38
C LEU A 6 8.93 -7.99 -16.31
N ALA A 7 8.42 -7.81 -15.10
CA ALA A 7 7.00 -7.52 -14.87
C ALA A 7 6.84 -6.45 -13.77
N GLU A 8 6.09 -5.39 -14.07
CA GLU A 8 5.90 -4.28 -13.12
C GLU A 8 4.55 -3.60 -13.35
N SER A 9 4.25 -3.31 -14.61
CA SER A 9 2.93 -2.78 -15.00
C SER A 9 1.98 -3.91 -15.40
N PRO A 10 1.09 -4.36 -14.50
CA PRO A 10 0.15 -5.46 -14.78
C PRO A 10 -1.03 -5.04 -15.67
N GLU A 11 -1.44 -3.77 -15.57
CA GLU A 11 -2.56 -3.20 -16.36
C GLU A 11 -3.93 -3.70 -15.88
N PHE A 12 -4.05 -5.01 -15.63
CA PHE A 12 -5.31 -5.61 -15.15
C PHE A 12 -5.90 -4.80 -13.99
N TYR A 13 -5.03 -4.25 -13.15
CA TYR A 13 -5.43 -3.41 -12.03
C TYR A 13 -4.50 -2.21 -11.88
N GLN A 14 -4.97 -1.03 -12.27
CA GLN A 14 -4.22 0.22 -12.11
C GLN A 14 -4.35 0.76 -10.69
N ASP A 15 -5.56 0.65 -10.14
CA ASP A 15 -5.84 1.16 -8.80
C ASP A 15 -5.64 0.07 -7.73
N ASN A 16 -4.43 0.04 -7.15
CA ASN A 16 -4.15 -0.82 -5.99
C ASN A 16 -4.94 -0.38 -4.75
N VAL A 17 -5.63 0.78 -4.87
CA VAL A 17 -6.48 1.30 -3.79
C VAL A 17 -7.95 0.94 -4.03
N THR A 18 -8.48 0.02 -3.22
CA THR A 18 -9.89 -0.40 -3.32
C THR A 18 -10.71 0.14 -2.15
N ASP A 19 -11.74 0.93 -2.45
CA ASP A 19 -12.57 1.57 -1.42
C ASP A 19 -13.92 0.87 -1.26
N TYR A 20 -14.38 0.75 -0.02
CA TYR A 20 -15.70 0.18 0.30
C TYR A 20 -16.60 1.23 0.97
N THR A 21 -15.99 2.30 1.48
CA THR A 21 -16.73 3.33 2.22
C THR A 21 -17.54 4.24 1.30
N GLY A 22 -16.91 4.68 0.21
CA GLY A 22 -17.53 5.65 -0.69
C GLY A 22 -17.28 7.08 -0.23
N GLN A 23 -16.65 7.23 0.94
CA GLN A 23 -16.38 8.55 1.51
C GLN A 23 -14.99 9.07 1.13
N ILE A 24 -14.16 8.18 0.59
CA ILE A 24 -12.81 8.54 0.15
C ILE A 24 -12.85 9.24 -1.22
N SER A 25 -12.28 10.43 -1.30
CA SER A 25 -12.31 11.22 -2.54
C SER A 25 -11.38 10.65 -3.61
N SER A 26 -11.88 10.59 -4.85
CA SER A 26 -11.14 10.03 -5.99
C SER A 26 -9.77 10.71 -6.21
N SER A 27 -9.75 12.04 -6.05
CA SER A 27 -8.51 12.81 -6.21
C SER A 27 -7.42 12.32 -5.26
N ASP A 28 -7.77 12.11 -3.99
CA ASP A 28 -6.85 11.56 -3.00
C ASP A 28 -6.37 10.16 -3.40
N ILE A 29 -7.30 9.33 -3.85
CA ILE A 29 -6.99 7.97 -4.32
C ILE A 29 -5.90 7.99 -5.40
N THR A 30 -6.01 8.95 -6.33
CA THR A 30 -5.00 9.12 -7.39
C THR A 30 -3.62 9.44 -6.82
N ASN A 31 -3.57 10.39 -5.88
CA ASN A 31 -2.30 10.78 -5.22
C ASN A 31 -1.66 9.60 -4.50
N ILE A 32 -2.48 8.84 -3.77
CA ILE A 32 -2.02 7.62 -3.09
C ILE A 32 -1.48 6.61 -4.09
N GLN A 33 -2.24 6.36 -5.16
CA GLN A 33 -1.89 5.38 -6.17
C GLN A 33 -0.59 5.75 -6.90
N ALA A 34 -0.41 7.05 -7.16
CA ALA A 34 0.84 7.54 -7.75
C ALA A 34 2.05 7.11 -6.94
N ALA A 35 2.04 7.43 -5.64
CA ALA A 35 3.13 7.06 -4.73
C ALA A 35 3.36 5.54 -4.73
N ILE A 36 2.28 4.77 -4.73
CA ILE A 36 2.36 3.30 -4.81
C ILE A 36 3.14 2.86 -6.06
N ASP A 37 2.82 3.46 -7.21
CA ASP A 37 3.46 3.10 -8.48
C ASP A 37 4.96 3.44 -8.46
N ASP A 38 5.33 4.56 -7.84
CA ASP A 38 6.75 4.93 -7.69
C ASP A 38 7.50 3.82 -6.92
N VAL A 39 6.86 3.27 -5.90
CA VAL A 39 7.42 2.14 -5.14
C VAL A 39 7.48 0.87 -6.01
N LYS A 40 6.44 0.67 -6.81
CA LYS A 40 6.37 -0.47 -7.75
C LYS A 40 7.50 -0.43 -8.79
N ALA A 41 7.87 0.77 -9.22
CA ALA A 41 8.93 0.96 -10.20
C ALA A 41 10.34 0.91 -9.57
N SER A 42 10.59 1.82 -8.62
CA SER A 42 11.92 1.97 -8.01
C SER A 42 12.30 0.80 -7.08
N GLU A 43 11.32 0.34 -6.29
CA GLU A 43 11.56 -0.73 -5.30
C GLU A 43 11.00 -2.09 -5.78
N GLN A 44 10.23 -2.08 -6.86
CA GLN A 44 9.53 -3.28 -7.36
C GLN A 44 8.56 -3.84 -6.30
N LYS A 45 8.16 -2.98 -5.36
CA LYS A 45 7.27 -3.35 -4.26
C LYS A 45 5.83 -2.90 -4.54
N VAL A 46 4.91 -3.85 -4.64
CA VAL A 46 3.52 -3.55 -4.99
C VAL A 46 2.64 -3.41 -3.74
N ILE A 47 2.25 -2.17 -3.44
CA ILE A 47 1.42 -1.86 -2.28
C ILE A 47 -0.08 -1.92 -2.63
N PHE A 48 -0.89 -2.35 -1.68
CA PHE A 48 -2.35 -2.42 -1.84
C PHE A 48 -3.04 -1.71 -0.66
N VAL A 49 -4.05 -0.91 -0.95
CA VAL A 49 -4.80 -0.19 0.09
C VAL A 49 -6.29 -0.54 0.04
N VAL A 50 -6.84 -0.97 1.17
CA VAL A 50 -8.25 -1.33 1.27
C VAL A 50 -8.98 -0.48 2.32
N PHE A 51 -9.91 0.36 1.86
CA PHE A 51 -10.72 1.17 2.77
C PHE A 51 -12.03 0.45 3.13
N LEU A 52 -12.07 -0.14 4.32
CA LEU A 52 -13.26 -0.83 4.81
C LEU A 52 -14.11 0.10 5.69
N SER A 53 -15.28 -0.37 6.09
CA SER A 53 -16.08 0.33 7.10
C SER A 53 -15.76 -0.24 8.48
N SER A 54 -15.81 -1.57 8.57
CA SER A 54 -15.48 -2.30 9.79
C SER A 54 -14.89 -3.67 9.47
N PHE A 55 -14.04 -4.19 10.37
CA PHE A 55 -13.52 -5.56 10.23
C PHE A 55 -14.54 -6.60 10.73
N ASP A 56 -15.67 -6.12 11.25
CA ASP A 56 -16.77 -6.99 11.71
C ASP A 56 -16.31 -8.04 12.74
N GLY A 57 -15.20 -7.77 13.42
CA GLY A 57 -14.71 -8.68 14.44
C GLY A 57 -13.42 -9.39 14.08
N VAL A 58 -13.07 -9.40 12.79
CA VAL A 58 -11.83 -10.03 12.33
C VAL A 58 -10.61 -9.19 12.74
N ASP A 59 -9.58 -9.86 13.26
CA ASP A 59 -8.33 -9.17 13.63
C ASP A 59 -7.74 -8.41 12.42
N PRO A 60 -7.47 -7.10 12.57
CA PRO A 60 -6.93 -6.27 11.47
C PRO A 60 -5.70 -6.91 10.79
N GLU A 61 -4.78 -7.45 11.60
CA GLU A 61 -3.61 -8.15 11.06
C GLU A 61 -4.00 -9.43 10.31
N THR A 62 -4.89 -10.23 10.92
CA THR A 62 -5.36 -11.48 10.30
C THR A 62 -6.02 -11.21 8.94
N TRP A 63 -7.01 -10.30 8.93
CA TRP A 63 -7.73 -9.93 7.70
C TRP A 63 -6.75 -9.56 6.58
N THR A 64 -5.90 -8.58 6.88
CA THR A 64 -4.90 -8.11 5.91
C THR A 64 -4.02 -9.24 5.38
N GLN A 65 -3.67 -10.18 6.26
CA GLN A 65 -2.85 -11.33 5.87
C GLN A 65 -3.63 -12.29 4.97
N GLN A 66 -4.93 -12.44 5.22
CA GLN A 66 -5.79 -13.27 4.35
C GLN A 66 -5.71 -12.79 2.89
N ALA A 67 -5.87 -11.48 2.70
CA ALA A 67 -5.73 -10.86 1.39
C ALA A 67 -4.32 -11.07 0.80
N LEU A 68 -3.32 -11.10 1.67
CA LEU A 68 -1.94 -11.37 1.26
C LEU A 68 -1.79 -12.83 0.78
N GLN A 69 -2.41 -13.77 1.50
CA GLN A 69 -2.36 -15.20 1.16
C GLN A 69 -2.96 -15.46 -0.23
N ALA A 70 -3.96 -14.65 -0.60
CA ALA A 70 -4.56 -14.72 -1.94
C ALA A 70 -3.55 -14.31 -3.03
N ASN A 71 -2.59 -13.47 -2.65
CA ASN A 71 -1.53 -13.01 -3.56
C ASN A 71 -0.22 -13.78 -3.36
N GLY A 72 -0.18 -14.65 -2.35
CA GLY A 72 1.04 -15.38 -2.03
C GLY A 72 2.02 -14.56 -1.20
N GLY A 73 2.34 -13.36 -1.69
CA GLY A 73 3.22 -12.46 -0.95
C GLY A 73 4.33 -11.86 -1.81
N GLY A 74 5.56 -12.33 -1.60
CA GLY A 74 6.72 -11.80 -2.35
C GLY A 74 6.89 -10.29 -2.19
N ASN A 75 6.60 -9.54 -3.25
CA ASN A 75 6.74 -8.08 -3.24
C ASN A 75 5.40 -7.36 -2.96
N VAL A 76 4.37 -8.13 -2.67
CA VAL A 76 3.03 -7.58 -2.41
C VAL A 76 2.83 -7.20 -0.94
N LEU A 77 2.14 -6.08 -0.70
CA LEU A 77 1.77 -5.65 0.66
C LEU A 77 0.34 -5.09 0.68
N ILE A 78 -0.49 -5.54 1.61
CA ILE A 78 -1.85 -5.03 1.75
C ILE A 78 -1.98 -4.14 3.01
N TYR A 79 -2.77 -3.08 2.90
CA TYR A 79 -3.06 -2.18 4.02
C TYR A 79 -4.57 -2.05 4.23
N ALA A 80 -5.10 -2.70 5.26
CA ALA A 80 -6.53 -2.65 5.57
C ALA A 80 -6.84 -1.60 6.64
N LEU A 81 -7.75 -0.68 6.32
CA LEU A 81 -8.11 0.41 7.22
C LEU A 81 -9.62 0.45 7.51
N ALA A 82 -9.99 0.66 8.77
CA ALA A 82 -11.40 0.83 9.16
C ALA A 82 -11.65 2.21 9.76
N PRO A 83 -11.94 3.23 8.91
CA PRO A 83 -12.18 4.62 9.36
C PRO A 83 -13.18 4.73 10.53
N GLU A 84 -14.20 3.89 10.54
CA GLU A 84 -15.21 3.95 11.61
C GLU A 84 -14.64 3.52 12.96
N GLU A 85 -13.85 2.45 12.97
CA GLU A 85 -13.31 1.88 14.21
C GLU A 85 -11.95 2.50 14.59
N ARG A 86 -11.38 3.27 13.67
CA ARG A 86 -10.05 3.85 13.86
C ARG A 86 -8.96 2.77 14.06
N GLN A 87 -9.15 1.59 13.49
CA GLN A 87 -8.14 0.52 13.56
C GLN A 87 -7.70 0.08 12.15
N TYR A 88 -6.53 -0.57 12.05
CA TYR A 88 -5.97 -0.96 10.75
C TYR A 88 -5.01 -2.14 10.86
N GLY A 89 -4.60 -2.67 9.70
CA GLY A 89 -3.65 -3.78 9.65
C GLY A 89 -2.75 -3.73 8.42
N ILE A 90 -1.47 -4.10 8.59
CA ILE A 90 -0.50 -4.07 7.49
C ILE A 90 0.26 -5.40 7.38
N GLN A 91 0.24 -6.00 6.20
CA GLN A 91 0.94 -7.27 5.95
C GLN A 91 1.65 -7.27 4.59
N GLY A 92 2.94 -7.59 4.61
CA GLY A 92 3.74 -7.61 3.39
C GLY A 92 4.33 -8.99 3.08
N GLY A 93 4.76 -9.19 1.84
CA GLY A 93 5.33 -10.47 1.44
C GLY A 93 6.77 -10.68 1.94
N THR A 94 7.42 -11.72 1.41
CA THR A 94 8.78 -12.09 1.83
C THR A 94 9.81 -10.97 1.56
N GLN A 95 9.60 -10.22 0.49
CA GLN A 95 10.52 -9.13 0.11
C GLN A 95 10.32 -7.88 0.99
N TRP A 96 9.29 -7.91 1.86
CA TRP A 96 9.05 -6.82 2.81
C TRP A 96 9.64 -7.17 4.18
N THR A 97 10.72 -6.47 4.55
CA THR A 97 11.40 -6.72 5.83
C THR A 97 10.67 -6.05 7.01
N ASP A 98 11.09 -6.40 8.23
CA ASP A 98 10.52 -5.82 9.44
C ASP A 98 10.60 -4.28 9.42
N ALA A 99 11.74 -3.76 8.98
CA ALA A 99 11.93 -2.31 8.85
C ALA A 99 10.93 -1.69 7.86
N GLU A 100 10.75 -2.37 6.72
CA GLU A 100 9.77 -1.95 5.71
C GLU A 100 8.36 -1.86 6.30
N LEU A 101 7.92 -2.96 6.91
CA LEU A 101 6.58 -3.04 7.53
C LEU A 101 6.42 -2.00 8.66
N ASP A 102 7.48 -1.82 9.44
CA ASP A 102 7.48 -0.86 10.55
C ASP A 102 7.35 0.58 10.03
N ALA A 103 8.13 0.93 9.03
CA ALA A 103 8.06 2.26 8.41
C ALA A 103 6.66 2.54 7.83
N ALA A 104 6.00 1.48 7.36
CA ALA A 104 4.65 1.58 6.82
C ALA A 104 3.63 2.02 7.89
N ASN A 105 3.58 1.31 9.02
CA ASN A 105 2.62 1.65 10.09
C ASN A 105 2.96 2.99 10.76
N ASN A 106 4.26 3.30 10.84
CA ASN A 106 4.72 4.58 11.37
C ASN A 106 4.07 5.75 10.61
N ALA A 107 4.20 5.75 9.28
CA ALA A 107 3.64 6.80 8.43
C ALA A 107 2.10 6.84 8.51
N ALA A 108 1.48 5.66 8.42
CA ALA A 108 0.01 5.55 8.48
C ALA A 108 -0.56 6.11 9.79
N PHE A 109 -0.07 5.61 10.92
CA PHE A 109 -0.59 6.01 12.24
C PHE A 109 -0.53 7.53 12.46
N GLN A 110 0.52 8.17 11.96
CA GLN A 110 0.67 9.63 12.10
C GLN A 110 -0.52 10.38 11.50
N ALA A 111 -0.90 10.02 10.27
CA ALA A 111 -2.05 10.64 9.60
C ALA A 111 -3.37 10.16 10.23
N LEU A 112 -3.40 8.93 10.73
CA LEU A 112 -4.58 8.40 11.44
C LEU A 112 -4.84 9.15 12.75
N SER A 113 -3.78 9.70 13.34
CA SER A 113 -3.92 10.58 14.52
C SER A 113 -4.58 11.91 14.12
N GLN A 114 -4.54 12.20 12.82
CA GLN A 114 -5.22 13.35 12.23
C GLN A 114 -6.56 12.92 11.61
N GLU A 115 -6.88 11.62 11.74
CA GLU A 115 -8.04 11.00 11.10
C GLU A 115 -8.02 11.12 9.57
N ASP A 116 -6.85 11.35 9.00
CA ASP A 116 -6.69 11.35 7.54
C ASP A 116 -6.62 9.91 7.02
N TRP A 117 -7.79 9.32 6.76
CA TRP A 117 -7.87 7.92 6.32
C TRP A 117 -7.11 7.74 5.00
N ALA A 118 -7.36 8.63 4.04
CA ALA A 118 -6.65 8.60 2.76
C ALA A 118 -5.18 9.04 2.94
N GLY A 119 -4.96 10.02 3.81
CA GLY A 119 -3.62 10.51 4.08
C GLY A 119 -2.67 9.44 4.62
N SER A 120 -3.20 8.53 5.44
CA SER A 120 -2.41 7.42 6.01
C SER A 120 -1.83 6.53 4.90
N ALA A 121 -2.69 6.07 4.00
CA ALA A 121 -2.28 5.26 2.84
C ALA A 121 -1.25 6.01 1.98
N LEU A 122 -1.52 7.29 1.71
CA LEU A 122 -0.61 8.14 0.96
C LEU A 122 0.78 8.16 1.63
N ALA A 123 0.80 8.47 2.93
CA ALA A 123 2.04 8.52 3.71
C ALA A 123 2.75 7.16 3.75
N LEU A 124 1.98 6.08 3.80
CA LEU A 124 2.54 4.72 3.80
C LEU A 124 3.41 4.49 2.56
N ALA A 125 2.89 4.83 1.39
CA ALA A 125 3.64 4.69 0.14
C ALA A 125 4.81 5.70 0.07
N GLU A 126 4.57 6.92 0.55
CA GLU A 126 5.61 7.95 0.57
C GLU A 126 6.73 7.61 1.58
N SER A 127 6.41 6.78 2.56
CA SER A 127 7.41 6.31 3.54
C SER A 127 8.50 5.49 2.85
N VAL A 128 8.09 4.42 2.16
CA VAL A 128 9.03 3.60 1.36
C VAL A 128 9.54 4.36 0.13
N GLY A 129 8.70 5.23 -0.41
CA GLY A 129 9.05 5.97 -1.62
C GLY A 129 10.18 6.98 -1.40
N SER A 130 10.64 7.13 -0.16
CA SER A 130 11.73 8.06 0.18
C SER A 130 13.11 7.46 -0.16
N SER A 131 13.12 6.27 -0.76
CA SER A 131 14.38 5.62 -1.15
C SER A 131 15.06 6.36 -2.31
N SER A 132 16.31 5.99 -2.59
CA SER A 132 17.04 6.56 -3.72
C SER A 132 16.99 5.62 -4.92
N SER A 133 16.47 6.11 -6.04
CA SER A 133 16.33 5.29 -7.26
C SER A 133 17.64 4.61 -7.66
N SER A 134 17.86 3.40 -7.16
CA SER A 134 19.09 2.65 -7.44
C SER A 134 18.76 1.20 -7.84
N SER A 135 18.54 0.99 -9.14
CA SER A 135 18.27 -0.34 -9.67
C SER A 135 19.58 -1.07 -10.02
N SER A 136 19.98 -2.01 -9.17
CA SER A 136 21.21 -2.76 -9.38
C SER A 136 21.09 -3.71 -10.57
N GLY A 137 21.34 -3.19 -11.77
CA GLY A 137 21.32 -4.02 -12.97
C GLY A 137 22.42 -5.07 -12.97
N SER A 138 22.06 -6.32 -12.67
CA SER A 138 23.03 -7.41 -12.64
C SER A 138 23.70 -7.59 -14.01
N SER A 139 24.84 -6.93 -14.19
CA SER A 139 25.62 -7.04 -15.44
C SER A 139 26.09 -8.49 -15.67
N SER A 140 25.19 -9.32 -16.16
CA SER A 140 25.50 -10.73 -16.41
C SER A 140 26.20 -10.92 -17.76
N LEU A 141 27.50 -10.60 -17.78
CA LEU A 141 28.30 -10.70 -19.01
C LEU A 141 29.60 -11.48 -18.79
N GLU A 142 29.89 -12.39 -19.71
CA GLU A 142 31.14 -13.16 -19.67
C GLU A 142 31.42 -13.79 -21.04
N HIS A 143 32.67 -13.73 -21.49
CA HIS A 143 33.04 -14.23 -22.82
C HIS A 143 34.39 -14.96 -22.77
N HIS A 144 34.37 -16.26 -23.05
CA HIS A 144 35.59 -17.08 -23.01
C HIS A 144 36.12 -17.35 -24.44
N HIS A 145 37.41 -17.13 -24.65
CA HIS A 145 38.02 -17.38 -25.97
C HIS A 145 38.27 -18.89 -26.17
N HIS A 146 38.88 -19.26 -27.30
CA HIS A 146 39.17 -20.68 -27.59
C HIS A 146 40.50 -20.86 -28.33
N HIS A 147 41.00 -22.09 -28.37
CA HIS A 147 42.19 -22.41 -29.17
C HIS A 147 41.77 -23.02 -30.52
N HIS A 148 42.21 -22.40 -31.61
CA HIS A 148 41.85 -22.82 -32.97
C HIS A 148 40.33 -22.63 -33.25
N THR A 1 3.49 -2.60 -43.27
CA THR A 1 2.03 -2.34 -43.14
C THR A 1 1.36 -3.25 -42.09
N GLU A 2 1.81 -4.50 -42.02
CA GLU A 2 1.21 -5.48 -41.10
C GLU A 2 1.82 -5.38 -39.68
N THR A 3 1.33 -4.43 -38.89
CA THR A 3 1.76 -4.26 -37.49
C THR A 3 0.56 -4.13 -36.56
N TYR A 4 0.83 -3.86 -35.28
CA TYR A 4 -0.22 -3.79 -34.26
C TYR A 4 -0.05 -2.54 -33.39
N VAL A 5 -1.12 -2.17 -32.67
CA VAL A 5 -1.08 -1.00 -31.77
C VAL A 5 -0.31 -1.32 -30.47
N LEU A 6 0.45 -0.35 -29.98
CA LEU A 6 1.23 -0.50 -28.74
C LEU A 6 0.49 0.06 -27.53
N ALA A 7 0.55 -0.64 -26.41
CA ALA A 7 -0.07 -0.17 -25.16
C ALA A 7 0.72 1.01 -24.56
N GLU A 8 0.33 2.23 -24.92
CA GLU A 8 1.03 3.44 -24.48
C GLU A 8 0.53 3.92 -23.11
N SER A 9 -0.04 3.01 -22.34
CA SER A 9 -0.51 3.30 -20.98
C SER A 9 -0.25 2.10 -20.05
N PRO A 10 0.21 2.33 -18.81
CA PRO A 10 0.53 1.25 -17.86
C PRO A 10 -0.71 0.57 -17.23
N GLU A 11 -1.65 0.14 -18.09
CA GLU A 11 -2.88 -0.52 -17.63
C GLU A 11 -2.62 -1.97 -17.18
N PHE A 12 -1.36 -2.36 -17.13
CA PHE A 12 -0.96 -3.75 -16.83
C PHE A 12 -1.19 -4.10 -15.34
N TYR A 13 -1.43 -3.10 -14.51
CA TYR A 13 -1.69 -3.31 -13.08
C TYR A 13 -3.19 -3.50 -12.80
N GLN A 14 -3.53 -3.90 -11.57
CA GLN A 14 -4.92 -4.08 -11.17
C GLN A 14 -5.60 -2.73 -10.91
N ASP A 15 -5.23 -2.10 -9.80
CA ASP A 15 -5.88 -0.86 -9.35
C ASP A 15 -5.19 -0.28 -8.10
N ASN A 16 -4.83 -1.18 -7.17
CA ASN A 16 -4.03 -0.84 -5.97
C ASN A 16 -4.81 -0.07 -4.89
N VAL A 17 -5.84 0.69 -5.27
CA VAL A 17 -6.61 1.46 -4.28
C VAL A 17 -8.10 1.03 -4.28
N THR A 18 -8.45 0.10 -3.40
CA THR A 18 -9.81 -0.43 -3.30
C THR A 18 -10.59 0.23 -2.16
N ASP A 19 -11.62 1.02 -2.51
CA ASP A 19 -12.43 1.74 -1.51
C ASP A 19 -13.84 1.14 -1.36
N TYR A 20 -14.18 0.75 -0.13
CA TYR A 20 -15.54 0.27 0.19
C TYR A 20 -16.34 1.34 0.95
N THR A 21 -15.64 2.35 1.48
CA THR A 21 -16.28 3.35 2.36
C THR A 21 -17.10 4.38 1.57
N GLY A 22 -16.58 4.76 0.41
CA GLY A 22 -17.25 5.77 -0.41
C GLY A 22 -16.89 7.20 -0.01
N GLN A 23 -16.22 7.35 1.13
CA GLN A 23 -15.86 8.67 1.66
C GLN A 23 -14.57 9.20 1.02
N ILE A 24 -13.81 8.32 0.38
CA ILE A 24 -12.55 8.70 -0.25
C ILE A 24 -12.78 9.28 -1.67
N SER A 25 -12.27 10.49 -1.92
CA SER A 25 -12.46 11.17 -3.20
C SER A 25 -11.44 10.68 -4.26
N SER A 26 -11.78 10.83 -5.54
CA SER A 26 -10.88 10.41 -6.64
C SER A 26 -9.57 11.20 -6.57
N SER A 27 -9.63 12.41 -6.02
CA SER A 27 -8.43 13.21 -5.74
C SER A 27 -7.47 12.43 -4.83
N ASP A 28 -8.01 11.87 -3.75
CA ASP A 28 -7.23 11.04 -2.83
C ASP A 28 -6.74 9.77 -3.53
N ILE A 29 -7.64 9.10 -4.27
CA ILE A 29 -7.31 7.89 -5.01
C ILE A 29 -6.09 8.10 -5.91
N THR A 30 -6.09 9.20 -6.66
CA THR A 30 -4.99 9.54 -7.59
C THR A 30 -3.70 9.91 -6.83
N ASN A 31 -3.83 10.66 -5.74
CA ASN A 31 -2.67 11.00 -4.89
C ASN A 31 -2.01 9.74 -4.29
N ILE A 32 -2.84 8.81 -3.82
CA ILE A 32 -2.35 7.55 -3.26
C ILE A 32 -1.77 6.62 -4.35
N GLN A 33 -2.50 6.49 -5.46
CA GLN A 33 -2.06 5.66 -6.58
C GLN A 33 -0.66 6.06 -7.09
N ALA A 34 -0.43 7.37 -7.20
CA ALA A 34 0.87 7.88 -7.64
C ALA A 34 2.01 7.34 -6.76
N ALA A 35 1.87 7.52 -5.45
CA ALA A 35 2.85 7.00 -4.48
C ALA A 35 3.01 5.48 -4.61
N ILE A 36 1.89 4.76 -4.61
CA ILE A 36 1.89 3.29 -4.75
C ILE A 36 2.60 2.85 -6.04
N ASP A 37 2.30 3.52 -7.15
CA ASP A 37 2.83 3.14 -8.46
C ASP A 37 4.35 3.37 -8.53
N ASP A 38 4.81 4.49 -7.97
CA ASP A 38 6.25 4.76 -7.87
C ASP A 38 6.97 3.64 -7.11
N VAL A 39 6.35 3.15 -6.05
CA VAL A 39 6.90 2.03 -5.27
C VAL A 39 6.91 0.73 -6.10
N LYS A 40 5.84 0.51 -6.86
CA LYS A 40 5.74 -0.68 -7.73
C LYS A 40 6.84 -0.66 -8.83
N ALA A 41 7.04 0.51 -9.45
CA ALA A 41 7.96 0.62 -10.58
C ALA A 41 9.42 0.79 -10.16
N SER A 42 9.67 1.60 -9.12
CA SER A 42 11.06 1.90 -8.71
C SER A 42 11.57 0.93 -7.63
N GLU A 43 10.77 0.70 -6.59
CA GLU A 43 11.16 -0.17 -5.47
C GLU A 43 10.82 -1.65 -5.77
N GLN A 44 10.11 -1.89 -6.87
CA GLN A 44 9.68 -3.24 -7.25
C GLN A 44 8.75 -3.85 -6.19
N LYS A 45 8.12 -2.99 -5.39
CA LYS A 45 7.24 -3.44 -4.30
C LYS A 45 5.78 -3.03 -4.56
N VAL A 46 4.90 -4.03 -4.64
CA VAL A 46 3.50 -3.80 -4.98
C VAL A 46 2.63 -3.56 -3.73
N ILE A 47 2.28 -2.30 -3.50
CA ILE A 47 1.43 -1.95 -2.35
C ILE A 47 -0.06 -1.98 -2.73
N PHE A 48 -0.89 -2.49 -1.82
CA PHE A 48 -2.33 -2.61 -2.04
C PHE A 48 -3.11 -2.00 -0.86
N VAL A 49 -3.77 -0.88 -1.10
CA VAL A 49 -4.55 -0.18 -0.06
C VAL A 49 -6.05 -0.50 -0.16
N VAL A 50 -6.62 -1.02 0.93
CA VAL A 50 -8.04 -1.35 0.98
C VAL A 50 -8.75 -0.56 2.08
N PHE A 51 -9.67 0.33 1.68
CA PHE A 51 -10.47 1.11 2.64
C PHE A 51 -11.76 0.35 3.01
N LEU A 52 -11.75 -0.29 4.17
CA LEU A 52 -12.90 -1.06 4.63
C LEU A 52 -13.87 -0.21 5.46
N SER A 53 -15.12 -0.63 5.53
CA SER A 53 -16.10 -0.01 6.41
C SER A 53 -16.00 -0.61 7.82
N SER A 54 -15.63 -1.89 7.88
CA SER A 54 -15.47 -2.60 9.15
C SER A 54 -14.74 -3.94 8.97
N PHE A 55 -14.06 -4.38 10.02
CA PHE A 55 -13.49 -5.73 10.08
C PHE A 55 -14.52 -6.71 10.66
N ASP A 56 -15.65 -6.17 11.12
CA ASP A 56 -16.78 -6.96 11.62
C ASP A 56 -16.41 -7.75 12.89
N GLY A 57 -15.69 -8.84 12.72
CA GLY A 57 -15.25 -9.65 13.85
C GLY A 57 -13.92 -10.35 13.60
N VAL A 58 -13.16 -9.83 12.64
CA VAL A 58 -11.85 -10.39 12.28
C VAL A 58 -10.71 -9.44 12.69
N ASP A 59 -9.68 -9.98 13.32
CA ASP A 59 -8.53 -9.16 13.75
C ASP A 59 -7.90 -8.42 12.58
N PRO A 60 -7.73 -7.08 12.68
CA PRO A 60 -7.17 -6.26 11.60
C PRO A 60 -5.85 -6.83 11.03
N GLU A 61 -5.04 -7.42 11.89
CA GLU A 61 -3.80 -8.09 11.44
C GLU A 61 -4.13 -9.34 10.60
N THR A 62 -4.88 -10.28 11.19
CA THR A 62 -5.22 -11.54 10.52
C THR A 62 -5.89 -11.30 9.17
N TRP A 63 -6.88 -10.42 9.13
CA TRP A 63 -7.60 -10.08 7.89
C TRP A 63 -6.62 -9.72 6.78
N THR A 64 -5.74 -8.77 7.09
CA THR A 64 -4.74 -8.28 6.12
C THR A 64 -3.81 -9.40 5.66
N GLN A 65 -3.44 -10.28 6.57
CA GLN A 65 -2.59 -11.43 6.26
C GLN A 65 -3.26 -12.36 5.24
N GLN A 66 -4.55 -12.64 5.46
CA GLN A 66 -5.34 -13.47 4.54
C GLN A 66 -5.45 -12.80 3.16
N ALA A 67 -5.71 -11.49 3.17
CA ALA A 67 -5.78 -10.72 1.93
C ALA A 67 -4.48 -10.85 1.12
N LEU A 68 -3.35 -11.02 1.82
CA LEU A 68 -2.08 -11.27 1.16
C LEU A 68 -2.03 -12.69 0.58
N GLN A 69 -2.59 -13.66 1.30
CA GLN A 69 -2.64 -15.05 0.83
C GLN A 69 -3.43 -15.14 -0.49
N ALA A 70 -4.33 -14.19 -0.72
CA ALA A 70 -5.10 -14.10 -1.95
C ALA A 70 -4.20 -13.80 -3.17
N ASN A 71 -3.11 -13.05 -2.95
CA ASN A 71 -2.16 -12.74 -4.02
C ASN A 71 -0.99 -13.74 -4.05
N GLY A 72 -0.41 -14.02 -2.88
CA GLY A 72 0.70 -14.97 -2.79
C GLY A 72 1.84 -14.47 -1.91
N GLY A 73 2.04 -13.16 -1.88
CA GLY A 73 3.11 -12.57 -1.07
C GLY A 73 4.22 -11.97 -1.92
N GLY A 74 5.41 -12.58 -1.87
CA GLY A 74 6.54 -12.10 -2.66
C GLY A 74 6.93 -10.65 -2.36
N ASN A 75 6.53 -9.73 -3.24
CA ASN A 75 6.86 -8.30 -3.10
C ASN A 75 5.60 -7.46 -2.80
N VAL A 76 4.49 -8.13 -2.52
CA VAL A 76 3.21 -7.46 -2.28
C VAL A 76 3.04 -7.05 -0.80
N LEU A 77 2.33 -5.94 -0.57
CA LEU A 77 1.97 -5.50 0.78
C LEU A 77 0.50 -5.05 0.83
N ILE A 78 -0.29 -5.69 1.67
CA ILE A 78 -1.69 -5.32 1.87
C ILE A 78 -1.85 -4.33 3.04
N TYR A 79 -2.69 -3.31 2.84
CA TYR A 79 -2.99 -2.34 3.88
C TYR A 79 -4.52 -2.21 4.08
N ALA A 80 -5.03 -2.78 5.16
CA ALA A 80 -6.46 -2.73 5.46
C ALA A 80 -6.78 -1.65 6.50
N LEU A 81 -7.59 -0.67 6.10
CA LEU A 81 -7.94 0.45 7.00
C LEU A 81 -9.46 0.53 7.21
N ALA A 82 -9.89 0.60 8.47
CA ALA A 82 -11.31 0.79 8.79
C ALA A 82 -11.55 2.12 9.51
N PRO A 83 -11.80 3.22 8.74
CA PRO A 83 -12.04 4.55 9.32
C PRO A 83 -13.20 4.56 10.31
N GLU A 84 -14.22 3.76 10.04
CA GLU A 84 -15.42 3.71 10.88
C GLU A 84 -15.17 3.00 12.21
N GLU A 85 -14.00 2.36 12.35
CA GLU A 85 -13.66 1.63 13.59
C GLU A 85 -12.32 2.08 14.21
N ARG A 86 -11.66 3.08 13.61
CA ARG A 86 -10.40 3.62 14.16
C ARG A 86 -9.29 2.55 14.25
N GLN A 87 -9.30 1.56 13.35
CA GLN A 87 -8.32 0.47 13.37
C GLN A 87 -7.84 0.09 11.97
N TYR A 88 -6.70 -0.59 11.90
CA TYR A 88 -6.07 -0.95 10.61
C TYR A 88 -5.12 -2.16 10.74
N GLY A 89 -4.63 -2.65 9.60
CA GLY A 89 -3.68 -3.77 9.59
C GLY A 89 -2.73 -3.72 8.39
N ILE A 90 -1.47 -4.12 8.61
CA ILE A 90 -0.45 -4.08 7.55
C ILE A 90 0.37 -5.39 7.48
N GLN A 91 0.37 -6.03 6.31
CA GLN A 91 1.13 -7.29 6.10
C GLN A 91 1.81 -7.30 4.72
N GLY A 92 3.07 -7.74 4.67
CA GLY A 92 3.83 -7.73 3.42
C GLY A 92 4.48 -9.09 3.10
N GLY A 93 4.97 -9.22 1.86
CA GLY A 93 5.60 -10.46 1.44
C GLY A 93 7.08 -10.57 1.84
N THR A 94 7.76 -11.60 1.34
CA THR A 94 9.17 -11.87 1.68
C THR A 94 10.10 -10.68 1.38
N GLN A 95 9.79 -9.92 0.33
CA GLN A 95 10.67 -8.81 -0.08
C GLN A 95 10.48 -7.56 0.79
N TRP A 96 9.62 -7.64 1.80
CA TRP A 96 9.42 -6.55 2.75
C TRP A 96 10.14 -6.83 4.08
N THR A 97 11.03 -5.93 4.48
CA THR A 97 11.76 -6.08 5.74
C THR A 97 10.95 -5.55 6.94
N ASP A 98 11.12 -6.18 8.10
CA ASP A 98 10.40 -5.80 9.32
C ASP A 98 10.52 -4.29 9.60
N ALA A 99 11.71 -3.73 9.37
CA ALA A 99 11.94 -2.30 9.53
C ALA A 99 10.99 -1.46 8.66
N GLU A 100 10.74 -1.92 7.44
CA GLU A 100 9.83 -1.25 6.52
C GLU A 100 8.37 -1.43 6.94
N LEU A 101 8.03 -2.61 7.46
CA LEU A 101 6.71 -2.86 8.03
C LEU A 101 6.44 -1.92 9.22
N ASP A 102 7.46 -1.75 10.07
CA ASP A 102 7.41 -0.80 11.18
C ASP A 102 7.24 0.64 10.65
N ALA A 103 8.01 0.99 9.62
CA ALA A 103 7.89 2.30 8.97
C ALA A 103 6.50 2.51 8.37
N ALA A 104 5.90 1.43 7.86
CA ALA A 104 4.54 1.48 7.32
C ALA A 104 3.51 1.86 8.40
N ASN A 105 3.51 1.10 9.50
CA ASN A 105 2.63 1.42 10.64
C ASN A 105 2.91 2.81 11.20
N ASN A 106 4.19 3.16 11.28
CA ASN A 106 4.64 4.50 11.68
C ASN A 106 4.02 5.60 10.79
N ALA A 107 4.21 5.44 9.48
CA ALA A 107 3.73 6.42 8.50
C ALA A 107 2.21 6.57 8.55
N ALA A 108 1.51 5.44 8.57
CA ALA A 108 0.05 5.44 8.67
C ALA A 108 -0.43 6.10 9.97
N PHE A 109 0.13 5.64 11.11
CA PHE A 109 -0.29 6.12 12.44
C PHE A 109 -0.23 7.66 12.55
N GLN A 110 0.79 8.27 11.96
CA GLN A 110 0.93 9.74 11.95
C GLN A 110 -0.36 10.41 11.43
N ALA A 111 -0.79 10.00 10.22
CA ALA A 111 -2.01 10.56 9.62
C ALA A 111 -3.28 10.05 10.32
N LEU A 112 -3.25 8.81 10.81
CA LEU A 112 -4.41 8.23 11.51
C LEU A 112 -4.73 9.01 12.80
N SER A 113 -3.69 9.52 13.46
CA SER A 113 -3.89 10.34 14.66
C SER A 113 -4.58 11.66 14.28
N GLN A 114 -4.30 12.12 13.06
CA GLN A 114 -4.95 13.30 12.49
C GLN A 114 -6.29 12.92 11.81
N GLU A 115 -6.55 11.62 11.74
CA GLU A 115 -7.77 11.07 11.11
C GLU A 115 -7.79 11.26 9.59
N ASP A 116 -6.63 11.50 8.98
CA ASP A 116 -6.53 11.56 7.52
C ASP A 116 -6.38 10.15 6.94
N TRP A 117 -7.51 9.46 6.80
CA TRP A 117 -7.54 8.07 6.35
C TRP A 117 -6.87 7.88 4.97
N ALA A 118 -7.13 8.79 4.05
CA ALA A 118 -6.48 8.74 2.73
C ALA A 118 -5.00 9.16 2.83
N GLY A 119 -4.71 10.07 3.76
CA GLY A 119 -3.34 10.54 3.95
C GLY A 119 -2.42 9.46 4.51
N SER A 120 -2.95 8.59 5.38
CA SER A 120 -2.15 7.50 5.97
C SER A 120 -1.68 6.50 4.89
N ALA A 121 -2.62 6.08 4.04
CA ALA A 121 -2.30 5.21 2.90
C ALA A 121 -1.22 5.84 2.01
N LEU A 122 -1.39 7.13 1.71
CA LEU A 122 -0.42 7.89 0.93
C LEU A 122 0.97 7.87 1.60
N ALA A 123 1.00 8.26 2.88
CA ALA A 123 2.25 8.32 3.66
C ALA A 123 2.95 6.95 3.74
N LEU A 124 2.15 5.88 3.85
CA LEU A 124 2.68 4.51 3.90
C LEU A 124 3.61 4.24 2.69
N ALA A 125 3.12 4.57 1.50
CA ALA A 125 3.91 4.39 0.27
C ALA A 125 5.11 5.34 0.22
N GLU A 126 4.88 6.61 0.58
CA GLU A 126 5.92 7.64 0.58
C GLU A 126 7.09 7.29 1.52
N SER A 127 6.78 6.70 2.66
CA SER A 127 7.81 6.32 3.65
C SER A 127 8.76 5.25 3.07
N VAL A 128 8.22 4.35 2.26
CA VAL A 128 9.00 3.28 1.65
C VAL A 128 9.65 3.74 0.32
N GLY A 129 8.81 4.01 -0.67
CA GLY A 129 9.30 4.36 -2.00
C GLY A 129 9.58 5.84 -2.19
N SER A 130 10.55 6.37 -1.44
CA SER A 130 10.96 7.77 -1.60
C SER A 130 12.14 7.89 -2.58
N SER A 131 12.54 6.77 -3.18
CA SER A 131 13.66 6.72 -4.13
C SER A 131 13.32 7.44 -5.45
N SER A 132 14.33 7.61 -6.30
CA SER A 132 14.16 8.34 -7.56
C SER A 132 13.31 7.57 -8.58
N SER A 133 12.75 8.30 -9.56
CA SER A 133 11.86 7.72 -10.57
C SER A 133 12.59 6.75 -11.51
N SER A 134 11.98 5.59 -11.75
CA SER A 134 12.52 4.58 -12.67
C SER A 134 11.80 4.61 -14.03
N SER A 135 11.85 3.51 -14.77
CA SER A 135 11.19 3.43 -16.09
C SER A 135 10.02 2.45 -16.06
N SER A 136 8.83 2.91 -16.44
CA SER A 136 7.62 2.07 -16.47
C SER A 136 7.77 0.91 -17.46
N GLY A 137 7.75 -0.33 -16.96
CA GLY A 137 7.85 -1.51 -17.82
C GLY A 137 6.49 -2.09 -18.19
N SER A 138 6.45 -3.39 -18.44
CA SER A 138 5.20 -4.09 -18.79
C SER A 138 5.03 -5.38 -17.98
N SER A 139 3.83 -5.58 -17.43
CA SER A 139 3.54 -6.79 -16.64
C SER A 139 3.20 -7.99 -17.54
N SER A 140 4.16 -8.89 -17.71
CA SER A 140 3.99 -10.07 -18.59
C SER A 140 3.21 -11.20 -17.90
N LEU A 141 2.21 -10.83 -17.09
CA LEU A 141 1.40 -11.83 -16.38
C LEU A 141 0.23 -12.34 -17.23
N GLU A 142 0.50 -13.37 -18.05
CA GLU A 142 -0.54 -13.99 -18.87
C GLU A 142 -1.36 -14.97 -18.03
N HIS A 143 -2.67 -14.79 -18.02
CA HIS A 143 -3.56 -15.57 -17.16
C HIS A 143 -4.69 -16.26 -17.97
N HIS A 144 -4.72 -17.59 -17.91
CA HIS A 144 -5.77 -18.36 -18.57
C HIS A 144 -7.15 -18.08 -17.94
N HIS A 145 -8.10 -17.65 -18.75
CA HIS A 145 -9.44 -17.34 -18.26
C HIS A 145 -10.29 -18.61 -18.06
N HIS A 146 -10.44 -19.01 -16.80
CA HIS A 146 -11.29 -20.17 -16.45
C HIS A 146 -12.76 -19.84 -16.69
N HIS A 147 -13.40 -20.57 -17.59
CA HIS A 147 -14.78 -20.30 -17.99
C HIS A 147 -15.80 -20.72 -16.92
N HIS A 148 -16.59 -19.76 -16.46
CA HIS A 148 -17.73 -20.01 -15.57
C HIS A 148 -18.99 -19.32 -16.10
N THR A 1 26.38 -14.47 -31.25
CA THR A 1 25.43 -13.32 -31.29
C THR A 1 24.11 -13.67 -30.59
N GLU A 2 23.98 -13.31 -29.32
CA GLU A 2 22.81 -13.70 -28.53
C GLU A 2 22.51 -12.69 -27.40
N THR A 3 21.36 -12.01 -27.51
CA THR A 3 20.91 -11.07 -26.47
C THR A 3 19.46 -11.37 -26.07
N TYR A 4 19.15 -11.19 -24.78
CA TYR A 4 17.81 -11.44 -24.26
C TYR A 4 16.81 -10.33 -24.66
N VAL A 5 15.55 -10.49 -24.27
CA VAL A 5 14.51 -9.50 -24.55
C VAL A 5 13.52 -9.36 -23.38
N LEU A 6 13.53 -8.20 -22.72
CA LEU A 6 12.68 -7.94 -21.55
C LEU A 6 11.22 -7.65 -21.96
N ALA A 7 10.35 -8.64 -21.78
CA ALA A 7 8.92 -8.46 -22.03
C ALA A 7 8.10 -8.78 -20.77
N GLU A 8 8.01 -7.81 -19.86
CA GLU A 8 7.29 -7.97 -18.59
C GLU A 8 6.34 -6.79 -18.34
N SER A 9 5.06 -7.10 -18.10
CA SER A 9 4.05 -6.06 -17.83
C SER A 9 2.86 -6.64 -17.05
N PRO A 10 2.69 -6.28 -15.77
CA PRO A 10 1.58 -6.76 -14.94
C PRO A 10 0.25 -6.03 -15.26
N GLU A 11 -0.61 -6.69 -16.04
CA GLU A 11 -1.91 -6.11 -16.42
C GLU A 11 -3.09 -6.79 -15.69
N PHE A 12 -2.78 -7.56 -14.65
CA PHE A 12 -3.80 -8.33 -13.92
C PHE A 12 -4.59 -7.46 -12.92
N TYR A 13 -4.52 -6.15 -13.10
CA TYR A 13 -5.18 -5.19 -12.21
C TYR A 13 -5.30 -3.82 -12.87
N GLN A 14 -6.31 -3.03 -12.48
CA GLN A 14 -6.43 -1.65 -12.96
C GLN A 14 -6.03 -0.64 -11.86
N ASP A 15 -6.41 -0.94 -10.61
CA ASP A 15 -6.09 -0.07 -9.47
C ASP A 15 -5.38 -0.85 -8.33
N ASN A 16 -4.75 -0.11 -7.42
CA ASN A 16 -4.15 -0.68 -6.21
C ASN A 16 -4.91 -0.25 -4.95
N VAL A 17 -5.82 0.71 -5.10
CA VAL A 17 -6.62 1.22 -3.99
C VAL A 17 -8.11 0.89 -4.18
N THR A 18 -8.69 0.16 -3.24
CA THR A 18 -10.11 -0.24 -3.30
C THR A 18 -10.90 0.38 -2.14
N ASP A 19 -12.01 1.03 -2.45
CA ASP A 19 -12.84 1.70 -1.43
C ASP A 19 -14.18 0.99 -1.21
N TYR A 20 -14.58 0.86 0.06
CA TYR A 20 -15.90 0.34 0.43
C TYR A 20 -16.62 1.29 1.40
N THR A 21 -16.04 2.47 1.63
CA THR A 21 -16.60 3.43 2.61
C THR A 21 -17.42 4.53 1.94
N GLY A 22 -16.91 5.07 0.83
CA GLY A 22 -17.59 6.16 0.13
C GLY A 22 -17.25 7.53 0.71
N GLN A 23 -16.43 7.57 1.76
CA GLN A 23 -16.04 8.84 2.39
C GLN A 23 -14.63 9.27 1.95
N ILE A 24 -13.94 8.41 1.21
CA ILE A 24 -12.59 8.71 0.73
C ILE A 24 -12.64 9.44 -0.62
N SER A 25 -11.98 10.59 -0.71
CA SER A 25 -11.98 11.40 -1.94
C SER A 25 -11.01 10.84 -2.99
N SER A 26 -11.41 10.90 -4.25
CA SER A 26 -10.59 10.36 -5.36
C SER A 26 -9.26 11.11 -5.49
N SER A 27 -9.23 12.37 -5.06
CA SER A 27 -8.00 13.17 -5.08
C SER A 27 -6.90 12.51 -4.23
N ASP A 28 -7.25 12.11 -3.01
CA ASP A 28 -6.33 11.38 -2.13
C ASP A 28 -5.92 10.05 -2.77
N ILE A 29 -6.92 9.30 -3.22
CA ILE A 29 -6.70 7.98 -3.84
C ILE A 29 -5.70 8.04 -5.00
N THR A 30 -5.83 9.05 -5.87
CA THR A 30 -4.92 9.22 -7.00
C THR A 30 -3.47 9.44 -6.54
N ASN A 31 -3.29 10.32 -5.55
CA ASN A 31 -1.97 10.62 -4.99
C ASN A 31 -1.34 9.38 -4.32
N ILE A 32 -2.19 8.55 -3.72
CA ILE A 32 -1.75 7.27 -3.14
C ILE A 32 -1.34 6.29 -4.27
N GLN A 33 -2.24 6.12 -5.24
CA GLN A 33 -2.02 5.22 -6.38
C GLN A 33 -0.68 5.48 -7.09
N ALA A 34 -0.43 6.75 -7.40
CA ALA A 34 0.82 7.15 -8.08
C ALA A 34 2.05 6.74 -7.27
N ALA A 35 2.08 7.11 -5.98
CA ALA A 35 3.18 6.75 -5.09
C ALA A 35 3.39 5.23 -5.07
N ILE A 36 2.28 4.49 -5.04
CA ILE A 36 2.31 3.02 -5.09
C ILE A 36 2.99 2.52 -6.38
N ASP A 37 2.63 3.12 -7.51
CA ASP A 37 3.23 2.73 -8.80
C ASP A 37 4.73 3.01 -8.85
N ASP A 38 5.17 4.13 -8.28
CA ASP A 38 6.60 4.43 -8.18
C ASP A 38 7.35 3.31 -7.43
N VAL A 39 6.77 2.85 -6.32
CA VAL A 39 7.32 1.73 -5.56
C VAL A 39 7.30 0.44 -6.40
N LYS A 40 6.18 0.22 -7.11
CA LYS A 40 6.01 -0.95 -7.99
C LYS A 40 7.02 -0.95 -9.14
N ALA A 41 7.35 0.23 -9.66
CA ALA A 41 8.27 0.36 -10.80
C ALA A 41 9.74 0.25 -10.36
N SER A 42 10.13 1.04 -9.37
CA SER A 42 11.53 1.08 -8.90
C SER A 42 11.87 -0.10 -7.97
N GLU A 43 11.09 -0.23 -6.89
CA GLU A 43 11.40 -1.21 -5.83
C GLU A 43 10.77 -2.59 -6.11
N GLN A 44 9.93 -2.66 -7.14
CA GLN A 44 9.20 -3.89 -7.50
C GLN A 44 8.11 -4.24 -6.46
N LYS A 45 8.12 -3.53 -5.34
CA LYS A 45 7.17 -3.76 -4.25
C LYS A 45 5.75 -3.29 -4.63
N VAL A 46 4.83 -4.23 -4.77
CA VAL A 46 3.44 -3.93 -5.16
C VAL A 46 2.57 -3.66 -3.93
N ILE A 47 2.25 -2.38 -3.70
CA ILE A 47 1.44 -1.98 -2.54
C ILE A 47 -0.06 -2.00 -2.85
N PHE A 48 -0.85 -2.37 -1.85
CA PHE A 48 -2.32 -2.43 -1.98
C PHE A 48 -3.01 -1.78 -0.77
N VAL A 49 -4.05 -0.99 -1.02
CA VAL A 49 -4.79 -0.30 0.05
C VAL A 49 -6.30 -0.59 -0.04
N VAL A 50 -6.91 -1.00 1.06
CA VAL A 50 -8.34 -1.33 1.10
C VAL A 50 -9.08 -0.58 2.22
N PHE A 51 -10.04 0.27 1.85
CA PHE A 51 -10.87 1.00 2.82
C PHE A 51 -12.18 0.23 3.12
N LEU A 52 -12.21 -0.45 4.26
CA LEU A 52 -13.38 -1.24 4.67
C LEU A 52 -14.31 -0.46 5.61
N SER A 53 -15.54 -0.95 5.76
CA SER A 53 -16.48 -0.40 6.76
C SER A 53 -16.26 -1.06 8.13
N SER A 54 -15.77 -2.31 8.10
CA SER A 54 -15.49 -3.08 9.30
C SER A 54 -14.61 -4.29 8.96
N PHE A 55 -14.23 -5.06 9.97
CA PHE A 55 -13.47 -6.31 9.76
C PHE A 55 -14.32 -7.55 10.07
N ASP A 56 -15.58 -7.33 10.44
CA ASP A 56 -16.58 -8.40 10.52
C ASP A 56 -16.21 -9.52 11.51
N GLY A 57 -15.31 -9.22 12.44
CA GLY A 57 -14.90 -10.21 13.44
C GLY A 57 -13.44 -10.64 13.28
N VAL A 58 -12.92 -10.57 12.06
CA VAL A 58 -11.54 -10.94 11.79
C VAL A 58 -10.58 -9.83 12.24
N ASP A 59 -9.54 -10.20 12.99
CA ASP A 59 -8.57 -9.21 13.48
C ASP A 59 -7.94 -8.42 12.31
N PRO A 60 -7.94 -7.07 12.39
CA PRO A 60 -7.38 -6.20 11.33
C PRO A 60 -6.05 -6.70 10.77
N GLU A 61 -5.15 -7.15 11.64
CA GLU A 61 -3.86 -7.71 11.23
C GLU A 61 -4.04 -9.01 10.43
N THR A 62 -4.86 -9.92 10.97
CA THR A 62 -5.11 -11.22 10.33
C THR A 62 -5.75 -11.07 8.94
N TRP A 63 -6.77 -10.21 8.85
CA TRP A 63 -7.44 -9.91 7.57
C TRP A 63 -6.40 -9.54 6.50
N THR A 64 -5.55 -8.59 6.85
CA THR A 64 -4.49 -8.11 5.96
C THR A 64 -3.58 -9.25 5.50
N GLN A 65 -3.24 -10.15 6.44
CA GLN A 65 -2.42 -11.32 6.12
C GLN A 65 -3.13 -12.24 5.12
N GLN A 66 -4.44 -12.43 5.30
CA GLN A 66 -5.25 -13.24 4.38
C GLN A 66 -5.24 -12.66 2.97
N ALA A 67 -5.54 -11.36 2.86
CA ALA A 67 -5.52 -10.67 1.56
C ALA A 67 -4.15 -10.81 0.87
N LEU A 68 -3.08 -10.78 1.67
CA LEU A 68 -1.73 -10.98 1.13
C LEU A 68 -1.55 -12.39 0.57
N GLN A 69 -2.08 -13.40 1.29
CA GLN A 69 -1.99 -14.79 0.83
C GLN A 69 -2.81 -15.02 -0.44
N ALA A 70 -3.93 -14.30 -0.57
CA ALA A 70 -4.72 -14.32 -1.80
C ALA A 70 -3.91 -13.77 -2.98
N ASN A 71 -2.96 -12.89 -2.68
CA ASN A 71 -2.02 -12.34 -3.67
C ASN A 71 -0.66 -13.05 -3.63
N GLY A 72 -0.60 -14.17 -2.91
CA GLY A 72 0.65 -14.91 -2.78
C GLY A 72 1.63 -14.26 -1.79
N GLY A 73 2.09 -13.07 -2.12
CA GLY A 73 3.02 -12.35 -1.25
C GLY A 73 4.26 -11.86 -1.99
N GLY A 74 5.42 -12.37 -1.61
CA GLY A 74 6.67 -11.95 -2.25
C GLY A 74 6.91 -10.45 -2.20
N ASN A 75 6.63 -9.77 -3.31
CA ASN A 75 6.84 -8.31 -3.40
C ASN A 75 5.58 -7.51 -3.04
N VAL A 76 4.47 -8.22 -2.83
CA VAL A 76 3.18 -7.59 -2.56
C VAL A 76 3.05 -7.11 -1.11
N LEU A 77 2.28 -6.02 -0.93
CA LEU A 77 1.94 -5.48 0.39
C LEU A 77 0.44 -5.15 0.46
N ILE A 78 -0.18 -5.48 1.58
CA ILE A 78 -1.58 -5.12 1.80
C ILE A 78 -1.73 -4.16 2.99
N TYR A 79 -2.55 -3.13 2.82
CA TYR A 79 -2.88 -2.20 3.90
C TYR A 79 -4.40 -2.10 4.09
N ALA A 80 -4.90 -2.73 5.15
CA ALA A 80 -6.33 -2.71 5.46
C ALA A 80 -6.65 -1.57 6.45
N LEU A 81 -7.74 -0.86 6.20
CA LEU A 81 -8.14 0.26 7.07
C LEU A 81 -9.67 0.34 7.20
N ALA A 82 -10.13 0.69 8.40
CA ALA A 82 -11.56 0.90 8.65
C ALA A 82 -11.78 2.25 9.35
N PRO A 83 -11.88 3.36 8.57
CA PRO A 83 -12.03 4.72 9.11
C PRO A 83 -13.07 4.83 10.23
N GLU A 84 -14.23 4.24 10.02
CA GLU A 84 -15.33 4.33 10.98
C GLU A 84 -15.05 3.54 12.27
N GLU A 85 -14.19 2.52 12.18
CA GLU A 85 -13.81 1.71 13.34
C GLU A 85 -12.43 2.10 13.88
N ARG A 86 -11.73 2.98 13.16
CA ARG A 86 -10.38 3.41 13.53
C ARG A 86 -9.39 2.23 13.67
N GLN A 87 -9.66 1.17 12.91
CA GLN A 87 -8.82 -0.04 12.91
C GLN A 87 -8.03 -0.17 11.59
N TYR A 88 -6.87 -0.81 11.64
CA TYR A 88 -6.06 -1.01 10.43
C TYR A 88 -5.10 -2.20 10.58
N GLY A 89 -4.54 -2.66 9.46
CA GLY A 89 -3.60 -3.77 9.48
C GLY A 89 -2.57 -3.69 8.35
N ILE A 90 -1.32 -4.01 8.66
CA ILE A 90 -0.24 -3.95 7.66
C ILE A 90 0.56 -5.27 7.62
N GLN A 91 0.61 -5.90 6.45
CA GLN A 91 1.36 -7.14 6.25
C GLN A 91 2.03 -7.16 4.87
N GLY A 92 3.32 -7.47 4.84
CA GLY A 92 4.07 -7.48 3.57
C GLY A 92 4.63 -8.85 3.22
N GLY A 93 4.97 -9.04 1.95
CA GLY A 93 5.52 -10.31 1.49
C GLY A 93 6.98 -10.53 1.90
N THR A 94 7.66 -11.44 1.19
CA THR A 94 9.05 -11.79 1.51
C THR A 94 10.03 -10.65 1.25
N GLN A 95 9.75 -9.83 0.23
CA GLN A 95 10.59 -8.68 -0.10
C GLN A 95 10.36 -7.48 0.84
N TRP A 96 9.52 -7.67 1.85
CA TRP A 96 9.23 -6.61 2.83
C TRP A 96 9.82 -6.94 4.22
N THR A 97 10.77 -6.13 4.66
CA THR A 97 11.37 -6.29 5.99
C THR A 97 10.52 -5.59 7.06
N ASP A 98 10.58 -6.07 8.31
CA ASP A 98 9.78 -5.52 9.40
C ASP A 98 10.06 -4.02 9.61
N ALA A 99 11.31 -3.62 9.41
CA ALA A 99 11.70 -2.20 9.53
C ALA A 99 10.91 -1.32 8.55
N GLU A 100 10.67 -1.84 7.34
CA GLU A 100 9.85 -1.13 6.34
C GLU A 100 8.38 -1.10 6.77
N LEU A 101 7.87 -2.25 7.21
CA LEU A 101 6.49 -2.35 7.70
C LEU A 101 6.26 -1.41 8.90
N ASP A 102 7.30 -1.24 9.71
CA ASP A 102 7.26 -0.30 10.84
C ASP A 102 7.20 1.14 10.33
N ALA A 103 8.11 1.51 9.43
CA ALA A 103 8.08 2.85 8.82
C ALA A 103 6.69 3.15 8.24
N ALA A 104 6.08 2.11 7.66
CA ALA A 104 4.73 2.20 7.10
C ALA A 104 3.67 2.46 8.19
N ASN A 105 3.67 1.64 9.24
CA ASN A 105 2.65 1.76 10.30
C ASN A 105 2.80 3.08 11.09
N ASN A 106 4.03 3.55 11.25
CA ASN A 106 4.29 4.85 11.88
C ASN A 106 3.79 6.00 10.99
N ALA A 107 4.21 6.01 9.72
CA ALA A 107 3.78 7.04 8.77
C ALA A 107 2.25 7.08 8.64
N ALA A 108 1.63 5.89 8.64
CA ALA A 108 0.18 5.77 8.55
C ALA A 108 -0.53 6.22 9.84
N PHE A 109 -0.11 5.65 10.98
CA PHE A 109 -0.76 5.91 12.28
C PHE A 109 -0.86 7.41 12.58
N GLN A 110 0.17 8.17 12.21
CA GLN A 110 0.16 9.64 12.37
C GLN A 110 -1.11 10.23 11.74
N ALA A 111 -1.28 10.01 10.44
CA ALA A 111 -2.45 10.51 9.71
C ALA A 111 -3.75 9.93 10.27
N LEU A 112 -3.71 8.68 10.73
CA LEU A 112 -4.88 8.03 11.33
C LEU A 112 -5.32 8.75 12.62
N SER A 113 -4.36 9.22 13.42
CA SER A 113 -4.68 9.98 14.63
C SER A 113 -5.22 11.36 14.26
N GLN A 114 -4.79 11.86 13.11
CA GLN A 114 -5.30 13.13 12.56
C GLN A 114 -6.65 12.90 11.83
N GLU A 115 -7.10 11.65 11.80
CA GLU A 115 -8.32 11.24 11.10
C GLU A 115 -8.23 11.46 9.58
N ASP A 116 -7.01 11.60 9.06
CA ASP A 116 -6.79 11.64 7.63
C ASP A 116 -6.60 10.21 7.10
N TRP A 117 -7.71 9.49 6.99
CA TRP A 117 -7.70 8.06 6.68
C TRP A 117 -6.98 7.74 5.35
N ALA A 118 -7.22 8.55 4.33
CA ALA A 118 -6.54 8.36 3.04
C ALA A 118 -5.07 8.81 3.12
N GLY A 119 -4.82 9.87 3.89
CA GLY A 119 -3.46 10.37 4.07
C GLY A 119 -2.50 9.33 4.65
N SER A 120 -3.03 8.42 5.45
CA SER A 120 -2.23 7.33 6.04
C SER A 120 -1.60 6.45 4.94
N ALA A 121 -2.44 5.96 4.03
CA ALA A 121 -1.98 5.14 2.91
C ALA A 121 -1.00 5.91 2.02
N LEU A 122 -1.26 7.20 1.83
CA LEU A 122 -0.37 8.06 1.04
C LEU A 122 1.02 8.11 1.68
N ALA A 123 1.07 8.51 2.96
CA ALA A 123 2.33 8.56 3.72
C ALA A 123 3.03 7.19 3.73
N LEU A 124 2.24 6.12 3.86
CA LEU A 124 2.76 4.74 3.84
C LEU A 124 3.58 4.48 2.55
N ALA A 125 2.95 4.74 1.40
CA ALA A 125 3.63 4.54 0.11
C ALA A 125 4.85 5.46 -0.05
N GLU A 126 4.66 6.74 0.29
CA GLU A 126 5.74 7.75 0.22
C GLU A 126 6.91 7.40 1.16
N SER A 127 6.61 6.72 2.27
CA SER A 127 7.65 6.33 3.26
C SER A 127 8.60 5.28 2.69
N VAL A 128 8.05 4.30 1.97
CA VAL A 128 8.84 3.22 1.37
C VAL A 128 9.42 3.63 0.01
N GLY A 129 8.68 4.47 -0.71
CA GLY A 129 9.11 4.94 -2.02
C GLY A 129 10.06 6.13 -1.94
N SER A 130 11.34 5.85 -1.66
CA SER A 130 12.37 6.90 -1.57
C SER A 130 12.36 7.81 -2.80
N SER A 131 11.75 8.99 -2.65
CA SER A 131 11.64 9.99 -3.73
C SER A 131 10.82 9.46 -4.92
N SER A 132 9.50 9.66 -4.86
CA SER A 132 8.59 9.22 -5.94
C SER A 132 8.85 9.98 -7.25
N SER A 133 8.67 9.29 -8.38
CA SER A 133 9.06 9.83 -9.70
C SER A 133 7.86 9.93 -10.66
N SER A 134 8.15 9.99 -11.96
CA SER A 134 7.10 9.99 -12.99
C SER A 134 6.70 8.57 -13.40
N SER A 135 7.70 7.72 -13.66
CA SER A 135 7.47 6.32 -14.05
C SER A 135 6.66 6.21 -15.37
N SER A 136 6.84 7.18 -16.26
CA SER A 136 6.15 7.19 -17.55
C SER A 136 6.65 6.05 -18.47
N GLY A 137 5.80 5.64 -19.42
CA GLY A 137 6.11 4.50 -20.27
C GLY A 137 6.95 4.86 -21.50
N SER A 138 6.32 4.89 -22.68
CA SER A 138 7.04 5.12 -23.94
C SER A 138 6.24 6.00 -24.91
N SER A 139 6.94 6.60 -25.88
CA SER A 139 6.32 7.46 -26.89
C SER A 139 6.56 6.92 -28.30
N SER A 140 5.54 6.97 -29.15
CA SER A 140 5.65 6.48 -30.54
C SER A 140 4.47 6.96 -31.40
N LEU A 141 4.79 7.61 -32.52
CA LEU A 141 3.78 8.09 -33.47
C LEU A 141 4.01 7.49 -34.87
N GLU A 142 3.23 6.48 -35.23
CA GLU A 142 3.36 5.80 -36.52
C GLU A 142 2.31 6.26 -37.54
N HIS A 143 2.55 5.96 -38.81
CA HIS A 143 1.65 6.37 -39.91
C HIS A 143 1.60 5.32 -41.03
N HIS A 144 0.54 5.35 -41.82
CA HIS A 144 0.35 4.40 -42.92
C HIS A 144 1.39 4.62 -44.03
N HIS A 145 2.34 3.70 -44.14
CA HIS A 145 3.43 3.82 -45.13
C HIS A 145 3.04 3.20 -46.48
N HIS A 146 2.86 4.04 -47.49
CA HIS A 146 2.54 3.57 -48.84
C HIS A 146 3.14 4.50 -49.92
N HIS A 147 3.88 3.91 -50.86
CA HIS A 147 4.50 4.69 -51.95
C HIS A 147 3.47 5.04 -53.05
N HIS A 148 2.38 4.28 -53.11
CA HIS A 148 1.29 4.56 -54.04
C HIS A 148 -0.06 4.07 -53.47
N THR A 1 17.51 5.54 -25.48
CA THR A 1 17.89 5.96 -24.10
C THR A 1 17.64 4.84 -23.09
N GLU A 2 17.57 3.59 -23.56
CA GLU A 2 17.24 2.45 -22.70
C GLU A 2 18.52 1.85 -22.05
N THR A 3 18.86 2.33 -20.85
CA THR A 3 20.00 1.77 -20.10
C THR A 3 19.64 0.42 -19.48
N TYR A 4 18.39 0.28 -19.09
CA TYR A 4 17.92 -0.95 -18.42
C TYR A 4 17.38 -1.97 -19.43
N VAL A 5 17.38 -3.24 -19.06
CA VAL A 5 16.90 -4.31 -19.95
C VAL A 5 15.75 -5.11 -19.29
N LEU A 6 14.59 -4.48 -19.13
CA LEU A 6 13.40 -5.14 -18.60
C LEU A 6 12.14 -4.27 -18.78
N ALA A 7 11.05 -4.90 -19.24
CA ALA A 7 9.78 -4.19 -19.44
C ALA A 7 8.58 -5.13 -19.23
N GLU A 8 8.12 -5.24 -17.99
CA GLU A 8 7.03 -6.17 -17.65
C GLU A 8 5.94 -5.52 -16.79
N SER A 9 4.79 -5.28 -17.38
CA SER A 9 3.60 -4.81 -16.64
C SER A 9 2.76 -5.99 -16.15
N PRO A 10 2.07 -5.87 -15.00
CA PRO A 10 1.25 -6.96 -14.44
C PRO A 10 0.04 -7.31 -15.34
N GLU A 11 -0.51 -6.30 -16.03
CA GLU A 11 -1.62 -6.48 -16.98
C GLU A 11 -2.96 -6.79 -16.31
N PHE A 12 -3.02 -7.88 -15.56
CA PHE A 12 -4.27 -8.41 -14.98
C PHE A 12 -5.07 -7.37 -14.18
N TYR A 13 -4.38 -6.38 -13.61
CA TYR A 13 -5.03 -5.37 -12.77
C TYR A 13 -4.37 -3.99 -12.93
N GLN A 14 -5.18 -2.94 -12.90
CA GLN A 14 -4.68 -1.56 -13.04
C GLN A 14 -4.53 -0.88 -11.68
N ASP A 15 -5.59 -0.94 -10.88
CA ASP A 15 -5.65 -0.21 -9.60
C ASP A 15 -5.01 -1.00 -8.44
N ASN A 16 -4.59 -0.26 -7.42
CA ASN A 16 -4.07 -0.84 -6.16
C ASN A 16 -4.92 -0.41 -4.95
N VAL A 17 -5.78 0.58 -5.14
CA VAL A 17 -6.60 1.12 -4.05
C VAL A 17 -8.10 0.80 -4.26
N THR A 18 -8.65 -0.04 -3.40
CA THR A 18 -10.09 -0.38 -3.45
C THR A 18 -10.83 0.22 -2.25
N ASP A 19 -11.85 1.03 -2.52
CA ASP A 19 -12.64 1.68 -1.46
C ASP A 19 -14.02 1.03 -1.29
N TYR A 20 -14.58 1.16 -0.10
CA TYR A 20 -15.96 0.73 0.19
C TYR A 20 -16.70 1.80 1.00
N THR A 21 -16.14 3.00 1.00
CA THR A 21 -16.71 4.15 1.72
C THR A 21 -16.46 5.45 0.94
N GLY A 22 -17.53 6.00 0.36
CA GLY A 22 -17.43 7.26 -0.39
C GLY A 22 -17.04 8.47 0.46
N GLN A 23 -16.70 8.25 1.73
CA GLN A 23 -16.19 9.31 2.60
C GLN A 23 -14.75 9.70 2.24
N ILE A 24 -14.06 8.83 1.51
CA ILE A 24 -12.67 9.07 1.09
C ILE A 24 -12.62 9.92 -0.19
N SER A 25 -11.85 11.01 -0.14
CA SER A 25 -11.71 11.94 -1.28
C SER A 25 -10.93 11.31 -2.45
N SER A 26 -11.45 11.46 -3.66
CA SER A 26 -10.86 10.85 -4.87
C SER A 26 -9.44 11.38 -5.14
N SER A 27 -9.20 12.65 -4.84
CA SER A 27 -7.87 13.27 -5.01
C SER A 27 -6.82 12.49 -4.21
N ASP A 28 -7.13 12.23 -2.95
CA ASP A 28 -6.24 11.48 -2.07
C ASP A 28 -6.02 10.05 -2.59
N ILE A 29 -7.11 9.39 -3.00
CA ILE A 29 -7.03 8.04 -3.58
C ILE A 29 -6.03 7.99 -4.75
N THR A 30 -6.16 8.94 -5.67
CA THR A 30 -5.25 9.02 -6.83
C THR A 30 -3.79 9.19 -6.39
N ASN A 31 -3.56 10.06 -5.42
CA ASN A 31 -2.22 10.32 -4.90
C ASN A 31 -1.61 9.05 -4.25
N ILE A 32 -2.44 8.29 -3.53
CA ILE A 32 -2.01 7.00 -2.97
C ILE A 32 -1.54 6.05 -4.09
N GLN A 33 -2.39 5.91 -5.12
CA GLN A 33 -2.08 5.09 -6.29
C GLN A 33 -0.74 5.48 -6.92
N ALA A 34 -0.53 6.78 -7.09
CA ALA A 34 0.72 7.32 -7.64
C ALA A 34 1.94 6.91 -6.80
N ALA A 35 1.87 7.18 -5.51
CA ALA A 35 2.96 6.82 -4.58
C ALA A 35 3.26 5.30 -4.63
N ILE A 36 2.20 4.50 -4.61
CA ILE A 36 2.33 3.03 -4.70
C ILE A 36 3.03 2.60 -6.01
N ASP A 37 2.65 3.23 -7.12
CA ASP A 37 3.14 2.83 -8.43
C ASP A 37 4.66 3.06 -8.58
N ASP A 38 5.16 4.15 -8.00
CA ASP A 38 6.60 4.43 -8.02
C ASP A 38 7.38 3.31 -7.29
N VAL A 39 6.86 2.89 -6.14
CA VAL A 39 7.42 1.76 -5.39
C VAL A 39 7.37 0.47 -6.24
N LYS A 40 6.27 0.28 -6.97
CA LYS A 40 6.12 -0.83 -7.91
C LYS A 40 7.18 -0.78 -9.02
N ALA A 41 7.60 0.42 -9.40
CA ALA A 41 8.58 0.61 -10.47
C ALA A 41 10.02 0.33 -9.99
N SER A 42 10.52 1.15 -9.07
CA SER A 42 11.91 1.05 -8.60
C SER A 42 12.14 -0.17 -7.69
N GLU A 43 11.27 -0.36 -6.72
CA GLU A 43 11.43 -1.41 -5.72
C GLU A 43 10.77 -2.74 -6.12
N GLN A 44 9.92 -2.68 -7.15
CA GLN A 44 9.14 -3.84 -7.60
C GLN A 44 8.19 -4.32 -6.49
N LYS A 45 7.97 -3.45 -5.50
CA LYS A 45 7.09 -3.75 -4.36
C LYS A 45 5.66 -3.26 -4.62
N VAL A 46 4.74 -4.21 -4.78
CA VAL A 46 3.34 -3.88 -5.09
C VAL A 46 2.50 -3.71 -3.82
N ILE A 47 2.16 -2.47 -3.50
CA ILE A 47 1.33 -2.17 -2.34
C ILE A 47 -0.17 -2.20 -2.67
N PHE A 48 -0.99 -2.54 -1.70
CA PHE A 48 -2.45 -2.61 -1.87
C PHE A 48 -3.16 -1.93 -0.69
N VAL A 49 -4.17 -1.11 -0.99
CA VAL A 49 -4.92 -0.39 0.04
C VAL A 49 -6.43 -0.64 -0.05
N VAL A 50 -7.04 -1.08 1.04
CA VAL A 50 -8.48 -1.35 1.09
C VAL A 50 -9.18 -0.50 2.16
N PHE A 51 -10.06 0.41 1.72
CA PHE A 51 -10.84 1.24 2.65
C PHE A 51 -12.19 0.60 2.98
N LEU A 52 -12.28 -0.03 4.15
CA LEU A 52 -13.52 -0.67 4.61
C LEU A 52 -14.30 0.25 5.55
N SER A 53 -15.61 0.04 5.65
CA SER A 53 -16.42 0.74 6.66
C SER A 53 -16.38 -0.01 7.99
N SER A 54 -15.96 -1.28 7.92
CA SER A 54 -15.81 -2.15 9.10
C SER A 54 -15.20 -3.50 8.69
N PHE A 55 -14.42 -4.10 9.59
CA PHE A 55 -13.86 -5.44 9.36
C PHE A 55 -14.88 -6.54 9.66
N ASP A 56 -16.12 -6.13 10.00
CA ASP A 56 -17.22 -7.06 10.25
C ASP A 56 -16.97 -7.93 11.50
N GLY A 57 -16.10 -8.92 11.35
CA GLY A 57 -15.72 -9.78 12.47
C GLY A 57 -14.36 -10.42 12.27
N VAL A 58 -13.51 -9.75 11.49
CA VAL A 58 -12.17 -10.23 11.20
C VAL A 58 -11.11 -9.26 11.75
N ASP A 59 -10.07 -9.78 12.42
CA ASP A 59 -8.99 -8.93 12.94
C ASP A 59 -8.27 -8.22 11.79
N PRO A 60 -7.97 -6.91 11.94
CA PRO A 60 -7.29 -6.12 10.88
C PRO A 60 -6.01 -6.80 10.35
N GLU A 61 -5.24 -7.43 11.25
CA GLU A 61 -4.02 -8.14 10.86
C GLU A 61 -4.36 -9.48 10.17
N THR A 62 -5.40 -10.16 10.66
CA THR A 62 -5.85 -11.43 10.05
C THR A 62 -6.36 -11.19 8.62
N TRP A 63 -7.20 -10.17 8.44
CA TRP A 63 -7.81 -9.84 7.15
C TRP A 63 -6.73 -9.60 6.08
N THR A 64 -5.74 -8.77 6.42
CA THR A 64 -4.63 -8.45 5.51
C THR A 64 -3.86 -9.71 5.13
N GLN A 65 -3.50 -10.50 6.12
CA GLN A 65 -2.75 -11.72 5.87
C GLN A 65 -3.48 -12.64 4.89
N GLN A 66 -4.79 -12.84 5.12
CA GLN A 66 -5.62 -13.65 4.21
C GLN A 66 -5.54 -13.15 2.76
N ALA A 67 -5.65 -11.83 2.59
CA ALA A 67 -5.54 -11.22 1.27
C ALA A 67 -4.15 -11.47 0.64
N LEU A 68 -3.10 -11.37 1.45
CA LEU A 68 -1.74 -11.64 0.99
C LEU A 68 -1.58 -13.12 0.59
N GLN A 69 -2.17 -14.00 1.40
CA GLN A 69 -2.15 -15.45 1.10
C GLN A 69 -2.81 -15.75 -0.25
N ALA A 70 -3.88 -15.01 -0.56
CA ALA A 70 -4.57 -15.14 -1.85
C ALA A 70 -3.66 -14.73 -3.01
N ASN A 71 -2.95 -13.61 -2.85
CA ASN A 71 -1.99 -13.14 -3.85
C ASN A 71 -0.74 -14.04 -3.94
N GLY A 72 -0.30 -14.57 -2.80
CA GLY A 72 0.94 -15.34 -2.74
C GLY A 72 2.14 -14.52 -3.20
N GLY A 73 2.09 -13.21 -2.92
CA GLY A 73 3.08 -12.29 -3.44
C GLY A 73 4.21 -11.96 -2.48
N GLY A 74 5.44 -12.30 -2.87
CA GLY A 74 6.61 -11.95 -2.08
C GLY A 74 6.92 -10.45 -2.08
N ASN A 75 6.50 -9.76 -3.15
CA ASN A 75 6.73 -8.32 -3.30
C ASN A 75 5.47 -7.50 -2.93
N VAL A 76 4.41 -8.19 -2.53
CA VAL A 76 3.11 -7.54 -2.27
C VAL A 76 2.95 -7.12 -0.80
N LEU A 77 2.23 -6.01 -0.58
CA LEU A 77 1.89 -5.54 0.77
C LEU A 77 0.40 -5.15 0.85
N ILE A 78 -0.36 -5.87 1.67
CA ILE A 78 -1.78 -5.57 1.87
C ILE A 78 -2.00 -4.63 3.06
N TYR A 79 -2.68 -3.51 2.82
CA TYR A 79 -3.01 -2.55 3.87
C TYR A 79 -4.55 -2.37 3.99
N ALA A 80 -5.11 -2.90 5.07
CA ALA A 80 -6.55 -2.81 5.31
C ALA A 80 -6.86 -1.77 6.40
N LEU A 81 -7.79 -0.87 6.12
CA LEU A 81 -8.14 0.21 7.05
C LEU A 81 -9.66 0.35 7.20
N ALA A 82 -10.14 0.43 8.45
CA ALA A 82 -11.56 0.69 8.72
C ALA A 82 -11.72 2.01 9.49
N PRO A 83 -11.82 3.14 8.76
CA PRO A 83 -11.97 4.48 9.34
C PRO A 83 -12.99 4.55 10.49
N GLU A 84 -14.14 3.91 10.31
CA GLU A 84 -15.25 3.99 11.28
C GLU A 84 -14.89 3.30 12.61
N GLU A 85 -13.95 2.35 12.56
CA GLU A 85 -13.50 1.63 13.76
C GLU A 85 -12.11 2.10 14.21
N ARG A 86 -11.50 3.00 13.42
CA ARG A 86 -10.16 3.54 13.70
C ARG A 86 -9.09 2.44 13.85
N GLN A 87 -9.29 1.31 13.17
CA GLN A 87 -8.32 0.20 13.22
C GLN A 87 -7.80 -0.16 11.81
N TYR A 88 -6.59 -0.70 11.74
CA TYR A 88 -5.95 -1.02 10.46
C TYR A 88 -4.99 -2.21 10.59
N GLY A 89 -4.52 -2.70 9.44
CA GLY A 89 -3.55 -3.81 9.43
C GLY A 89 -2.59 -3.71 8.25
N ILE A 90 -1.31 -4.00 8.50
CA ILE A 90 -0.28 -3.96 7.46
C ILE A 90 0.49 -5.30 7.37
N GLN A 91 0.46 -5.93 6.21
CA GLN A 91 1.18 -7.20 5.99
C GLN A 91 1.88 -7.23 4.63
N GLY A 92 3.19 -7.48 4.64
CA GLY A 92 3.97 -7.50 3.40
C GLY A 92 4.68 -8.83 3.16
N GLY A 93 5.11 -9.05 1.92
CA GLY A 93 5.78 -10.29 1.56
C GLY A 93 7.27 -10.34 1.94
N THR A 94 7.97 -11.37 1.46
CA THR A 94 9.38 -11.61 1.82
C THR A 94 10.33 -10.48 1.36
N GLN A 95 9.87 -9.63 0.44
CA GLN A 95 10.68 -8.51 -0.05
C GLN A 95 10.59 -7.30 0.89
N TRP A 96 9.65 -7.34 1.82
CA TRP A 96 9.45 -6.27 2.79
C TRP A 96 10.16 -6.58 4.13
N THR A 97 11.06 -5.70 4.54
CA THR A 97 11.78 -5.88 5.81
C THR A 97 10.97 -5.33 6.99
N ASP A 98 11.27 -5.84 8.18
CA ASP A 98 10.61 -5.38 9.41
C ASP A 98 10.70 -3.85 9.58
N ALA A 99 11.84 -3.28 9.19
CA ALA A 99 12.06 -1.84 9.25
C ALA A 99 11.07 -1.07 8.36
N GLU A 100 10.85 -1.59 7.14
CA GLU A 100 9.88 -1.00 6.21
C GLU A 100 8.45 -1.12 6.74
N LEU A 101 8.10 -2.32 7.22
CA LEU A 101 6.77 -2.59 7.79
C LEU A 101 6.48 -1.66 8.97
N ASP A 102 7.48 -1.41 9.81
CA ASP A 102 7.33 -0.50 10.95
C ASP A 102 7.20 0.96 10.48
N ALA A 103 8.13 1.41 9.63
CA ALA A 103 8.09 2.77 9.08
C ALA A 103 6.74 3.06 8.41
N ALA A 104 6.15 2.03 7.80
CA ALA A 104 4.83 2.14 7.16
C ALA A 104 3.74 2.57 8.17
N ASN A 105 3.63 1.85 9.28
CA ASN A 105 2.59 2.15 10.28
C ASN A 105 2.86 3.48 11.00
N ASN A 106 4.14 3.83 11.19
CA ASN A 106 4.50 5.15 11.73
C ASN A 106 3.94 6.28 10.84
N ALA A 107 4.15 6.14 9.53
CA ALA A 107 3.63 7.12 8.56
C ALA A 107 2.09 7.17 8.58
N ALA A 108 1.47 5.99 8.60
CA ALA A 108 0.01 5.88 8.62
C ALA A 108 -0.61 6.51 9.88
N PHE A 109 -0.10 6.10 11.05
CA PHE A 109 -0.64 6.55 12.35
C PHE A 109 -0.73 8.08 12.44
N GLN A 110 0.30 8.78 11.95
CA GLN A 110 0.31 10.25 11.97
C GLN A 110 -0.96 10.84 11.34
N ALA A 111 -1.31 10.36 10.14
CA ALA A 111 -2.51 10.83 9.44
C ALA A 111 -3.79 10.28 10.10
N LEU A 112 -3.72 9.06 10.63
CA LEU A 112 -4.87 8.45 11.32
C LEU A 112 -5.30 9.26 12.54
N SER A 113 -4.32 9.86 13.24
CA SER A 113 -4.61 10.73 14.39
C SER A 113 -5.25 12.05 13.92
N GLN A 114 -4.97 12.40 12.66
CA GLN A 114 -5.58 13.56 12.02
C GLN A 114 -6.89 13.18 11.30
N GLU A 115 -7.26 11.91 11.40
CA GLU A 115 -8.44 11.35 10.71
C GLU A 115 -8.33 11.46 9.17
N ASP A 116 -7.11 11.65 8.67
CA ASP A 116 -6.85 11.56 7.23
C ASP A 116 -6.63 10.10 6.83
N TRP A 117 -7.73 9.36 6.74
CA TRP A 117 -7.70 7.92 6.48
C TRP A 117 -6.96 7.60 5.18
N ALA A 118 -7.17 8.40 4.14
CA ALA A 118 -6.47 8.23 2.87
C ALA A 118 -5.00 8.65 2.99
N GLY A 119 -4.76 9.70 3.77
CA GLY A 119 -3.39 10.21 3.98
C GLY A 119 -2.47 9.16 4.59
N SER A 120 -3.03 8.25 5.39
CA SER A 120 -2.25 7.17 6.01
C SER A 120 -1.63 6.26 4.94
N ALA A 121 -2.49 5.73 4.07
CA ALA A 121 -2.04 4.89 2.94
C ALA A 121 -1.07 5.65 2.03
N LEU A 122 -1.37 6.92 1.79
CA LEU A 122 -0.51 7.78 0.99
C LEU A 122 0.91 7.85 1.60
N ALA A 123 1.00 8.23 2.87
CA ALA A 123 2.28 8.34 3.57
C ALA A 123 3.00 6.97 3.67
N LEU A 124 2.20 5.90 3.76
CA LEU A 124 2.74 4.54 3.81
C LEU A 124 3.68 4.28 2.62
N ALA A 125 3.19 4.55 1.41
CA ALA A 125 3.99 4.38 0.19
C ALA A 125 5.11 5.44 0.09
N GLU A 126 4.77 6.69 0.45
CA GLU A 126 5.73 7.81 0.43
C GLU A 126 6.94 7.55 1.34
N SER A 127 6.79 6.66 2.32
CA SER A 127 7.92 6.29 3.19
C SER A 127 8.99 5.52 2.40
N VAL A 128 8.56 4.55 1.61
CA VAL A 128 9.49 3.74 0.79
C VAL A 128 9.93 4.50 -0.46
N GLY A 129 8.97 4.96 -1.26
CA GLY A 129 9.29 5.71 -2.46
C GLY A 129 9.62 7.18 -2.16
N SER A 130 10.78 7.41 -1.55
CA SER A 130 11.21 8.76 -1.17
C SER A 130 12.65 9.06 -1.61
N SER A 131 13.63 8.67 -0.79
CA SER A 131 15.04 8.95 -1.07
C SER A 131 15.72 7.81 -1.83
N SER A 132 16.04 8.03 -3.10
CA SER A 132 16.70 7.01 -3.94
C SER A 132 18.20 7.29 -4.06
N SER A 133 18.95 6.32 -4.59
CA SER A 133 20.39 6.47 -4.80
C SER A 133 20.69 7.28 -6.05
N SER A 134 21.83 7.99 -6.04
CA SER A 134 22.25 8.80 -7.20
C SER A 134 22.83 7.93 -8.32
N SER A 135 22.96 6.63 -8.07
CA SER A 135 23.50 5.68 -9.06
C SER A 135 22.93 4.27 -8.85
N SER A 136 23.40 3.33 -9.67
CA SER A 136 22.96 1.93 -9.59
C SER A 136 23.91 1.01 -10.39
N GLY A 137 23.63 -0.28 -10.38
CA GLY A 137 24.48 -1.24 -11.10
C GLY A 137 24.13 -2.68 -10.81
N SER A 138 25.05 -3.59 -11.12
CA SER A 138 24.85 -5.03 -10.92
C SER A 138 26.19 -5.78 -10.86
N SER A 139 26.13 -7.12 -10.81
CA SER A 139 27.33 -7.95 -10.70
C SER A 139 27.87 -8.39 -12.07
N SER A 140 27.52 -7.66 -13.12
CA SER A 140 27.96 -7.98 -14.49
C SER A 140 29.42 -7.56 -14.74
N LEU A 141 30.34 -8.19 -14.02
CA LEU A 141 31.79 -7.94 -14.17
C LEU A 141 32.51 -9.18 -14.74
N GLU A 142 31.94 -9.74 -15.80
CA GLU A 142 32.44 -10.98 -16.40
C GLU A 142 33.87 -10.83 -16.96
N HIS A 143 34.10 -9.76 -17.73
CA HIS A 143 35.44 -9.45 -18.26
C HIS A 143 35.97 -10.56 -19.20
N HIS A 144 35.06 -11.21 -19.93
CA HIS A 144 35.41 -12.30 -20.86
C HIS A 144 35.95 -13.54 -20.16
N HIS A 145 36.13 -14.62 -20.92
CA HIS A 145 36.64 -15.90 -20.39
C HIS A 145 37.61 -16.56 -21.38
N HIS A 146 38.62 -17.24 -20.84
CA HIS A 146 39.66 -17.87 -21.67
C HIS A 146 40.28 -19.08 -20.96
N HIS A 147 40.61 -20.13 -21.74
CA HIS A 147 41.23 -21.34 -21.19
C HIS A 147 42.32 -21.90 -22.12
N HIS A 148 42.99 -22.97 -21.68
CA HIS A 148 44.03 -23.65 -22.48
C HIS A 148 44.51 -24.93 -21.77
N THR A 1 4.56 -34.41 -21.20
CA THR A 1 5.22 -33.12 -21.53
C THR A 1 5.95 -32.55 -20.30
N GLU A 2 7.24 -32.88 -20.16
CA GLU A 2 8.02 -32.48 -18.98
C GLU A 2 8.75 -31.15 -19.22
N THR A 3 8.09 -30.04 -18.89
CA THR A 3 8.66 -28.70 -19.07
C THR A 3 8.04 -27.68 -18.10
N TYR A 4 8.84 -26.69 -17.73
CA TYR A 4 8.40 -25.64 -16.80
C TYR A 4 7.75 -24.46 -17.56
N VAL A 5 6.76 -23.82 -16.95
CA VAL A 5 6.10 -22.64 -17.54
C VAL A 5 6.52 -21.34 -16.82
N LEU A 6 7.19 -20.44 -17.54
CA LEU A 6 7.62 -19.16 -16.96
C LEU A 6 6.45 -18.16 -16.89
N ALA A 7 5.59 -18.34 -15.88
CA ALA A 7 4.46 -17.44 -15.67
C ALA A 7 4.90 -16.16 -14.95
N GLU A 8 5.34 -15.17 -15.72
CA GLU A 8 5.88 -13.91 -15.16
C GLU A 8 4.79 -12.83 -15.08
N SER A 9 3.53 -13.25 -15.15
CA SER A 9 2.39 -12.31 -15.12
C SER A 9 1.64 -12.36 -13.78
N PRO A 10 1.87 -11.37 -12.88
CA PRO A 10 1.09 -11.23 -11.64
C PRO A 10 -0.31 -10.65 -11.91
N GLU A 11 -1.04 -11.29 -12.82
CA GLU A 11 -2.34 -10.82 -13.30
C GLU A 11 -3.46 -10.96 -12.24
N PHE A 12 -3.08 -11.26 -11.00
CA PHE A 12 -4.05 -11.53 -9.92
C PHE A 12 -4.65 -10.25 -9.32
N TYR A 13 -4.20 -9.08 -9.79
CA TYR A 13 -4.72 -7.80 -9.30
C TYR A 13 -5.00 -6.81 -10.44
N GLN A 14 -5.80 -5.79 -10.14
CA GLN A 14 -6.19 -4.78 -11.13
C GLN A 14 -5.80 -3.37 -10.66
N ASP A 15 -6.27 -2.98 -9.47
CA ASP A 15 -5.97 -1.65 -8.91
C ASP A 15 -5.29 -1.79 -7.53
N ASN A 16 -4.67 -0.70 -7.06
CA ASN A 16 -3.95 -0.73 -5.77
C ASN A 16 -4.69 0.04 -4.66
N VAL A 17 -5.81 0.67 -4.99
CA VAL A 17 -6.59 1.42 -4.00
C VAL A 17 -8.08 1.09 -4.12
N THR A 18 -8.55 0.16 -3.30
CA THR A 18 -9.96 -0.28 -3.33
C THR A 18 -10.72 0.22 -2.09
N ASP A 19 -11.75 1.04 -2.29
CA ASP A 19 -12.55 1.54 -1.17
C ASP A 19 -14.02 1.09 -1.30
N TYR A 20 -14.60 0.67 -0.18
CA TYR A 20 -16.00 0.25 -0.12
C TYR A 20 -16.86 1.30 0.62
N THR A 21 -16.34 2.52 0.73
CA THR A 21 -16.94 3.55 1.57
C THR A 21 -17.74 4.58 0.76
N GLY A 22 -17.12 5.15 -0.26
CA GLY A 22 -17.68 6.31 -0.95
C GLY A 22 -17.27 7.62 -0.26
N GLN A 23 -16.98 7.52 1.03
CA GLN A 23 -16.55 8.67 1.84
C GLN A 23 -15.17 9.17 1.39
N ILE A 24 -14.26 8.24 1.09
CA ILE A 24 -12.92 8.59 0.61
C ILE A 24 -12.97 9.18 -0.81
N SER A 25 -12.44 10.39 -0.97
CA SER A 25 -12.52 11.12 -2.24
C SER A 25 -11.73 10.46 -3.37
N SER A 26 -12.20 10.63 -4.60
CA SER A 26 -11.53 10.10 -5.80
C SER A 26 -10.12 10.69 -5.96
N SER A 27 -9.95 11.95 -5.56
CA SER A 27 -8.62 12.57 -5.55
C SER A 27 -7.66 11.78 -4.66
N ASP A 28 -8.12 11.46 -3.45
CA ASP A 28 -7.34 10.68 -2.50
C ASP A 28 -6.96 9.32 -3.09
N ILE A 29 -7.91 8.68 -3.77
CA ILE A 29 -7.68 7.40 -4.43
C ILE A 29 -6.46 7.47 -5.38
N THR A 30 -6.45 8.47 -6.26
CA THR A 30 -5.36 8.64 -7.23
C THR A 30 -4.05 9.05 -6.55
N ASN A 31 -4.14 9.89 -5.51
CA ASN A 31 -2.95 10.32 -4.76
C ASN A 31 -2.19 9.12 -4.18
N ILE A 32 -2.91 8.22 -3.50
CA ILE A 32 -2.30 7.00 -2.98
C ILE A 32 -1.77 6.11 -4.12
N GLN A 33 -2.61 5.91 -5.13
CA GLN A 33 -2.26 5.13 -6.32
C GLN A 33 -0.92 5.58 -6.92
N ALA A 34 -0.76 6.89 -7.09
CA ALA A 34 0.47 7.48 -7.66
C ALA A 34 1.70 7.19 -6.79
N ALA A 35 1.57 7.36 -5.47
CA ALA A 35 2.67 7.08 -4.55
C ALA A 35 3.04 5.59 -4.56
N ILE A 36 2.03 4.74 -4.72
CA ILE A 36 2.23 3.29 -4.80
C ILE A 36 2.93 2.87 -6.12
N ASP A 37 2.44 3.40 -7.24
CA ASP A 37 2.96 3.03 -8.57
C ASP A 37 4.48 3.18 -8.67
N ASP A 38 4.99 4.32 -8.20
CA ASP A 38 6.44 4.57 -8.20
C ASP A 38 7.21 3.48 -7.43
N VAL A 39 6.64 3.02 -6.32
CA VAL A 39 7.24 1.96 -5.51
C VAL A 39 7.18 0.59 -6.24
N LYS A 40 6.08 0.34 -6.95
CA LYS A 40 5.91 -0.93 -7.67
C LYS A 40 6.94 -1.08 -8.79
N ALA A 41 7.38 0.04 -9.35
CA ALA A 41 8.38 0.05 -10.43
C ALA A 41 9.81 0.22 -9.89
N SER A 42 10.07 1.35 -9.24
CA SER A 42 11.42 1.69 -8.75
C SER A 42 11.93 0.69 -7.71
N GLU A 43 11.07 0.26 -6.80
CA GLU A 43 11.47 -0.69 -5.74
C GLU A 43 10.90 -2.10 -5.99
N GLN A 44 10.14 -2.27 -7.07
CA GLN A 44 9.50 -3.54 -7.40
C GLN A 44 8.55 -4.02 -6.27
N LYS A 45 8.15 -3.10 -5.40
CA LYS A 45 7.28 -3.42 -4.27
C LYS A 45 5.82 -3.01 -4.55
N VAL A 46 4.95 -3.99 -4.72
CA VAL A 46 3.54 -3.73 -5.07
C VAL A 46 2.68 -3.51 -3.81
N ILE A 47 2.38 -2.25 -3.52
CA ILE A 47 1.58 -1.89 -2.34
C ILE A 47 0.07 -1.87 -2.67
N PHE A 48 -0.75 -2.18 -1.67
CA PHE A 48 -2.21 -2.22 -1.82
C PHE A 48 -2.90 -1.57 -0.62
N VAL A 49 -3.96 -0.81 -0.89
CA VAL A 49 -4.72 -0.13 0.17
C VAL A 49 -6.24 -0.40 0.02
N VAL A 50 -6.84 -0.97 1.05
CA VAL A 50 -8.28 -1.27 1.03
C VAL A 50 -9.02 -0.50 2.13
N PHE A 51 -9.91 0.41 1.73
CA PHE A 51 -10.72 1.16 2.69
C PHE A 51 -12.01 0.40 3.02
N LEU A 52 -12.02 -0.25 4.17
CA LEU A 52 -13.17 -1.01 4.65
C LEU A 52 -14.11 -0.12 5.48
N SER A 53 -15.27 -0.65 5.85
CA SER A 53 -16.20 0.06 6.75
C SER A 53 -15.99 -0.42 8.20
N SER A 54 -15.96 -1.73 8.38
CA SER A 54 -15.74 -2.34 9.68
C SER A 54 -15.17 -3.75 9.54
N PHE A 55 -14.14 -4.08 10.33
CA PHE A 55 -13.59 -5.44 10.33
C PHE A 55 -14.59 -6.40 10.98
N ASP A 56 -15.53 -6.87 10.18
CA ASP A 56 -16.63 -7.73 10.64
C ASP A 56 -16.11 -8.99 11.37
N GLY A 57 -15.83 -8.87 12.66
CA GLY A 57 -15.31 -9.99 13.43
C GLY A 57 -13.84 -10.32 13.12
N VAL A 58 -13.45 -10.19 11.86
CA VAL A 58 -12.09 -10.51 11.41
C VAL A 58 -11.06 -9.51 11.97
N ASP A 59 -10.03 -10.03 12.63
CA ASP A 59 -8.96 -9.17 13.16
C ASP A 59 -8.23 -8.42 12.03
N PRO A 60 -7.87 -7.13 12.26
CA PRO A 60 -7.19 -6.33 11.23
C PRO A 60 -5.91 -6.99 10.71
N GLU A 61 -5.21 -7.75 11.56
CA GLU A 61 -4.06 -8.55 11.14
C GLU A 61 -4.51 -9.70 10.22
N THR A 62 -5.46 -10.50 10.70
CA THR A 62 -5.96 -11.67 9.98
C THR A 62 -6.48 -11.30 8.58
N TRP A 63 -7.39 -10.33 8.52
CA TRP A 63 -7.99 -9.89 7.25
C TRP A 63 -6.90 -9.55 6.22
N THR A 64 -5.95 -8.71 6.64
CA THR A 64 -4.87 -8.25 5.78
C THR A 64 -4.00 -9.43 5.31
N GLN A 65 -3.81 -10.40 6.21
CA GLN A 65 -3.08 -11.62 5.88
C GLN A 65 -3.80 -12.46 4.81
N GLN A 66 -5.13 -12.58 4.94
CA GLN A 66 -5.93 -13.32 3.96
C GLN A 66 -5.73 -12.74 2.55
N ALA A 67 -5.78 -11.41 2.45
CA ALA A 67 -5.56 -10.73 1.17
C ALA A 67 -4.11 -10.89 0.66
N LEU A 68 -3.15 -10.86 1.58
CA LEU A 68 -1.73 -11.00 1.22
C LEU A 68 -1.44 -12.40 0.65
N GLN A 69 -1.93 -13.43 1.32
CA GLN A 69 -1.69 -14.81 0.90
C GLN A 69 -2.41 -15.15 -0.41
N ALA A 70 -3.59 -14.55 -0.60
CA ALA A 70 -4.32 -14.66 -1.87
C ALA A 70 -3.49 -14.09 -3.03
N ASN A 71 -2.70 -13.07 -2.71
CA ASN A 71 -1.77 -12.46 -3.68
C ASN A 71 -0.42 -13.19 -3.74
N GLY A 72 -0.25 -14.21 -2.89
CA GLY A 72 0.99 -14.98 -2.88
C GLY A 72 2.15 -14.28 -2.16
N GLY A 73 1.88 -13.14 -1.54
CA GLY A 73 2.92 -12.38 -0.87
C GLY A 73 3.98 -11.83 -1.83
N GLY A 74 5.18 -12.40 -1.79
CA GLY A 74 6.27 -11.95 -2.66
C GLY A 74 6.67 -10.49 -2.42
N ASN A 75 6.33 -9.62 -3.36
CA ASN A 75 6.62 -8.19 -3.26
C ASN A 75 5.38 -7.37 -2.88
N VAL A 76 4.28 -8.07 -2.63
CA VAL A 76 2.99 -7.44 -2.33
C VAL A 76 2.92 -6.94 -0.87
N LEU A 77 2.25 -5.81 -0.68
CA LEU A 77 1.94 -5.28 0.66
C LEU A 77 0.46 -4.88 0.72
N ILE A 78 -0.28 -5.44 1.67
CA ILE A 78 -1.70 -5.10 1.86
C ILE A 78 -1.88 -4.17 3.07
N TYR A 79 -2.66 -3.11 2.87
CA TYR A 79 -2.99 -2.19 3.96
C TYR A 79 -4.51 -2.07 4.12
N ALA A 80 -5.05 -2.70 5.16
CA ALA A 80 -6.49 -2.67 5.43
C ALA A 80 -6.82 -1.60 6.47
N LEU A 81 -7.76 -0.72 6.15
CA LEU A 81 -8.12 0.40 7.03
C LEU A 81 -9.63 0.50 7.23
N ALA A 82 -10.06 0.67 8.49
CA ALA A 82 -11.48 0.89 8.80
C ALA A 82 -11.68 2.28 9.41
N PRO A 83 -11.90 3.31 8.56
CA PRO A 83 -12.07 4.71 9.00
C PRO A 83 -13.13 4.87 10.10
N GLU A 84 -14.23 4.12 9.96
CA GLU A 84 -15.36 4.22 10.89
C GLU A 84 -15.04 3.59 12.25
N GLU A 85 -14.12 2.63 12.27
CA GLU A 85 -13.78 1.91 13.51
C GLU A 85 -12.42 2.36 14.10
N ARG A 86 -11.74 3.27 13.41
CA ARG A 86 -10.46 3.83 13.89
C ARG A 86 -9.37 2.73 14.04
N GLN A 87 -9.47 1.68 13.22
CA GLN A 87 -8.54 0.55 13.28
C GLN A 87 -7.94 0.23 11.91
N TYR A 88 -6.82 -0.49 11.87
CA TYR A 88 -6.13 -0.82 10.61
C TYR A 88 -5.24 -2.07 10.73
N GLY A 89 -4.71 -2.52 9.60
CA GLY A 89 -3.81 -3.68 9.57
C GLY A 89 -2.81 -3.60 8.41
N ILE A 90 -1.55 -3.95 8.69
CA ILE A 90 -0.47 -3.88 7.68
C ILE A 90 0.26 -5.23 7.54
N GLN A 91 0.34 -5.75 6.32
CA GLN A 91 1.08 -6.99 6.04
C GLN A 91 1.88 -6.89 4.73
N GLY A 92 3.09 -7.45 4.72
CA GLY A 92 3.95 -7.39 3.54
C GLY A 92 4.52 -8.75 3.14
N GLY A 93 4.96 -8.86 1.89
CA GLY A 93 5.50 -10.12 1.38
C GLY A 93 6.96 -10.35 1.76
N THR A 94 7.54 -11.43 1.23
CA THR A 94 8.93 -11.82 1.55
C THR A 94 9.95 -10.72 1.20
N GLN A 95 9.64 -9.90 0.19
CA GLN A 95 10.53 -8.80 -0.21
C GLN A 95 10.47 -7.60 0.75
N TRP A 96 9.58 -7.67 1.73
CA TRP A 96 9.47 -6.63 2.76
C TRP A 96 10.05 -7.12 4.09
N THR A 97 10.76 -6.25 4.79
CA THR A 97 11.26 -6.57 6.15
C THR A 97 10.38 -5.91 7.22
N ASP A 98 10.37 -6.49 8.42
CA ASP A 98 9.58 -5.95 9.54
C ASP A 98 9.93 -4.47 9.78
N ALA A 99 11.20 -4.11 9.54
CA ALA A 99 11.65 -2.72 9.66
C ALA A 99 10.92 -1.80 8.66
N GLU A 100 10.76 -2.27 7.42
CA GLU A 100 10.01 -1.53 6.38
C GLU A 100 8.54 -1.37 6.78
N LEU A 101 7.91 -2.47 7.15
CA LEU A 101 6.50 -2.45 7.57
C LEU A 101 6.28 -1.51 8.78
N ASP A 102 7.24 -1.53 9.71
CA ASP A 102 7.20 -0.64 10.87
C ASP A 102 7.40 0.83 10.46
N ALA A 103 8.32 1.08 9.53
CA ALA A 103 8.54 2.43 9.00
C ALA A 103 7.25 2.99 8.38
N ALA A 104 6.62 2.17 7.54
CA ALA A 104 5.32 2.51 6.96
C ALA A 104 4.27 2.76 8.06
N ASN A 105 4.31 1.92 9.10
CA ASN A 105 3.44 2.07 10.27
C ASN A 105 3.65 3.42 10.95
N ASN A 106 4.91 3.81 11.12
CA ASN A 106 5.29 5.08 11.75
C ASN A 106 4.64 6.27 11.03
N ALA A 107 4.77 6.30 9.70
CA ALA A 107 4.23 7.39 8.87
C ALA A 107 2.69 7.36 8.83
N ALA A 108 2.13 6.18 8.63
CA ALA A 108 0.66 6.01 8.55
C ALA A 108 -0.04 6.42 9.84
N PHE A 109 0.43 5.91 10.97
CA PHE A 109 -0.21 6.14 12.27
C PHE A 109 -0.36 7.65 12.58
N GLN A 110 0.65 8.44 12.23
CA GLN A 110 0.60 9.90 12.43
C GLN A 110 -0.64 10.51 11.78
N ALA A 111 -0.86 10.18 10.50
CA ALA A 111 -2.04 10.65 9.77
C ALA A 111 -3.33 10.06 10.35
N LEU A 112 -3.27 8.80 10.80
CA LEU A 112 -4.43 8.14 11.42
C LEU A 112 -4.83 8.84 12.73
N SER A 113 -3.86 9.50 13.37
CA SER A 113 -4.14 10.29 14.58
C SER A 113 -4.82 11.62 14.21
N GLN A 114 -4.58 12.08 12.99
CA GLN A 114 -5.22 13.30 12.47
C GLN A 114 -6.50 12.96 11.67
N GLU A 115 -6.79 11.65 11.59
CA GLU A 115 -7.98 11.13 10.87
C GLU A 115 -7.87 11.27 9.34
N ASP A 116 -6.65 11.45 8.83
CA ASP A 116 -6.41 11.43 7.39
C ASP A 116 -6.28 9.98 6.90
N TRP A 117 -7.42 9.36 6.65
CA TRP A 117 -7.48 7.95 6.27
C TRP A 117 -6.67 7.66 5.00
N ALA A 118 -6.89 8.44 3.96
CA ALA A 118 -6.14 8.28 2.71
C ALA A 118 -4.69 8.77 2.87
N GLY A 119 -4.51 9.83 3.65
CA GLY A 119 -3.19 10.37 3.91
C GLY A 119 -2.24 9.37 4.56
N SER A 120 -2.78 8.51 5.42
CA SER A 120 -1.97 7.46 6.09
C SER A 120 -1.38 6.50 5.05
N ALA A 121 -2.23 6.02 4.14
CA ALA A 121 -1.78 5.13 3.05
C ALA A 121 -0.75 5.83 2.15
N LEU A 122 -0.99 7.11 1.85
CA LEU A 122 -0.06 7.92 1.07
C LEU A 122 1.33 7.97 1.75
N ALA A 123 1.34 8.35 3.04
CA ALA A 123 2.57 8.39 3.83
C ALA A 123 3.22 7.00 3.93
N LEU A 124 2.37 5.97 4.00
CA LEU A 124 2.83 4.57 4.02
C LEU A 124 3.72 4.26 2.80
N ALA A 125 3.31 4.73 1.63
CA ALA A 125 4.10 4.56 0.40
C ALA A 125 5.32 5.49 0.38
N GLU A 126 5.13 6.74 0.80
CA GLU A 126 6.20 7.75 0.81
C GLU A 126 7.37 7.35 1.73
N SER A 127 7.07 6.63 2.81
CA SER A 127 8.10 6.22 3.79
C SER A 127 9.26 5.48 3.10
N VAL A 128 8.93 4.40 2.40
CA VAL A 128 9.92 3.63 1.63
C VAL A 128 10.59 4.50 0.55
N GLY A 129 9.81 5.42 -0.03
CA GLY A 129 10.33 6.29 -1.08
C GLY A 129 11.19 7.45 -0.56
N SER A 130 11.31 7.54 0.78
CA SER A 130 12.14 8.58 1.42
C SER A 130 11.61 10.01 1.19
N SER A 131 10.29 10.13 1.02
CA SER A 131 9.66 11.46 0.84
C SER A 131 9.40 12.14 2.21
N SER A 132 9.24 13.45 2.20
CA SER A 132 9.03 14.20 3.45
C SER A 132 7.93 15.27 3.31
N SER A 133 6.71 14.83 2.99
CA SER A 133 5.57 15.75 2.90
C SER A 133 5.16 16.26 4.29
N SER A 134 4.88 15.33 5.21
CA SER A 134 4.57 15.64 6.61
C SER A 134 3.21 16.37 6.76
N SER A 135 2.79 16.55 8.02
CA SER A 135 1.54 17.22 8.36
C SER A 135 1.48 17.52 9.86
N SER A 136 0.77 18.58 10.26
CA SER A 136 0.70 18.97 11.68
C SER A 136 -0.59 19.72 12.01
N GLY A 137 -1.10 19.50 13.22
CA GLY A 137 -2.30 20.19 13.68
C GLY A 137 -2.27 20.46 15.18
N SER A 138 -3.08 21.42 15.64
CA SER A 138 -3.13 21.78 17.06
C SER A 138 -4.45 22.47 17.44
N SER A 139 -5.16 21.90 18.42
CA SER A 139 -6.39 22.50 18.94
C SER A 139 -6.12 23.23 20.26
N SER A 140 -6.16 24.56 20.23
CA SER A 140 -5.83 25.39 21.40
C SER A 140 -7.06 25.62 22.29
N LEU A 141 -7.08 24.95 23.44
CA LEU A 141 -8.21 25.05 24.38
C LEU A 141 -7.97 26.16 25.41
N GLU A 142 -9.06 26.77 25.89
CA GLU A 142 -8.98 27.86 26.87
C GLU A 142 -10.12 27.78 27.90
N HIS A 143 -9.97 28.51 29.01
CA HIS A 143 -11.00 28.59 30.05
C HIS A 143 -10.98 29.96 30.75
N HIS A 144 -12.12 30.63 30.79
CA HIS A 144 -12.24 31.93 31.47
C HIS A 144 -12.61 31.73 32.96
N HIS A 145 -12.73 32.83 33.69
CA HIS A 145 -12.98 32.75 35.13
C HIS A 145 -14.43 32.39 35.46
N HIS A 146 -14.69 31.09 35.59
CA HIS A 146 -16.02 30.60 36.00
C HIS A 146 -16.27 30.88 37.49
N HIS A 147 -17.21 31.77 37.78
CA HIS A 147 -17.46 32.21 39.16
C HIS A 147 -18.96 32.24 39.51
N HIS A 148 -19.28 32.80 40.68
CA HIS A 148 -20.68 32.97 41.09
C HIS A 148 -21.34 34.18 40.39
N THR A 1 0.12 10.56 -34.76
CA THR A 1 1.51 10.41 -35.28
C THR A 1 2.25 9.28 -34.54
N GLU A 2 1.50 8.41 -33.88
CA GLU A 2 2.08 7.37 -33.02
C GLU A 2 1.24 6.08 -33.04
N THR A 3 1.78 4.99 -32.50
CA THR A 3 1.08 3.71 -32.44
C THR A 3 1.88 2.65 -31.65
N TYR A 4 3.15 2.93 -31.39
CA TYR A 4 4.07 1.90 -30.92
C TYR A 4 4.36 1.97 -29.41
N VAL A 5 4.51 0.80 -28.80
CA VAL A 5 4.92 0.68 -27.39
C VAL A 5 5.99 -0.40 -27.24
N LEU A 6 7.09 -0.05 -26.57
CA LEU A 6 8.23 -0.99 -26.38
C LEU A 6 7.87 -2.11 -25.40
N ALA A 7 7.07 -1.81 -24.40
CA ALA A 7 6.56 -2.84 -23.48
C ALA A 7 5.27 -3.46 -24.04
N GLU A 8 4.91 -4.64 -23.56
CA GLU A 8 3.67 -5.31 -24.02
C GLU A 8 2.39 -4.63 -23.47
N SER A 9 2.53 -3.40 -23.00
CA SER A 9 1.39 -2.63 -22.45
C SER A 9 0.83 -3.28 -21.18
N PRO A 10 1.24 -2.80 -19.99
CA PRO A 10 0.82 -3.37 -18.69
C PRO A 10 -0.61 -2.99 -18.28
N GLU A 11 -1.57 -3.24 -19.16
CA GLU A 11 -2.99 -2.93 -18.90
C GLU A 11 -3.62 -3.91 -17.90
N PHE A 12 -2.79 -4.52 -17.05
CA PHE A 12 -3.25 -5.51 -16.09
C PHE A 12 -3.47 -4.89 -14.70
N TYR A 13 -3.23 -3.59 -14.58
CA TYR A 13 -3.47 -2.87 -13.33
C TYR A 13 -3.84 -1.40 -13.61
N GLN A 14 -4.64 -0.82 -12.73
CA GLN A 14 -4.97 0.60 -12.78
C GLN A 14 -5.33 1.13 -11.38
N ASP A 15 -5.87 0.24 -10.55
CA ASP A 15 -6.28 0.60 -9.19
C ASP A 15 -5.57 -0.26 -8.13
N ASN A 16 -4.84 0.39 -7.24
CA ASN A 16 -4.27 -0.26 -6.05
C ASN A 16 -4.96 0.26 -4.78
N VAL A 17 -6.09 0.93 -4.99
CA VAL A 17 -6.86 1.56 -3.90
C VAL A 17 -8.34 1.19 -4.02
N THR A 18 -8.80 0.27 -3.17
CA THR A 18 -10.18 -0.24 -3.23
C THR A 18 -11.02 0.28 -2.06
N ASP A 19 -12.06 1.05 -2.34
CA ASP A 19 -12.93 1.60 -1.30
C ASP A 19 -14.27 0.84 -1.22
N TYR A 20 -14.68 0.49 -0.01
CA TYR A 20 -16.00 -0.10 0.23
C TYR A 20 -16.88 0.83 1.08
N THR A 21 -16.25 1.76 1.81
CA THR A 21 -16.98 2.75 2.61
C THR A 21 -17.46 3.94 1.77
N GLY A 22 -16.68 4.31 0.75
CA GLY A 22 -17.04 5.45 -0.11
C GLY A 22 -16.68 6.81 0.49
N GLN A 23 -16.30 6.83 1.77
CA GLN A 23 -15.95 8.07 2.47
C GLN A 23 -14.55 8.62 2.10
N ILE A 24 -14.10 8.34 0.87
CA ILE A 24 -12.80 8.82 0.39
C ILE A 24 -12.96 9.51 -0.98
N SER A 25 -12.35 10.68 -1.13
CA SER A 25 -12.43 11.46 -2.39
C SER A 25 -11.56 10.86 -3.50
N SER A 26 -12.06 10.94 -4.73
CA SER A 26 -11.36 10.38 -5.90
C SER A 26 -9.95 10.97 -6.08
N SER A 27 -9.79 12.24 -5.72
CA SER A 27 -8.46 12.89 -5.76
C SER A 27 -7.47 12.13 -4.88
N ASP A 28 -7.87 11.85 -3.65
CA ASP A 28 -7.05 11.10 -2.69
C ASP A 28 -6.68 9.72 -3.25
N ILE A 29 -7.67 9.07 -3.88
CA ILE A 29 -7.46 7.76 -4.52
C ILE A 29 -6.26 7.80 -5.49
N THR A 30 -6.28 8.77 -6.40
CA THR A 30 -5.20 8.95 -7.38
C THR A 30 -3.87 9.28 -6.69
N ASN A 31 -3.92 10.16 -5.70
CA ASN A 31 -2.72 10.54 -4.93
C ASN A 31 -2.04 9.31 -4.32
N ILE A 32 -2.83 8.45 -3.68
CA ILE A 32 -2.32 7.23 -3.07
C ILE A 32 -1.71 6.30 -4.14
N GLN A 33 -2.46 6.05 -5.21
CA GLN A 33 -1.99 5.22 -6.33
C GLN A 33 -0.64 5.72 -6.87
N ALA A 34 -0.54 7.03 -7.08
CA ALA A 34 0.71 7.66 -7.56
C ALA A 34 1.90 7.29 -6.67
N ALA A 35 1.76 7.54 -5.36
CA ALA A 35 2.80 7.21 -4.38
C ALA A 35 3.13 5.70 -4.42
N ILE A 36 2.09 4.87 -4.55
CA ILE A 36 2.25 3.41 -4.64
C ILE A 36 2.98 3.00 -5.93
N ASP A 37 2.68 3.66 -7.04
CA ASP A 37 3.23 3.29 -8.33
C ASP A 37 4.74 3.57 -8.42
N ASP A 38 5.19 4.61 -7.71
CA ASP A 38 6.63 4.89 -7.59
C ASP A 38 7.35 3.68 -6.96
N VAL A 39 6.75 3.15 -5.89
CA VAL A 39 7.29 1.97 -5.20
C VAL A 39 7.37 0.76 -6.14
N LYS A 40 6.36 0.60 -7.02
CA LYS A 40 6.40 -0.45 -8.04
C LYS A 40 7.62 -0.25 -8.97
N ALA A 41 7.78 0.98 -9.46
CA ALA A 41 8.85 1.31 -10.42
C ALA A 41 10.26 1.12 -9.82
N SER A 42 10.51 1.70 -8.65
CA SER A 42 11.83 1.62 -8.01
C SER A 42 12.04 0.28 -7.28
N GLU A 43 11.23 0.04 -6.25
CA GLU A 43 11.43 -1.11 -5.35
C GLU A 43 10.83 -2.42 -5.89
N GLN A 44 9.99 -2.34 -6.92
CA GLN A 44 9.24 -3.50 -7.41
C GLN A 44 8.24 -4.00 -6.34
N LYS A 45 8.10 -3.21 -5.28
CA LYS A 45 7.20 -3.55 -4.17
C LYS A 45 5.79 -3.02 -4.44
N VAL A 46 4.88 -3.92 -4.81
CA VAL A 46 3.52 -3.53 -5.16
C VAL A 46 2.62 -3.42 -3.92
N ILE A 47 2.23 -2.19 -3.59
CA ILE A 47 1.38 -1.93 -2.43
C ILE A 47 -0.11 -1.98 -2.82
N PHE A 48 -0.95 -2.39 -1.86
CA PHE A 48 -2.39 -2.51 -2.07
C PHE A 48 -3.16 -1.95 -0.85
N VAL A 49 -4.12 -1.07 -1.10
CA VAL A 49 -4.88 -0.44 -0.02
C VAL A 49 -6.38 -0.74 -0.13
N VAL A 50 -7.01 -1.03 1.01
CA VAL A 50 -8.46 -1.30 1.06
C VAL A 50 -9.14 -0.44 2.14
N PHE A 51 -10.01 0.47 1.71
CA PHE A 51 -10.76 1.31 2.65
C PHE A 51 -12.11 0.68 2.99
N LEU A 52 -12.17 0.04 4.15
CA LEU A 52 -13.39 -0.58 4.65
C LEU A 52 -14.14 0.38 5.58
N SER A 53 -15.33 -0.02 6.02
CA SER A 53 -16.02 0.67 7.11
C SER A 53 -15.75 -0.05 8.43
N SER A 54 -15.78 -1.38 8.36
CA SER A 54 -15.47 -2.24 9.51
C SER A 54 -14.77 -3.52 9.06
N PHE A 55 -14.32 -4.32 10.02
CA PHE A 55 -13.66 -5.60 9.74
C PHE A 55 -14.60 -6.78 10.01
N ASP A 56 -15.90 -6.50 10.14
CA ASP A 56 -16.92 -7.52 10.43
C ASP A 56 -16.64 -8.23 11.76
N GLY A 57 -15.70 -9.16 11.76
CA GLY A 57 -15.31 -9.88 12.96
C GLY A 57 -13.94 -10.53 12.83
N VAL A 58 -13.06 -9.89 12.05
CA VAL A 58 -11.70 -10.41 11.82
C VAL A 58 -10.63 -9.43 12.35
N ASP A 59 -9.54 -9.96 12.90
CA ASP A 59 -8.43 -9.14 13.38
C ASP A 59 -7.85 -8.28 12.23
N PRO A 60 -7.61 -6.98 12.46
CA PRO A 60 -7.05 -6.08 11.45
C PRO A 60 -5.75 -6.61 10.82
N GLU A 61 -4.96 -7.35 11.60
CA GLU A 61 -3.74 -8.01 11.09
C GLU A 61 -4.09 -9.26 10.27
N THR A 62 -4.93 -10.12 10.83
CA THR A 62 -5.32 -11.40 10.19
C THR A 62 -5.98 -11.17 8.82
N TRP A 63 -6.92 -10.22 8.76
CA TRP A 63 -7.59 -9.87 7.51
C TRP A 63 -6.57 -9.52 6.42
N THR A 64 -5.72 -8.55 6.74
CA THR A 64 -4.66 -8.07 5.83
C THR A 64 -3.75 -9.22 5.36
N GLN A 65 -3.38 -10.10 6.29
CA GLN A 65 -2.55 -11.26 5.97
C GLN A 65 -3.26 -12.19 4.96
N GLN A 66 -4.56 -12.43 5.18
CA GLN A 66 -5.36 -13.26 4.28
C GLN A 66 -5.40 -12.65 2.87
N ALA A 67 -5.61 -11.34 2.79
CA ALA A 67 -5.59 -10.63 1.51
C ALA A 67 -4.26 -10.84 0.77
N LEU A 68 -3.17 -10.81 1.52
CA LEU A 68 -1.84 -11.07 0.96
C LEU A 68 -1.73 -12.53 0.44
N GLN A 69 -2.25 -13.47 1.23
CA GLN A 69 -2.25 -14.89 0.84
C GLN A 69 -3.05 -15.11 -0.46
N ALA A 70 -4.18 -14.41 -0.58
CA ALA A 70 -4.99 -14.43 -1.79
C ALA A 70 -4.19 -13.92 -3.00
N ASN A 71 -3.42 -12.87 -2.77
CA ASN A 71 -2.56 -12.27 -3.78
C ASN A 71 -1.30 -13.11 -4.05
N GLY A 72 -0.87 -13.87 -3.04
CA GLY A 72 0.30 -14.74 -3.18
C GLY A 72 1.58 -14.00 -3.59
N GLY A 73 1.70 -12.75 -3.17
CA GLY A 73 2.83 -11.92 -3.57
C GLY A 73 3.94 -11.84 -2.54
N GLY A 74 5.15 -12.19 -2.93
CA GLY A 74 6.31 -12.07 -2.03
C GLY A 74 6.79 -10.63 -1.88
N ASN A 75 6.62 -9.83 -2.93
CA ASN A 75 7.03 -8.42 -2.94
C ASN A 75 5.85 -7.47 -2.66
N VAL A 76 4.67 -8.05 -2.46
CA VAL A 76 3.44 -7.27 -2.29
C VAL A 76 3.18 -6.91 -0.81
N LEU A 77 2.50 -5.77 -0.59
CA LEU A 77 2.08 -5.35 0.75
C LEU A 77 0.61 -4.91 0.73
N ILE A 78 -0.20 -5.54 1.58
CA ILE A 78 -1.61 -5.17 1.74
C ILE A 78 -1.80 -4.19 2.91
N TYR A 79 -2.69 -3.23 2.75
CA TYR A 79 -3.02 -2.27 3.81
C TYR A 79 -4.54 -2.12 3.96
N ALA A 80 -5.07 -2.63 5.07
CA ALA A 80 -6.50 -2.49 5.38
C ALA A 80 -6.74 -1.32 6.35
N LEU A 81 -7.86 -0.63 6.17
CA LEU A 81 -8.24 0.49 7.04
C LEU A 81 -9.76 0.55 7.27
N ALA A 82 -10.17 1.00 8.44
CA ALA A 82 -11.59 1.15 8.78
C ALA A 82 -11.85 2.44 9.58
N PRO A 83 -12.10 3.57 8.90
CA PRO A 83 -12.35 4.87 9.54
C PRO A 83 -13.41 4.80 10.66
N GLU A 84 -14.49 4.07 10.41
CA GLU A 84 -15.58 3.94 11.39
C GLU A 84 -15.08 3.25 12.68
N GLU A 85 -14.27 2.21 12.50
CA GLU A 85 -13.75 1.41 13.63
C GLU A 85 -12.39 1.93 14.12
N ARG A 86 -11.84 2.91 13.41
CA ARG A 86 -10.49 3.43 13.70
C ARG A 86 -9.42 2.31 13.70
N GLN A 87 -9.67 1.24 12.93
CA GLN A 87 -8.73 0.11 12.86
C GLN A 87 -7.99 0.07 11.52
N TYR A 88 -6.81 -0.52 11.53
CA TYR A 88 -6.04 -0.72 10.29
C TYR A 88 -5.13 -1.96 10.40
N GLY A 89 -4.59 -2.41 9.27
CA GLY A 89 -3.71 -3.57 9.28
C GLY A 89 -2.70 -3.53 8.14
N ILE A 90 -1.43 -3.71 8.47
CA ILE A 90 -0.36 -3.70 7.46
C ILE A 90 0.46 -5.01 7.49
N GLN A 91 0.48 -5.70 6.35
CA GLN A 91 1.25 -6.96 6.23
C GLN A 91 1.93 -7.05 4.85
N GLY A 92 3.22 -7.37 4.85
CA GLY A 92 3.97 -7.48 3.60
C GLY A 92 4.51 -8.88 3.35
N GLY A 93 4.83 -9.17 2.10
CA GLY A 93 5.35 -10.48 1.74
C GLY A 93 6.76 -10.77 2.25
N THR A 94 7.34 -11.89 1.83
CA THR A 94 8.65 -12.36 2.32
C THR A 94 9.79 -11.39 1.98
N GLN A 95 9.58 -10.51 1.01
CA GLN A 95 10.61 -9.53 0.60
C GLN A 95 10.58 -8.26 1.48
N TRP A 96 9.59 -8.19 2.38
CA TRP A 96 9.45 -7.04 3.28
C TRP A 96 10.08 -7.32 4.66
N THR A 97 11.08 -6.51 5.02
CA THR A 97 11.76 -6.65 6.32
C THR A 97 10.94 -5.95 7.43
N ASP A 98 11.30 -6.22 8.69
CA ASP A 98 10.64 -5.58 9.83
C ASP A 98 10.80 -4.05 9.77
N ALA A 99 11.99 -3.60 9.36
CA ALA A 99 12.27 -2.16 9.22
C ALA A 99 11.42 -1.53 8.11
N GLU A 100 11.27 -2.24 6.99
CA GLU A 100 10.40 -1.79 5.89
C GLU A 100 8.94 -1.64 6.35
N LEU A 101 8.42 -2.70 6.97
CA LEU A 101 7.04 -2.72 7.46
C LEU A 101 6.80 -1.65 8.54
N ASP A 102 7.67 -1.61 9.54
CA ASP A 102 7.50 -0.68 10.68
C ASP A 102 7.41 0.78 10.21
N ALA A 103 8.29 1.17 9.29
CA ALA A 103 8.28 2.52 8.73
C ALA A 103 6.91 2.83 8.06
N ALA A 104 6.32 1.81 7.44
CA ALA A 104 4.99 1.95 6.83
C ALA A 104 3.91 2.15 7.90
N ASN A 105 3.92 1.31 8.94
CA ASN A 105 2.97 1.44 10.06
C ASN A 105 3.02 2.83 10.70
N ASN A 106 4.23 3.29 11.02
CA ASN A 106 4.42 4.64 11.58
C ASN A 106 3.91 5.73 10.62
N ALA A 107 4.27 5.62 9.34
CA ALA A 107 3.83 6.60 8.34
C ALA A 107 2.30 6.67 8.23
N ALA A 108 1.64 5.52 8.26
CA ALA A 108 0.18 5.45 8.17
C ALA A 108 -0.48 5.97 9.46
N PHE A 109 0.03 5.53 10.60
CA PHE A 109 -0.56 5.86 11.90
C PHE A 109 -0.59 7.37 12.16
N GLN A 110 0.52 8.06 11.90
CA GLN A 110 0.61 9.51 12.15
C GLN A 110 -0.49 10.29 11.40
N ALA A 111 -0.94 9.76 10.28
CA ALA A 111 -2.09 10.33 9.54
C ALA A 111 -3.41 10.01 10.26
N LEU A 112 -3.53 8.78 10.74
CA LEU A 112 -4.74 8.32 11.45
C LEU A 112 -4.95 9.09 12.76
N SER A 113 -3.86 9.53 13.38
CA SER A 113 -3.93 10.35 14.60
C SER A 113 -4.54 11.71 14.29
N GLN A 114 -4.45 12.12 13.03
CA GLN A 114 -5.06 13.35 12.54
C GLN A 114 -6.39 13.07 11.81
N GLU A 115 -6.76 11.78 11.76
CA GLU A 115 -7.97 11.31 11.07
C GLU A 115 -7.91 11.53 9.54
N ASP A 116 -6.71 11.70 9.00
CA ASP A 116 -6.53 11.71 7.54
C ASP A 116 -6.45 10.26 7.03
N TRP A 117 -7.62 9.65 6.87
CA TRP A 117 -7.73 8.22 6.51
C TRP A 117 -6.99 7.88 5.21
N ALA A 118 -7.23 8.66 4.15
CA ALA A 118 -6.54 8.43 2.87
C ALA A 118 -5.07 8.81 2.96
N GLY A 119 -4.78 9.83 3.76
CA GLY A 119 -3.40 10.27 3.99
C GLY A 119 -2.49 9.17 4.54
N SER A 120 -3.06 8.23 5.30
CA SER A 120 -2.31 7.11 5.87
C SER A 120 -1.69 6.24 4.77
N ALA A 121 -2.53 5.75 3.86
CA ALA A 121 -2.08 4.97 2.71
C ALA A 121 -1.05 5.72 1.86
N LEU A 122 -1.32 7.02 1.66
CA LEU A 122 -0.41 7.90 0.92
C LEU A 122 0.98 7.94 1.59
N ALA A 123 1.01 8.31 2.87
CA ALA A 123 2.26 8.40 3.64
C ALA A 123 2.97 7.05 3.71
N LEU A 124 2.19 5.97 3.78
CA LEU A 124 2.73 4.60 3.78
C LEU A 124 3.63 4.37 2.55
N ALA A 125 3.10 4.69 1.37
CA ALA A 125 3.84 4.56 0.11
C ALA A 125 5.00 5.59 0.02
N GLU A 126 4.77 6.78 0.57
CA GLU A 126 5.79 7.84 0.59
C GLU A 126 7.04 7.41 1.37
N SER A 127 6.87 6.61 2.41
CA SER A 127 8.00 6.13 3.23
C SER A 127 8.92 5.20 2.44
N VAL A 128 8.36 4.10 1.91
CA VAL A 128 9.13 3.13 1.14
C VAL A 128 9.66 3.71 -0.17
N GLY A 129 9.08 4.82 -0.60
CA GLY A 129 9.57 5.49 -1.79
C GLY A 129 11.00 5.99 -1.65
N SER A 130 11.48 6.03 -0.40
CA SER A 130 12.87 6.42 -0.10
C SER A 130 13.84 5.25 -0.32
N SER A 131 13.31 4.03 -0.39
CA SER A 131 14.13 2.82 -0.57
C SER A 131 14.46 2.58 -2.06
N SER A 132 15.64 2.01 -2.30
CA SER A 132 16.08 1.68 -3.66
C SER A 132 17.02 0.46 -3.67
N SER A 133 16.50 -0.67 -4.13
CA SER A 133 17.27 -1.93 -4.21
C SER A 133 18.43 -1.85 -5.22
N SER A 134 19.44 -2.69 -5.02
CA SER A 134 20.61 -2.73 -5.90
C SER A 134 20.27 -3.34 -7.26
N SER A 135 19.75 -2.51 -8.17
CA SER A 135 19.40 -2.97 -9.53
C SER A 135 20.63 -3.50 -10.27
N SER A 136 20.70 -4.82 -10.43
CA SER A 136 21.85 -5.49 -11.06
C SER A 136 21.40 -6.47 -12.14
N GLY A 137 21.63 -6.12 -13.40
CA GLY A 137 21.25 -6.97 -14.52
C GLY A 137 22.44 -7.64 -15.21
N SER A 138 22.47 -8.97 -15.19
CA SER A 138 23.55 -9.73 -15.84
C SER A 138 23.41 -9.76 -17.36
N SER A 139 24.44 -10.27 -18.04
CA SER A 139 24.44 -10.38 -19.50
C SER A 139 24.71 -11.82 -19.95
N SER A 140 23.74 -12.43 -20.61
CA SER A 140 23.83 -13.84 -21.02
C SER A 140 24.52 -14.00 -22.39
N LEU A 141 25.83 -14.23 -22.39
CA LEU A 141 26.58 -14.49 -23.63
C LEU A 141 27.06 -15.95 -23.68
N GLU A 142 26.79 -16.62 -24.80
CA GLU A 142 27.22 -18.02 -24.99
C GLU A 142 28.13 -18.17 -26.22
N HIS A 143 28.96 -19.20 -26.20
CA HIS A 143 29.93 -19.48 -27.27
C HIS A 143 30.95 -18.33 -27.43
N HIS A 144 32.23 -18.64 -27.21
CA HIS A 144 33.29 -17.63 -27.32
C HIS A 144 33.37 -17.02 -28.73
N HIS A 145 32.67 -15.90 -28.93
CA HIS A 145 32.73 -15.17 -30.19
C HIS A 145 34.11 -14.52 -30.36
N HIS A 146 34.76 -14.79 -31.51
CA HIS A 146 36.15 -14.39 -31.76
C HIS A 146 37.13 -15.24 -30.91
N HIS A 147 38.32 -15.50 -31.43
CA HIS A 147 39.29 -16.35 -30.74
C HIS A 147 40.71 -16.18 -31.27
N HIS A 148 41.68 -16.59 -30.46
CA HIS A 148 43.06 -16.74 -30.92
C HIS A 148 43.29 -18.16 -31.48
N THR A 1 10.83 -25.27 -25.84
CA THR A 1 11.47 -25.38 -24.49
C THR A 1 10.59 -24.72 -23.41
N GLU A 2 11.10 -24.65 -22.19
CA GLU A 2 10.35 -24.12 -21.04
C GLU A 2 10.47 -22.58 -20.93
N THR A 3 9.34 -21.91 -20.74
CA THR A 3 9.31 -20.45 -20.56
C THR A 3 8.08 -20.02 -19.73
N TYR A 4 8.27 -19.05 -18.83
CA TYR A 4 7.17 -18.56 -17.97
C TYR A 4 6.15 -17.69 -18.74
N VAL A 5 6.15 -17.80 -20.06
CA VAL A 5 5.24 -17.04 -20.94
C VAL A 5 5.55 -15.53 -20.94
N LEU A 6 5.88 -15.00 -22.12
CA LEU A 6 6.19 -13.57 -22.27
C LEU A 6 4.97 -12.79 -22.81
N ALA A 7 4.10 -13.50 -23.53
CA ALA A 7 2.90 -12.88 -24.11
C ALA A 7 1.76 -12.79 -23.09
N GLU A 8 0.64 -12.19 -23.51
CA GLU A 8 -0.54 -12.01 -22.66
C GLU A 8 -0.24 -11.11 -21.45
N SER A 9 -1.23 -10.90 -20.59
CA SER A 9 -1.08 -9.97 -19.47
C SER A 9 -2.15 -10.17 -18.38
N PRO A 10 -1.75 -10.23 -17.10
CA PRO A 10 -2.69 -10.34 -15.97
C PRO A 10 -3.33 -8.99 -15.60
N GLU A 11 -3.68 -8.20 -16.62
CA GLU A 11 -4.17 -6.83 -16.43
C GLU A 11 -5.64 -6.77 -15.94
N PHE A 12 -6.03 -7.73 -15.10
CA PHE A 12 -7.39 -7.79 -14.58
C PHE A 12 -7.60 -6.77 -13.44
N TYR A 13 -6.49 -6.26 -12.91
CA TYR A 13 -6.53 -5.21 -11.88
C TYR A 13 -6.61 -3.82 -12.53
N GLN A 14 -7.51 -2.97 -12.01
CA GLN A 14 -7.66 -1.62 -12.55
C GLN A 14 -6.84 -0.59 -11.77
N ASP A 15 -6.47 -0.99 -10.56
CA ASP A 15 -5.66 -0.14 -9.66
C ASP A 15 -5.36 -0.86 -8.33
N ASN A 16 -4.65 -0.16 -7.42
CA ASN A 16 -4.21 -0.76 -6.15
C ASN A 16 -4.97 -0.24 -4.92
N VAL A 17 -6.07 0.49 -5.12
CA VAL A 17 -6.84 1.06 -3.99
C VAL A 17 -8.35 0.80 -4.12
N THR A 18 -8.88 -0.02 -3.23
CA THR A 18 -10.33 -0.35 -3.22
C THR A 18 -11.00 0.15 -1.93
N ASP A 19 -12.10 0.89 -2.06
CA ASP A 19 -12.84 1.38 -0.89
C ASP A 19 -14.24 0.73 -0.79
N TYR A 20 -14.77 0.66 0.42
CA TYR A 20 -16.12 0.12 0.68
C TYR A 20 -16.99 1.16 1.41
N THR A 21 -16.56 2.41 1.37
CA THR A 21 -17.26 3.49 2.11
C THR A 21 -17.66 4.66 1.20
N GLY A 22 -16.94 4.87 0.10
CA GLY A 22 -17.25 5.97 -0.81
C GLY A 22 -16.86 7.36 -0.29
N GLN A 23 -16.60 7.47 1.02
CA GLN A 23 -16.23 8.75 1.63
C GLN A 23 -14.92 9.31 1.06
N ILE A 24 -13.96 8.44 0.77
CA ILE A 24 -12.64 8.87 0.27
C ILE A 24 -12.75 9.44 -1.15
N SER A 25 -12.24 10.66 -1.34
CA SER A 25 -12.25 11.34 -2.65
C SER A 25 -11.29 10.68 -3.65
N SER A 26 -11.64 10.76 -4.93
CA SER A 26 -10.78 10.22 -6.00
C SER A 26 -9.39 10.86 -5.98
N SER A 27 -9.33 12.13 -5.60
CA SER A 27 -8.06 12.86 -5.49
C SER A 27 -7.11 12.17 -4.50
N ASP A 28 -7.63 11.83 -3.32
CA ASP A 28 -6.86 11.09 -2.32
C ASP A 28 -6.40 9.73 -2.87
N ILE A 29 -7.35 8.98 -3.41
CA ILE A 29 -7.07 7.66 -3.99
C ILE A 29 -5.96 7.73 -5.05
N THR A 30 -6.07 8.68 -5.96
CA THR A 30 -5.05 8.89 -7.01
C THR A 30 -3.68 9.22 -6.40
N ASN A 31 -3.66 10.07 -5.38
CA ASN A 31 -2.42 10.41 -4.66
C ASN A 31 -1.78 9.16 -4.05
N ILE A 32 -2.56 8.40 -3.28
CA ILE A 32 -2.08 7.19 -2.62
C ILE A 32 -1.43 6.22 -3.62
N GLN A 33 -2.17 5.89 -4.68
CA GLN A 33 -1.67 4.97 -5.70
C GLN A 33 -0.42 5.52 -6.41
N ALA A 34 -0.38 6.83 -6.65
CA ALA A 34 0.78 7.46 -7.29
C ALA A 34 2.07 7.18 -6.51
N ALA A 35 1.95 7.09 -5.18
CA ALA A 35 3.05 6.69 -4.32
C ALA A 35 3.29 5.18 -4.38
N ILE A 36 2.21 4.42 -4.45
CA ILE A 36 2.28 2.95 -4.56
C ILE A 36 3.01 2.51 -5.84
N ASP A 37 2.53 3.00 -6.99
CA ASP A 37 3.16 2.71 -8.28
C ASP A 37 4.60 3.24 -8.36
N ASP A 38 4.89 4.30 -7.62
CA ASP A 38 6.26 4.81 -7.50
C ASP A 38 7.18 3.71 -6.93
N VAL A 39 6.75 3.11 -5.83
CA VAL A 39 7.46 1.98 -5.19
C VAL A 39 7.44 0.74 -6.09
N LYS A 40 6.32 0.53 -6.81
CA LYS A 40 6.19 -0.59 -7.76
C LYS A 40 7.18 -0.47 -8.93
N ALA A 41 7.38 0.76 -9.40
CA ALA A 41 8.29 1.02 -10.52
C ALA A 41 9.76 0.94 -10.07
N SER A 42 10.08 1.55 -8.93
CA SER A 42 11.46 1.60 -8.44
C SER A 42 11.88 0.28 -7.77
N GLU A 43 11.15 -0.11 -6.72
CA GLU A 43 11.56 -1.24 -5.87
C GLU A 43 10.88 -2.57 -6.26
N GLN A 44 10.06 -2.55 -7.31
CA GLN A 44 9.30 -3.75 -7.74
C GLN A 44 8.32 -4.22 -6.65
N LYS A 45 8.09 -3.36 -5.66
CA LYS A 45 7.21 -3.67 -4.53
C LYS A 45 5.76 -3.25 -4.80
N VAL A 46 4.85 -4.21 -4.80
CA VAL A 46 3.45 -3.93 -5.14
C VAL A 46 2.58 -3.75 -3.87
N ILE A 47 2.23 -2.50 -3.57
CA ILE A 47 1.40 -2.18 -2.40
C ILE A 47 -0.09 -2.21 -2.77
N PHE A 48 -0.94 -2.51 -1.78
CA PHE A 48 -2.38 -2.59 -1.97
C PHE A 48 -3.12 -2.01 -0.76
N VAL A 49 -3.98 -1.01 -1.01
CA VAL A 49 -4.74 -0.37 0.06
C VAL A 49 -6.25 -0.64 -0.08
N VAL A 50 -6.87 -1.10 1.00
CA VAL A 50 -8.32 -1.36 1.00
C VAL A 50 -9.02 -0.61 2.14
N PHE A 51 -9.87 0.35 1.78
CA PHE A 51 -10.68 1.08 2.77
C PHE A 51 -11.97 0.31 3.06
N LEU A 52 -12.00 -0.40 4.17
CA LEU A 52 -13.18 -1.19 4.55
C LEU A 52 -14.20 -0.34 5.32
N SER A 53 -15.45 -0.78 5.29
CA SER A 53 -16.54 -0.05 5.94
C SER A 53 -16.81 -0.54 7.37
N SER A 54 -16.34 -1.74 7.70
CA SER A 54 -16.58 -2.32 9.03
C SER A 54 -15.69 -3.54 9.35
N PHE A 55 -14.91 -4.01 8.36
CA PHE A 55 -14.08 -5.24 8.52
C PHE A 55 -14.94 -6.52 8.57
N ASP A 56 -16.27 -6.36 8.62
CA ASP A 56 -17.21 -7.50 8.56
C ASP A 56 -17.00 -8.51 9.72
N GLY A 57 -16.47 -8.02 10.85
CA GLY A 57 -16.21 -8.88 11.99
C GLY A 57 -14.80 -9.48 11.99
N VAL A 58 -14.20 -9.59 10.81
CA VAL A 58 -12.85 -10.16 10.68
C VAL A 58 -11.81 -9.21 11.28
N ASP A 59 -10.91 -9.76 12.09
CA ASP A 59 -9.90 -8.96 12.78
C ASP A 59 -8.94 -8.29 11.78
N PRO A 60 -8.63 -6.99 11.97
CA PRO A 60 -7.81 -6.22 11.02
C PRO A 60 -6.53 -6.95 10.58
N GLU A 61 -5.75 -7.42 11.55
CA GLU A 61 -4.53 -8.20 11.26
C GLU A 61 -4.85 -9.45 10.41
N THR A 62 -5.80 -10.26 10.90
CA THR A 62 -6.20 -11.50 10.24
C THR A 62 -6.66 -11.26 8.79
N TRP A 63 -7.52 -10.26 8.60
CA TRP A 63 -8.01 -9.89 7.27
C TRP A 63 -6.85 -9.55 6.34
N THR A 64 -5.96 -8.68 6.81
CA THR A 64 -4.82 -8.20 6.01
C THR A 64 -3.91 -9.37 5.61
N GLN A 65 -3.75 -10.33 6.52
CA GLN A 65 -3.00 -11.55 6.22
C GLN A 65 -3.66 -12.33 5.07
N GLN A 66 -4.97 -12.58 5.17
CA GLN A 66 -5.70 -13.34 4.14
C GLN A 66 -5.53 -12.72 2.74
N ALA A 67 -5.79 -11.42 2.63
CA ALA A 67 -5.60 -10.70 1.38
C ALA A 67 -4.16 -10.87 0.84
N LEU A 68 -3.19 -10.88 1.74
CA LEU A 68 -1.79 -11.07 1.37
C LEU A 68 -1.53 -12.51 0.88
N GLN A 69 -2.10 -13.49 1.57
CA GLN A 69 -1.94 -14.91 1.21
C GLN A 69 -2.52 -15.20 -0.18
N ALA A 70 -3.65 -14.59 -0.51
CA ALA A 70 -4.26 -14.69 -1.85
C ALA A 70 -3.28 -14.22 -2.93
N ASN A 71 -2.45 -13.24 -2.57
CA ASN A 71 -1.42 -12.72 -3.48
C ASN A 71 -0.10 -13.50 -3.35
N GLY A 72 -0.05 -14.43 -2.39
CA GLY A 72 1.17 -15.22 -2.17
C GLY A 72 2.29 -14.43 -1.52
N GLY A 73 1.97 -13.24 -1.02
CA GLY A 73 2.98 -12.38 -0.39
C GLY A 73 4.04 -11.90 -1.38
N GLY A 74 5.25 -12.47 -1.27
CA GLY A 74 6.34 -12.09 -2.16
C GLY A 74 6.71 -10.61 -2.08
N ASN A 75 6.32 -9.83 -3.09
CA ASN A 75 6.63 -8.40 -3.15
C ASN A 75 5.41 -7.54 -2.82
N VAL A 76 4.30 -8.19 -2.47
CA VAL A 76 3.03 -7.50 -2.19
C VAL A 76 2.95 -7.00 -0.73
N LEU A 77 2.27 -5.87 -0.53
CA LEU A 77 1.98 -5.34 0.80
C LEU A 77 0.51 -4.90 0.89
N ILE A 78 -0.24 -5.51 1.80
CA ILE A 78 -1.66 -5.18 1.99
C ILE A 78 -1.85 -4.22 3.18
N TYR A 79 -2.70 -3.21 2.98
CA TYR A 79 -3.05 -2.26 4.05
C TYR A 79 -4.58 -2.09 4.13
N ALA A 80 -5.18 -2.67 5.16
CA ALA A 80 -6.63 -2.57 5.38
C ALA A 80 -6.95 -1.46 6.38
N LEU A 81 -7.95 -0.64 6.08
CA LEU A 81 -8.33 0.48 6.95
C LEU A 81 -9.85 0.67 6.99
N ALA A 82 -10.43 0.66 8.20
CA ALA A 82 -11.84 0.99 8.39
C ALA A 82 -12.00 2.29 9.17
N PRO A 83 -12.13 3.43 8.46
CA PRO A 83 -12.25 4.76 9.09
C PRO A 83 -13.45 4.83 10.06
N GLU A 84 -14.51 4.10 9.76
CA GLU A 84 -15.70 4.06 10.59
C GLU A 84 -15.40 3.51 12.01
N GLU A 85 -14.66 2.40 12.07
CA GLU A 85 -14.24 1.80 13.34
C GLU A 85 -12.85 2.32 13.77
N ARG A 86 -12.26 3.17 12.93
CA ARG A 86 -10.94 3.76 13.19
C ARG A 86 -9.85 2.69 13.43
N GLN A 87 -10.02 1.51 12.83
CA GLN A 87 -9.06 0.41 13.00
C GLN A 87 -8.46 -0.02 11.65
N TYR A 88 -7.29 -0.67 11.69
CA TYR A 88 -6.54 -0.99 10.46
C TYR A 88 -5.63 -2.22 10.62
N GLY A 89 -5.04 -2.66 9.51
CA GLY A 89 -4.11 -3.80 9.50
C GLY A 89 -3.03 -3.66 8.44
N ILE A 90 -1.78 -3.97 8.80
CA ILE A 90 -0.64 -3.79 7.88
C ILE A 90 0.20 -5.08 7.77
N GLN A 91 0.34 -5.61 6.55
CA GLN A 91 1.15 -6.82 6.30
C GLN A 91 1.91 -6.74 4.97
N GLY A 92 3.13 -7.29 4.94
CA GLY A 92 3.95 -7.26 3.72
C GLY A 92 4.62 -8.61 3.42
N GLY A 93 5.10 -8.76 2.18
CA GLY A 93 5.72 -10.02 1.76
C GLY A 93 7.22 -10.12 2.08
N THR A 94 7.84 -11.22 1.64
CA THR A 94 9.26 -11.49 1.92
C THR A 94 10.22 -10.43 1.33
N GLN A 95 9.82 -9.82 0.21
CA GLN A 95 10.65 -8.80 -0.45
C GLN A 95 10.70 -7.49 0.38
N TRP A 96 9.97 -7.46 1.49
CA TRP A 96 9.97 -6.31 2.40
C TRP A 96 10.77 -6.61 3.69
N THR A 97 11.67 -5.70 4.06
CA THR A 97 12.41 -5.82 5.32
C THR A 97 11.58 -5.27 6.48
N ASP A 98 11.88 -5.73 7.71
CA ASP A 98 11.10 -5.33 8.89
C ASP A 98 11.06 -3.80 9.06
N ALA A 99 12.18 -3.13 8.79
CA ALA A 99 12.26 -1.66 8.91
C ALA A 99 11.35 -0.96 7.87
N GLU A 100 11.19 -1.56 6.69
CA GLU A 100 10.24 -1.06 5.69
C GLU A 100 8.81 -1.12 6.23
N LEU A 101 8.42 -2.30 6.71
CA LEU A 101 7.10 -2.50 7.31
C LEU A 101 6.89 -1.57 8.51
N ASP A 102 7.93 -1.44 9.34
CA ASP A 102 7.90 -0.54 10.48
C ASP A 102 7.62 0.91 10.05
N ALA A 103 8.40 1.41 9.08
CA ALA A 103 8.18 2.76 8.54
C ALA A 103 6.75 2.92 8.02
N ALA A 104 6.23 1.87 7.40
CA ALA A 104 4.82 1.85 6.95
C ALA A 104 3.85 2.05 8.12
N ASN A 105 4.03 1.25 9.18
CA ASN A 105 3.20 1.37 10.39
C ASN A 105 3.28 2.78 11.00
N ASN A 106 4.50 3.27 11.22
CA ASN A 106 4.70 4.60 11.82
C ASN A 106 4.14 5.72 10.93
N ALA A 107 4.45 5.68 9.63
CA ALA A 107 3.95 6.70 8.69
C ALA A 107 2.42 6.75 8.65
N ALA A 108 1.79 5.58 8.54
CA ALA A 108 0.33 5.50 8.53
C ALA A 108 -0.28 6.01 9.84
N PHE A 109 0.26 5.56 10.97
CA PHE A 109 -0.26 5.93 12.30
C PHE A 109 -0.25 7.46 12.50
N GLN A 110 0.84 8.12 12.12
CA GLN A 110 0.95 9.58 12.26
C GLN A 110 -0.25 10.28 11.61
N ALA A 111 -0.58 9.90 10.38
CA ALA A 111 -1.73 10.46 9.67
C ALA A 111 -3.05 10.02 10.33
N LEU A 112 -3.11 8.78 10.82
CA LEU A 112 -4.29 8.27 11.52
C LEU A 112 -4.54 9.05 12.84
N SER A 113 -3.46 9.57 13.43
CA SER A 113 -3.57 10.41 14.63
C SER A 113 -4.14 11.79 14.27
N GLN A 114 -3.92 12.19 13.03
CA GLN A 114 -4.48 13.43 12.48
C GLN A 114 -5.86 13.17 11.84
N GLU A 115 -6.30 11.91 11.88
CA GLU A 115 -7.56 11.46 11.28
C GLU A 115 -7.57 11.59 9.74
N ASP A 116 -6.39 11.70 9.14
CA ASP A 116 -6.27 11.63 7.67
C ASP A 116 -6.30 10.16 7.21
N TRP A 117 -7.50 9.62 7.06
CA TRP A 117 -7.68 8.20 6.72
C TRP A 117 -6.98 7.86 5.39
N ALA A 118 -7.22 8.68 4.38
CA ALA A 118 -6.56 8.51 3.08
C ALA A 118 -5.06 8.83 3.17
N GLY A 119 -4.72 9.84 3.97
CA GLY A 119 -3.34 10.24 4.14
C GLY A 119 -2.45 9.17 4.76
N SER A 120 -3.03 8.31 5.59
CA SER A 120 -2.29 7.19 6.20
C SER A 120 -1.74 6.25 5.11
N ALA A 121 -2.63 5.81 4.22
CA ALA A 121 -2.26 4.98 3.09
C ALA A 121 -1.23 5.67 2.18
N LEU A 122 -1.45 6.97 1.94
CA LEU A 122 -0.54 7.78 1.15
C LEU A 122 0.87 7.80 1.78
N ALA A 123 0.94 8.16 3.06
CA ALA A 123 2.21 8.24 3.78
C ALA A 123 2.90 6.87 3.88
N LEU A 124 2.10 5.81 4.06
CA LEU A 124 2.62 4.45 4.10
C LEU A 124 3.48 4.14 2.86
N ALA A 125 2.94 4.44 1.68
CA ALA A 125 3.64 4.20 0.42
C ALA A 125 4.78 5.21 0.18
N GLU A 126 4.47 6.50 0.33
CA GLU A 126 5.44 7.56 0.03
C GLU A 126 6.64 7.55 1.00
N SER A 127 6.43 7.03 2.22
CA SER A 127 7.54 6.81 3.17
C SER A 127 8.57 5.85 2.58
N VAL A 128 8.10 4.69 2.14
CA VAL A 128 8.95 3.70 1.45
C VAL A 128 9.56 4.32 0.18
N GLY A 129 8.83 5.26 -0.42
CA GLY A 129 9.30 5.96 -1.61
C GLY A 129 10.27 7.11 -1.31
N SER A 130 10.74 7.19 -0.06
CA SER A 130 11.78 8.18 0.34
C SER A 130 11.29 9.63 0.22
N SER A 131 10.00 9.86 0.50
CA SER A 131 9.42 11.21 0.37
C SER A 131 9.56 12.06 1.65
N SER A 132 8.66 11.86 2.64
CA SER A 132 8.63 12.72 3.83
C SER A 132 9.68 12.32 4.89
N SER A 133 9.76 13.11 5.96
CA SER A 133 10.70 12.85 7.06
C SER A 133 10.16 13.39 8.40
N SER A 134 9.88 12.49 9.35
CA SER A 134 9.34 12.89 10.66
C SER A 134 9.70 11.87 11.75
N SER A 135 9.39 12.22 13.00
CA SER A 135 9.65 11.33 14.15
C SER A 135 8.49 11.38 15.16
N SER A 136 8.23 10.25 15.81
CA SER A 136 7.12 10.15 16.77
C SER A 136 7.59 10.32 18.22
N GLY A 137 7.15 11.39 18.86
CA GLY A 137 7.48 11.62 20.28
C GLY A 137 6.23 11.80 21.14
N SER A 138 6.15 12.94 21.84
CA SER A 138 4.95 13.30 22.64
C SER A 138 4.79 12.44 23.90
N SER A 139 5.00 13.05 25.06
CA SER A 139 4.79 12.36 26.36
C SER A 139 4.02 13.26 27.34
N SER A 140 3.33 12.64 28.30
CA SER A 140 2.60 13.38 29.33
C SER A 140 2.48 12.56 30.63
N LEU A 141 3.17 13.02 31.67
CA LEU A 141 3.21 12.31 32.96
C LEU A 141 2.63 13.15 34.10
N GLU A 142 1.49 12.72 34.64
CA GLU A 142 0.84 13.42 35.75
C GLU A 142 0.29 12.40 36.77
N HIS A 143 0.13 12.85 38.03
CA HIS A 143 -0.37 12.00 39.13
C HIS A 143 0.73 11.04 39.64
N HIS A 144 1.33 11.39 40.77
CA HIS A 144 2.32 10.51 41.42
C HIS A 144 1.63 9.59 42.44
N HIS A 145 0.88 10.19 43.36
CA HIS A 145 0.14 9.43 44.39
C HIS A 145 -1.23 10.06 44.68
N HIS A 146 -2.29 9.27 44.52
CA HIS A 146 -3.63 9.66 44.95
C HIS A 146 -3.95 9.05 46.32
N HIS A 147 -3.07 8.15 46.77
CA HIS A 147 -3.20 7.47 48.06
C HIS A 147 -2.88 8.39 49.24
N HIS A 148 -3.70 8.32 50.29
CA HIS A 148 -3.42 9.04 51.54
C HIS A 148 -3.01 8.06 52.66
N THR A 1 25.03 5.24 -23.02
CA THR A 1 24.77 6.63 -22.53
C THR A 1 23.31 7.03 -22.74
N GLU A 2 22.63 7.38 -21.64
CA GLU A 2 21.26 7.90 -21.70
C GLU A 2 21.23 9.42 -21.59
N THR A 3 22.24 9.99 -20.92
CA THR A 3 22.37 11.45 -20.69
C THR A 3 21.05 12.08 -20.19
N TYR A 4 20.17 11.26 -19.64
CA TYR A 4 18.78 11.68 -19.41
C TYR A 4 18.07 10.80 -18.37
N VAL A 5 18.01 9.52 -18.68
CA VAL A 5 17.26 8.53 -17.88
C VAL A 5 15.76 8.88 -17.84
N LEU A 6 15.00 8.31 -18.76
CA LEU A 6 13.56 8.60 -18.86
C LEU A 6 12.76 7.96 -17.72
N ALA A 7 12.58 6.65 -17.77
CA ALA A 7 11.84 5.90 -16.73
C ALA A 7 10.34 6.27 -16.66
N GLU A 8 9.50 5.28 -16.41
CA GLU A 8 8.05 5.49 -16.24
C GLU A 8 7.46 4.53 -15.20
N SER A 9 6.36 4.93 -14.57
CA SER A 9 5.70 4.10 -13.55
C SER A 9 4.63 3.19 -14.18
N PRO A 10 4.60 1.90 -13.79
CA PRO A 10 3.65 0.92 -14.35
C PRO A 10 2.22 1.06 -13.76
N GLU A 11 1.41 1.92 -14.39
CA GLU A 11 0.04 2.17 -13.93
C GLU A 11 -0.91 0.99 -14.21
N PHE A 12 -0.49 0.08 -15.08
CA PHE A 12 -1.34 -1.05 -15.51
C PHE A 12 -1.49 -2.13 -14.42
N TYR A 13 -2.26 -1.83 -13.40
CA TYR A 13 -2.58 -2.78 -12.32
C TYR A 13 -4.08 -2.73 -11.95
N GLN A 14 -4.90 -2.29 -12.90
CA GLN A 14 -6.35 -2.10 -12.69
C GLN A 14 -6.61 -0.99 -11.64
N ASP A 15 -6.36 -1.30 -10.37
CA ASP A 15 -6.56 -0.35 -9.28
C ASP A 15 -5.81 -0.80 -8.02
N ASN A 16 -5.04 0.12 -7.41
CA ASN A 16 -4.25 -0.19 -6.21
C ASN A 16 -4.93 0.27 -4.91
N VAL A 17 -6.02 1.02 -5.03
CA VAL A 17 -6.73 1.54 -3.85
C VAL A 17 -8.23 1.22 -3.90
N THR A 18 -8.63 0.12 -3.28
CA THR A 18 -10.04 -0.29 -3.24
C THR A 18 -10.79 0.41 -2.08
N ASP A 19 -12.06 0.76 -2.30
CA ASP A 19 -12.88 1.37 -1.25
C ASP A 19 -14.16 0.59 -0.99
N TYR A 20 -14.60 0.60 0.27
CA TYR A 20 -15.87 -0.01 0.68
C TYR A 20 -16.72 0.97 1.51
N THR A 21 -16.12 2.09 1.93
CA THR A 21 -16.82 3.09 2.77
C THR A 21 -17.75 3.98 1.93
N GLY A 22 -17.23 4.51 0.84
CA GLY A 22 -17.99 5.42 0.00
C GLY A 22 -17.66 6.89 0.24
N GLN A 23 -16.86 7.17 1.27
CA GLN A 23 -16.50 8.55 1.63
C GLN A 23 -15.14 8.97 1.06
N ILE A 24 -14.52 8.10 0.25
CA ILE A 24 -13.21 8.40 -0.34
C ILE A 24 -13.36 8.77 -1.82
N SER A 25 -12.93 9.98 -2.19
CA SER A 25 -13.05 10.47 -3.57
C SER A 25 -11.93 9.93 -4.46
N SER A 26 -12.19 9.90 -5.78
CA SER A 26 -11.18 9.42 -6.75
C SER A 26 -9.90 10.26 -6.67
N SER A 27 -10.03 11.50 -6.21
CA SER A 27 -8.86 12.37 -5.97
C SER A 27 -7.92 11.73 -4.94
N ASP A 28 -8.49 11.28 -3.82
CA ASP A 28 -7.74 10.59 -2.79
C ASP A 28 -7.14 9.28 -3.33
N ILE A 29 -7.96 8.55 -4.10
CA ILE A 29 -7.53 7.30 -4.74
C ILE A 29 -6.28 7.53 -5.63
N THR A 30 -6.34 8.56 -6.47
CA THR A 30 -5.24 8.89 -7.38
C THR A 30 -3.96 9.28 -6.62
N ASN A 31 -4.09 10.20 -5.67
CA ASN A 31 -2.95 10.67 -4.86
C ASN A 31 -2.22 9.50 -4.16
N ILE A 32 -2.98 8.61 -3.55
CA ILE A 32 -2.41 7.42 -2.90
C ILE A 32 -1.72 6.51 -3.92
N GLN A 33 -2.44 6.14 -4.97
CA GLN A 33 -1.92 5.23 -5.99
C GLN A 33 -0.65 5.79 -6.67
N ALA A 34 -0.59 7.11 -6.82
CA ALA A 34 0.60 7.77 -7.38
C ALA A 34 1.86 7.43 -6.57
N ALA A 35 1.79 7.62 -5.26
CA ALA A 35 2.90 7.29 -4.36
C ALA A 35 3.22 5.78 -4.41
N ILE A 36 2.18 4.96 -4.50
CA ILE A 36 2.31 3.51 -4.65
C ILE A 36 3.04 3.15 -5.97
N ASP A 37 2.71 3.89 -7.02
CA ASP A 37 3.25 3.64 -8.36
C ASP A 37 4.77 3.96 -8.41
N ASP A 38 5.21 4.97 -7.66
CA ASP A 38 6.65 5.28 -7.54
C ASP A 38 7.43 4.11 -6.90
N VAL A 39 6.92 3.59 -5.77
CA VAL A 39 7.50 2.41 -5.13
C VAL A 39 7.57 1.23 -6.12
N LYS A 40 6.48 1.07 -6.88
CA LYS A 40 6.39 0.08 -7.95
C LYS A 40 7.41 0.34 -9.07
N ALA A 41 7.64 1.63 -9.38
CA ALA A 41 8.60 2.02 -10.42
C ALA A 41 10.06 1.84 -9.95
N SER A 42 10.28 1.90 -8.64
CA SER A 42 11.63 1.75 -8.07
C SER A 42 11.94 0.31 -7.66
N GLU A 43 11.32 -0.13 -6.57
CA GLU A 43 11.66 -1.44 -5.96
C GLU A 43 10.71 -2.56 -6.44
N GLN A 44 9.86 -2.25 -7.42
CA GLN A 44 8.84 -3.20 -7.91
C GLN A 44 7.92 -3.70 -6.78
N LYS A 45 7.94 -2.98 -5.65
CA LYS A 45 7.11 -3.32 -4.50
C LYS A 45 5.67 -2.80 -4.70
N VAL A 46 4.71 -3.73 -4.79
CA VAL A 46 3.32 -3.38 -5.10
C VAL A 46 2.47 -3.26 -3.83
N ILE A 47 2.06 -2.04 -3.50
CA ILE A 47 1.15 -1.80 -2.37
C ILE A 47 -0.32 -1.88 -2.81
N PHE A 48 -1.15 -2.46 -1.95
CA PHE A 48 -2.58 -2.60 -2.19
C PHE A 48 -3.39 -2.10 -0.98
N VAL A 49 -4.06 -0.97 -1.14
CA VAL A 49 -4.79 -0.34 -0.03
C VAL A 49 -6.31 -0.46 -0.21
N VAL A 50 -7.03 -0.68 0.88
CA VAL A 50 -8.49 -0.65 0.84
C VAL A 50 -9.07 0.12 2.04
N PHE A 51 -10.19 0.79 1.82
CA PHE A 51 -10.91 1.46 2.90
C PHE A 51 -12.17 0.67 3.28
N LEU A 52 -12.08 -0.08 4.39
CA LEU A 52 -13.18 -0.90 4.88
C LEU A 52 -14.10 -0.10 5.81
N SER A 53 -15.35 -0.55 5.94
CA SER A 53 -16.30 0.05 6.88
C SER A 53 -16.09 -0.52 8.29
N SER A 54 -16.00 -1.84 8.39
CA SER A 54 -15.76 -2.51 9.68
C SER A 54 -15.13 -3.90 9.50
N PHE A 55 -14.21 -4.26 10.41
CA PHE A 55 -13.62 -5.60 10.42
C PHE A 55 -14.55 -6.61 11.14
N ASP A 56 -15.52 -6.07 11.90
CA ASP A 56 -16.50 -6.89 12.63
C ASP A 56 -15.84 -7.74 13.73
N GLY A 57 -15.32 -8.89 13.36
CA GLY A 57 -14.69 -9.80 14.34
C GLY A 57 -13.31 -10.26 13.92
N VAL A 58 -12.88 -9.89 12.72
CA VAL A 58 -11.58 -10.30 12.20
C VAL A 58 -10.49 -9.31 12.61
N ASP A 59 -9.46 -9.80 13.30
CA ASP A 59 -8.34 -8.96 13.72
C ASP A 59 -7.72 -8.21 12.53
N PRO A 60 -7.60 -6.86 12.63
CA PRO A 60 -7.10 -6.01 11.53
C PRO A 60 -5.84 -6.57 10.84
N GLU A 61 -4.91 -7.12 11.62
CA GLU A 61 -3.71 -7.75 11.06
C GLU A 61 -4.06 -9.05 10.33
N THR A 62 -4.84 -9.91 10.97
CA THR A 62 -5.22 -11.22 10.41
C THR A 62 -5.95 -11.08 9.07
N TRP A 63 -6.93 -10.17 9.02
CA TRP A 63 -7.65 -9.86 7.78
C TRP A 63 -6.66 -9.55 6.66
N THR A 64 -5.71 -8.68 6.96
CA THR A 64 -4.70 -8.24 6.00
C THR A 64 -3.82 -9.41 5.55
N GLN A 65 -3.45 -10.28 6.48
CA GLN A 65 -2.71 -11.51 6.15
C GLN A 65 -3.50 -12.38 5.16
N GLN A 66 -4.79 -12.58 5.43
CA GLN A 66 -5.67 -13.34 4.52
C GLN A 66 -5.64 -12.75 3.10
N ALA A 67 -5.84 -11.44 3.00
CA ALA A 67 -5.77 -10.74 1.71
C ALA A 67 -4.41 -10.90 1.05
N LEU A 68 -3.34 -10.93 1.86
CA LEU A 68 -1.99 -11.16 1.35
C LEU A 68 -1.84 -12.58 0.80
N GLN A 69 -2.42 -13.56 1.49
CA GLN A 69 -2.37 -14.96 1.06
C GLN A 69 -3.02 -15.13 -0.33
N ALA A 70 -4.07 -14.35 -0.59
CA ALA A 70 -4.72 -14.33 -1.91
C ALA A 70 -3.78 -13.80 -3.00
N ASN A 71 -2.82 -12.97 -2.59
CA ASN A 71 -1.82 -12.42 -3.52
C ASN A 71 -0.47 -13.15 -3.41
N GLY A 72 -0.43 -14.21 -2.59
CA GLY A 72 0.81 -14.93 -2.34
C GLY A 72 1.77 -14.16 -1.43
N GLY A 73 2.24 -13.00 -1.91
CA GLY A 73 3.11 -12.17 -1.11
C GLY A 73 4.30 -11.63 -1.91
N GLY A 74 5.51 -12.02 -1.53
CA GLY A 74 6.71 -11.57 -2.21
C GLY A 74 6.90 -10.05 -2.15
N ASN A 75 6.48 -9.36 -3.20
CA ASN A 75 6.63 -7.89 -3.31
C ASN A 75 5.34 -7.16 -2.92
N VAL A 76 4.24 -7.92 -2.74
CA VAL A 76 2.94 -7.34 -2.41
C VAL A 76 2.83 -6.92 -0.94
N LEU A 77 2.18 -5.78 -0.70
CA LEU A 77 1.83 -5.33 0.65
C LEU A 77 0.36 -4.91 0.72
N ILE A 78 -0.43 -5.60 1.52
CA ILE A 78 -1.84 -5.26 1.71
C ILE A 78 -2.03 -4.26 2.87
N TYR A 79 -2.87 -3.25 2.68
CA TYR A 79 -3.20 -2.28 3.72
C TYR A 79 -4.72 -2.06 3.80
N ALA A 80 -5.35 -2.63 4.82
CA ALA A 80 -6.79 -2.49 5.03
C ALA A 80 -7.10 -1.49 6.15
N LEU A 81 -7.76 -0.39 5.83
CA LEU A 81 -8.07 0.66 6.81
C LEU A 81 -9.59 0.80 7.03
N ALA A 82 -10.02 0.73 8.30
CA ALA A 82 -11.41 0.98 8.67
C ALA A 82 -11.55 2.29 9.45
N PRO A 83 -11.75 3.42 8.75
CA PRO A 83 -11.84 4.76 9.38
C PRO A 83 -12.90 4.82 10.50
N GLU A 84 -14.00 4.11 10.31
CA GLU A 84 -15.11 4.10 11.28
C GLU A 84 -14.65 3.55 12.65
N GLU A 85 -13.90 2.44 12.61
CA GLU A 85 -13.42 1.78 13.85
C GLU A 85 -11.99 2.22 14.19
N ARG A 86 -11.41 3.07 13.35
CA ARG A 86 -10.01 3.52 13.50
C ARG A 86 -9.01 2.34 13.58
N GLN A 87 -9.37 1.24 12.91
CA GLN A 87 -8.49 0.05 12.84
C GLN A 87 -7.83 -0.05 11.47
N TYR A 88 -6.68 -0.71 11.41
CA TYR A 88 -5.97 -0.91 10.14
C TYR A 88 -4.97 -2.07 10.24
N GLY A 89 -4.72 -2.72 9.11
CA GLY A 89 -3.75 -3.81 9.06
C GLY A 89 -2.74 -3.65 7.94
N ILE A 90 -1.47 -3.88 8.24
CA ILE A 90 -0.40 -3.78 7.24
C ILE A 90 0.44 -5.07 7.22
N GLN A 91 0.49 -5.74 6.06
CA GLN A 91 1.24 -7.00 5.92
C GLN A 91 1.92 -7.10 4.54
N GLY A 92 3.22 -7.37 4.55
CA GLY A 92 3.98 -7.56 3.32
C GLY A 92 4.40 -9.01 3.12
N GLY A 93 4.67 -9.38 1.87
CA GLY A 93 5.03 -10.77 1.56
C GLY A 93 6.39 -11.20 2.12
N THR A 94 7.45 -11.02 1.32
CA THR A 94 8.80 -11.44 1.71
C THR A 94 9.81 -10.29 1.62
N GLN A 95 9.70 -9.49 0.56
CA GLN A 95 10.59 -8.34 0.36
C GLN A 95 10.27 -7.18 1.31
N TRP A 96 9.22 -7.33 2.11
CA TRP A 96 8.88 -6.36 3.15
C TRP A 96 9.33 -6.85 4.53
N THR A 97 10.49 -6.38 4.98
CA THR A 97 11.05 -6.79 6.26
C THR A 97 10.31 -6.16 7.44
N ASP A 98 10.56 -6.65 8.64
CA ASP A 98 9.95 -6.10 9.86
C ASP A 98 10.25 -4.59 9.97
N ALA A 99 11.45 -4.20 9.54
CA ALA A 99 11.84 -2.78 9.51
C ALA A 99 10.99 -1.99 8.49
N GLU A 100 10.84 -2.54 7.28
CA GLU A 100 10.00 -1.93 6.24
C GLU A 100 8.56 -1.71 6.75
N LEU A 101 8.00 -2.74 7.37
CA LEU A 101 6.64 -2.69 7.89
C LEU A 101 6.51 -1.70 9.07
N ASP A 102 7.55 -1.62 9.90
CA ASP A 102 7.58 -0.69 11.03
C ASP A 102 7.54 0.77 10.55
N ALA A 103 8.41 1.11 9.59
CA ALA A 103 8.42 2.45 9.00
C ALA A 103 7.06 2.81 8.39
N ALA A 104 6.44 1.82 7.74
CA ALA A 104 5.13 2.01 7.09
C ALA A 104 4.00 2.26 8.10
N ASN A 105 3.86 1.39 9.11
CA ASN A 105 2.76 1.53 10.09
C ASN A 105 2.91 2.79 10.95
N ASN A 106 4.15 3.16 11.26
CA ASN A 106 4.43 4.41 11.96
C ASN A 106 4.04 5.63 11.11
N ALA A 107 4.38 5.61 9.82
CA ALA A 107 4.00 6.67 8.90
C ALA A 107 2.47 6.78 8.78
N ALA A 108 1.81 5.64 8.62
CA ALA A 108 0.35 5.58 8.51
C ALA A 108 -0.35 6.10 9.78
N PHE A 109 0.09 5.60 10.94
CA PHE A 109 -0.53 5.95 12.23
C PHE A 109 -0.50 7.47 12.48
N GLN A 110 0.62 8.11 12.15
CA GLN A 110 0.75 9.57 12.32
C GLN A 110 -0.38 10.33 11.60
N ALA A 111 -0.73 9.88 10.40
CA ALA A 111 -1.84 10.47 9.65
C ALA A 111 -3.19 10.05 10.26
N LEU A 112 -3.29 8.79 10.68
CA LEU A 112 -4.52 8.26 11.28
C LEU A 112 -4.86 8.96 12.61
N SER A 113 -3.84 9.42 13.33
CA SER A 113 -4.04 10.15 14.59
C SER A 113 -4.69 11.51 14.30
N GLN A 114 -4.30 12.10 13.17
CA GLN A 114 -4.90 13.34 12.68
C GLN A 114 -6.13 13.06 11.80
N GLU A 115 -6.50 11.77 11.72
CA GLU A 115 -7.67 11.31 10.97
C GLU A 115 -7.55 11.54 9.45
N ASP A 116 -6.31 11.71 8.96
CA ASP A 116 -6.07 11.72 7.52
C ASP A 116 -6.08 10.28 6.98
N TRP A 117 -7.28 9.71 6.88
CA TRP A 117 -7.44 8.30 6.49
C TRP A 117 -6.75 8.00 5.15
N ALA A 118 -7.01 8.82 4.14
CA ALA A 118 -6.36 8.67 2.83
C ALA A 118 -4.86 8.97 2.90
N GLY A 119 -4.49 9.92 3.77
CA GLY A 119 -3.09 10.30 3.92
C GLY A 119 -2.21 9.19 4.47
N SER A 120 -2.79 8.30 5.29
CA SER A 120 -2.04 7.18 5.88
C SER A 120 -1.46 6.26 4.80
N ALA A 121 -2.31 5.84 3.87
CA ALA A 121 -1.89 4.99 2.75
C ALA A 121 -0.79 5.66 1.91
N LEU A 122 -0.95 6.96 1.68
CA LEU A 122 0.05 7.76 0.97
C LEU A 122 1.39 7.72 1.72
N ALA A 123 1.35 7.97 3.04
CA ALA A 123 2.55 7.95 3.88
C ALA A 123 3.21 6.56 3.88
N LEU A 124 2.38 5.50 3.85
CA LEU A 124 2.88 4.12 3.79
C LEU A 124 3.83 3.93 2.60
N ALA A 125 3.37 4.33 1.40
CA ALA A 125 4.18 4.23 0.19
C ALA A 125 5.44 5.11 0.28
N GLU A 126 5.26 6.36 0.72
CA GLU A 126 6.36 7.31 0.86
C GLU A 126 7.43 6.84 1.87
N SER A 127 7.06 5.92 2.75
CA SER A 127 8.00 5.33 3.71
C SER A 127 9.17 4.64 3.00
N VAL A 128 8.90 4.12 1.80
CA VAL A 128 9.94 3.47 0.99
C VAL A 128 10.94 4.50 0.43
N GLY A 129 10.41 5.51 -0.27
CA GLY A 129 11.23 6.61 -0.82
C GLY A 129 12.53 6.15 -1.45
N SER A 130 12.45 5.34 -2.49
CA SER A 130 13.64 4.74 -3.11
C SER A 130 13.86 5.24 -4.55
N SER A 131 15.00 4.85 -5.14
CA SER A 131 15.35 5.25 -6.52
C SER A 131 15.95 4.08 -7.31
N SER A 132 15.12 3.44 -8.13
CA SER A 132 15.55 2.37 -9.03
C SER A 132 14.71 2.36 -10.31
N SER A 133 15.02 1.46 -11.24
CA SER A 133 14.30 1.39 -12.52
C SER A 133 13.47 0.10 -12.65
N SER A 134 12.28 0.23 -13.26
CA SER A 134 11.43 -0.92 -13.61
C SER A 134 11.21 -1.01 -15.12
N SER A 135 10.45 -2.01 -15.56
CA SER A 135 10.09 -2.16 -16.97
C SER A 135 8.68 -2.75 -17.13
N SER A 136 8.54 -4.04 -16.84
CA SER A 136 7.23 -4.74 -16.89
C SER A 136 6.52 -4.58 -18.23
N GLY A 137 6.78 -5.50 -19.16
CA GLY A 137 6.16 -5.44 -20.48
C GLY A 137 4.86 -6.23 -20.58
N SER A 138 3.73 -5.59 -20.28
CA SER A 138 2.42 -6.23 -20.38
C SER A 138 1.30 -5.22 -20.63
N SER A 139 0.25 -5.66 -21.32
CA SER A 139 -0.92 -4.81 -21.57
C SER A 139 -2.22 -5.61 -21.42
N SER A 140 -2.84 -5.50 -20.25
CA SER A 140 -4.09 -6.22 -19.95
C SER A 140 -5.16 -5.26 -19.39
N LEU A 141 -5.97 -4.72 -20.28
CA LEU A 141 -7.04 -3.78 -19.91
C LEU A 141 -8.42 -4.43 -20.08
N GLU A 142 -9.26 -4.38 -19.04
CA GLU A 142 -10.62 -4.92 -19.11
C GLU A 142 -11.66 -3.78 -19.17
N HIS A 143 -12.40 -3.71 -20.25
CA HIS A 143 -13.45 -2.71 -20.40
C HIS A 143 -14.81 -3.36 -20.74
N HIS A 144 -15.66 -3.49 -19.73
CA HIS A 144 -16.99 -4.07 -19.87
C HIS A 144 -17.97 -3.46 -18.85
N HIS A 145 -18.82 -2.56 -19.33
CA HIS A 145 -19.72 -1.80 -18.45
C HIS A 145 -21.14 -2.39 -18.44
N HIS A 146 -22.06 -1.67 -17.79
CA HIS A 146 -23.50 -1.96 -17.84
C HIS A 146 -24.24 -0.74 -18.39
N HIS A 147 -25.48 -0.93 -18.85
CA HIS A 147 -26.29 0.18 -19.32
C HIS A 147 -27.48 0.46 -18.37
N HIS A 148 -27.72 -0.49 -17.46
CA HIS A 148 -28.74 -0.32 -16.41
C HIS A 148 -28.23 -0.84 -15.04
N THR A 1 18.48 -19.77 -17.35
CA THR A 1 18.50 -21.04 -16.57
C THR A 1 17.70 -20.88 -15.26
N GLU A 2 17.75 -21.88 -14.36
CA GLU A 2 17.01 -21.82 -13.10
C GLU A 2 17.46 -20.64 -12.22
N THR A 3 16.71 -19.55 -12.25
CA THR A 3 16.99 -18.39 -11.40
C THR A 3 15.77 -17.47 -11.26
N TYR A 4 15.05 -17.26 -12.37
CA TYR A 4 13.87 -16.39 -12.37
C TYR A 4 12.57 -17.21 -12.42
N VAL A 5 11.59 -16.80 -11.60
CA VAL A 5 10.25 -17.43 -11.60
C VAL A 5 9.24 -16.56 -12.36
N LEU A 6 9.71 -15.87 -13.39
CA LEU A 6 8.89 -14.92 -14.17
C LEU A 6 8.41 -13.75 -13.31
N ALA A 7 9.26 -12.73 -13.19
CA ALA A 7 8.94 -11.54 -12.39
C ALA A 7 8.12 -10.53 -13.19
N GLU A 8 7.59 -9.53 -12.47
CA GLU A 8 6.75 -8.48 -13.07
C GLU A 8 5.45 -9.06 -13.67
N SER A 9 4.69 -8.22 -14.36
CA SER A 9 3.41 -8.61 -14.98
C SER A 9 2.41 -9.19 -13.95
N PRO A 10 1.79 -8.33 -13.12
CA PRO A 10 0.77 -8.78 -12.15
C PRO A 10 -0.58 -9.13 -12.81
N GLU A 11 -1.22 -8.14 -13.45
CA GLU A 11 -2.45 -8.35 -14.24
C GLU A 11 -3.70 -8.61 -13.39
N PHE A 12 -3.53 -9.27 -12.26
CA PHE A 12 -4.68 -9.76 -11.47
C PHE A 12 -5.53 -8.64 -10.84
N TYR A 13 -5.19 -7.38 -11.10
CA TYR A 13 -5.93 -6.25 -10.53
C TYR A 13 -5.90 -5.02 -11.46
N GLN A 14 -6.95 -4.19 -11.37
CA GLN A 14 -7.00 -2.92 -12.10
C GLN A 14 -6.20 -1.84 -11.37
N ASP A 15 -6.60 -1.58 -10.13
CA ASP A 15 -5.96 -0.55 -9.30
C ASP A 15 -5.38 -1.15 -8.01
N ASN A 16 -4.52 -0.37 -7.35
CA ASN A 16 -3.92 -0.77 -6.07
C ASN A 16 -4.72 -0.22 -4.88
N VAL A 17 -5.81 0.47 -5.16
CA VAL A 17 -6.68 1.04 -4.12
C VAL A 17 -8.15 0.67 -4.36
N THR A 18 -8.83 0.23 -3.32
CA THR A 18 -10.28 -0.09 -3.40
C THR A 18 -10.98 0.28 -2.09
N ASP A 19 -11.86 1.27 -2.15
CA ASP A 19 -12.62 1.68 -0.98
C ASP A 19 -14.08 1.21 -1.08
N TYR A 20 -14.66 0.83 0.06
CA TYR A 20 -16.05 0.43 0.14
C TYR A 20 -16.85 1.45 0.96
N THR A 21 -16.30 2.65 1.10
CA THR A 21 -16.88 3.69 1.97
C THR A 21 -17.68 4.72 1.17
N GLY A 22 -17.16 5.12 0.01
CA GLY A 22 -17.73 6.22 -0.75
C GLY A 22 -17.45 7.58 -0.11
N GLN A 23 -16.58 7.58 0.90
CA GLN A 23 -16.24 8.81 1.65
C GLN A 23 -14.94 9.42 1.12
N ILE A 24 -13.97 8.56 0.82
CA ILE A 24 -12.67 9.01 0.32
C ILE A 24 -12.79 9.66 -1.07
N SER A 25 -12.29 10.88 -1.23
CA SER A 25 -12.38 11.60 -2.50
C SER A 25 -11.57 10.90 -3.60
N SER A 26 -12.10 10.93 -4.82
CA SER A 26 -11.42 10.31 -5.96
C SER A 26 -10.01 10.89 -6.15
N SER A 27 -9.81 12.12 -5.71
CA SER A 27 -8.48 12.75 -5.73
C SER A 27 -7.51 12.01 -4.81
N ASP A 28 -7.94 11.73 -3.57
CA ASP A 28 -7.10 11.03 -2.60
C ASP A 28 -6.64 9.68 -3.18
N ILE A 29 -7.60 8.90 -3.66
CA ILE A 29 -7.34 7.60 -4.27
C ILE A 29 -6.28 7.69 -5.38
N THR A 30 -6.42 8.71 -6.23
CA THR A 30 -5.47 8.95 -7.32
C THR A 30 -4.04 9.18 -6.80
N ASN A 31 -3.89 10.07 -5.82
CA ASN A 31 -2.56 10.38 -5.25
C ASN A 31 -1.95 9.16 -4.54
N ILE A 32 -2.78 8.41 -3.82
CA ILE A 32 -2.32 7.18 -3.14
C ILE A 32 -1.73 6.19 -4.16
N GLN A 33 -2.49 5.89 -5.21
CA GLN A 33 -2.02 4.99 -6.27
C GLN A 33 -0.77 5.52 -6.97
N ALA A 34 -0.73 6.82 -7.24
CA ALA A 34 0.45 7.46 -7.85
C ALA A 34 1.73 7.13 -7.08
N ALA A 35 1.69 7.36 -5.76
CA ALA A 35 2.82 7.02 -4.88
C ALA A 35 3.12 5.51 -4.90
N ILE A 36 2.06 4.70 -4.86
CA ILE A 36 2.21 3.24 -4.90
C ILE A 36 2.93 2.77 -6.19
N ASP A 37 2.62 3.40 -7.32
CA ASP A 37 3.22 3.01 -8.60
C ASP A 37 4.73 3.28 -8.64
N ASP A 38 5.16 4.37 -8.02
CA ASP A 38 6.60 4.64 -7.86
C ASP A 38 7.27 3.52 -7.05
N VAL A 39 6.59 3.06 -6.00
CA VAL A 39 7.06 1.92 -5.21
C VAL A 39 7.11 0.62 -6.05
N LYS A 40 6.06 0.42 -6.86
CA LYS A 40 5.97 -0.74 -7.76
C LYS A 40 7.12 -0.73 -8.80
N ALA A 41 7.49 0.46 -9.24
CA ALA A 41 8.53 0.63 -10.26
C ALA A 41 9.96 0.59 -9.66
N SER A 42 10.29 1.59 -8.85
CA SER A 42 11.66 1.76 -8.33
C SER A 42 11.96 0.81 -7.16
N GLU A 43 11.03 0.71 -6.22
CA GLU A 43 11.22 -0.15 -5.04
C GLU A 43 10.97 -1.63 -5.34
N GLN A 44 10.38 -1.92 -6.51
CA GLN A 44 10.04 -3.29 -6.91
C GLN A 44 9.05 -3.91 -5.90
N LYS A 45 8.27 -3.05 -5.24
CA LYS A 45 7.35 -3.48 -4.19
C LYS A 45 5.90 -3.04 -4.51
N VAL A 46 4.96 -3.99 -4.47
CA VAL A 46 3.58 -3.71 -4.83
C VAL A 46 2.68 -3.51 -3.59
N ILE A 47 2.36 -2.25 -3.30
CA ILE A 47 1.51 -1.90 -2.15
C ILE A 47 0.02 -1.89 -2.53
N PHE A 48 -0.84 -2.22 -1.58
CA PHE A 48 -2.29 -2.25 -1.78
C PHE A 48 -3.02 -1.53 -0.63
N VAL A 49 -4.11 -0.84 -0.96
CA VAL A 49 -4.90 -0.11 0.05
C VAL A 49 -6.40 -0.40 -0.10
N VAL A 50 -7.02 -0.91 0.98
CA VAL A 50 -8.46 -1.22 0.98
C VAL A 50 -9.19 -0.52 2.14
N PHE A 51 -10.08 0.42 1.82
CA PHE A 51 -10.86 1.13 2.84
C PHE A 51 -12.17 0.38 3.15
N LEU A 52 -12.20 -0.33 4.27
CA LEU A 52 -13.38 -1.09 4.69
C LEU A 52 -14.29 -0.27 5.63
N SER A 53 -15.44 -0.84 5.98
CA SER A 53 -16.37 -0.20 6.92
C SER A 53 -16.28 -0.83 8.31
N SER A 54 -16.40 -2.15 8.37
CA SER A 54 -16.46 -2.89 9.65
C SER A 54 -15.33 -3.92 9.77
N PHE A 55 -14.51 -4.03 8.73
CA PHE A 55 -13.46 -5.07 8.65
C PHE A 55 -14.10 -6.47 8.59
N ASP A 56 -15.37 -6.52 8.19
CA ASP A 56 -16.12 -7.77 8.04
C ASP A 56 -16.31 -8.49 9.39
N GLY A 57 -15.93 -7.82 10.49
CA GLY A 57 -15.99 -8.43 11.82
C GLY A 57 -14.76 -9.27 12.14
N VAL A 58 -13.71 -9.13 11.34
CA VAL A 58 -12.45 -9.85 11.53
C VAL A 58 -11.35 -8.93 12.11
N ASP A 59 -10.42 -9.49 12.86
CA ASP A 59 -9.29 -8.71 13.41
C ASP A 59 -8.54 -7.98 12.28
N PRO A 60 -8.26 -6.68 12.46
CA PRO A 60 -7.66 -5.82 11.42
C PRO A 60 -6.49 -6.47 10.65
N GLU A 61 -5.47 -6.91 11.38
CA GLU A 61 -4.28 -7.49 10.75
C GLU A 61 -4.53 -8.92 10.23
N THR A 62 -5.47 -9.64 10.86
CA THR A 62 -5.86 -10.98 10.40
C THR A 62 -6.54 -10.92 9.02
N TRP A 63 -7.42 -9.94 8.86
CA TRP A 63 -8.04 -9.68 7.56
C TRP A 63 -6.98 -9.39 6.51
N THR A 64 -6.05 -8.51 6.85
CA THR A 64 -4.99 -8.06 5.95
C THR A 64 -4.12 -9.23 5.47
N GLN A 65 -3.77 -10.13 6.41
CA GLN A 65 -3.01 -11.34 6.09
C GLN A 65 -3.72 -12.20 5.03
N GLN A 66 -5.02 -12.41 5.21
CA GLN A 66 -5.81 -13.24 4.27
C GLN A 66 -5.67 -12.73 2.82
N ALA A 67 -5.77 -11.42 2.62
CA ALA A 67 -5.60 -10.81 1.30
C ALA A 67 -4.19 -11.07 0.74
N LEU A 68 -3.18 -10.92 1.59
CA LEU A 68 -1.79 -11.16 1.19
C LEU A 68 -1.57 -12.63 0.80
N GLN A 69 -2.15 -13.55 1.57
CA GLN A 69 -2.06 -14.99 1.29
C GLN A 69 -2.63 -15.32 -0.10
N ALA A 70 -3.73 -14.67 -0.46
CA ALA A 70 -4.35 -14.83 -1.78
C ALA A 70 -3.40 -14.37 -2.90
N ASN A 71 -2.63 -13.31 -2.62
CA ASN A 71 -1.64 -12.79 -3.57
C ASN A 71 -0.37 -13.67 -3.59
N GLY A 72 -0.06 -14.30 -2.46
CA GLY A 72 1.13 -15.13 -2.35
C GLY A 72 2.28 -14.41 -1.64
N GLY A 73 2.00 -13.23 -1.09
CA GLY A 73 3.03 -12.45 -0.41
C GLY A 73 4.07 -11.86 -1.36
N GLY A 74 5.24 -12.52 -1.44
CA GLY A 74 6.32 -12.02 -2.31
C GLY A 74 6.72 -10.58 -2.01
N ASN A 75 6.52 -9.69 -2.99
CA ASN A 75 6.85 -8.26 -2.84
C ASN A 75 5.60 -7.41 -2.57
N VAL A 76 4.49 -8.07 -2.25
CA VAL A 76 3.21 -7.39 -2.03
C VAL A 76 3.06 -6.91 -0.57
N LEU A 77 2.40 -5.77 -0.39
CA LEU A 77 2.04 -5.25 0.94
C LEU A 77 0.58 -4.80 0.96
N ILE A 78 -0.24 -5.46 1.77
CA ILE A 78 -1.65 -5.09 1.91
C ILE A 78 -1.85 -4.11 3.09
N TYR A 79 -2.59 -3.03 2.84
CA TYR A 79 -2.99 -2.10 3.89
C TYR A 79 -4.51 -1.95 3.94
N ALA A 80 -5.13 -2.55 4.95
CA ALA A 80 -6.58 -2.44 5.14
C ALA A 80 -6.91 -1.40 6.22
N LEU A 81 -7.96 -0.61 5.99
CA LEU A 81 -8.33 0.46 6.93
C LEU A 81 -9.85 0.62 7.00
N ALA A 82 -10.39 0.59 8.22
CA ALA A 82 -11.81 0.83 8.44
C ALA A 82 -12.02 2.12 9.24
N PRO A 83 -12.15 3.29 8.55
CA PRO A 83 -12.28 4.60 9.20
C PRO A 83 -13.39 4.62 10.26
N GLU A 84 -14.51 3.97 9.97
CA GLU A 84 -15.66 3.93 10.89
C GLU A 84 -15.33 3.15 12.18
N GLU A 85 -14.49 2.12 12.04
CA GLU A 85 -14.03 1.33 13.20
C GLU A 85 -12.71 1.88 13.77
N ARG A 86 -12.11 2.83 13.04
CA ARG A 86 -10.77 3.37 13.35
C ARG A 86 -9.72 2.24 13.46
N GLN A 87 -9.94 1.16 12.72
CA GLN A 87 -9.03 0.00 12.70
C GLN A 87 -8.21 -0.03 11.42
N TYR A 88 -7.03 -0.63 11.48
CA TYR A 88 -6.19 -0.79 10.29
C TYR A 88 -5.27 -2.01 10.42
N GLY A 89 -4.84 -2.55 9.29
CA GLY A 89 -3.93 -3.68 9.28
C GLY A 89 -2.89 -3.58 8.17
N ILE A 90 -1.62 -3.71 8.55
CA ILE A 90 -0.51 -3.66 7.58
C ILE A 90 0.25 -4.99 7.55
N GLN A 91 0.31 -5.63 6.39
CA GLN A 91 1.05 -6.89 6.23
C GLN A 91 1.83 -6.93 4.90
N GLY A 92 3.13 -7.20 5.00
CA GLY A 92 3.98 -7.26 3.82
C GLY A 92 4.47 -8.67 3.51
N GLY A 93 4.92 -8.89 2.27
CA GLY A 93 5.39 -10.21 1.87
C GLY A 93 6.84 -10.50 2.25
N THR A 94 7.44 -11.48 1.59
CA THR A 94 8.81 -11.93 1.89
C THR A 94 9.85 -10.84 1.60
N GLN A 95 9.61 -10.06 0.56
CA GLN A 95 10.52 -8.97 0.16
C GLN A 95 10.36 -7.74 1.05
N TRP A 96 9.57 -7.85 2.11
CA TRP A 96 9.40 -6.77 3.09
C TRP A 96 10.03 -7.12 4.44
N THR A 97 11.06 -6.38 4.83
CA THR A 97 11.76 -6.62 6.11
C THR A 97 11.07 -5.89 7.26
N ASP A 98 11.46 -6.22 8.49
CA ASP A 98 10.92 -5.55 9.68
C ASP A 98 11.18 -4.03 9.63
N ALA A 99 12.34 -3.65 9.07
CA ALA A 99 12.68 -2.24 8.87
C ALA A 99 11.74 -1.57 7.85
N GLU A 100 11.53 -2.25 6.71
CA GLU A 100 10.62 -1.73 5.67
C GLU A 100 9.18 -1.57 6.21
N LEU A 101 8.68 -2.61 6.88
CA LEU A 101 7.34 -2.57 7.47
C LEU A 101 7.24 -1.50 8.57
N ASP A 102 8.32 -1.32 9.34
CA ASP A 102 8.34 -0.31 10.41
C ASP A 102 8.07 1.10 9.86
N ALA A 103 8.80 1.47 8.82
CA ALA A 103 8.60 2.78 8.16
C ALA A 103 7.13 2.95 7.70
N ALA A 104 6.53 1.87 7.21
CA ALA A 104 5.13 1.87 6.79
C ALA A 104 4.18 2.13 7.98
N ASN A 105 4.31 1.32 9.03
CA ASN A 105 3.47 1.46 10.23
C ASN A 105 3.58 2.86 10.86
N ASN A 106 4.81 3.36 11.00
CA ASN A 106 5.05 4.69 11.58
C ASN A 106 4.33 5.80 10.82
N ALA A 107 4.59 5.91 9.52
CA ALA A 107 3.98 6.98 8.70
C ALA A 107 2.45 6.83 8.62
N ALA A 108 1.97 5.60 8.43
CA ALA A 108 0.53 5.32 8.36
C ALA A 108 -0.18 5.73 9.66
N PHE A 109 0.30 5.19 10.79
CA PHE A 109 -0.30 5.50 12.10
C PHE A 109 -0.23 7.00 12.41
N GLN A 110 0.87 7.63 12.03
CA GLN A 110 1.08 9.06 12.22
C GLN A 110 -0.10 9.87 11.66
N ALA A 111 -0.54 9.54 10.45
CA ALA A 111 -1.71 10.18 9.84
C ALA A 111 -3.01 9.73 10.52
N LEU A 112 -3.09 8.44 10.86
CA LEU A 112 -4.28 7.87 11.52
C LEU A 112 -4.58 8.53 12.88
N SER A 113 -3.52 8.87 13.62
CA SER A 113 -3.68 9.55 14.93
C SER A 113 -4.26 10.95 14.73
N GLN A 114 -4.14 11.46 13.51
CA GLN A 114 -4.68 12.77 13.13
C GLN A 114 -5.96 12.62 12.29
N GLU A 115 -6.46 11.38 12.20
CA GLU A 115 -7.71 11.06 11.48
C GLU A 115 -7.60 11.26 9.94
N ASP A 116 -6.37 11.29 9.41
CA ASP A 116 -6.18 11.34 7.96
C ASP A 116 -6.23 9.91 7.37
N TRP A 117 -7.45 9.43 7.13
CA TRP A 117 -7.65 8.06 6.65
C TRP A 117 -7.02 7.83 5.27
N ALA A 118 -7.26 8.75 4.34
CA ALA A 118 -6.64 8.67 3.02
C ALA A 118 -5.14 9.02 3.08
N GLY A 119 -4.81 9.96 3.97
CA GLY A 119 -3.42 10.40 4.13
C GLY A 119 -2.50 9.30 4.66
N SER A 120 -3.04 8.40 5.48
CA SER A 120 -2.25 7.28 6.03
C SER A 120 -1.70 6.39 4.92
N ALA A 121 -2.60 5.94 4.05
CA ALA A 121 -2.23 5.13 2.89
C ALA A 121 -1.20 5.85 1.99
N LEU A 122 -1.46 7.13 1.72
CA LEU A 122 -0.57 7.95 0.92
C LEU A 122 0.83 8.02 1.57
N ALA A 123 0.87 8.38 2.86
CA ALA A 123 2.13 8.47 3.62
C ALA A 123 2.85 7.11 3.69
N LEU A 124 2.08 6.03 3.76
CA LEU A 124 2.64 4.68 3.80
C LEU A 124 3.49 4.41 2.54
N ALA A 125 2.92 4.72 1.37
CA ALA A 125 3.64 4.55 0.10
C ALA A 125 4.85 5.50 0.00
N GLU A 126 4.60 6.79 0.26
CA GLU A 126 5.66 7.81 0.24
C GLU A 126 6.81 7.48 1.21
N SER A 127 6.48 6.80 2.31
CA SER A 127 7.50 6.40 3.31
C SER A 127 8.53 5.41 2.71
N VAL A 128 8.05 4.51 1.85
CA VAL A 128 8.92 3.53 1.20
C VAL A 128 9.54 4.08 -0.10
N GLY A 129 8.68 4.51 -1.02
CA GLY A 129 9.14 5.06 -2.29
C GLY A 129 8.37 6.30 -2.69
N SER A 130 8.92 7.48 -2.37
CA SER A 130 8.25 8.75 -2.67
C SER A 130 8.12 9.01 -4.17
N SER A 131 7.06 9.71 -4.56
CA SER A 131 6.82 10.07 -5.96
C SER A 131 7.97 10.95 -6.50
N SER A 132 8.89 10.33 -7.24
CA SER A 132 10.06 11.06 -7.77
C SER A 132 9.67 11.97 -8.94
N SER A 133 10.33 13.12 -9.05
CA SER A 133 10.05 14.10 -10.09
C SER A 133 10.37 13.58 -11.50
N SER A 134 9.37 13.00 -12.15
CA SER A 134 9.52 12.51 -13.54
C SER A 134 8.16 12.48 -14.25
N SER A 135 7.76 13.62 -14.81
CA SER A 135 6.46 13.74 -15.50
C SER A 135 6.44 14.94 -16.45
N SER A 136 6.10 14.70 -17.71
CA SER A 136 6.01 15.78 -18.71
C SER A 136 5.34 15.29 -20.00
N GLY A 137 5.15 16.19 -20.94
CA GLY A 137 4.49 15.83 -22.21
C GLY A 137 2.98 15.65 -22.06
N SER A 138 2.34 15.19 -23.14
CA SER A 138 0.88 14.99 -23.15
C SER A 138 0.42 14.40 -24.49
N SER A 139 -0.88 14.15 -24.62
CA SER A 139 -1.44 13.62 -25.88
C SER A 139 -1.98 14.74 -26.77
N SER A 140 -1.71 14.66 -28.07
CA SER A 140 -2.16 15.69 -29.03
C SER A 140 -3.37 15.22 -29.85
N LEU A 141 -4.54 15.77 -29.56
CA LEU A 141 -5.76 15.43 -30.29
C LEU A 141 -6.28 16.62 -31.13
N GLU A 142 -7.09 16.33 -32.13
CA GLU A 142 -7.72 17.36 -32.95
C GLU A 142 -9.17 16.95 -33.28
N HIS A 143 -10.11 17.84 -33.00
CA HIS A 143 -11.55 17.53 -33.06
C HIS A 143 -12.07 17.56 -34.52
N HIS A 144 -11.44 16.80 -35.41
CA HIS A 144 -11.80 16.79 -36.83
C HIS A 144 -12.95 15.82 -37.14
N HIS A 145 -13.89 16.30 -37.94
CA HIS A 145 -15.01 15.48 -38.41
C HIS A 145 -15.60 16.06 -39.71
N HIS A 146 -15.88 17.37 -39.71
CA HIS A 146 -16.48 18.05 -40.87
C HIS A 146 -17.81 17.39 -41.30
N HIS A 147 -18.26 17.66 -42.53
CA HIS A 147 -19.51 17.08 -43.04
C HIS A 147 -19.51 16.93 -44.56
N HIS A 148 -19.07 17.99 -45.26
CA HIS A 148 -19.16 18.07 -46.73
C HIS A 148 -20.64 18.09 -47.20
N THR A 1 10.98 -9.48 -30.89
CA THR A 1 10.45 -10.69 -30.20
C THR A 1 11.08 -11.98 -30.77
N GLU A 2 12.02 -12.56 -30.03
CA GLU A 2 12.75 -13.75 -30.48
C GLU A 2 11.96 -15.04 -30.16
N THR A 3 10.74 -15.13 -30.68
CA THR A 3 9.84 -16.28 -30.39
C THR A 3 9.64 -16.48 -28.89
N TYR A 4 8.91 -15.57 -28.26
CA TYR A 4 8.53 -15.73 -26.86
C TYR A 4 7.63 -14.58 -26.39
N VAL A 5 6.31 -14.82 -26.37
CA VAL A 5 5.35 -13.84 -25.85
C VAL A 5 5.40 -13.82 -24.31
N LEU A 6 6.56 -13.43 -23.77
CA LEU A 6 6.79 -13.43 -22.32
C LEU A 6 5.93 -12.35 -21.64
N ALA A 7 4.69 -12.69 -21.35
CA ALA A 7 3.73 -11.74 -20.75
C ALA A 7 2.99 -12.36 -19.56
N GLU A 8 3.61 -13.36 -18.93
CA GLU A 8 3.01 -14.05 -17.76
C GLU A 8 2.92 -13.11 -16.55
N SER A 9 1.95 -12.21 -16.56
CA SER A 9 1.73 -11.26 -15.48
C SER A 9 0.61 -11.75 -14.53
N PRO A 10 0.76 -11.50 -13.21
CA PRO A 10 -0.26 -11.89 -12.23
C PRO A 10 -1.63 -11.24 -12.51
N GLU A 11 -2.56 -12.05 -13.03
CA GLU A 11 -3.87 -11.56 -13.43
C GLU A 11 -4.79 -11.29 -12.22
N PHE A 12 -4.58 -10.15 -11.57
CA PHE A 12 -5.38 -9.75 -10.39
C PHE A 12 -5.65 -8.24 -10.35
N TYR A 13 -4.69 -7.47 -10.86
CA TYR A 13 -4.72 -6.00 -10.73
C TYR A 13 -5.95 -5.35 -11.43
N GLN A 14 -6.80 -4.72 -10.63
CA GLN A 14 -7.82 -3.82 -11.15
C GLN A 14 -7.48 -2.39 -10.73
N ASP A 15 -6.99 -2.26 -9.49
CA ASP A 15 -6.50 -0.99 -8.96
C ASP A 15 -5.59 -1.25 -7.73
N ASN A 16 -5.15 -0.18 -7.06
CA ASN A 16 -4.35 -0.31 -5.83
C ASN A 16 -5.00 0.41 -4.64
N VAL A 17 -6.19 0.96 -4.85
CA VAL A 17 -6.94 1.68 -3.80
C VAL A 17 -8.45 1.42 -3.95
N THR A 18 -8.98 0.50 -3.15
CA THR A 18 -10.41 0.16 -3.20
C THR A 18 -11.14 0.60 -1.93
N ASP A 19 -12.01 1.61 -2.05
CA ASP A 19 -12.79 2.07 -0.91
C ASP A 19 -14.26 1.57 -0.99
N TYR A 20 -14.63 0.70 -0.05
CA TYR A 20 -16.02 0.24 0.06
C TYR A 20 -16.84 1.21 0.93
N THR A 21 -16.17 2.24 1.44
CA THR A 21 -16.80 3.24 2.29
C THR A 21 -17.61 4.25 1.47
N GLY A 22 -17.01 4.76 0.39
CA GLY A 22 -17.67 5.77 -0.43
C GLY A 22 -17.51 7.19 0.12
N GLN A 23 -16.71 7.32 1.18
CA GLN A 23 -16.47 8.62 1.82
C GLN A 23 -15.09 9.18 1.44
N ILE A 24 -14.32 8.40 0.70
CA ILE A 24 -12.95 8.78 0.32
C ILE A 24 -12.94 9.59 -0.98
N SER A 25 -12.24 10.71 -0.97
CA SER A 25 -12.16 11.61 -2.13
C SER A 25 -11.20 11.09 -3.21
N SER A 26 -11.68 11.09 -4.46
CA SER A 26 -10.89 10.58 -5.60
C SER A 26 -9.54 11.30 -5.73
N SER A 27 -9.51 12.58 -5.40
CA SER A 27 -8.25 13.36 -5.43
C SER A 27 -7.19 12.74 -4.52
N ASP A 28 -7.59 12.37 -3.31
CA ASP A 28 -6.70 11.68 -2.37
C ASP A 28 -6.32 10.29 -2.89
N ILE A 29 -7.32 9.56 -3.40
CA ILE A 29 -7.11 8.23 -3.99
C ILE A 29 -6.01 8.26 -5.06
N THR A 30 -6.06 9.26 -5.94
CA THR A 30 -5.03 9.43 -6.98
C THR A 30 -3.64 9.64 -6.37
N ASN A 31 -3.56 10.47 -5.33
CA ASN A 31 -2.29 10.73 -4.64
C ASN A 31 -1.70 9.44 -4.02
N ILE A 32 -2.59 8.64 -3.43
CA ILE A 32 -2.18 7.37 -2.80
C ILE A 32 -1.65 6.38 -3.84
N GLN A 33 -2.45 6.11 -4.86
CA GLN A 33 -2.09 5.13 -5.89
C GLN A 33 -0.87 5.58 -6.70
N ALA A 34 -0.74 6.90 -6.91
CA ALA A 34 0.43 7.47 -7.60
C ALA A 34 1.75 7.04 -6.92
N ALA A 35 1.81 7.25 -5.59
CA ALA A 35 2.98 6.80 -4.82
C ALA A 35 3.14 5.28 -4.87
N ILE A 36 2.03 4.56 -4.69
CA ILE A 36 2.02 3.09 -4.74
C ILE A 36 2.62 2.55 -6.04
N ASP A 37 2.15 3.06 -7.17
CA ASP A 37 2.55 2.55 -8.49
C ASP A 37 4.05 2.73 -8.74
N ASP A 38 4.61 3.86 -8.29
CA ASP A 38 6.05 4.09 -8.43
C ASP A 38 6.85 3.07 -7.59
N VAL A 39 6.41 2.83 -6.35
CA VAL A 39 7.03 1.80 -5.50
C VAL A 39 7.04 0.44 -6.22
N LYS A 40 5.94 0.14 -6.90
CA LYS A 40 5.80 -1.10 -7.68
C LYS A 40 6.88 -1.21 -8.78
N ALA A 41 7.00 -0.15 -9.60
CA ALA A 41 7.92 -0.16 -10.73
C ALA A 41 9.38 0.11 -10.31
N SER A 42 9.58 0.83 -9.22
CA SER A 42 10.92 1.24 -8.78
C SER A 42 11.64 0.12 -8.00
N GLU A 43 11.02 -0.33 -6.91
CA GLU A 43 11.66 -1.33 -6.03
C GLU A 43 10.85 -2.64 -5.96
N GLN A 44 10.03 -2.88 -6.98
CA GLN A 44 9.32 -4.17 -7.16
C GLN A 44 8.30 -4.46 -6.05
N LYS A 45 7.98 -3.47 -5.24
CA LYS A 45 7.07 -3.68 -4.10
C LYS A 45 5.62 -3.27 -4.44
N VAL A 46 4.73 -4.26 -4.48
CA VAL A 46 3.33 -4.03 -4.85
C VAL A 46 2.44 -3.77 -3.63
N ILE A 47 2.06 -2.51 -3.44
CA ILE A 47 1.20 -2.12 -2.32
C ILE A 47 -0.29 -2.17 -2.71
N PHE A 48 -1.13 -2.55 -1.75
CA PHE A 48 -2.59 -2.64 -1.96
C PHE A 48 -3.36 -2.01 -0.79
N VAL A 49 -4.00 -0.86 -1.01
CA VAL A 49 -4.77 -0.18 0.05
C VAL A 49 -6.28 -0.40 -0.13
N VAL A 50 -6.93 -0.86 0.95
CA VAL A 50 -8.38 -1.12 0.92
C VAL A 50 -9.10 -0.41 2.08
N PHE A 51 -9.98 0.53 1.74
CA PHE A 51 -10.79 1.23 2.76
C PHE A 51 -12.11 0.49 3.03
N LEU A 52 -12.15 -0.24 4.14
CA LEU A 52 -13.34 -1.01 4.52
C LEU A 52 -14.25 -0.23 5.48
N SER A 53 -15.45 -0.72 5.69
CA SER A 53 -16.39 -0.13 6.66
C SER A 53 -16.14 -0.69 8.07
N SER A 54 -16.27 -2.01 8.19
CA SER A 54 -16.15 -2.70 9.50
C SER A 54 -15.27 -3.96 9.39
N PHE A 55 -14.40 -4.00 8.38
CA PHE A 55 -13.55 -5.17 8.12
C PHE A 55 -14.38 -6.45 7.89
N ASP A 56 -15.64 -6.28 7.51
CA ASP A 56 -16.54 -7.40 7.20
C ASP A 56 -16.83 -8.27 8.44
N GLY A 57 -16.35 -7.82 9.60
CA GLY A 57 -16.51 -8.60 10.84
C GLY A 57 -15.27 -9.42 11.20
N VAL A 58 -14.22 -9.30 10.39
CA VAL A 58 -12.96 -10.02 10.63
C VAL A 58 -11.92 -9.15 11.37
N ASP A 59 -11.00 -9.78 12.09
CA ASP A 59 -9.93 -9.04 12.78
C ASP A 59 -9.05 -8.29 11.77
N PRO A 60 -8.81 -6.98 12.00
CA PRO A 60 -8.10 -6.11 11.04
C PRO A 60 -6.77 -6.69 10.51
N GLU A 61 -5.89 -7.15 11.40
CA GLU A 61 -4.62 -7.75 10.97
C GLU A 61 -4.87 -9.07 10.21
N THR A 62 -5.78 -9.90 10.72
CA THR A 62 -6.09 -11.20 10.11
C THR A 62 -6.59 -11.04 8.67
N TRP A 63 -7.53 -10.11 8.47
CA TRP A 63 -8.04 -9.79 7.14
C TRP A 63 -6.89 -9.48 6.17
N THR A 64 -5.96 -8.65 6.65
CA THR A 64 -4.80 -8.24 5.85
C THR A 64 -3.91 -9.45 5.51
N GLN A 65 -3.73 -10.33 6.49
CA GLN A 65 -3.01 -11.60 6.27
C GLN A 65 -3.67 -12.42 5.15
N GLN A 66 -4.98 -12.64 5.27
CA GLN A 66 -5.75 -13.38 4.26
C GLN A 66 -5.59 -12.75 2.87
N ALA A 67 -5.71 -11.42 2.81
CA ALA A 67 -5.52 -10.68 1.56
C ALA A 67 -4.10 -10.85 1.01
N LEU A 68 -3.11 -10.87 1.91
CA LEU A 68 -1.71 -11.07 1.53
C LEU A 68 -1.48 -12.48 0.97
N GLN A 69 -2.06 -13.48 1.65
CA GLN A 69 -1.92 -14.88 1.23
C GLN A 69 -2.58 -15.11 -0.14
N ALA A 70 -3.67 -14.37 -0.40
CA ALA A 70 -4.31 -14.39 -1.72
C ALA A 70 -3.36 -13.86 -2.81
N ASN A 71 -2.41 -13.03 -2.39
CA ASN A 71 -1.38 -12.50 -3.28
C ASN A 71 -0.05 -13.25 -3.14
N GLY A 72 -0.08 -14.36 -2.38
CA GLY A 72 1.14 -15.14 -2.12
C GLY A 72 2.07 -14.48 -1.10
N GLY A 73 2.45 -13.24 -1.36
CA GLY A 73 3.34 -12.50 -0.47
C GLY A 73 4.55 -11.93 -1.20
N GLY A 74 5.75 -12.37 -0.84
CA GLY A 74 6.96 -11.94 -1.53
C GLY A 74 7.17 -10.43 -1.52
N ASN A 75 6.72 -9.76 -2.59
CA ASN A 75 6.94 -8.31 -2.75
C ASN A 75 5.67 -7.49 -2.46
N VAL A 76 4.55 -8.18 -2.22
CA VAL A 76 3.26 -7.53 -2.01
C VAL A 76 3.06 -7.10 -0.55
N LEU A 77 2.36 -5.96 -0.36
CA LEU A 77 1.98 -5.50 0.97
C LEU A 77 0.55 -4.90 0.95
N ILE A 78 -0.35 -5.50 1.71
CA ILE A 78 -1.71 -4.99 1.82
C ILE A 78 -1.85 -4.07 3.04
N TYR A 79 -2.40 -2.88 2.82
CA TYR A 79 -2.78 -1.99 3.90
C TYR A 79 -4.31 -1.91 3.99
N ALA A 80 -4.87 -2.59 4.98
CA ALA A 80 -6.31 -2.63 5.18
C ALA A 80 -6.74 -1.62 6.25
N LEU A 81 -7.64 -0.72 5.89
CA LEU A 81 -8.07 0.35 6.80
C LEU A 81 -9.59 0.51 6.80
N ALA A 82 -10.21 0.41 7.97
CA ALA A 82 -11.64 0.69 8.12
C ALA A 82 -11.85 2.01 8.88
N PRO A 83 -11.90 3.15 8.15
CA PRO A 83 -12.04 4.48 8.75
C PRO A 83 -13.31 4.62 9.60
N GLU A 84 -14.38 3.98 9.16
CA GLU A 84 -15.69 4.11 9.80
C GLU A 84 -15.74 3.37 11.15
N GLU A 85 -14.90 2.34 11.32
CA GLU A 85 -14.82 1.61 12.60
C GLU A 85 -13.46 1.78 13.29
N ARG A 86 -12.66 2.75 12.81
CA ARG A 86 -11.38 3.12 13.44
C ARG A 86 -10.47 1.91 13.72
N GLN A 87 -10.15 1.17 12.67
CA GLN A 87 -9.28 -0.02 12.76
C GLN A 87 -8.47 -0.21 11.48
N TYR A 88 -7.28 -0.83 11.58
CA TYR A 88 -6.43 -1.06 10.40
C TYR A 88 -5.52 -2.28 10.55
N GLY A 89 -4.83 -2.64 9.48
CA GLY A 89 -3.89 -3.75 9.49
C GLY A 89 -2.85 -3.65 8.38
N ILE A 90 -1.58 -3.91 8.71
CA ILE A 90 -0.49 -3.83 7.73
C ILE A 90 0.30 -5.15 7.67
N GLN A 91 0.34 -5.79 6.51
CA GLN A 91 1.09 -7.04 6.32
C GLN A 91 1.79 -7.08 4.96
N GLY A 92 3.07 -7.42 4.97
CA GLY A 92 3.87 -7.44 3.73
C GLY A 92 4.57 -8.76 3.48
N GLY A 93 5.14 -8.90 2.28
CA GLY A 93 5.85 -10.12 1.91
C GLY A 93 7.28 -10.18 2.44
N THR A 94 7.99 -11.26 2.09
CA THR A 94 9.37 -11.51 2.57
C THR A 94 10.40 -10.52 1.99
N GLN A 95 9.96 -9.65 1.06
CA GLN A 95 10.84 -8.62 0.51
C GLN A 95 10.76 -7.31 1.32
N TRP A 96 9.83 -7.28 2.27
CA TRP A 96 9.68 -6.13 3.17
C TRP A 96 10.42 -6.37 4.49
N THR A 97 11.52 -5.65 4.69
CA THR A 97 12.35 -5.81 5.89
C THR A 97 11.73 -5.13 7.11
N ASP A 98 12.30 -5.40 8.29
CA ASP A 98 11.85 -4.78 9.54
C ASP A 98 11.79 -3.25 9.42
N ALA A 99 12.82 -2.66 8.80
CA ALA A 99 12.87 -1.21 8.59
C ALA A 99 11.75 -0.73 7.65
N GLU A 100 11.57 -1.45 6.55
CA GLU A 100 10.51 -1.12 5.57
C GLU A 100 9.12 -1.15 6.24
N LEU A 101 8.85 -2.24 6.98
CA LEU A 101 7.59 -2.40 7.69
C LEU A 101 7.43 -1.34 8.80
N ASP A 102 8.53 -1.00 9.48
CA ASP A 102 8.51 0.01 10.54
C ASP A 102 8.12 1.38 9.97
N ALA A 103 8.82 1.81 8.92
CA ALA A 103 8.53 3.10 8.28
C ALA A 103 7.09 3.17 7.78
N ALA A 104 6.63 2.10 7.11
CA ALA A 104 5.25 2.00 6.65
C ALA A 104 4.25 2.12 7.81
N ASN A 105 4.52 1.39 8.90
CA ASN A 105 3.67 1.40 10.09
C ASN A 105 3.59 2.82 10.69
N ASN A 106 4.75 3.42 10.95
CA ASN A 106 4.83 4.78 11.51
C ASN A 106 4.12 5.80 10.60
N ALA A 107 4.41 5.76 9.31
CA ALA A 107 3.81 6.68 8.34
C ALA A 107 2.29 6.65 8.40
N ALA A 108 1.72 5.45 8.38
CA ALA A 108 0.27 5.28 8.46
C ALA A 108 -0.29 5.75 9.81
N PHE A 109 0.27 5.23 10.91
CA PHE A 109 -0.21 5.54 12.27
C PHE A 109 -0.28 7.05 12.53
N GLN A 110 0.74 7.79 12.09
CA GLN A 110 0.77 9.25 12.25
C GLN A 110 -0.51 9.93 11.74
N ALA A 111 -0.89 9.62 10.50
CA ALA A 111 -2.11 10.19 9.90
C ALA A 111 -3.38 9.66 10.57
N LEU A 112 -3.34 8.41 11.02
CA LEU A 112 -4.48 7.81 11.73
C LEU A 112 -4.72 8.50 13.08
N SER A 113 -3.63 9.00 13.70
CA SER A 113 -3.72 9.74 14.96
C SER A 113 -4.47 11.06 14.78
N GLN A 114 -4.47 11.59 13.56
CA GLN A 114 -5.23 12.81 13.22
C GLN A 114 -6.48 12.46 12.39
N GLU A 115 -6.83 11.17 12.35
CA GLU A 115 -8.00 10.67 11.62
C GLU A 115 -8.00 11.06 10.13
N ASP A 116 -6.82 11.40 9.60
CA ASP A 116 -6.67 11.62 8.17
C ASP A 116 -6.42 10.27 7.47
N TRP A 117 -7.52 9.56 7.22
CA TRP A 117 -7.48 8.16 6.77
C TRP A 117 -6.74 7.98 5.46
N ALA A 118 -7.08 8.76 4.44
CA ALA A 118 -6.42 8.66 3.13
C ALA A 118 -4.92 8.99 3.23
N GLY A 119 -4.59 9.96 4.08
CA GLY A 119 -3.21 10.37 4.29
C GLY A 119 -2.30 9.24 4.79
N SER A 120 -2.85 8.33 5.59
CA SER A 120 -2.07 7.20 6.13
C SER A 120 -1.57 6.29 5.01
N ALA A 121 -2.48 5.90 4.13
CA ALA A 121 -2.15 5.07 2.96
C ALA A 121 -1.10 5.77 2.07
N LEU A 122 -1.31 7.06 1.82
CA LEU A 122 -0.38 7.87 1.04
C LEU A 122 1.04 7.82 1.64
N ALA A 123 1.14 8.19 2.92
CA ALA A 123 2.43 8.22 3.63
C ALA A 123 3.10 6.84 3.66
N LEU A 124 2.31 5.77 3.78
CA LEU A 124 2.83 4.40 3.78
C LEU A 124 3.67 4.13 2.52
N ALA A 125 3.15 4.53 1.36
CA ALA A 125 3.87 4.35 0.10
C ALA A 125 5.02 5.37 -0.03
N GLU A 126 4.83 6.56 0.53
CA GLU A 126 5.87 7.60 0.52
C GLU A 126 7.14 7.15 1.28
N SER A 127 6.98 6.42 2.38
CA SER A 127 8.13 5.96 3.18
C SER A 127 9.12 5.12 2.36
N VAL A 128 8.61 4.34 1.42
CA VAL A 128 9.47 3.50 0.55
C VAL A 128 9.87 4.24 -0.74
N GLY A 129 8.86 4.60 -1.55
CA GLY A 129 9.14 5.18 -2.87
C GLY A 129 9.35 6.69 -2.86
N SER A 130 9.49 7.28 -1.67
CA SER A 130 9.67 8.74 -1.55
C SER A 130 10.53 9.09 -0.32
N SER A 131 10.51 10.36 0.09
CA SER A 131 11.34 10.84 1.20
C SER A 131 10.97 10.21 2.55
N SER A 132 11.98 9.74 3.27
CA SER A 132 11.79 9.13 4.60
C SER A 132 13.14 8.93 5.32
N SER A 133 14.02 8.14 4.70
CA SER A 133 15.35 7.84 5.25
C SER A 133 15.28 7.17 6.64
N SER A 134 15.07 5.86 6.66
CA SER A 134 15.04 5.08 7.92
C SER A 134 16.19 4.06 7.95
N SER A 135 16.90 3.99 9.08
CA SER A 135 18.08 3.10 9.18
C SER A 135 18.27 2.56 10.61
N SER A 136 19.34 1.76 10.78
CA SER A 136 19.69 1.13 12.07
C SER A 136 18.72 0.01 12.47
N GLY A 137 19.27 -1.20 12.69
CA GLY A 137 18.45 -2.35 13.05
C GLY A 137 18.90 -3.03 14.34
N SER A 138 19.86 -3.94 14.24
CA SER A 138 20.33 -4.69 15.41
C SER A 138 21.79 -5.17 15.23
N SER A 139 22.56 -5.19 16.32
CA SER A 139 23.97 -5.64 16.29
C SER A 139 24.31 -6.50 17.50
N SER A 140 25.33 -7.35 17.36
CA SER A 140 25.82 -8.19 18.47
C SER A 140 27.30 -8.55 18.29
N LEU A 141 28.16 -8.03 19.15
CA LEU A 141 29.61 -8.25 19.05
C LEU A 141 30.12 -9.19 20.15
N GLU A 142 30.33 -10.46 19.80
CA GLU A 142 30.83 -11.45 20.77
C GLU A 142 32.34 -11.26 21.01
N HIS A 143 32.68 -10.20 21.73
CA HIS A 143 34.07 -9.82 21.99
C HIS A 143 34.51 -10.32 23.39
N HIS A 144 35.44 -11.28 23.41
CA HIS A 144 35.87 -11.91 24.66
C HIS A 144 37.35 -12.31 24.63
N HIS A 145 37.99 -12.32 25.81
CA HIS A 145 39.44 -12.58 25.93
C HIS A 145 39.75 -13.90 26.63
N HIS A 146 40.98 -14.39 26.45
CA HIS A 146 41.44 -15.61 27.13
C HIS A 146 42.38 -15.24 28.30
N HIS A 147 41.97 -15.57 29.52
CA HIS A 147 42.70 -15.15 30.73
C HIS A 147 42.90 -16.29 31.74
N HIS A 148 43.96 -16.19 32.52
CA HIS A 148 44.27 -17.17 33.59
C HIS A 148 43.77 -16.68 34.96
N THR A 1 30.02 -11.85 -13.08
CA THR A 1 28.85 -12.24 -12.24
C THR A 1 27.98 -13.28 -12.93
N GLU A 2 27.33 -14.15 -12.14
CA GLU A 2 26.46 -15.19 -12.67
C GLU A 2 25.01 -14.68 -12.84
N THR A 3 24.43 -14.20 -11.74
CA THR A 3 23.07 -13.65 -11.73
C THR A 3 21.99 -14.72 -11.98
N TYR A 4 21.17 -14.99 -10.95
CA TYR A 4 20.12 -16.03 -11.07
C TYR A 4 18.88 -15.54 -11.84
N VAL A 5 18.97 -14.33 -12.41
CA VAL A 5 17.88 -13.74 -13.20
C VAL A 5 16.67 -13.36 -12.32
N LEU A 6 16.40 -12.06 -12.22
CA LEU A 6 15.32 -11.55 -11.37
C LEU A 6 14.16 -11.01 -12.23
N ALA A 7 13.07 -11.78 -12.30
CA ALA A 7 11.92 -11.42 -13.15
C ALA A 7 10.59 -11.43 -12.40
N GLU A 8 10.62 -11.11 -11.10
CA GLU A 8 9.40 -11.08 -10.28
C GLU A 8 8.92 -9.64 -10.01
N SER A 9 8.02 -9.15 -10.86
CA SER A 9 7.42 -7.80 -10.67
C SER A 9 6.04 -7.70 -11.34
N PRO A 10 4.94 -7.96 -10.59
CA PRO A 10 3.58 -7.86 -11.13
C PRO A 10 3.18 -6.42 -11.52
N GLU A 11 3.47 -6.07 -12.77
CA GLU A 11 3.14 -4.75 -13.33
C GLU A 11 1.80 -4.76 -14.08
N PHE A 12 1.03 -5.84 -13.93
CA PHE A 12 -0.19 -6.04 -14.70
C PHE A 12 -1.44 -5.46 -13.99
N TYR A 13 -1.24 -4.90 -12.79
CA TYR A 13 -2.37 -4.34 -12.01
C TYR A 13 -2.76 -2.93 -12.49
N GLN A 14 -4.03 -2.58 -12.26
CA GLN A 14 -4.52 -1.22 -12.49
C GLN A 14 -4.78 -0.50 -11.16
N ASP A 15 -5.77 -1.01 -10.43
CA ASP A 15 -6.19 -0.44 -9.14
C ASP A 15 -5.49 -1.11 -7.95
N ASN A 16 -4.65 -0.36 -7.25
CA ASN A 16 -4.03 -0.84 -6.01
C ASN A 16 -4.81 -0.34 -4.79
N VAL A 17 -5.74 0.58 -5.03
CA VAL A 17 -6.60 1.11 -3.96
C VAL A 17 -8.08 0.77 -4.21
N THR A 18 -8.73 0.22 -3.19
CA THR A 18 -10.16 -0.14 -3.27
C THR A 18 -10.90 0.30 -2.00
N ASP A 19 -12.01 1.00 -2.14
CA ASP A 19 -12.77 1.50 -0.99
C ASP A 19 -14.17 0.85 -0.90
N TYR A 20 -14.67 0.73 0.31
CA TYR A 20 -16.00 0.16 0.57
C TYR A 20 -16.84 1.09 1.46
N THR A 21 -16.16 1.96 2.22
CA THR A 21 -16.84 2.93 3.10
C THR A 21 -17.55 4.05 2.31
N GLY A 22 -16.83 4.70 1.39
CA GLY A 22 -17.39 5.83 0.65
C GLY A 22 -17.00 7.18 1.25
N GLN A 23 -16.40 7.16 2.45
CA GLN A 23 -15.95 8.40 3.11
C GLN A 23 -14.77 9.07 2.39
N ILE A 24 -13.98 8.28 1.66
CA ILE A 24 -12.74 8.80 1.06
C ILE A 24 -13.01 9.46 -0.30
N SER A 25 -12.56 10.71 -0.44
CA SER A 25 -12.65 11.43 -1.71
C SER A 25 -11.78 10.75 -2.78
N SER A 26 -12.41 10.33 -3.89
CA SER A 26 -11.70 9.66 -4.99
C SER A 26 -10.53 10.50 -5.52
N SER A 27 -10.63 11.81 -5.37
CA SER A 27 -9.58 12.75 -5.80
C SER A 27 -8.27 12.56 -5.00
N ASP A 28 -8.38 12.05 -3.77
CA ASP A 28 -7.19 11.73 -2.97
C ASP A 28 -6.57 10.40 -3.44
N ILE A 29 -7.44 9.43 -3.73
CA ILE A 29 -7.02 8.08 -4.13
C ILE A 29 -6.01 8.08 -5.29
N THR A 30 -6.17 9.01 -6.23
CA THR A 30 -5.21 9.13 -7.36
C THR A 30 -3.78 9.37 -6.87
N ASN A 31 -3.65 10.26 -5.89
CA ASN A 31 -2.35 10.57 -5.26
C ASN A 31 -1.73 9.32 -4.63
N ILE A 32 -2.54 8.58 -3.86
CA ILE A 32 -2.11 7.34 -3.23
C ILE A 32 -1.62 6.33 -4.29
N GLN A 33 -2.45 6.10 -5.31
CA GLN A 33 -2.14 5.17 -6.40
C GLN A 33 -0.83 5.57 -7.10
N ALA A 34 -0.64 6.88 -7.30
CA ALA A 34 0.57 7.40 -7.94
C ALA A 34 1.84 7.04 -7.15
N ALA A 35 1.83 7.29 -5.83
CA ALA A 35 2.97 6.95 -4.97
C ALA A 35 3.22 5.43 -4.97
N ILE A 36 2.15 4.64 -4.93
CA ILE A 36 2.24 3.17 -5.01
C ILE A 36 2.98 2.72 -6.27
N ASP A 37 2.63 3.31 -7.41
CA ASP A 37 3.21 2.93 -8.70
C ASP A 37 4.75 3.07 -8.70
N ASP A 38 5.26 4.13 -8.06
CA ASP A 38 6.71 4.32 -7.95
C ASP A 38 7.36 3.15 -7.20
N VAL A 39 6.77 2.78 -6.06
CA VAL A 39 7.26 1.67 -5.24
C VAL A 39 7.33 0.37 -6.05
N LYS A 40 6.37 0.19 -6.95
CA LYS A 40 6.29 -1.01 -7.81
C LYS A 40 7.47 -1.09 -8.79
N ALA A 41 8.08 0.05 -9.11
CA ALA A 41 9.23 0.08 -10.03
C ALA A 41 10.56 0.24 -9.27
N SER A 42 10.67 1.32 -8.48
CA SER A 42 11.89 1.62 -7.72
C SER A 42 12.24 0.50 -6.74
N GLU A 43 11.33 0.22 -5.81
CA GLU A 43 11.55 -0.80 -4.77
C GLU A 43 11.17 -2.22 -5.25
N GLN A 44 10.52 -2.30 -6.42
CA GLN A 44 9.99 -3.58 -6.93
C GLN A 44 8.93 -4.14 -5.97
N LYS A 45 8.33 -3.25 -5.18
CA LYS A 45 7.35 -3.63 -4.17
C LYS A 45 5.94 -3.12 -4.52
N VAL A 46 4.95 -3.99 -4.44
CA VAL A 46 3.58 -3.63 -4.82
C VAL A 46 2.70 -3.33 -3.60
N ILE A 47 2.27 -2.07 -3.47
CA ILE A 47 1.40 -1.66 -2.36
C ILE A 47 -0.08 -1.84 -2.71
N PHE A 48 -0.89 -2.23 -1.73
CA PHE A 48 -2.35 -2.35 -1.90
C PHE A 48 -3.09 -1.73 -0.71
N VAL A 49 -3.95 -0.76 -0.98
CA VAL A 49 -4.73 -0.09 0.08
C VAL A 49 -6.22 -0.42 -0.03
N VAL A 50 -6.80 -0.89 1.08
CA VAL A 50 -8.23 -1.23 1.11
C VAL A 50 -8.96 -0.47 2.23
N PHE A 51 -9.86 0.43 1.85
CA PHE A 51 -10.68 1.16 2.83
C PHE A 51 -12.00 0.41 3.07
N LEU A 52 -12.07 -0.33 4.17
CA LEU A 52 -13.26 -1.12 4.47
C LEU A 52 -14.35 -0.27 5.14
N SER A 53 -15.59 -0.73 5.02
CA SER A 53 -16.72 -0.12 5.72
C SER A 53 -16.97 -0.83 7.05
N SER A 54 -16.33 -1.99 7.22
CA SER A 54 -16.44 -2.78 8.46
C SER A 54 -15.54 -4.03 8.41
N PHE A 55 -15.07 -4.47 9.58
CA PHE A 55 -14.35 -5.75 9.70
C PHE A 55 -15.28 -6.86 10.24
N ASP A 56 -16.38 -6.45 10.88
CA ASP A 56 -17.41 -7.37 11.40
C ASP A 56 -16.89 -8.28 12.52
N GLY A 57 -16.10 -9.28 12.15
CA GLY A 57 -15.51 -10.18 13.13
C GLY A 57 -14.07 -10.57 12.81
N VAL A 58 -13.52 -9.98 11.75
CA VAL A 58 -12.18 -10.29 11.30
C VAL A 58 -11.16 -9.27 11.83
N ASP A 59 -10.17 -9.74 12.56
CA ASP A 59 -9.11 -8.86 13.08
C ASP A 59 -8.33 -8.23 11.94
N PRO A 60 -8.10 -6.90 11.96
CA PRO A 60 -7.34 -6.21 10.91
C PRO A 60 -6.01 -6.92 10.58
N GLU A 61 -5.34 -7.42 11.62
CA GLU A 61 -4.14 -8.25 11.47
C GLU A 61 -4.40 -9.44 10.53
N THR A 62 -5.42 -10.23 10.85
CA THR A 62 -5.77 -11.43 10.10
C THR A 62 -6.32 -11.10 8.70
N TRP A 63 -7.20 -10.10 8.61
CA TRP A 63 -7.80 -9.70 7.34
C TRP A 63 -6.72 -9.35 6.31
N THR A 64 -5.76 -8.52 6.73
CA THR A 64 -4.68 -8.09 5.85
C THR A 64 -3.82 -9.29 5.42
N GLN A 65 -3.69 -10.27 6.32
CA GLN A 65 -3.03 -11.54 5.98
C GLN A 65 -3.78 -12.26 4.86
N GLN A 66 -5.10 -12.35 4.97
CA GLN A 66 -5.94 -12.99 3.93
C GLN A 66 -5.69 -12.35 2.56
N ALA A 67 -5.76 -11.01 2.51
CA ALA A 67 -5.51 -10.27 1.27
C ALA A 67 -4.09 -10.50 0.74
N LEU A 68 -3.13 -10.63 1.65
CA LEU A 68 -1.73 -10.89 1.27
C LEU A 68 -1.60 -12.30 0.66
N GLN A 69 -2.23 -13.28 1.31
CA GLN A 69 -2.22 -14.67 0.83
C GLN A 69 -2.86 -14.78 -0.56
N ALA A 70 -3.89 -13.99 -0.81
CA ALA A 70 -4.52 -13.91 -2.14
C ALA A 70 -3.51 -13.43 -3.21
N ASN A 71 -2.65 -12.49 -2.81
CA ASN A 71 -1.60 -11.97 -3.69
C ASN A 71 -0.35 -12.89 -3.70
N GLY A 72 -0.27 -13.79 -2.73
CA GLY A 72 0.86 -14.69 -2.62
C GLY A 72 2.07 -14.07 -1.92
N GLY A 73 1.87 -12.91 -1.30
CA GLY A 73 2.93 -12.23 -0.58
C GLY A 73 4.06 -11.73 -1.50
N GLY A 74 5.23 -12.34 -1.38
CA GLY A 74 6.38 -11.95 -2.18
C GLY A 74 6.78 -10.49 -1.97
N ASN A 75 6.54 -9.65 -2.98
CA ASN A 75 6.90 -8.23 -2.93
C ASN A 75 5.68 -7.35 -2.64
N VAL A 76 4.54 -7.97 -2.34
CA VAL A 76 3.29 -7.25 -2.13
C VAL A 76 3.10 -6.85 -0.64
N LEU A 77 2.41 -5.73 -0.43
CA LEU A 77 2.04 -5.27 0.92
C LEU A 77 0.62 -4.71 0.92
N ILE A 78 -0.25 -5.24 1.78
CA ILE A 78 -1.64 -4.78 1.89
C ILE A 78 -1.82 -3.91 3.13
N TYR A 79 -2.67 -2.89 3.01
CA TYR A 79 -3.02 -1.99 4.11
C TYR A 79 -4.54 -1.88 4.25
N ALA A 80 -5.09 -2.54 5.26
CA ALA A 80 -6.54 -2.52 5.51
C ALA A 80 -6.90 -1.43 6.54
N LEU A 81 -7.91 -0.63 6.23
CA LEU A 81 -8.32 0.47 7.11
C LEU A 81 -9.84 0.60 7.21
N ALA A 82 -10.36 0.73 8.43
CA ALA A 82 -11.78 0.97 8.65
C ALA A 82 -12.01 2.27 9.42
N PRO A 83 -12.24 3.40 8.70
CA PRO A 83 -12.55 4.69 9.33
C PRO A 83 -13.81 4.61 10.22
N GLU A 84 -14.72 3.72 9.86
CA GLU A 84 -15.96 3.51 10.60
C GLU A 84 -15.68 3.07 12.05
N GLU A 85 -14.85 2.05 12.23
CA GLU A 85 -14.57 1.47 13.55
C GLU A 85 -13.23 1.95 14.13
N ARG A 86 -12.52 2.82 13.40
CA ARG A 86 -11.23 3.37 13.88
C ARG A 86 -10.19 2.25 14.11
N GLN A 87 -9.89 1.49 13.06
CA GLN A 87 -8.93 0.36 13.14
C GLN A 87 -8.22 0.12 11.79
N TYR A 88 -7.06 -0.54 11.82
CA TYR A 88 -6.28 -0.78 10.60
C TYR A 88 -5.33 -2.00 10.73
N GLY A 89 -4.77 -2.43 9.60
CA GLY A 89 -3.84 -3.55 9.58
C GLY A 89 -2.83 -3.48 8.45
N ILE A 90 -1.55 -3.78 8.74
CA ILE A 90 -0.48 -3.68 7.73
C ILE A 90 0.35 -4.98 7.67
N GLN A 91 0.42 -5.61 6.49
CA GLN A 91 1.18 -6.86 6.29
C GLN A 91 1.88 -6.89 4.93
N GLY A 92 3.11 -7.41 4.91
CA GLY A 92 3.89 -7.49 3.67
C GLY A 92 4.50 -8.88 3.44
N GLY A 93 4.94 -9.13 2.20
CA GLY A 93 5.48 -10.44 1.83
C GLY A 93 6.97 -10.63 2.19
N THR A 94 7.59 -11.66 1.59
CA THR A 94 9.00 -12.02 1.88
C THR A 94 9.97 -10.88 1.57
N GLN A 95 9.63 -10.02 0.62
CA GLN A 95 10.47 -8.88 0.25
C GLN A 95 10.19 -7.66 1.14
N TRP A 96 9.52 -7.88 2.27
CA TRP A 96 9.27 -6.83 3.26
C TRP A 96 9.79 -7.23 4.63
N THR A 97 10.92 -6.68 5.04
CA THR A 97 11.53 -6.99 6.34
C THR A 97 10.83 -6.21 7.47
N ASP A 98 11.11 -6.57 8.72
CA ASP A 98 10.58 -5.88 9.89
C ASP A 98 10.83 -4.36 9.81
N ALA A 99 12.00 -3.98 9.31
CA ALA A 99 12.36 -2.57 9.14
C ALA A 99 11.50 -1.89 8.06
N GLU A 100 11.34 -2.57 6.91
CA GLU A 100 10.50 -2.06 5.82
C GLU A 100 9.06 -1.82 6.30
N LEU A 101 8.47 -2.85 6.91
CA LEU A 101 7.12 -2.79 7.45
C LEU A 101 6.98 -1.66 8.50
N ASP A 102 7.98 -1.55 9.37
CA ASP A 102 7.99 -0.53 10.43
C ASP A 102 7.88 0.90 9.85
N ALA A 103 8.74 1.22 8.88
CA ALA A 103 8.74 2.55 8.26
C ALA A 103 7.38 2.88 7.61
N ALA A 104 6.85 1.94 6.84
CA ALA A 104 5.54 2.10 6.21
C ALA A 104 4.44 2.32 7.27
N ASN A 105 4.51 1.53 8.35
CA ASN A 105 3.55 1.61 9.46
C ASN A 105 3.63 2.97 10.18
N ASN A 106 4.85 3.46 10.39
CA ASN A 106 5.08 4.75 11.05
C ASN A 106 4.40 5.91 10.30
N ALA A 107 4.63 5.96 8.98
CA ALA A 107 4.06 7.01 8.13
C ALA A 107 2.53 6.97 8.12
N ALA A 108 1.96 5.76 8.14
CA ALA A 108 0.51 5.60 8.14
C ALA A 108 -0.13 6.04 9.47
N PHE A 109 0.37 5.47 10.57
CA PHE A 109 -0.21 5.72 11.91
C PHE A 109 -0.30 7.23 12.24
N GLN A 110 0.79 7.96 12.03
CA GLN A 110 0.83 9.40 12.36
C GLN A 110 -0.34 10.18 11.71
N ALA A 111 -0.68 9.82 10.47
CA ALA A 111 -1.82 10.45 9.78
C ALA A 111 -3.16 9.97 10.36
N LEU A 112 -3.22 8.70 10.77
CA LEU A 112 -4.45 8.11 11.34
C LEU A 112 -4.86 8.82 12.64
N SER A 113 -3.89 9.33 13.39
CA SER A 113 -4.18 10.08 14.63
C SER A 113 -4.89 11.40 14.30
N GLN A 114 -4.68 11.87 13.07
CA GLN A 114 -5.28 13.10 12.57
C GLN A 114 -6.59 12.82 11.79
N GLU A 115 -6.93 11.54 11.69
CA GLU A 115 -8.07 11.06 10.90
C GLU A 115 -7.86 11.24 9.38
N ASP A 116 -6.61 11.40 8.97
CA ASP A 116 -6.27 11.37 7.54
C ASP A 116 -6.25 9.92 7.04
N TRP A 117 -7.43 9.33 6.90
CA TRP A 117 -7.59 7.93 6.51
C TRP A 117 -6.88 7.65 5.17
N ALA A 118 -7.13 8.50 4.18
CA ALA A 118 -6.48 8.39 2.88
C ALA A 118 -5.00 8.84 2.96
N GLY A 119 -4.77 9.93 3.69
CA GLY A 119 -3.42 10.45 3.87
C GLY A 119 -2.45 9.44 4.49
N SER A 120 -2.98 8.54 5.33
CA SER A 120 -2.15 7.48 5.94
C SER A 120 -1.64 6.51 4.88
N ALA A 121 -2.55 6.03 4.04
CA ALA A 121 -2.21 5.16 2.92
C ALA A 121 -1.18 5.82 1.99
N LEU A 122 -1.43 7.07 1.65
CA LEU A 122 -0.52 7.88 0.84
C LEU A 122 0.87 7.95 1.50
N ALA A 123 0.89 8.36 2.77
CA ALA A 123 2.13 8.48 3.54
C ALA A 123 2.89 7.13 3.61
N LEU A 124 2.15 6.05 3.82
CA LEU A 124 2.72 4.70 3.82
C LEU A 124 3.52 4.46 2.53
N ALA A 125 2.93 4.84 1.39
CA ALA A 125 3.59 4.71 0.10
C ALA A 125 4.76 5.69 -0.05
N GLU A 126 4.64 6.88 0.54
CA GLU A 126 5.72 7.89 0.48
C GLU A 126 6.99 7.41 1.19
N SER A 127 6.82 6.87 2.40
CA SER A 127 7.95 6.38 3.23
C SER A 127 8.85 5.42 2.44
N VAL A 128 8.21 4.51 1.70
CA VAL A 128 8.94 3.56 0.85
C VAL A 128 9.16 4.11 -0.57
N GLY A 129 8.35 5.09 -0.95
CA GLY A 129 8.41 5.63 -2.30
C GLY A 129 9.58 6.59 -2.53
N SER A 130 10.15 7.13 -1.45
CA SER A 130 11.34 8.01 -1.51
C SER A 130 11.01 9.42 -2.04
N SER A 131 10.45 9.50 -3.25
CA SER A 131 10.10 10.79 -3.85
C SER A 131 8.70 11.26 -3.43
N SER A 132 8.62 12.48 -2.88
CA SER A 132 7.34 13.06 -2.45
C SER A 132 7.15 14.47 -3.03
N SER A 133 6.33 14.58 -4.08
CA SER A 133 6.05 15.88 -4.72
C SER A 133 4.62 15.95 -5.27
N SER A 134 3.80 14.92 -4.98
CA SER A 134 2.42 14.87 -5.49
C SER A 134 1.58 16.04 -4.96
N SER A 135 1.36 17.04 -5.79
CA SER A 135 0.65 18.25 -5.39
C SER A 135 -0.82 18.25 -5.85
N SER A 136 -1.24 17.16 -6.51
CA SER A 136 -2.60 17.05 -7.06
C SER A 136 -3.63 16.65 -5.99
N GLY A 137 -3.67 17.40 -4.90
CA GLY A 137 -4.67 17.18 -3.85
C GLY A 137 -5.77 18.24 -3.88
N SER A 138 -7.02 17.83 -4.08
CA SER A 138 -8.15 18.76 -4.15
C SER A 138 -8.60 19.26 -2.77
N SER A 139 -9.46 20.27 -2.76
CA SER A 139 -10.07 20.77 -1.52
C SER A 139 -11.22 19.86 -1.08
N SER A 140 -11.64 19.98 0.19
CA SER A 140 -12.77 19.19 0.70
C SER A 140 -13.82 20.08 1.37
N LEU A 141 -15.10 19.75 1.16
CA LEU A 141 -16.21 20.52 1.72
C LEU A 141 -16.65 19.96 3.10
N GLU A 142 -15.78 19.12 3.69
CA GLU A 142 -16.06 18.45 4.97
C GLU A 142 -17.18 17.40 4.85
N HIS A 143 -17.10 16.35 5.66
CA HIS A 143 -18.10 15.27 5.64
C HIS A 143 -18.89 15.22 6.97
N HIS A 144 -20.22 15.14 6.86
CA HIS A 144 -21.08 15.04 8.05
C HIS A 144 -20.99 13.65 8.70
N HIS A 145 -21.10 13.60 10.03
CA HIS A 145 -21.06 12.34 10.76
C HIS A 145 -21.99 12.36 11.99
N HIS A 146 -22.57 11.20 12.30
CA HIS A 146 -23.49 11.06 13.44
C HIS A 146 -22.84 11.49 14.76
N HIS A 147 -23.58 12.27 15.56
CA HIS A 147 -23.08 12.73 16.86
C HIS A 147 -23.46 11.77 18.00
N HIS A 148 -22.45 11.28 18.71
CA HIS A 148 -22.66 10.39 19.85
C HIS A 148 -21.40 10.35 20.73
N THR A 1 19.48 -22.50 -26.01
CA THR A 1 19.32 -21.35 -26.96
C THR A 1 18.01 -20.60 -26.71
N GLU A 2 16.91 -21.33 -26.55
CA GLU A 2 15.61 -20.72 -26.23
C GLU A 2 15.06 -21.28 -24.90
N THR A 3 14.59 -20.39 -24.03
CA THR A 3 14.00 -20.81 -22.75
C THR A 3 12.57 -20.29 -22.58
N TYR A 4 11.84 -20.89 -21.65
CA TYR A 4 10.43 -20.56 -21.42
C TYR A 4 10.25 -19.88 -20.05
N VAL A 5 9.24 -19.02 -19.95
CA VAL A 5 8.99 -18.26 -18.72
C VAL A 5 8.59 -19.16 -17.54
N LEU A 6 9.30 -19.04 -16.44
CA LEU A 6 8.96 -19.75 -15.20
C LEU A 6 8.46 -18.78 -14.13
N ALA A 7 7.18 -18.39 -14.22
CA ALA A 7 6.59 -17.44 -13.27
C ALA A 7 5.06 -17.43 -13.35
N GLU A 8 4.41 -17.48 -12.19
CA GLU A 8 2.94 -17.48 -12.13
C GLU A 8 2.45 -16.45 -11.09
N SER A 9 1.98 -15.31 -11.57
CA SER A 9 1.52 -14.21 -10.70
C SER A 9 0.67 -13.19 -11.49
N PRO A 10 -0.29 -12.52 -10.82
CA PRO A 10 -1.18 -11.53 -11.46
C PRO A 10 -0.50 -10.17 -11.71
N GLU A 11 0.60 -10.19 -12.46
CA GLU A 11 1.38 -8.97 -12.76
C GLU A 11 0.54 -7.83 -13.36
N PHE A 12 -0.63 -8.17 -13.89
CA PHE A 12 -1.52 -7.19 -14.54
C PHE A 12 -2.40 -6.43 -13.54
N TYR A 13 -1.77 -5.72 -12.61
CA TYR A 13 -2.50 -4.93 -11.61
C TYR A 13 -2.95 -3.59 -12.21
N GLN A 14 -4.26 -3.40 -12.34
CA GLN A 14 -4.82 -2.13 -12.84
C GLN A 14 -4.71 -1.04 -11.77
N ASP A 15 -5.41 -1.24 -10.66
CA ASP A 15 -5.41 -0.30 -9.54
C ASP A 15 -5.34 -1.04 -8.20
N ASN A 16 -4.45 -0.60 -7.32
CA ASN A 16 -4.21 -1.28 -6.04
C ASN A 16 -5.03 -0.69 -4.88
N VAL A 17 -6.13 0.01 -5.19
CA VAL A 17 -6.97 0.62 -4.13
C VAL A 17 -8.44 0.16 -4.25
N THR A 18 -8.87 -0.69 -3.32
CA THR A 18 -10.25 -1.21 -3.30
C THR A 18 -11.05 -0.63 -2.12
N ASP A 19 -12.08 0.15 -2.40
CA ASP A 19 -12.88 0.75 -1.33
C ASP A 19 -14.21 0.00 -1.10
N TYR A 20 -14.46 -0.35 0.16
CA TYR A 20 -15.76 -0.86 0.61
C TYR A 20 -16.57 0.30 1.21
N THR A 21 -15.89 1.44 1.38
CA THR A 21 -16.52 2.67 1.84
C THR A 21 -16.18 3.84 0.92
N GLY A 22 -17.14 4.24 0.10
CA GLY A 22 -16.97 5.40 -0.79
C GLY A 22 -16.94 6.73 -0.05
N GLN A 23 -16.71 6.70 1.26
CA GLN A 23 -16.64 7.91 2.09
C GLN A 23 -15.23 8.54 2.06
N ILE A 24 -14.43 8.15 1.08
CA ILE A 24 -13.08 8.69 0.91
C ILE A 24 -12.99 9.54 -0.37
N SER A 25 -12.23 10.64 -0.31
CA SER A 25 -12.11 11.56 -1.45
C SER A 25 -11.48 10.89 -2.68
N SER A 26 -12.21 10.89 -3.79
CA SER A 26 -11.77 10.22 -5.03
C SER A 26 -10.41 10.75 -5.52
N SER A 27 -10.22 12.06 -5.45
CA SER A 27 -8.97 12.70 -5.86
C SER A 27 -7.77 12.14 -5.09
N ASP A 28 -7.95 11.92 -3.78
CA ASP A 28 -6.92 11.32 -2.94
C ASP A 28 -6.60 9.87 -3.36
N ILE A 29 -7.64 9.11 -3.70
CA ILE A 29 -7.48 7.73 -4.14
C ILE A 29 -6.48 7.61 -5.31
N THR A 30 -6.64 8.46 -6.32
CA THR A 30 -5.72 8.49 -7.47
C THR A 30 -4.30 8.87 -7.03
N ASN A 31 -4.18 9.84 -6.12
CA ASN A 31 -2.86 10.27 -5.61
C ASN A 31 -2.15 9.12 -4.88
N ILE A 32 -2.90 8.40 -4.04
CA ILE A 32 -2.39 7.21 -3.35
C ILE A 32 -1.90 6.17 -4.37
N GLN A 33 -2.69 5.96 -5.42
CA GLN A 33 -2.33 5.00 -6.47
C GLN A 33 -1.02 5.40 -7.16
N ALA A 34 -0.84 6.70 -7.41
CA ALA A 34 0.40 7.21 -8.01
C ALA A 34 1.61 6.90 -7.11
N ALA A 35 1.48 7.20 -5.81
CA ALA A 35 2.54 6.90 -4.83
C ALA A 35 2.83 5.39 -4.78
N ILE A 36 1.77 4.58 -4.79
CA ILE A 36 1.92 3.12 -4.85
C ILE A 36 2.72 2.69 -6.08
N ASP A 37 2.36 3.24 -7.24
CA ASP A 37 3.03 2.90 -8.50
C ASP A 37 4.52 3.30 -8.47
N ASP A 38 4.82 4.40 -7.79
CA ASP A 38 6.22 4.82 -7.59
C ASP A 38 6.99 3.73 -6.81
N VAL A 39 6.36 3.18 -5.78
CA VAL A 39 6.95 2.08 -5.01
C VAL A 39 7.10 0.81 -5.88
N LYS A 40 6.10 0.57 -6.73
CA LYS A 40 6.10 -0.55 -7.67
C LYS A 40 7.25 -0.45 -8.69
N ALA A 41 7.67 0.78 -8.98
CA ALA A 41 8.80 1.01 -9.89
C ALA A 41 10.12 1.20 -9.13
N SER A 42 10.22 2.29 -8.37
CA SER A 42 11.43 2.62 -7.60
C SER A 42 11.89 1.46 -6.70
N GLU A 43 10.95 0.88 -5.95
CA GLU A 43 11.27 -0.20 -5.01
C GLU A 43 10.84 -1.58 -5.53
N GLN A 44 10.10 -1.61 -6.64
CA GLN A 44 9.52 -2.85 -7.16
C GLN A 44 8.61 -3.54 -6.12
N LYS A 45 8.15 -2.76 -5.15
CA LYS A 45 7.29 -3.27 -4.08
C LYS A 45 5.82 -2.88 -4.35
N VAL A 46 4.98 -3.89 -4.51
CA VAL A 46 3.59 -3.67 -4.89
C VAL A 46 2.68 -3.49 -3.66
N ILE A 47 2.36 -2.22 -3.36
CA ILE A 47 1.52 -1.90 -2.19
C ILE A 47 0.02 -1.90 -2.55
N PHE A 48 -0.80 -2.32 -1.60
CA PHE A 48 -2.26 -2.37 -1.76
C PHE A 48 -2.96 -1.63 -0.62
N VAL A 49 -4.02 -0.88 -0.95
CA VAL A 49 -4.79 -0.13 0.04
C VAL A 49 -6.28 -0.44 -0.05
N VAL A 50 -6.88 -0.83 1.07
CA VAL A 50 -8.31 -1.15 1.11
C VAL A 50 -9.05 -0.30 2.17
N PHE A 51 -9.95 0.57 1.72
CA PHE A 51 -10.79 1.34 2.64
C PHE A 51 -12.03 0.54 3.03
N LEU A 52 -12.02 -0.04 4.22
CA LEU A 52 -13.04 -1.00 4.64
C LEU A 52 -14.21 -0.36 5.40
N SER A 53 -15.33 -1.07 5.38
CA SER A 53 -16.49 -0.71 6.21
C SER A 53 -16.61 -1.66 7.39
N SER A 54 -15.71 -1.49 8.36
CA SER A 54 -15.72 -2.25 9.63
C SER A 54 -15.10 -3.65 9.49
N PHE A 55 -14.24 -3.82 8.49
CA PHE A 55 -13.46 -5.06 8.32
C PHE A 55 -14.34 -6.31 8.10
N ASP A 56 -15.61 -6.10 7.73
CA ASP A 56 -16.52 -7.21 7.43
C ASP A 56 -16.69 -8.18 8.63
N GLY A 57 -16.36 -7.70 9.83
CA GLY A 57 -16.45 -8.55 11.03
C GLY A 57 -15.23 -9.45 11.22
N VAL A 58 -14.14 -9.15 10.52
CA VAL A 58 -12.88 -9.89 10.63
C VAL A 58 -11.81 -9.06 11.35
N ASP A 59 -10.95 -9.71 12.13
CA ASP A 59 -9.90 -9.01 12.87
C ASP A 59 -8.91 -8.31 11.92
N PRO A 60 -8.50 -7.05 12.24
CA PRO A 60 -7.64 -6.23 11.36
C PRO A 60 -6.32 -6.92 10.98
N GLU A 61 -5.82 -7.79 11.86
CA GLU A 61 -4.60 -8.56 11.56
C GLU A 61 -4.89 -9.69 10.56
N THR A 62 -5.84 -10.56 10.93
CA THR A 62 -6.22 -11.72 10.11
C THR A 62 -6.64 -11.29 8.69
N TRP A 63 -7.54 -10.30 8.62
CA TRP A 63 -8.06 -9.81 7.33
C TRP A 63 -6.93 -9.48 6.37
N THR A 64 -6.04 -8.60 6.81
CA THR A 64 -4.94 -8.09 5.98
C THR A 64 -4.09 -9.23 5.40
N GLN A 65 -3.82 -10.26 6.20
CA GLN A 65 -3.03 -11.40 5.71
C GLN A 65 -3.83 -12.25 4.72
N GLN A 66 -5.14 -12.40 4.94
CA GLN A 66 -6.00 -13.15 4.01
C GLN A 66 -5.84 -12.60 2.59
N ALA A 67 -5.93 -11.28 2.45
CA ALA A 67 -5.70 -10.62 1.17
C ALA A 67 -4.27 -10.86 0.66
N LEU A 68 -3.30 -10.87 1.58
CA LEU A 68 -1.90 -11.13 1.23
C LEU A 68 -1.72 -12.54 0.65
N GLN A 69 -2.39 -13.53 1.26
CA GLN A 69 -2.31 -14.92 0.80
C GLN A 69 -2.92 -15.06 -0.61
N ALA A 70 -4.00 -14.32 -0.87
CA ALA A 70 -4.63 -14.30 -2.19
C ALA A 70 -3.67 -13.73 -3.25
N ASN A 71 -2.77 -12.86 -2.81
CA ASN A 71 -1.74 -12.28 -3.68
C ASN A 71 -0.43 -13.07 -3.63
N GLY A 72 -0.40 -14.15 -2.84
CA GLY A 72 0.81 -14.96 -2.70
C GLY A 72 1.86 -14.33 -1.77
N GLY A 73 2.03 -13.01 -1.87
CA GLY A 73 2.99 -12.30 -1.04
C GLY A 73 4.17 -11.75 -1.85
N GLY A 74 5.33 -12.37 -1.70
CA GLY A 74 6.51 -11.92 -2.44
C GLY A 74 6.87 -10.45 -2.17
N ASN A 75 6.58 -9.58 -3.13
CA ASN A 75 6.85 -8.14 -3.00
C ASN A 75 5.58 -7.32 -2.72
N VAL A 76 4.46 -8.01 -2.55
CA VAL A 76 3.16 -7.36 -2.28
C VAL A 76 3.03 -6.95 -0.80
N LEU A 77 2.36 -5.82 -0.58
CA LEU A 77 2.01 -5.35 0.77
C LEU A 77 0.53 -4.99 0.83
N ILE A 78 -0.17 -5.46 1.85
CA ILE A 78 -1.59 -5.13 2.02
C ILE A 78 -1.80 -4.15 3.19
N TYR A 79 -2.55 -3.09 2.93
CA TYR A 79 -2.91 -2.11 3.96
C TYR A 79 -4.44 -1.96 4.06
N ALA A 80 -5.03 -2.54 5.09
CA ALA A 80 -6.48 -2.45 5.31
C ALA A 80 -6.81 -1.37 6.36
N LEU A 81 -7.66 -0.43 6.00
CA LEU A 81 -7.99 0.70 6.88
C LEU A 81 -9.51 0.88 7.06
N ALA A 82 -9.95 0.96 8.31
CA ALA A 82 -11.35 1.28 8.62
C ALA A 82 -11.46 2.73 9.15
N PRO A 83 -11.78 3.70 8.28
CA PRO A 83 -11.83 5.12 8.64
C PRO A 83 -12.93 5.45 9.68
N GLU A 84 -13.98 4.64 9.70
CA GLU A 84 -15.12 4.87 10.59
C GLU A 84 -14.97 4.11 11.93
N GLU A 85 -14.23 3.01 11.91
CA GLU A 85 -14.02 2.20 13.13
C GLU A 85 -12.66 2.46 13.79
N ARG A 86 -11.88 3.37 13.21
CA ARG A 86 -10.60 3.80 13.80
C ARG A 86 -9.60 2.63 13.98
N GLN A 87 -9.69 1.64 13.10
CA GLN A 87 -8.81 0.45 13.18
C GLN A 87 -8.23 0.10 11.80
N TYR A 88 -7.11 -0.63 11.78
CA TYR A 88 -6.42 -0.96 10.53
C TYR A 88 -5.46 -2.15 10.70
N GLY A 89 -4.89 -2.62 9.58
CA GLY A 89 -3.93 -3.72 9.62
C GLY A 89 -2.97 -3.70 8.43
N ILE A 90 -1.72 -4.12 8.66
CA ILE A 90 -0.69 -4.10 7.60
C ILE A 90 0.13 -5.40 7.59
N GLN A 91 0.26 -6.01 6.41
CA GLN A 91 1.01 -7.26 6.23
C GLN A 91 1.78 -7.26 4.89
N GLY A 92 3.05 -7.67 4.92
CA GLY A 92 3.87 -7.70 3.70
C GLY A 92 4.42 -9.08 3.35
N GLY A 93 4.88 -9.23 2.11
CA GLY A 93 5.44 -10.50 1.65
C GLY A 93 6.86 -10.76 2.15
N THR A 94 7.66 -11.49 1.36
CA THR A 94 9.03 -11.84 1.77
C THR A 94 10.04 -10.72 1.47
N GLN A 95 9.74 -9.90 0.45
CA GLN A 95 10.62 -8.79 0.06
C GLN A 95 10.35 -7.52 0.88
N TRP A 96 9.81 -7.70 2.09
CA TRP A 96 9.58 -6.59 3.01
C TRP A 96 10.31 -6.85 4.35
N THR A 97 11.30 -6.02 4.65
CA THR A 97 12.12 -6.19 5.86
C THR A 97 11.46 -5.57 7.09
N ASP A 98 11.90 -6.04 8.26
CA ASP A 98 11.30 -5.67 9.55
C ASP A 98 11.21 -4.14 9.74
N ALA A 99 12.32 -3.43 9.57
CA ALA A 99 12.35 -1.97 9.77
C ALA A 99 11.45 -1.24 8.76
N GLU A 100 11.53 -1.62 7.48
CA GLU A 100 10.69 -1.03 6.44
C GLU A 100 9.19 -1.25 6.72
N LEU A 101 8.85 -2.40 7.31
CA LEU A 101 7.48 -2.67 7.75
C LEU A 101 7.07 -1.69 8.87
N ASP A 102 7.92 -1.56 9.88
CA ASP A 102 7.68 -0.61 10.98
C ASP A 102 7.55 0.83 10.46
N ALA A 103 8.37 1.20 9.48
CA ALA A 103 8.29 2.53 8.87
C ALA A 103 6.93 2.74 8.17
N ALA A 104 6.43 1.69 7.51
CA ALA A 104 5.12 1.73 6.87
C ALA A 104 4.00 1.89 7.90
N ASN A 105 4.01 1.05 8.93
CA ASN A 105 3.03 1.12 10.02
C ASN A 105 3.04 2.51 10.70
N ASN A 106 4.22 2.95 11.10
CA ASN A 106 4.39 4.24 11.79
C ASN A 106 3.94 5.41 10.91
N ALA A 107 4.32 5.41 9.63
CA ALA A 107 3.92 6.48 8.70
C ALA A 107 2.40 6.52 8.50
N ALA A 108 1.78 5.34 8.38
CA ALA A 108 0.33 5.24 8.24
C ALA A 108 -0.38 5.75 9.51
N PHE A 109 -0.02 5.18 10.66
CA PHE A 109 -0.60 5.57 11.96
C PHE A 109 -0.35 7.06 12.24
N GLN A 110 0.80 7.56 11.80
CA GLN A 110 1.16 8.96 11.95
C GLN A 110 0.05 9.87 11.45
N ALA A 111 -0.36 9.67 10.19
CA ALA A 111 -1.47 10.43 9.60
C ALA A 111 -2.81 10.08 10.27
N LEU A 112 -2.99 8.79 10.60
CA LEU A 112 -4.19 8.32 11.30
C LEU A 112 -4.39 9.03 12.65
N SER A 113 -3.31 9.54 13.23
CA SER A 113 -3.37 10.26 14.50
C SER A 113 -4.08 11.60 14.32
N GLN A 114 -3.97 12.17 13.12
CA GLN A 114 -4.71 13.37 12.72
C GLN A 114 -5.95 12.99 11.88
N GLU A 115 -6.21 11.68 11.80
CA GLU A 115 -7.35 11.12 11.08
C GLU A 115 -7.27 11.33 9.55
N ASP A 116 -6.06 11.51 9.02
CA ASP A 116 -5.86 11.54 7.57
C ASP A 116 -5.98 10.13 6.98
N TRP A 117 -7.21 9.70 6.73
CA TRP A 117 -7.49 8.33 6.25
C TRP A 117 -6.80 8.05 4.92
N ALA A 118 -6.99 8.93 3.94
CA ALA A 118 -6.34 8.79 2.64
C ALA A 118 -4.84 9.13 2.73
N GLY A 119 -4.53 10.14 3.54
CA GLY A 119 -3.15 10.57 3.73
C GLY A 119 -2.25 9.49 4.33
N SER A 120 -2.83 8.60 5.14
CA SER A 120 -2.07 7.51 5.77
C SER A 120 -1.46 6.58 4.72
N ALA A 121 -2.28 6.08 3.82
CA ALA A 121 -1.82 5.21 2.72
C ALA A 121 -0.76 5.91 1.86
N LEU A 122 -1.00 7.19 1.57
CA LEU A 122 -0.06 8.00 0.80
C LEU A 122 1.31 8.08 1.51
N ALA A 123 1.29 8.44 2.79
CA ALA A 123 2.50 8.53 3.61
C ALA A 123 3.21 7.16 3.71
N LEU A 124 2.42 6.10 3.87
CA LEU A 124 2.94 4.73 3.90
C LEU A 124 3.77 4.44 2.65
N ALA A 125 3.23 4.77 1.48
CA ALA A 125 3.94 4.58 0.22
C ALA A 125 5.21 5.44 0.14
N GLU A 126 5.06 6.73 0.45
CA GLU A 126 6.18 7.68 0.41
C GLU A 126 7.26 7.35 1.45
N SER A 127 6.90 6.57 2.47
CA SER A 127 7.87 6.12 3.48
C SER A 127 8.85 5.09 2.90
N VAL A 128 8.41 4.37 1.86
CA VAL A 128 9.22 3.31 1.24
C VAL A 128 9.68 3.70 -0.19
N GLY A 129 8.71 4.09 -1.03
CA GLY A 129 9.00 4.51 -2.40
C GLY A 129 9.96 5.68 -2.46
N SER A 130 11.24 5.35 -2.57
CA SER A 130 12.33 6.35 -2.60
C SER A 130 12.65 6.84 -1.19
N SER A 131 11.62 7.28 -0.47
CA SER A 131 11.71 7.60 0.96
C SER A 131 12.64 8.79 1.28
N SER A 132 13.94 8.56 1.20
CA SER A 132 14.96 9.57 1.56
C SER A 132 14.92 9.90 3.06
N SER A 133 14.20 9.08 3.83
CA SER A 133 14.11 9.25 5.29
C SER A 133 14.90 8.15 6.03
N SER A 134 15.60 7.33 5.25
CA SER A 134 16.37 6.20 5.81
C SER A 134 17.70 6.66 6.42
N SER A 135 17.84 6.52 7.73
CA SER A 135 19.06 6.91 8.44
C SER A 135 20.05 5.74 8.57
N SER A 136 21.05 5.89 9.43
CA SER A 136 22.06 4.84 9.66
C SER A 136 22.09 4.42 11.13
N GLY A 137 21.81 3.15 11.40
CA GLY A 137 21.81 2.63 12.77
C GLY A 137 21.85 1.11 12.84
N SER A 138 22.89 0.52 12.26
CA SER A 138 23.04 -0.95 12.24
C SER A 138 24.12 -1.41 13.22
N SER A 139 23.71 -2.13 14.27
CA SER A 139 24.67 -2.71 15.24
C SER A 139 25.00 -4.15 14.87
N SER A 140 26.28 -4.48 14.78
CA SER A 140 26.72 -5.81 14.31
C SER A 140 27.02 -6.78 15.47
N LEU A 141 27.31 -6.24 16.65
CA LEU A 141 27.78 -7.06 17.78
C LEU A 141 29.01 -7.90 17.38
N GLU A 142 30.18 -7.27 17.38
CA GLU A 142 31.39 -7.91 16.84
C GLU A 142 32.35 -8.39 17.94
N HIS A 143 32.67 -9.69 17.91
CA HIS A 143 33.69 -10.29 18.78
C HIS A 143 34.63 -11.20 17.98
N HIS A 144 35.93 -11.03 18.15
CA HIS A 144 36.92 -11.90 17.49
C HIS A 144 38.02 -12.34 18.47
N HIS A 145 38.92 -11.43 18.81
CA HIS A 145 40.04 -11.74 19.71
C HIS A 145 39.58 -11.76 21.17
N HIS A 146 38.92 -12.84 21.57
CA HIS A 146 38.48 -13.04 22.95
C HIS A 146 39.66 -13.38 23.87
N HIS A 147 39.94 -12.49 24.83
CA HIS A 147 41.05 -12.67 25.77
C HIS A 147 42.43 -12.64 25.07
N HIS A 148 43.48 -12.80 25.87
CA HIS A 148 44.86 -12.88 25.38
C HIS A 148 45.07 -14.06 24.39
N THR A 1 25.89 -4.61 -25.25
CA THR A 1 24.59 -4.33 -24.58
C THR A 1 23.77 -5.61 -24.37
N GLU A 2 23.51 -5.94 -23.10
CA GLU A 2 22.71 -7.12 -22.75
C GLU A 2 21.61 -6.74 -21.75
N THR A 3 20.99 -5.59 -21.98
CA THR A 3 19.91 -5.09 -21.13
C THR A 3 18.64 -5.96 -21.19
N TYR A 4 17.66 -5.63 -20.36
CA TYR A 4 16.45 -6.45 -20.21
C TYR A 4 15.20 -5.60 -19.95
N VAL A 5 14.04 -6.10 -20.36
CA VAL A 5 12.77 -5.37 -20.23
C VAL A 5 12.05 -5.72 -18.91
N LEU A 6 11.72 -4.70 -18.12
CA LEU A 6 11.04 -4.89 -16.84
C LEU A 6 9.52 -5.02 -17.04
N ALA A 7 8.88 -5.84 -16.19
CA ALA A 7 7.44 -6.09 -16.30
C ALA A 7 6.61 -4.94 -15.73
N GLU A 8 5.67 -4.44 -16.52
CA GLU A 8 4.76 -3.38 -16.08
C GLU A 8 3.29 -3.82 -16.23
N SER A 9 2.37 -2.96 -15.77
CA SER A 9 0.93 -3.21 -15.90
C SER A 9 0.49 -4.52 -15.22
N PRO A 10 0.11 -4.46 -13.93
CA PRO A 10 -0.44 -5.61 -13.22
C PRO A 10 -1.91 -5.89 -13.62
N GLU A 11 -2.09 -6.25 -14.90
CA GLU A 11 -3.44 -6.40 -15.50
C GLU A 11 -4.36 -7.39 -14.75
N PHE A 12 -3.80 -8.09 -13.77
CA PHE A 12 -4.59 -8.99 -12.91
C PHE A 12 -5.63 -8.20 -12.09
N TYR A 13 -5.30 -6.94 -11.82
CA TYR A 13 -6.17 -6.02 -11.05
C TYR A 13 -5.96 -4.57 -11.51
N GLN A 14 -7.02 -3.76 -11.49
CA GLN A 14 -6.93 -2.37 -11.94
C GLN A 14 -6.64 -1.41 -10.78
N ASP A 15 -7.36 -1.60 -9.67
CA ASP A 15 -7.26 -0.68 -8.52
C ASP A 15 -6.50 -1.30 -7.34
N ASN A 16 -5.26 -0.85 -7.12
CA ASN A 16 -4.52 -1.18 -5.90
C ASN A 16 -5.17 -0.53 -4.67
N VAL A 17 -5.91 0.56 -4.90
CA VAL A 17 -6.67 1.22 -3.84
C VAL A 17 -8.16 0.83 -3.94
N THR A 18 -8.59 -0.14 -3.14
CA THR A 18 -9.98 -0.62 -3.15
C THR A 18 -10.83 0.13 -2.12
N ASP A 19 -11.69 1.02 -2.60
CA ASP A 19 -12.52 1.87 -1.73
C ASP A 19 -13.96 1.34 -1.62
N TYR A 20 -14.29 0.73 -0.47
CA TYR A 20 -15.66 0.31 -0.18
C TYR A 20 -16.48 1.46 0.43
N THR A 21 -15.81 2.25 1.30
CA THR A 21 -16.47 3.38 1.97
C THR A 21 -17.07 4.38 0.98
N GLY A 22 -16.28 4.77 -0.03
CA GLY A 22 -16.73 5.76 -1.00
C GLY A 22 -16.66 7.19 -0.46
N GLN A 23 -16.20 7.34 0.79
CA GLN A 23 -16.12 8.66 1.43
C GLN A 23 -14.75 9.30 1.21
N ILE A 24 -13.91 8.65 0.41
CA ILE A 24 -12.56 9.15 0.10
C ILE A 24 -12.54 9.86 -1.27
N SER A 25 -11.98 11.07 -1.29
CA SER A 25 -11.93 11.86 -2.53
C SER A 25 -11.16 11.16 -3.65
N SER A 26 -11.66 11.29 -4.88
CA SER A 26 -10.98 10.76 -6.06
C SER A 26 -9.55 11.31 -6.16
N SER A 27 -9.37 12.55 -5.70
CA SER A 27 -8.04 13.17 -5.64
C SER A 27 -7.10 12.36 -4.74
N ASP A 28 -7.57 12.02 -3.53
CA ASP A 28 -6.79 11.21 -2.60
C ASP A 28 -6.44 9.85 -3.21
N ILE A 29 -7.45 9.14 -3.71
CA ILE A 29 -7.26 7.82 -4.32
C ILE A 29 -6.18 7.86 -5.42
N THR A 30 -6.25 8.89 -6.28
CA THR A 30 -5.28 9.06 -7.36
C THR A 30 -3.86 9.31 -6.83
N ASN A 31 -3.74 10.24 -5.89
CA ASN A 31 -2.43 10.59 -5.30
C ASN A 31 -1.80 9.39 -4.56
N ILE A 32 -2.62 8.66 -3.80
CA ILE A 32 -2.16 7.43 -3.14
C ILE A 32 -1.65 6.42 -4.18
N GLN A 33 -2.44 6.21 -5.23
CA GLN A 33 -2.05 5.30 -6.32
C GLN A 33 -0.74 5.75 -6.98
N ALA A 34 -0.56 7.06 -7.14
CA ALA A 34 0.65 7.63 -7.74
C ALA A 34 1.91 7.21 -6.96
N ALA A 35 1.89 7.40 -5.65
CA ALA A 35 3.02 6.98 -4.79
C ALA A 35 3.22 5.46 -4.84
N ILE A 36 2.13 4.71 -4.79
CA ILE A 36 2.17 3.24 -4.85
C ILE A 36 2.78 2.74 -6.18
N ASP A 37 2.36 3.33 -7.30
CA ASP A 37 2.77 2.86 -8.62
C ASP A 37 4.29 3.00 -8.84
N ASP A 38 4.90 4.05 -8.31
CA ASP A 38 6.36 4.23 -8.41
C ASP A 38 7.08 3.11 -7.63
N VAL A 39 6.58 2.78 -6.44
CA VAL A 39 7.10 1.67 -5.64
C VAL A 39 6.98 0.34 -6.42
N LYS A 40 5.87 0.20 -7.13
CA LYS A 40 5.62 -0.97 -7.99
C LYS A 40 6.64 -1.08 -9.14
N ALA A 41 7.24 0.05 -9.51
CA ALA A 41 8.25 0.07 -10.57
C ALA A 41 9.68 0.03 -10.00
N SER A 42 10.05 1.07 -9.27
CA SER A 42 11.41 1.20 -8.69
C SER A 42 11.75 0.02 -7.77
N GLU A 43 10.93 -0.16 -6.72
CA GLU A 43 11.15 -1.25 -5.76
C GLU A 43 10.55 -2.57 -6.25
N GLN A 44 9.69 -2.48 -7.28
CA GLN A 44 8.89 -3.61 -7.76
C GLN A 44 8.00 -4.17 -6.64
N LYS A 45 7.77 -3.35 -5.61
CA LYS A 45 6.96 -3.73 -4.46
C LYS A 45 5.51 -3.25 -4.65
N VAL A 46 4.60 -4.20 -4.82
CA VAL A 46 3.19 -3.87 -5.08
C VAL A 46 2.41 -3.61 -3.79
N ILE A 47 2.09 -2.34 -3.54
CA ILE A 47 1.32 -1.94 -2.36
C ILE A 47 -0.19 -1.96 -2.65
N PHE A 48 -0.97 -2.32 -1.63
CA PHE A 48 -2.44 -2.34 -1.72
C PHE A 48 -3.05 -1.52 -0.57
N VAL A 49 -4.17 -0.85 -0.85
CA VAL A 49 -4.90 -0.08 0.17
C VAL A 49 -6.40 -0.35 0.08
N VAL A 50 -7.00 -0.85 1.15
CA VAL A 50 -8.44 -1.16 1.18
C VAL A 50 -9.18 -0.32 2.24
N PHE A 51 -10.09 0.54 1.79
CA PHE A 51 -10.91 1.35 2.69
C PHE A 51 -12.24 0.63 3.02
N LEU A 52 -12.30 0.03 4.21
CA LEU A 52 -13.49 -0.69 4.68
C LEU A 52 -14.30 0.17 5.66
N SER A 53 -15.58 -0.12 5.81
CA SER A 53 -16.38 0.49 6.89
C SER A 53 -15.99 -0.16 8.23
N SER A 54 -15.93 -1.48 8.22
CA SER A 54 -15.46 -2.28 9.35
C SER A 54 -14.82 -3.58 8.84
N PHE A 55 -14.13 -4.28 9.73
CA PHE A 55 -13.51 -5.57 9.37
C PHE A 55 -14.50 -6.73 9.47
N ASP A 56 -15.81 -6.42 9.42
CA ASP A 56 -16.87 -7.42 9.48
C ASP A 56 -16.81 -8.25 10.77
N GLY A 57 -15.96 -9.26 10.78
CA GLY A 57 -15.76 -10.07 11.98
C GLY A 57 -14.32 -10.56 12.11
N VAL A 58 -13.49 -10.28 11.11
CA VAL A 58 -12.10 -10.74 11.09
C VAL A 58 -11.17 -9.79 11.87
N ASP A 59 -10.09 -10.35 12.42
CA ASP A 59 -9.07 -9.52 13.09
C ASP A 59 -8.36 -8.63 12.05
N PRO A 60 -8.23 -7.31 12.33
CA PRO A 60 -7.62 -6.35 11.39
C PRO A 60 -6.28 -6.81 10.80
N GLU A 61 -5.35 -7.21 11.66
CA GLU A 61 -4.03 -7.68 11.21
C GLU A 61 -4.13 -9.01 10.43
N THR A 62 -5.16 -9.78 10.73
CA THR A 62 -5.36 -11.10 10.08
C THR A 62 -5.97 -10.96 8.69
N TRP A 63 -6.97 -10.08 8.56
CA TRP A 63 -7.59 -9.79 7.26
C TRP A 63 -6.51 -9.46 6.22
N THR A 64 -5.53 -8.67 6.66
CA THR A 64 -4.40 -8.28 5.82
C THR A 64 -3.58 -9.48 5.39
N GLN A 65 -3.32 -10.37 6.35
CA GLN A 65 -2.63 -11.64 6.09
C GLN A 65 -3.36 -12.48 5.03
N GLN A 66 -4.67 -12.64 5.20
CA GLN A 66 -5.49 -13.43 4.26
C GLN A 66 -5.41 -12.85 2.84
N ALA A 67 -5.58 -11.54 2.73
CA ALA A 67 -5.44 -10.84 1.44
C ALA A 67 -4.03 -11.04 0.86
N LEU A 68 -3.02 -10.98 1.72
CA LEU A 68 -1.63 -11.20 1.31
C LEU A 68 -1.44 -12.62 0.74
N GLN A 69 -2.08 -13.61 1.37
CA GLN A 69 -1.99 -15.00 0.89
C GLN A 69 -2.68 -15.16 -0.47
N ALA A 70 -3.79 -14.44 -0.67
CA ALA A 70 -4.48 -14.39 -1.97
C ALA A 70 -3.56 -13.75 -3.03
N ASN A 71 -2.69 -12.86 -2.58
CA ASN A 71 -1.69 -12.22 -3.44
C ASN A 71 -0.34 -12.98 -3.42
N GLY A 72 -0.28 -14.07 -2.66
CA GLY A 72 0.95 -14.84 -2.53
C GLY A 72 1.92 -14.26 -1.50
N GLY A 73 2.27 -12.98 -1.70
CA GLY A 73 3.19 -12.31 -0.79
C GLY A 73 4.42 -11.76 -1.52
N GLY A 74 5.60 -12.25 -1.13
CA GLY A 74 6.84 -11.79 -1.76
C GLY A 74 7.02 -10.27 -1.76
N ASN A 75 6.78 -9.64 -2.90
CA ASN A 75 6.98 -8.20 -3.07
C ASN A 75 5.70 -7.39 -2.76
N VAL A 76 4.61 -8.09 -2.48
CA VAL A 76 3.31 -7.46 -2.24
C VAL A 76 3.11 -7.03 -0.77
N LEU A 77 2.39 -5.93 -0.56
CA LEU A 77 2.02 -5.45 0.77
C LEU A 77 0.58 -4.91 0.78
N ILE A 78 -0.23 -5.32 1.76
CA ILE A 78 -1.62 -4.84 1.86
C ILE A 78 -1.79 -3.90 3.07
N TYR A 79 -2.53 -2.81 2.87
CA TYR A 79 -2.91 -1.91 3.94
C TYR A 79 -4.43 -1.96 4.16
N ALA A 80 -4.86 -2.65 5.21
CA ALA A 80 -6.28 -2.76 5.54
C ALA A 80 -6.69 -1.70 6.55
N LEU A 81 -7.64 -0.86 6.20
CA LEU A 81 -8.06 0.25 7.07
C LEU A 81 -9.58 0.34 7.16
N ALA A 82 -10.09 0.54 8.38
CA ALA A 82 -11.52 0.75 8.61
C ALA A 82 -11.75 2.10 9.30
N PRO A 83 -11.79 3.19 8.50
CA PRO A 83 -11.94 4.57 9.01
C PRO A 83 -13.03 4.71 10.07
N GLU A 84 -14.20 4.16 9.76
CA GLU A 84 -15.39 4.33 10.61
C GLU A 84 -15.25 3.60 11.96
N GLU A 85 -14.37 2.60 12.01
CA GLU A 85 -14.11 1.86 13.26
C GLU A 85 -12.75 2.25 13.88
N ARG A 86 -12.05 3.19 13.24
CA ARG A 86 -10.74 3.69 13.72
C ARG A 86 -9.73 2.55 13.93
N GLN A 87 -9.86 1.46 13.16
CA GLN A 87 -8.96 0.30 13.29
C GLN A 87 -8.31 -0.04 11.93
N TYR A 88 -7.18 -0.77 11.98
CA TYR A 88 -6.44 -1.10 10.75
C TYR A 88 -5.50 -2.31 10.95
N GLY A 89 -4.89 -2.76 9.86
CA GLY A 89 -3.92 -3.86 9.92
C GLY A 89 -2.95 -3.83 8.73
N ILE A 90 -1.65 -3.84 9.01
CA ILE A 90 -0.62 -3.75 7.95
C ILE A 90 0.25 -5.01 7.89
N GLN A 91 0.35 -5.62 6.71
CA GLN A 91 1.16 -6.83 6.50
C GLN A 91 1.84 -6.81 5.11
N GLY A 92 3.12 -7.17 5.08
CA GLY A 92 3.87 -7.18 3.82
C GLY A 92 4.45 -8.56 3.49
N GLY A 93 4.91 -8.72 2.25
CA GLY A 93 5.46 -9.99 1.81
C GLY A 93 6.88 -10.26 2.32
N THR A 94 7.39 -11.46 2.01
CA THR A 94 8.72 -11.90 2.50
C THR A 94 9.87 -10.98 2.02
N GLN A 95 9.64 -10.19 0.97
CA GLN A 95 10.68 -9.30 0.42
C GLN A 95 10.79 -8.00 1.23
N TRP A 96 9.77 -7.69 2.02
CA TRP A 96 9.76 -6.48 2.85
C TRP A 96 10.56 -6.69 4.15
N THR A 97 11.41 -5.74 4.49
CA THR A 97 12.21 -5.82 5.72
C THR A 97 11.42 -5.35 6.94
N ASP A 98 11.81 -5.83 8.13
CA ASP A 98 11.17 -5.41 9.39
C ASP A 98 11.20 -3.88 9.52
N ALA A 99 12.29 -3.26 9.06
CA ALA A 99 12.43 -1.80 9.08
C ALA A 99 11.38 -1.11 8.19
N GLU A 100 11.17 -1.66 6.98
CA GLU A 100 10.17 -1.12 6.05
C GLU A 100 8.74 -1.29 6.57
N LEU A 101 8.44 -2.48 7.10
CA LEU A 101 7.12 -2.76 7.69
C LEU A 101 6.81 -1.78 8.83
N ASP A 102 7.77 -1.62 9.75
CA ASP A 102 7.65 -0.69 10.87
C ASP A 102 7.49 0.77 10.39
N ALA A 103 8.39 1.21 9.50
CA ALA A 103 8.35 2.58 8.97
C ALA A 103 7.02 2.89 8.28
N ALA A 104 6.55 1.96 7.46
CA ALA A 104 5.24 2.10 6.79
C ALA A 104 4.10 2.13 7.82
N ASN A 105 4.22 1.30 8.85
CA ASN A 105 3.26 1.25 9.95
C ASN A 105 3.18 2.62 10.65
N ASN A 106 4.34 3.12 11.05
CA ASN A 106 4.46 4.40 11.74
C ASN A 106 4.04 5.57 10.85
N ALA A 107 4.46 5.55 9.59
CA ALA A 107 4.09 6.58 8.62
C ALA A 107 2.57 6.75 8.53
N ALA A 108 1.87 5.64 8.35
CA ALA A 108 0.40 5.65 8.30
C ALA A 108 -0.21 6.06 9.66
N PHE A 109 0.35 5.55 10.75
CA PHE A 109 -0.17 5.79 12.10
C PHE A 109 -0.25 7.29 12.44
N GLN A 110 0.72 8.06 11.95
CA GLN A 110 0.73 9.52 12.16
C GLN A 110 -0.62 10.14 11.75
N ALA A 111 -1.02 9.89 10.50
CA ALA A 111 -2.27 10.40 9.96
C ALA A 111 -3.50 9.77 10.65
N LEU A 112 -3.38 8.48 10.99
CA LEU A 112 -4.47 7.76 11.67
C LEU A 112 -4.86 8.43 12.99
N SER A 113 -3.90 9.06 13.66
CA SER A 113 -4.15 9.72 14.95
C SER A 113 -5.01 10.98 14.76
N GLN A 114 -4.87 11.60 13.59
CA GLN A 114 -5.63 12.80 13.24
C GLN A 114 -6.83 12.45 12.34
N GLU A 115 -7.13 11.16 12.23
CA GLU A 115 -8.23 10.65 11.41
C GLU A 115 -8.05 10.96 9.91
N ASP A 116 -6.81 11.18 9.49
CA ASP A 116 -6.51 11.33 8.06
C ASP A 116 -6.38 9.97 7.37
N TRP A 117 -7.52 9.30 7.21
CA TRP A 117 -7.56 7.94 6.67
C TRP A 117 -6.98 7.86 5.24
N ALA A 118 -7.27 8.87 4.43
CA ALA A 118 -6.73 8.92 3.07
C ALA A 118 -5.24 9.28 3.07
N GLY A 119 -4.83 10.12 4.04
CA GLY A 119 -3.44 10.53 4.15
C GLY A 119 -2.52 9.43 4.70
N SER A 120 -3.06 8.55 5.54
CA SER A 120 -2.29 7.45 6.11
C SER A 120 -1.75 6.51 5.02
N ALA A 121 -2.65 6.06 4.15
CA ALA A 121 -2.28 5.23 3.00
C ALA A 121 -1.21 5.90 2.14
N LEU A 122 -1.42 7.18 1.85
CA LEU A 122 -0.47 7.97 1.06
C LEU A 122 0.92 8.02 1.74
N ALA A 123 0.93 8.38 3.03
CA ALA A 123 2.17 8.45 3.80
C ALA A 123 2.88 7.09 3.87
N LEU A 124 2.10 6.02 3.98
CA LEU A 124 2.64 4.65 3.97
C LEU A 124 3.45 4.39 2.70
N ALA A 125 2.91 4.81 1.55
CA ALA A 125 3.59 4.66 0.27
C ALA A 125 4.80 5.61 0.16
N GLU A 126 4.67 6.82 0.71
CA GLU A 126 5.79 7.77 0.72
C GLU A 126 6.97 7.24 1.54
N SER A 127 6.67 6.54 2.64
CA SER A 127 7.71 5.98 3.52
C SER A 127 8.72 5.12 2.73
N VAL A 128 8.23 4.43 1.72
CA VAL A 128 9.09 3.61 0.85
C VAL A 128 9.46 4.33 -0.45
N GLY A 129 8.46 4.79 -1.20
CA GLY A 129 8.70 5.43 -2.49
C GLY A 129 8.60 6.96 -2.43
N SER A 130 9.35 7.58 -1.53
CA SER A 130 9.42 9.05 -1.45
C SER A 130 10.27 9.63 -2.60
N SER A 131 9.79 9.46 -3.83
CA SER A 131 10.54 9.91 -5.02
C SER A 131 9.61 10.07 -6.23
N SER A 132 10.20 10.37 -7.38
CA SER A 132 9.44 10.50 -8.64
C SER A 132 10.28 10.01 -9.83
N SER A 133 10.15 8.73 -10.15
CA SER A 133 10.93 8.12 -11.23
C SER A 133 10.30 8.38 -12.60
N SER A 134 10.62 9.53 -13.19
CA SER A 134 10.04 9.93 -14.47
C SER A 134 10.99 9.60 -15.63
N SER A 135 10.65 8.58 -16.40
CA SER A 135 11.46 8.18 -17.56
C SER A 135 11.39 9.23 -18.68
N SER A 136 12.39 10.12 -18.71
CA SER A 136 12.45 11.19 -19.71
C SER A 136 13.00 10.68 -21.06
N GLY A 137 12.88 11.50 -22.09
CA GLY A 137 13.33 11.11 -23.42
C GLY A 137 12.18 10.64 -24.32
N SER A 138 12.02 9.32 -24.44
CA SER A 138 10.97 8.72 -25.28
C SER A 138 11.12 9.15 -26.76
N SER A 139 11.78 8.30 -27.55
CA SER A 139 12.03 8.61 -28.97
C SER A 139 11.06 7.85 -29.89
N SER A 140 10.06 8.55 -30.41
CA SER A 140 9.18 7.97 -31.44
C SER A 140 9.93 7.88 -32.78
N LEU A 141 10.55 6.74 -33.04
CA LEU A 141 11.40 6.55 -34.21
C LEU A 141 10.63 6.70 -35.53
N GLU A 142 10.63 7.92 -36.08
CA GLU A 142 10.03 8.20 -37.39
C GLU A 142 11.06 7.96 -38.50
N HIS A 143 10.85 6.90 -39.29
CA HIS A 143 11.86 6.44 -40.26
C HIS A 143 11.38 6.61 -41.72
N HIS A 144 10.26 7.31 -41.92
CA HIS A 144 9.71 7.51 -43.28
C HIS A 144 10.68 8.28 -44.19
N HIS A 145 10.74 7.88 -45.46
CA HIS A 145 11.60 8.53 -46.47
C HIS A 145 11.32 7.99 -47.89
N HIS A 146 11.23 8.89 -48.86
CA HIS A 146 11.01 8.50 -50.26
C HIS A 146 11.41 9.62 -51.22
N HIS A 147 12.14 9.27 -52.28
CA HIS A 147 12.57 10.24 -53.29
C HIS A 147 12.04 9.85 -54.69
N HIS A 148 12.57 10.48 -55.73
CA HIS A 148 12.23 10.15 -57.12
C HIS A 148 13.48 9.77 -57.91
N THR A 1 -0.97 -27.92 -18.67
CA THR A 1 -0.27 -28.23 -19.95
C THR A 1 1.17 -28.69 -19.71
N GLU A 2 1.62 -29.69 -20.48
CA GLU A 2 3.01 -30.16 -20.42
C GLU A 2 3.98 -29.01 -20.71
N THR A 3 3.88 -28.43 -21.89
CA THR A 3 4.77 -27.33 -22.29
C THR A 3 4.48 -26.04 -21.53
N TYR A 4 5.41 -25.68 -20.65
CA TYR A 4 5.36 -24.41 -19.90
C TYR A 4 5.38 -23.19 -20.83
N VAL A 5 4.61 -22.16 -20.48
CA VAL A 5 4.54 -20.93 -21.29
C VAL A 5 5.85 -20.11 -21.18
N LEU A 6 6.31 -19.60 -22.32
CA LEU A 6 7.53 -18.78 -22.36
C LEU A 6 7.21 -17.29 -22.25
N ALA A 7 5.95 -16.94 -22.50
CA ALA A 7 5.49 -15.56 -22.40
C ALA A 7 4.12 -15.48 -21.70
N GLU A 8 4.04 -14.71 -20.61
CA GLU A 8 2.79 -14.55 -19.86
C GLU A 8 2.70 -13.15 -19.24
N SER A 9 1.56 -12.48 -19.40
CA SER A 9 1.37 -11.10 -18.90
C SER A 9 1.13 -11.08 -17.38
N PRO A 10 1.65 -10.05 -16.69
CA PRO A 10 1.55 -9.93 -15.21
C PRO A 10 0.15 -9.48 -14.72
N GLU A 11 -0.91 -10.10 -15.25
CA GLU A 11 -2.27 -9.80 -14.80
C GLU A 11 -2.53 -10.30 -13.37
N PHE A 12 -2.10 -9.51 -12.38
CA PHE A 12 -2.24 -9.87 -10.96
C PHE A 12 -2.43 -8.64 -10.08
N TYR A 13 -3.04 -7.58 -10.64
CA TYR A 13 -3.13 -6.29 -9.93
C TYR A 13 -4.57 -5.79 -9.80
N GLN A 14 -5.11 -5.26 -10.89
CA GLN A 14 -6.39 -4.52 -10.87
C GLN A 14 -6.27 -3.25 -10.01
N ASP A 15 -5.20 -2.48 -10.26
CA ASP A 15 -4.85 -1.31 -9.43
C ASP A 15 -4.39 -1.74 -8.03
N ASN A 16 -4.35 -0.79 -7.10
CA ASN A 16 -3.86 -1.08 -5.74
C ASN A 16 -4.80 -0.52 -4.64
N VAL A 17 -5.40 0.64 -4.89
CA VAL A 17 -6.31 1.27 -3.92
C VAL A 17 -7.78 0.98 -4.24
N THR A 18 -8.56 0.65 -3.20
CA THR A 18 -10.00 0.41 -3.34
C THR A 18 -10.74 0.75 -2.05
N ASP A 19 -11.82 1.54 -2.14
CA ASP A 19 -12.60 1.90 -0.96
C ASP A 19 -14.02 1.29 -1.02
N TYR A 20 -14.58 0.98 0.14
CA TYR A 20 -15.96 0.49 0.24
C TYR A 20 -16.82 1.46 1.07
N THR A 21 -16.31 2.68 1.26
CA THR A 21 -16.92 3.64 2.18
C THR A 21 -17.88 4.61 1.47
N GLY A 22 -17.51 5.03 0.25
CA GLY A 22 -18.24 6.09 -0.43
C GLY A 22 -18.03 7.45 0.24
N GLN A 23 -17.05 7.49 1.15
CA GLN A 23 -16.72 8.69 1.91
C GLN A 23 -15.32 9.22 1.53
N ILE A 24 -14.45 8.29 1.10
CA ILE A 24 -13.10 8.66 0.61
C ILE A 24 -13.18 9.23 -0.81
N SER A 25 -12.70 10.46 -0.99
CA SER A 25 -12.81 11.17 -2.28
C SER A 25 -11.92 10.56 -3.37
N SER A 26 -12.39 10.64 -4.61
CA SER A 26 -11.66 10.14 -5.79
C SER A 26 -10.23 10.71 -5.89
N SER A 27 -10.08 11.99 -5.57
CA SER A 27 -8.76 12.64 -5.62
C SER A 27 -7.76 11.96 -4.68
N ASP A 28 -8.18 11.70 -3.43
CA ASP A 28 -7.34 11.00 -2.46
C ASP A 28 -6.89 9.64 -3.00
N ILE A 29 -7.87 8.86 -3.47
CA ILE A 29 -7.62 7.54 -4.06
C ILE A 29 -6.56 7.60 -5.18
N THR A 30 -6.68 8.61 -6.03
CA THR A 30 -5.74 8.82 -7.14
C THR A 30 -4.33 9.14 -6.63
N ASN A 31 -4.24 10.05 -5.65
CA ASN A 31 -2.95 10.42 -5.05
C ASN A 31 -2.23 9.20 -4.46
N ILE A 32 -2.95 8.44 -3.64
CA ILE A 32 -2.38 7.23 -3.01
C ILE A 32 -1.88 6.24 -4.07
N GLN A 33 -2.73 5.96 -5.06
CA GLN A 33 -2.40 5.04 -6.17
C GLN A 33 -1.11 5.49 -6.88
N ALA A 34 -0.94 6.81 -7.04
CA ALA A 34 0.25 7.38 -7.67
C ALA A 34 1.52 7.14 -6.83
N ALA A 35 1.43 7.41 -5.52
CA ALA A 35 2.57 7.18 -4.62
C ALA A 35 2.98 5.70 -4.60
N ILE A 36 1.98 4.80 -4.63
CA ILE A 36 2.23 3.36 -4.71
C ILE A 36 2.93 2.96 -6.03
N ASP A 37 2.52 3.60 -7.12
CA ASP A 37 3.03 3.25 -8.45
C ASP A 37 4.57 3.36 -8.52
N ASP A 38 5.13 4.40 -7.92
CA ASP A 38 6.57 4.58 -7.89
C ASP A 38 7.26 3.45 -7.10
N VAL A 39 6.69 3.10 -5.95
CA VAL A 39 7.22 2.01 -5.12
C VAL A 39 7.27 0.68 -5.89
N LYS A 40 6.23 0.42 -6.67
CA LYS A 40 6.15 -0.81 -7.47
C LYS A 40 7.24 -0.84 -8.56
N ALA A 41 7.73 0.33 -8.95
CA ALA A 41 8.79 0.43 -9.97
C ALA A 41 10.19 0.54 -9.33
N SER A 42 10.42 1.66 -8.62
CA SER A 42 11.70 1.92 -7.96
C SER A 42 12.12 0.78 -7.02
N GLU A 43 11.22 0.40 -6.12
CA GLU A 43 11.51 -0.63 -5.12
C GLU A 43 11.05 -2.02 -5.56
N GLN A 44 10.24 -2.09 -6.63
CA GLN A 44 9.62 -3.34 -7.09
C GLN A 44 8.63 -3.90 -6.03
N LYS A 45 8.34 -3.07 -5.03
CA LYS A 45 7.48 -3.44 -3.92
C LYS A 45 6.03 -3.00 -4.18
N VAL A 46 5.16 -3.97 -4.43
CA VAL A 46 3.76 -3.67 -4.81
C VAL A 46 2.87 -3.52 -3.57
N ILE A 47 2.52 -2.28 -3.25
CA ILE A 47 1.65 -1.98 -2.11
C ILE A 47 0.17 -1.93 -2.52
N PHE A 48 -0.72 -2.30 -1.59
CA PHE A 48 -2.16 -2.29 -1.81
C PHE A 48 -2.89 -1.59 -0.66
N VAL A 49 -3.96 -0.87 -0.95
CA VAL A 49 -4.73 -0.13 0.07
C VAL A 49 -6.23 -0.41 -0.06
N VAL A 50 -6.84 -0.91 1.02
CA VAL A 50 -8.28 -1.20 1.05
C VAL A 50 -8.99 -0.45 2.19
N PHE A 51 -9.88 0.49 1.82
CA PHE A 51 -10.67 1.23 2.81
C PHE A 51 -11.98 0.49 3.12
N LEU A 52 -12.02 -0.18 4.27
CA LEU A 52 -13.23 -0.90 4.70
C LEU A 52 -14.08 -0.04 5.65
N SER A 53 -15.38 -0.33 5.73
CA SER A 53 -16.25 0.33 6.71
C SER A 53 -16.19 -0.42 8.05
N SER A 54 -16.01 -1.74 7.98
CA SER A 54 -15.84 -2.58 9.17
C SER A 54 -15.14 -3.88 8.81
N PHE A 55 -14.41 -4.46 9.77
CA PHE A 55 -13.74 -5.75 9.58
C PHE A 55 -14.70 -6.93 9.83
N ASP A 56 -15.99 -6.63 9.97
CA ASP A 56 -17.03 -7.64 10.17
C ASP A 56 -16.85 -8.36 11.52
N GLY A 57 -15.91 -9.32 11.55
CA GLY A 57 -15.58 -10.01 12.78
C GLY A 57 -14.15 -10.57 12.77
N VAL A 58 -13.31 -9.98 11.92
CA VAL A 58 -11.92 -10.45 11.75
C VAL A 58 -10.91 -9.42 12.28
N ASP A 59 -9.82 -9.90 12.87
CA ASP A 59 -8.75 -9.03 13.36
C ASP A 59 -8.10 -8.27 12.19
N PRO A 60 -7.75 -6.98 12.39
CA PRO A 60 -7.23 -6.11 11.32
C PRO A 60 -6.02 -6.71 10.57
N GLU A 61 -4.98 -7.15 11.30
CA GLU A 61 -3.79 -7.72 10.66
C GLU A 61 -4.07 -9.10 10.05
N THR A 62 -5.02 -9.85 10.63
CA THR A 62 -5.43 -11.15 10.08
C THR A 62 -6.09 -10.99 8.71
N TRP A 63 -7.12 -10.15 8.64
CA TRP A 63 -7.81 -9.83 7.38
C TRP A 63 -6.80 -9.42 6.30
N THR A 64 -5.90 -8.53 6.70
CA THR A 64 -4.89 -8.00 5.79
C THR A 64 -4.04 -9.11 5.17
N GLN A 65 -3.60 -10.08 5.99
CA GLN A 65 -2.79 -11.18 5.49
C GLN A 65 -3.63 -12.14 4.62
N GLN A 66 -4.90 -12.33 4.99
CA GLN A 66 -5.83 -13.12 4.17
C GLN A 66 -5.92 -12.53 2.75
N ALA A 67 -5.83 -11.21 2.66
CA ALA A 67 -5.79 -10.51 1.37
C ALA A 67 -4.42 -10.67 0.70
N LEU A 68 -3.36 -10.84 1.52
CA LEU A 68 -2.02 -11.07 0.97
C LEU A 68 -1.92 -12.46 0.33
N GLN A 69 -2.52 -13.46 0.96
CA GLN A 69 -2.53 -14.82 0.43
C GLN A 69 -3.14 -14.86 -0.99
N ALA A 70 -4.00 -13.88 -1.29
CA ALA A 70 -4.61 -13.76 -2.61
C ALA A 70 -3.58 -13.34 -3.68
N ASN A 71 -2.56 -12.58 -3.29
CA ASN A 71 -1.50 -12.16 -4.22
C ASN A 71 -0.27 -13.09 -4.13
N GLY A 72 -0.34 -14.09 -3.25
CA GLY A 72 0.76 -15.02 -3.09
C GLY A 72 1.81 -14.57 -2.06
N GLY A 73 2.02 -13.25 -1.98
CA GLY A 73 2.99 -12.70 -1.04
C GLY A 73 4.22 -12.09 -1.74
N GLY A 74 5.32 -12.85 -1.79
CA GLY A 74 6.54 -12.37 -2.44
C GLY A 74 7.01 -11.01 -1.94
N ASN A 75 6.80 -9.97 -2.75
CA ASN A 75 7.22 -8.59 -2.41
C ASN A 75 6.02 -7.63 -2.41
N VAL A 76 4.83 -8.17 -2.15
CA VAL A 76 3.60 -7.36 -2.07
C VAL A 76 3.31 -6.95 -0.60
N LEU A 77 2.63 -5.82 -0.44
CA LEU A 77 2.20 -5.35 0.89
C LEU A 77 0.73 -4.92 0.86
N ILE A 78 -0.10 -5.56 1.67
CA ILE A 78 -1.50 -5.18 1.80
C ILE A 78 -1.71 -4.22 2.99
N TYR A 79 -2.50 -3.18 2.78
CA TYR A 79 -2.85 -2.24 3.85
C TYR A 79 -4.38 -2.13 3.99
N ALA A 80 -4.92 -2.75 5.03
CA ALA A 80 -6.36 -2.71 5.29
C ALA A 80 -6.70 -1.65 6.34
N LEU A 81 -7.46 -0.63 5.94
CA LEU A 81 -7.82 0.47 6.83
C LEU A 81 -9.34 0.58 6.99
N ALA A 82 -9.80 0.63 8.24
CA ALA A 82 -11.22 0.82 8.53
C ALA A 82 -11.44 2.16 9.24
N PRO A 83 -11.60 3.25 8.46
CA PRO A 83 -11.79 4.60 9.01
C PRO A 83 -12.93 4.68 10.03
N GLU A 84 -14.00 3.93 9.77
CA GLU A 84 -15.17 3.92 10.65
C GLU A 84 -14.91 3.11 11.93
N GLU A 85 -14.01 2.12 11.84
CA GLU A 85 -13.67 1.26 12.98
C GLU A 85 -12.40 1.74 13.70
N ARG A 86 -11.73 2.75 13.13
CA ARG A 86 -10.48 3.28 13.68
C ARG A 86 -9.39 2.21 13.77
N GLN A 87 -9.45 1.21 12.88
CA GLN A 87 -8.48 0.10 12.86
C GLN A 87 -7.73 0.04 11.52
N TYR A 88 -6.57 -0.61 11.53
CA TYR A 88 -5.82 -0.86 10.29
C TYR A 88 -4.87 -2.06 10.45
N GLY A 89 -4.49 -2.65 9.32
CA GLY A 89 -3.58 -3.78 9.33
C GLY A 89 -2.56 -3.72 8.20
N ILE A 90 -1.31 -4.00 8.52
CA ILE A 90 -0.23 -3.98 7.52
C ILE A 90 0.49 -5.34 7.47
N GLN A 91 0.48 -5.98 6.30
CA GLN A 91 1.13 -7.28 6.10
C GLN A 91 1.92 -7.30 4.78
N GLY A 92 3.16 -7.77 4.84
CA GLY A 92 4.00 -7.81 3.65
C GLY A 92 4.46 -9.22 3.31
N GLY A 93 4.89 -9.42 2.07
CA GLY A 93 5.39 -10.72 1.63
C GLY A 93 6.74 -11.09 2.26
N THR A 94 7.31 -12.20 1.82
CA THR A 94 8.60 -12.69 2.38
C THR A 94 9.75 -11.68 2.18
N GLN A 95 9.64 -10.84 1.15
CA GLN A 95 10.68 -9.83 0.86
C GLN A 95 10.56 -8.59 1.76
N TRP A 96 9.51 -8.53 2.58
CA TRP A 96 9.30 -7.42 3.51
C TRP A 96 9.78 -7.76 4.93
N THR A 97 10.76 -6.99 5.42
CA THR A 97 11.26 -7.15 6.79
C THR A 97 10.51 -6.24 7.75
N ASP A 98 10.66 -6.48 9.05
CA ASP A 98 10.02 -5.64 10.07
C ASP A 98 10.48 -4.18 9.96
N ALA A 99 11.75 -3.99 9.60
CA ALA A 99 12.29 -2.64 9.36
C ALA A 99 11.54 -1.93 8.23
N GLU A 100 11.34 -2.65 7.11
CA GLU A 100 10.56 -2.14 5.98
C GLU A 100 9.13 -1.77 6.41
N LEU A 101 8.48 -2.70 7.11
CA LEU A 101 7.10 -2.53 7.56
C LEU A 101 6.96 -1.41 8.61
N ASP A 102 8.03 -1.16 9.36
CA ASP A 102 8.02 -0.12 10.39
C ASP A 102 7.72 1.26 9.79
N ALA A 103 8.47 1.63 8.74
CA ALA A 103 8.25 2.91 8.04
C ALA A 103 6.80 3.05 7.57
N ALA A 104 6.19 1.93 7.18
CA ALA A 104 4.79 1.90 6.76
C ALA A 104 3.85 2.21 7.95
N ASN A 105 4.05 1.50 9.06
CA ASN A 105 3.25 1.72 10.28
C ASN A 105 3.40 3.15 10.81
N ASN A 106 4.62 3.67 10.82
CA ASN A 106 4.88 5.04 11.28
C ASN A 106 4.16 6.07 10.41
N ALA A 107 4.41 6.03 9.10
CA ALA A 107 3.81 6.99 8.16
C ALA A 107 2.28 6.95 8.17
N ALA A 108 1.72 5.75 8.34
CA ALA A 108 0.27 5.59 8.43
C ALA A 108 -0.27 6.12 9.76
N PHE A 109 0.27 5.61 10.86
CA PHE A 109 -0.23 5.92 12.21
C PHE A 109 -0.21 7.43 12.51
N GLN A 110 0.84 8.13 12.06
CA GLN A 110 0.96 9.57 12.29
C GLN A 110 -0.23 10.33 11.67
N ALA A 111 -0.60 9.97 10.44
CA ALA A 111 -1.75 10.60 9.77
C ALA A 111 -3.08 10.15 10.39
N LEU A 112 -3.13 8.88 10.81
CA LEU A 112 -4.29 8.33 11.52
C LEU A 112 -4.56 9.08 12.83
N SER A 113 -3.50 9.68 13.40
CA SER A 113 -3.62 10.45 14.63
C SER A 113 -4.39 11.76 14.39
N GLN A 114 -4.29 12.26 13.16
CA GLN A 114 -5.08 13.41 12.71
C GLN A 114 -6.35 12.95 11.96
N GLU A 115 -6.56 11.64 11.93
CA GLU A 115 -7.68 11.03 11.21
C GLU A 115 -7.65 11.30 9.70
N ASP A 116 -6.45 11.53 9.15
CA ASP A 116 -6.28 11.57 7.70
C ASP A 116 -6.21 10.15 7.14
N TRP A 117 -7.36 9.49 7.10
CA TRP A 117 -7.47 8.10 6.64
C TRP A 117 -6.86 7.91 5.24
N ALA A 118 -7.21 8.80 4.33
CA ALA A 118 -6.64 8.78 2.98
C ALA A 118 -5.15 9.13 2.98
N GLY A 119 -4.80 10.16 3.74
CA GLY A 119 -3.41 10.61 3.83
C GLY A 119 -2.46 9.59 4.45
N SER A 120 -2.98 8.74 5.35
CA SER A 120 -2.17 7.68 5.96
C SER A 120 -1.76 6.63 4.92
N ALA A 121 -2.73 6.18 4.14
CA ALA A 121 -2.48 5.26 3.03
C ALA A 121 -1.50 5.87 2.01
N LEU A 122 -1.66 7.17 1.76
CA LEU A 122 -0.77 7.91 0.87
C LEU A 122 0.67 7.93 1.42
N ALA A 123 0.82 8.45 2.65
CA ALA A 123 2.13 8.57 3.29
C ALA A 123 2.80 7.21 3.46
N LEU A 124 2.01 6.17 3.70
CA LEU A 124 2.54 4.81 3.80
C LEU A 124 3.31 4.43 2.53
N ALA A 125 2.70 4.70 1.37
CA ALA A 125 3.32 4.40 0.09
C ALA A 125 4.55 5.28 -0.19
N GLU A 126 4.39 6.60 -0.05
CA GLU A 126 5.49 7.53 -0.32
C GLU A 126 6.63 7.40 0.72
N SER A 127 6.32 6.84 1.89
CA SER A 127 7.35 6.54 2.91
C SER A 127 8.30 5.45 2.41
N VAL A 128 7.72 4.38 1.85
CA VAL A 128 8.51 3.29 1.27
C VAL A 128 9.28 3.79 0.04
N GLY A 129 8.64 4.64 -0.76
CA GLY A 129 9.34 5.30 -1.86
C GLY A 129 10.51 6.15 -1.39
N SER A 130 10.32 6.80 -0.24
CA SER A 130 11.39 7.55 0.43
C SER A 130 12.28 6.61 1.25
N SER A 131 12.92 5.66 0.57
CA SER A 131 13.70 4.59 1.21
C SER A 131 14.66 5.10 2.29
N SER A 132 14.53 4.54 3.49
CA SER A 132 15.39 4.89 4.64
C SER A 132 15.67 3.65 5.50
N SER A 133 16.82 3.62 6.17
CA SER A 133 17.20 2.46 6.99
C SER A 133 18.06 2.87 8.20
N SER A 134 18.28 1.91 9.11
CA SER A 134 19.08 2.13 10.32
C SER A 134 19.79 0.84 10.77
N SER A 135 20.64 0.94 11.80
CA SER A 135 21.36 -0.22 12.34
C SER A 135 21.66 -0.05 13.83
N SER A 136 21.00 -0.86 14.66
CA SER A 136 21.14 -0.75 16.12
C SER A 136 22.08 -1.83 16.68
N GLY A 137 22.99 -1.43 17.56
CA GLY A 137 23.92 -2.37 18.17
C GLY A 137 24.30 -2.00 19.60
N SER A 138 25.43 -2.53 20.07
CA SER A 138 25.89 -2.28 21.45
C SER A 138 24.84 -2.71 22.48
N SER A 139 24.50 -4.00 22.48
CA SER A 139 23.46 -4.52 23.37
C SER A 139 23.98 -4.80 24.79
N SER A 140 23.07 -4.76 25.76
CA SER A 140 23.42 -5.06 27.16
C SER A 140 23.12 -6.52 27.50
N LEU A 141 24.15 -7.27 27.88
CA LEU A 141 23.99 -8.70 28.19
C LEU A 141 24.92 -9.16 29.32
N GLU A 142 24.41 -9.12 30.55
CA GLU A 142 25.16 -9.58 31.72
C GLU A 142 25.20 -11.11 31.79
N HIS A 143 26.32 -11.70 31.35
CA HIS A 143 26.52 -13.15 31.38
C HIS A 143 27.95 -13.51 31.78
N HIS A 144 28.10 -14.62 32.51
CA HIS A 144 29.41 -15.05 33.04
C HIS A 144 30.43 -15.29 31.91
N HIS A 145 31.63 -14.74 32.07
CA HIS A 145 32.69 -14.85 31.07
C HIS A 145 33.55 -16.10 31.30
N HIS A 146 33.79 -16.88 30.24
CA HIS A 146 34.73 -18.00 30.31
C HIS A 146 36.16 -17.51 30.03
N HIS A 147 37.16 -18.39 30.17
CA HIS A 147 38.57 -17.99 30.13
C HIS A 147 38.86 -16.94 31.23
N HIS A 148 38.10 -17.05 32.33
CA HIS A 148 38.21 -16.10 33.46
C HIS A 148 39.62 -16.08 34.08
N THR A 1 24.56 3.01 -12.13
CA THR A 1 23.73 3.77 -13.11
C THR A 1 23.17 2.84 -14.20
N GLU A 2 22.18 3.35 -14.96
CA GLU A 2 21.52 2.56 -16.01
C GLU A 2 20.86 1.28 -15.47
N THR A 3 19.55 1.35 -15.21
CA THR A 3 18.80 0.16 -14.75
C THR A 3 18.64 -0.88 -15.87
N TYR A 4 19.03 -2.11 -15.58
CA TYR A 4 19.01 -3.21 -16.55
C TYR A 4 17.59 -3.58 -17.02
N VAL A 5 16.58 -3.06 -16.34
CA VAL A 5 15.16 -3.25 -16.71
C VAL A 5 14.67 -4.71 -16.49
N LEU A 6 13.46 -4.85 -15.93
CA LEU A 6 12.86 -6.17 -15.70
C LEU A 6 11.50 -6.31 -16.40
N ALA A 7 11.25 -7.49 -16.96
CA ALA A 7 9.98 -7.78 -17.64
C ALA A 7 9.12 -8.76 -16.83
N GLU A 8 9.57 -9.10 -15.62
CA GLU A 8 8.85 -10.06 -14.76
C GLU A 8 7.69 -9.38 -14.03
N SER A 9 6.65 -10.16 -13.74
CA SER A 9 5.42 -9.68 -13.06
C SER A 9 4.52 -8.87 -14.01
N PRO A 10 3.22 -9.23 -14.13
CA PRO A 10 2.30 -8.55 -15.05
C PRO A 10 2.00 -7.09 -14.63
N GLU A 11 2.38 -6.14 -15.48
CA GLU A 11 2.17 -4.71 -15.20
C GLU A 11 0.68 -4.30 -15.28
N PHE A 12 -0.17 -5.23 -15.70
CA PHE A 12 -1.60 -4.96 -15.95
C PHE A 12 -2.33 -4.43 -14.71
N TYR A 13 -2.31 -5.17 -13.60
CA TYR A 13 -3.04 -4.77 -12.40
C TYR A 13 -2.51 -3.46 -11.81
N GLN A 14 -3.32 -2.41 -11.90
CA GLN A 14 -2.94 -1.09 -11.38
C GLN A 14 -3.76 -0.71 -10.13
N ASP A 15 -5.04 -1.09 -10.13
CA ASP A 15 -5.96 -0.72 -9.05
C ASP A 15 -5.53 -1.31 -7.70
N ASN A 16 -4.70 -0.56 -6.98
CA ASN A 16 -4.22 -0.95 -5.65
C ASN A 16 -5.11 -0.41 -4.52
N VAL A 17 -5.81 0.70 -4.79
CA VAL A 17 -6.62 1.37 -3.76
C VAL A 17 -8.12 1.25 -4.05
N THR A 18 -8.85 0.53 -3.19
CA THR A 18 -10.31 0.37 -3.32
C THR A 18 -11.02 0.68 -2.01
N ASP A 19 -12.03 1.55 -2.04
CA ASP A 19 -12.79 1.88 -0.84
C ASP A 19 -14.15 1.15 -0.85
N TYR A 20 -14.68 0.90 0.35
CA TYR A 20 -16.01 0.32 0.52
C TYR A 20 -16.87 1.20 1.44
N THR A 21 -16.46 2.46 1.59
CA THR A 21 -17.15 3.40 2.50
C THR A 21 -17.97 4.45 1.73
N GLY A 22 -17.52 4.78 0.51
CA GLY A 22 -18.21 5.79 -0.29
C GLY A 22 -17.95 7.21 0.18
N GLN A 23 -16.97 7.37 1.07
CA GLN A 23 -16.60 8.69 1.62
C GLN A 23 -15.25 9.18 1.08
N ILE A 24 -14.42 8.25 0.60
CA ILE A 24 -13.09 8.58 0.08
C ILE A 24 -13.18 8.98 -1.40
N SER A 25 -12.77 10.22 -1.72
CA SER A 25 -12.88 10.73 -3.09
C SER A 25 -11.87 10.08 -4.04
N SER A 26 -12.25 9.96 -5.31
CA SER A 26 -11.35 9.45 -6.35
C SER A 26 -10.09 10.32 -6.46
N SER A 27 -10.23 11.60 -6.10
CA SER A 27 -9.08 12.51 -6.06
C SER A 27 -8.03 12.05 -5.04
N ASP A 28 -8.49 11.59 -3.87
CA ASP A 28 -7.58 11.06 -2.85
C ASP A 28 -6.96 9.73 -3.31
N ILE A 29 -7.82 8.83 -3.79
CA ILE A 29 -7.40 7.52 -4.28
C ILE A 29 -6.30 7.63 -5.35
N THR A 30 -6.48 8.55 -6.31
CA THR A 30 -5.50 8.77 -7.37
C THR A 30 -4.13 9.19 -6.80
N ASN A 31 -4.12 10.18 -5.91
CA ASN A 31 -2.88 10.66 -5.29
C ASN A 31 -2.15 9.54 -4.53
N ILE A 32 -2.90 8.75 -3.76
CA ILE A 32 -2.34 7.59 -3.05
C ILE A 32 -1.65 6.62 -4.03
N GLN A 33 -2.39 6.24 -5.06
CA GLN A 33 -1.88 5.31 -6.09
C GLN A 33 -0.68 5.89 -6.85
N ALA A 34 -0.69 7.21 -7.06
CA ALA A 34 0.43 7.90 -7.73
C ALA A 34 1.75 7.62 -7.01
N ALA A 35 1.72 7.65 -5.69
CA ALA A 35 2.90 7.31 -4.89
C ALA A 35 3.19 5.80 -4.92
N ILE A 36 2.14 4.99 -4.89
CA ILE A 36 2.27 3.52 -4.91
C ILE A 36 2.97 3.01 -6.18
N ASP A 37 2.57 3.54 -7.35
CA ASP A 37 3.16 3.08 -8.62
C ASP A 37 4.68 3.35 -8.68
N ASP A 38 5.11 4.44 -8.04
CA ASP A 38 6.55 4.74 -7.92
C ASP A 38 7.25 3.62 -7.13
N VAL A 39 6.62 3.18 -6.05
CA VAL A 39 7.11 2.03 -5.28
C VAL A 39 7.13 0.76 -6.13
N LYS A 40 6.10 0.60 -6.97
CA LYS A 40 5.98 -0.55 -7.87
C LYS A 40 7.07 -0.54 -8.95
N ALA A 41 7.41 0.63 -9.46
CA ALA A 41 8.42 0.77 -10.52
C ALA A 41 9.85 0.80 -9.95
N SER A 42 10.11 1.76 -9.06
CA SER A 42 11.45 1.94 -8.48
C SER A 42 11.78 0.86 -7.44
N GLU A 43 10.95 0.75 -6.41
CA GLU A 43 11.22 -0.14 -5.28
C GLU A 43 10.88 -1.61 -5.60
N GLN A 44 10.21 -1.84 -6.75
CA GLN A 44 9.78 -3.19 -7.16
C GLN A 44 8.77 -3.79 -6.16
N LYS A 45 8.16 -2.92 -5.36
CA LYS A 45 7.25 -3.34 -4.29
C LYS A 45 5.81 -2.84 -4.54
N VAL A 46 4.86 -3.76 -4.50
CA VAL A 46 3.46 -3.43 -4.80
C VAL A 46 2.64 -3.21 -3.52
N ILE A 47 2.29 -1.94 -3.26
CA ILE A 47 1.50 -1.58 -2.09
C ILE A 47 -0.01 -1.53 -2.42
N PHE A 48 -0.81 -2.05 -1.51
CA PHE A 48 -2.27 -2.11 -1.68
C PHE A 48 -2.98 -1.38 -0.53
N VAL A 49 -4.08 -0.70 -0.83
CA VAL A 49 -4.86 0.02 0.18
C VAL A 49 -6.36 -0.26 0.04
N VAL A 50 -6.95 -0.85 1.08
CA VAL A 50 -8.38 -1.18 1.06
C VAL A 50 -9.14 -0.49 2.22
N PHE A 51 -10.03 0.43 1.88
CA PHE A 51 -10.86 1.11 2.88
C PHE A 51 -12.12 0.30 3.20
N LEU A 52 -12.12 -0.42 4.31
CA LEU A 52 -13.24 -1.28 4.70
C LEU A 52 -14.27 -0.53 5.57
N SER A 53 -15.45 -1.13 5.72
CA SER A 53 -16.52 -0.52 6.53
C SER A 53 -16.99 -1.47 7.63
N SER A 54 -16.15 -2.46 7.96
CA SER A 54 -16.46 -3.43 9.03
C SER A 54 -15.32 -4.44 9.25
N PHE A 55 -14.43 -4.58 8.26
CA PHE A 55 -13.36 -5.59 8.28
C PHE A 55 -13.95 -7.01 8.13
N ASP A 56 -15.18 -7.08 7.61
CA ASP A 56 -15.82 -8.36 7.28
C ASP A 56 -15.96 -9.31 8.49
N GLY A 57 -15.86 -8.75 9.69
CA GLY A 57 -15.92 -9.57 10.91
C GLY A 57 -14.63 -10.33 11.18
N VAL A 58 -13.50 -9.75 10.76
CA VAL A 58 -12.18 -10.35 10.94
C VAL A 58 -11.23 -9.38 11.64
N ASP A 59 -10.27 -9.92 12.41
CA ASP A 59 -9.25 -9.09 13.08
C ASP A 59 -8.38 -8.37 12.03
N PRO A 60 -8.05 -7.08 12.25
CA PRO A 60 -7.37 -6.24 11.25
C PRO A 60 -6.12 -6.88 10.62
N GLU A 61 -5.10 -7.16 11.43
CA GLU A 61 -3.85 -7.75 10.91
C GLU A 61 -4.11 -9.10 10.22
N THR A 62 -4.94 -9.94 10.82
CA THR A 62 -5.27 -11.26 10.27
C THR A 62 -5.92 -11.14 8.88
N TRP A 63 -6.94 -10.28 8.77
CA TRP A 63 -7.58 -9.99 7.48
C TRP A 63 -6.53 -9.61 6.43
N THR A 64 -5.67 -8.68 6.82
CA THR A 64 -4.65 -8.13 5.92
C THR A 64 -3.72 -9.22 5.35
N GLN A 65 -3.31 -10.18 6.19
CA GLN A 65 -2.43 -11.27 5.74
C GLN A 65 -3.22 -12.34 4.96
N GLN A 66 -4.50 -12.53 5.29
CA GLN A 66 -5.38 -13.38 4.48
C GLN A 66 -5.48 -12.84 3.05
N ALA A 67 -5.36 -11.51 2.92
CA ALA A 67 -5.37 -10.85 1.61
C ALA A 67 -4.04 -11.12 0.89
N LEU A 68 -2.96 -11.22 1.66
CA LEU A 68 -1.65 -11.62 1.14
C LEU A 68 -1.71 -12.97 0.45
N GLN A 69 -2.48 -13.89 0.99
CA GLN A 69 -2.62 -15.22 0.40
C GLN A 69 -3.34 -15.14 -0.95
N ALA A 70 -4.17 -14.11 -1.11
CA ALA A 70 -4.74 -13.78 -2.41
C ALA A 70 -3.75 -12.95 -3.25
N ASN A 71 -2.78 -12.34 -2.57
CA ASN A 71 -1.79 -11.47 -3.21
C ASN A 71 -0.46 -12.17 -3.51
N GLY A 72 -0.29 -13.38 -2.96
CA GLY A 72 0.93 -14.15 -3.17
C GLY A 72 2.10 -13.69 -2.30
N GLY A 73 1.85 -12.76 -1.38
CA GLY A 73 2.91 -12.25 -0.52
C GLY A 73 4.07 -11.61 -1.28
N GLY A 74 5.27 -12.20 -1.16
CA GLY A 74 6.46 -11.65 -1.80
C GLY A 74 6.61 -10.12 -1.66
N ASN A 75 6.50 -9.40 -2.77
CA ASN A 75 6.74 -7.95 -2.78
C ASN A 75 5.48 -7.13 -2.47
N VAL A 76 4.42 -7.81 -2.02
CA VAL A 76 3.15 -7.14 -1.72
C VAL A 76 3.11 -6.58 -0.29
N LEU A 77 2.54 -5.39 -0.15
CA LEU A 77 2.22 -4.82 1.17
C LEU A 77 0.75 -4.41 1.20
N ILE A 78 -0.06 -5.13 1.97
CA ILE A 78 -1.48 -4.80 2.10
C ILE A 78 -1.73 -3.84 3.27
N TYR A 79 -2.45 -2.75 2.99
CA TYR A 79 -2.90 -1.84 4.03
C TYR A 79 -4.43 -1.85 4.12
N ALA A 80 -4.95 -2.53 5.13
CA ALA A 80 -6.39 -2.62 5.35
C ALA A 80 -6.84 -1.63 6.41
N LEU A 81 -7.67 -0.66 6.03
CA LEU A 81 -8.09 0.40 6.94
C LEU A 81 -9.62 0.50 7.02
N ALA A 82 -10.16 0.40 8.23
CA ALA A 82 -11.59 0.64 8.47
C ALA A 82 -11.79 1.99 9.17
N PRO A 83 -11.98 3.07 8.40
CA PRO A 83 -12.14 4.44 8.95
C PRO A 83 -13.32 4.56 9.93
N GLU A 84 -14.35 3.76 9.70
CA GLU A 84 -15.56 3.77 10.54
C GLU A 84 -15.31 3.07 11.88
N GLU A 85 -14.46 2.04 11.87
CA GLU A 85 -14.11 1.30 13.09
C GLU A 85 -12.81 1.83 13.71
N ARG A 86 -12.19 2.79 13.04
CA ARG A 86 -10.95 3.44 13.52
C ARG A 86 -9.82 2.42 13.72
N GLN A 87 -9.83 1.33 12.95
CA GLN A 87 -8.83 0.26 13.08
C GLN A 87 -8.18 -0.08 11.73
N TYR A 88 -6.98 -0.65 11.77
CA TYR A 88 -6.22 -0.93 10.54
C TYR A 88 -5.30 -2.15 10.70
N GLY A 89 -4.82 -2.68 9.59
CA GLY A 89 -3.85 -3.76 9.59
C GLY A 89 -2.84 -3.63 8.46
N ILE A 90 -1.55 -3.75 8.78
CA ILE A 90 -0.49 -3.62 7.77
C ILE A 90 0.36 -4.89 7.67
N GLN A 91 0.41 -5.49 6.48
CA GLN A 91 1.21 -6.70 6.26
C GLN A 91 2.09 -6.58 5.00
N GLY A 92 3.19 -7.31 5.01
CA GLY A 92 4.07 -7.36 3.86
C GLY A 92 4.48 -8.78 3.53
N GLY A 93 4.80 -9.04 2.26
CA GLY A 93 5.16 -10.38 1.84
C GLY A 93 6.55 -10.81 2.26
N THR A 94 7.00 -11.94 1.72
CA THR A 94 8.31 -12.52 2.04
C THR A 94 9.48 -11.57 1.66
N GLN A 95 9.20 -10.56 0.84
CA GLN A 95 10.22 -9.60 0.41
C GLN A 95 10.27 -8.39 1.37
N TRP A 96 9.34 -8.33 2.32
CA TRP A 96 9.28 -7.24 3.30
C TRP A 96 9.81 -7.69 4.68
N THR A 97 10.79 -6.96 5.20
CA THR A 97 11.40 -7.28 6.50
C THR A 97 10.78 -6.47 7.64
N ASP A 98 11.22 -6.74 8.86
CA ASP A 98 10.74 -6.01 10.05
C ASP A 98 10.93 -4.49 9.92
N ALA A 99 12.14 -4.06 9.56
CA ALA A 99 12.44 -2.64 9.37
C ALA A 99 11.50 -1.99 8.33
N GLU A 100 11.22 -2.72 7.26
CA GLU A 100 10.31 -2.25 6.20
C GLU A 100 8.89 -2.06 6.74
N LEU A 101 8.37 -3.11 7.39
CA LEU A 101 7.01 -3.09 7.94
C LEU A 101 6.85 -2.01 9.03
N ASP A 102 7.86 -1.88 9.89
CA ASP A 102 7.85 -0.87 10.95
C ASP A 102 7.69 0.54 10.36
N ALA A 103 8.50 0.87 9.34
CA ALA A 103 8.41 2.16 8.66
C ALA A 103 6.99 2.41 8.12
N ALA A 104 6.39 1.37 7.53
CA ALA A 104 5.02 1.44 7.02
C ALA A 104 4.01 1.80 8.13
N ASN A 105 4.10 1.10 9.26
CA ASN A 105 3.22 1.36 10.41
C ASN A 105 3.41 2.79 10.95
N ASN A 106 4.65 3.21 11.16
CA ASN A 106 4.95 4.57 11.63
C ASN A 106 4.40 5.63 10.68
N ALA A 107 4.72 5.51 9.39
CA ALA A 107 4.28 6.48 8.38
C ALA A 107 2.74 6.60 8.34
N ALA A 108 2.05 5.47 8.32
CA ALA A 108 0.59 5.46 8.31
C ALA A 108 0.01 6.04 9.61
N PHE A 109 0.59 5.65 10.75
CA PHE A 109 0.13 6.11 12.07
C PHE A 109 0.19 7.63 12.21
N GLN A 110 1.23 8.24 11.61
CA GLN A 110 1.38 9.70 11.62
C GLN A 110 0.09 10.40 11.16
N ALA A 111 -0.42 10.01 10.00
CA ALA A 111 -1.67 10.57 9.46
C ALA A 111 -2.89 10.06 10.22
N LEU A 112 -2.86 8.79 10.66
CA LEU A 112 -3.95 8.21 11.45
C LEU A 112 -4.17 8.99 12.76
N SER A 113 -3.11 9.65 13.25
CA SER A 113 -3.20 10.48 14.46
C SER A 113 -4.03 11.74 14.19
N GLN A 114 -3.97 12.22 12.96
CA GLN A 114 -4.80 13.33 12.50
C GLN A 114 -6.11 12.81 11.87
N GLU A 115 -6.31 11.50 11.93
CA GLU A 115 -7.49 10.83 11.33
C GLU A 115 -7.55 10.99 9.80
N ASP A 116 -6.42 11.33 9.18
CA ASP A 116 -6.35 11.39 7.72
C ASP A 116 -6.36 9.98 7.11
N TRP A 117 -7.53 9.35 7.08
CA TRP A 117 -7.67 7.96 6.60
C TRP A 117 -7.04 7.76 5.22
N ALA A 118 -7.30 8.70 4.31
CA ALA A 118 -6.69 8.65 2.96
C ALA A 118 -5.20 9.03 3.01
N GLY A 119 -4.85 10.00 3.85
CA GLY A 119 -3.48 10.47 3.95
C GLY A 119 -2.53 9.42 4.54
N SER A 120 -3.03 8.55 5.40
CA SER A 120 -2.23 7.47 6.00
C SER A 120 -1.70 6.52 4.93
N ALA A 121 -2.58 6.12 4.03
CA ALA A 121 -2.20 5.28 2.88
C ALA A 121 -1.14 5.98 2.01
N LEU A 122 -1.39 7.24 1.69
CA LEU A 122 -0.45 8.04 0.90
C LEU A 122 0.94 8.11 1.56
N ALA A 123 0.96 8.52 2.83
CA ALA A 123 2.20 8.60 3.62
C ALA A 123 2.92 7.25 3.70
N LEU A 124 2.14 6.17 3.86
CA LEU A 124 2.69 4.81 3.88
C LEU A 124 3.47 4.51 2.59
N ALA A 125 2.94 4.96 1.46
CA ALA A 125 3.60 4.80 0.16
C ALA A 125 4.86 5.68 0.05
N GLU A 126 4.78 6.91 0.57
CA GLU A 126 5.91 7.86 0.51
C GLU A 126 7.13 7.37 1.30
N SER A 127 6.89 6.68 2.42
CA SER A 127 7.99 6.17 3.27
C SER A 127 8.96 5.29 2.45
N VAL A 128 8.41 4.31 1.74
CA VAL A 128 9.20 3.42 0.89
C VAL A 128 9.61 4.11 -0.42
N GLY A 129 8.62 4.58 -1.18
CA GLY A 129 8.88 5.29 -2.42
C GLY A 129 9.17 6.77 -2.21
N SER A 130 10.19 7.06 -1.42
CA SER A 130 10.50 8.45 -1.02
C SER A 130 11.04 9.30 -2.17
N SER A 131 11.53 8.65 -3.23
CA SER A 131 12.01 9.38 -4.42
C SER A 131 10.81 10.01 -5.16
N SER A 132 9.70 9.25 -5.21
CA SER A 132 8.41 9.72 -5.75
C SER A 132 8.49 10.20 -7.21
N SER A 133 7.33 10.45 -7.81
CA SER A 133 7.24 10.93 -9.19
C SER A 133 6.26 12.09 -9.31
N SER A 134 6.29 12.78 -10.44
CA SER A 134 5.43 13.98 -10.66
C SER A 134 4.18 13.62 -11.48
N SER A 135 3.13 14.44 -11.33
CA SER A 135 1.86 14.21 -12.03
C SER A 135 2.02 14.19 -13.55
N SER A 136 1.37 13.23 -14.20
CA SER A 136 1.45 13.07 -15.67
C SER A 136 0.09 12.74 -16.28
N GLY A 137 -0.01 12.85 -17.61
CA GLY A 137 -1.27 12.58 -18.31
C GLY A 137 -2.02 13.84 -18.71
N SER A 138 -3.09 13.68 -19.48
CA SER A 138 -3.91 14.81 -19.95
C SER A 138 -5.28 14.34 -20.45
N SER A 139 -6.24 15.25 -20.54
CA SER A 139 -7.56 14.93 -21.10
C SER A 139 -7.54 15.06 -22.62
N SER A 140 -7.09 16.22 -23.11
CA SER A 140 -6.96 16.48 -24.55
C SER A 140 -8.31 16.45 -25.28
N LEU A 141 -8.93 17.62 -25.42
CA LEU A 141 -10.21 17.75 -26.11
C LEU A 141 -10.01 18.20 -27.57
N GLU A 142 -10.53 17.43 -28.52
CA GLU A 142 -10.34 17.72 -29.94
C GLU A 142 -11.59 18.37 -30.57
N HIS A 143 -11.38 19.43 -31.37
CA HIS A 143 -12.47 20.16 -32.01
C HIS A 143 -12.47 19.98 -33.54
N HIS A 144 -13.64 20.10 -34.16
CA HIS A 144 -13.77 19.87 -35.61
C HIS A 144 -14.93 20.70 -36.23
N HIS A 145 -14.80 21.03 -37.51
CA HIS A 145 -15.87 21.71 -38.26
C HIS A 145 -16.08 21.04 -39.64
N HIS A 146 -17.06 21.56 -40.40
CA HIS A 146 -17.38 21.05 -41.75
C HIS A 146 -18.09 19.68 -41.70
N HIS A 147 -18.59 19.24 -42.86
CA HIS A 147 -19.28 17.94 -43.00
C HIS A 147 -19.40 17.53 -44.48
N HIS A 148 -19.73 18.50 -45.34
CA HIS A 148 -20.03 18.25 -46.77
C HIS A 148 -21.27 17.33 -46.94
N THR A 1 -2.33 7.81 -24.93
CA THR A 1 -1.98 6.37 -25.09
C THR A 1 -1.07 5.88 -23.95
N GLU A 2 -1.26 4.63 -23.55
CA GLU A 2 -0.42 4.01 -22.52
C GLU A 2 -0.36 2.48 -22.71
N THR A 3 0.79 1.89 -22.43
CA THR A 3 0.97 0.44 -22.59
C THR A 3 0.39 -0.34 -21.39
N TYR A 4 -0.58 -1.21 -21.67
CA TYR A 4 -1.19 -2.06 -20.64
C TYR A 4 -0.33 -3.30 -20.33
N VAL A 5 0.98 -3.18 -20.59
CA VAL A 5 1.94 -4.30 -20.45
C VAL A 5 1.66 -5.41 -21.48
N LEU A 6 2.55 -5.52 -22.48
CA LEU A 6 2.38 -6.46 -23.58
C LEU A 6 2.89 -7.87 -23.23
N ALA A 7 2.28 -8.89 -23.84
CA ALA A 7 2.67 -10.30 -23.65
C ALA A 7 2.36 -10.81 -22.23
N GLU A 8 3.21 -10.46 -21.28
CA GLU A 8 3.06 -10.92 -19.89
C GLU A 8 2.69 -9.77 -18.94
N SER A 9 1.39 -9.62 -18.68
CA SER A 9 0.88 -8.55 -17.81
C SER A 9 0.63 -9.06 -16.38
N PRO A 10 0.85 -8.21 -15.36
CA PRO A 10 0.55 -8.56 -13.96
C PRO A 10 -0.97 -8.55 -13.65
N GLU A 11 -1.73 -9.32 -14.43
CA GLU A 11 -3.19 -9.38 -14.31
C GLU A 11 -3.64 -10.22 -13.10
N PHE A 12 -3.22 -9.82 -11.91
CA PHE A 12 -3.60 -10.50 -10.67
C PHE A 12 -4.44 -9.57 -9.77
N TYR A 13 -4.74 -8.39 -10.30
CA TYR A 13 -5.52 -7.37 -9.58
C TYR A 13 -6.00 -6.27 -10.55
N GLN A 14 -6.70 -5.27 -10.02
CA GLN A 14 -7.11 -4.10 -10.81
C GLN A 14 -6.61 -2.80 -10.17
N ASP A 15 -6.99 -2.58 -8.92
CA ASP A 15 -6.61 -1.34 -8.22
C ASP A 15 -5.73 -1.63 -7.00
N ASN A 16 -4.81 -0.71 -6.72
CA ASN A 16 -4.02 -0.75 -5.49
C ASN A 16 -4.68 0.09 -4.38
N VAL A 17 -5.80 0.73 -4.73
CA VAL A 17 -6.60 1.49 -3.76
C VAL A 17 -8.10 1.25 -3.99
N THR A 18 -8.71 0.46 -3.11
CA THR A 18 -10.14 0.13 -3.23
C THR A 18 -10.92 0.54 -1.97
N ASP A 19 -11.89 1.43 -2.13
CA ASP A 19 -12.69 1.90 -0.99
C ASP A 19 -14.10 1.30 -1.00
N TYR A 20 -14.61 0.97 0.18
CA TYR A 20 -16.00 0.52 0.33
C TYR A 20 -16.77 1.49 1.24
N THR A 21 -16.20 2.68 1.45
CA THR A 21 -16.81 3.70 2.29
C THR A 21 -17.62 4.70 1.46
N GLY A 22 -17.09 5.07 0.29
CA GLY A 22 -17.76 6.04 -0.58
C GLY A 22 -17.40 7.49 -0.26
N GLN A 23 -16.65 7.69 0.83
CA GLN A 23 -16.25 9.04 1.26
C GLN A 23 -14.88 9.43 0.68
N ILE A 24 -14.16 8.44 0.13
CA ILE A 24 -12.84 8.69 -0.43
C ILE A 24 -12.94 9.17 -1.89
N SER A 25 -12.52 10.41 -2.13
CA SER A 25 -12.57 11.00 -3.47
C SER A 25 -11.55 10.38 -4.42
N SER A 26 -11.85 10.41 -5.72
CA SER A 26 -10.92 9.94 -6.75
C SER A 26 -9.61 10.75 -6.70
N SER A 27 -9.68 11.96 -6.16
CA SER A 27 -8.49 12.81 -5.98
C SER A 27 -7.50 12.15 -5.02
N ASP A 28 -7.99 11.70 -3.87
CA ASP A 28 -7.17 11.00 -2.88
C ASP A 28 -6.67 9.67 -3.43
N ILE A 29 -7.59 8.88 -3.98
CA ILE A 29 -7.27 7.57 -4.57
C ILE A 29 -6.13 7.66 -5.61
N THR A 30 -6.23 8.62 -6.53
CA THR A 30 -5.21 8.82 -7.56
C THR A 30 -3.85 9.16 -6.95
N ASN A 31 -3.83 10.04 -5.96
CA ASN A 31 -2.59 10.44 -5.27
C ASN A 31 -1.94 9.24 -4.56
N ILE A 32 -2.72 8.50 -3.78
CA ILE A 32 -2.24 7.31 -3.08
C ILE A 32 -1.66 6.29 -4.08
N GLN A 33 -2.41 6.01 -5.14
CA GLN A 33 -1.97 5.07 -6.18
C GLN A 33 -0.73 5.58 -6.92
N ALA A 34 -0.65 6.89 -7.15
CA ALA A 34 0.53 7.49 -7.80
C ALA A 34 1.81 7.27 -6.97
N ALA A 35 1.66 7.31 -5.64
CA ALA A 35 2.76 7.00 -4.73
C ALA A 35 3.05 5.49 -4.70
N ILE A 36 1.98 4.68 -4.66
CA ILE A 36 2.11 3.22 -4.67
C ILE A 36 2.84 2.70 -5.92
N ASP A 37 2.37 3.11 -7.10
CA ASP A 37 2.98 2.68 -8.37
C ASP A 37 4.44 3.12 -8.50
N ASP A 38 4.80 4.24 -7.86
CA ASP A 38 6.20 4.65 -7.79
C ASP A 38 7.04 3.60 -7.03
N VAL A 39 6.46 3.07 -5.94
CA VAL A 39 7.08 1.97 -5.18
C VAL A 39 7.09 0.67 -6.00
N LYS A 40 6.02 0.45 -6.76
CA LYS A 40 5.91 -0.71 -7.66
C LYS A 40 6.94 -0.65 -8.79
N ALA A 41 7.23 0.55 -9.27
CA ALA A 41 8.17 0.76 -10.39
C ALA A 41 9.65 0.83 -9.93
N SER A 42 9.89 1.45 -8.79
CA SER A 42 11.26 1.58 -8.24
C SER A 42 11.62 0.43 -7.31
N GLU A 43 10.98 0.39 -6.15
CA GLU A 43 11.23 -0.66 -5.14
C GLU A 43 10.74 -2.04 -5.59
N GLN A 44 10.01 -2.08 -6.71
CA GLN A 44 9.39 -3.32 -7.20
C GLN A 44 8.39 -3.89 -6.18
N LYS A 45 8.00 -3.05 -5.23
CA LYS A 45 7.11 -3.45 -4.14
C LYS A 45 5.65 -3.02 -4.41
N VAL A 46 4.75 -3.99 -4.47
CA VAL A 46 3.35 -3.71 -4.80
C VAL A 46 2.51 -3.49 -3.52
N ILE A 47 2.22 -2.23 -3.24
CA ILE A 47 1.42 -1.87 -2.06
C ILE A 47 -0.09 -1.87 -2.39
N PHE A 48 -0.90 -2.28 -1.42
CA PHE A 48 -2.36 -2.32 -1.58
C PHE A 48 -3.07 -1.62 -0.41
N VAL A 49 -4.10 -0.84 -0.73
CA VAL A 49 -4.88 -0.11 0.28
C VAL A 49 -6.38 -0.36 0.12
N VAL A 50 -7.00 -0.93 1.15
CA VAL A 50 -8.44 -1.22 1.12
C VAL A 50 -9.17 -0.50 2.26
N PHE A 51 -10.04 0.45 1.91
CA PHE A 51 -10.85 1.17 2.91
C PHE A 51 -12.14 0.39 3.20
N LEU A 52 -12.17 -0.33 4.31
CA LEU A 52 -13.32 -1.17 4.68
C LEU A 52 -14.29 -0.43 5.60
N SER A 53 -15.47 -1.01 5.79
CA SER A 53 -16.52 -0.42 6.63
C SER A 53 -16.41 -0.91 8.09
N SER A 54 -16.32 -2.21 8.29
CA SER A 54 -16.31 -2.79 9.66
C SER A 54 -15.41 -4.03 9.79
N PHE A 55 -14.79 -4.45 8.69
CA PHE A 55 -13.95 -5.67 8.67
C PHE A 55 -14.79 -6.95 8.87
N ASP A 56 -16.12 -6.84 8.83
CA ASP A 56 -17.02 -8.00 8.99
C ASP A 56 -16.79 -8.74 10.33
N GLY A 57 -16.18 -8.07 11.31
CA GLY A 57 -15.90 -8.71 12.58
C GLY A 57 -14.61 -9.52 12.59
N VAL A 58 -13.79 -9.32 11.56
CA VAL A 58 -12.49 -9.99 11.45
C VAL A 58 -11.35 -9.04 11.85
N ASP A 59 -10.40 -9.53 12.63
CA ASP A 59 -9.26 -8.72 13.07
C ASP A 59 -8.43 -8.21 11.87
N PRO A 60 -8.17 -6.89 11.79
CA PRO A 60 -7.42 -6.27 10.67
C PRO A 60 -6.14 -7.04 10.29
N GLU A 61 -5.35 -7.42 11.31
CA GLU A 61 -4.12 -8.19 11.09
C GLU A 61 -4.43 -9.53 10.40
N THR A 62 -5.51 -10.19 10.82
CA THR A 62 -5.92 -11.47 10.25
C THR A 62 -6.47 -11.30 8.82
N TRP A 63 -7.27 -10.25 8.62
CA TRP A 63 -7.87 -9.96 7.30
C TRP A 63 -6.78 -9.72 6.25
N THR A 64 -5.86 -8.79 6.54
CA THR A 64 -4.74 -8.49 5.64
C THR A 64 -3.91 -9.72 5.31
N GLN A 65 -3.57 -10.47 6.34
CA GLN A 65 -2.71 -11.63 6.18
C GLN A 65 -3.32 -12.62 5.16
N GLN A 66 -4.63 -12.79 5.23
CA GLN A 66 -5.38 -13.63 4.28
C GLN A 66 -5.37 -13.01 2.86
N ALA A 67 -5.62 -11.70 2.78
CA ALA A 67 -5.59 -10.99 1.51
C ALA A 67 -4.20 -11.07 0.86
N LEU A 68 -3.16 -11.15 1.71
CA LEU A 68 -1.79 -11.30 1.24
C LEU A 68 -1.59 -12.65 0.55
N GLN A 69 -2.24 -13.70 1.08
CA GLN A 69 -2.18 -15.04 0.48
C GLN A 69 -2.67 -15.01 -0.98
N ALA A 70 -3.81 -14.34 -1.20
CA ALA A 70 -4.38 -14.18 -2.55
C ALA A 70 -3.38 -13.53 -3.51
N ASN A 71 -2.54 -12.64 -2.98
CA ASN A 71 -1.49 -11.99 -3.77
C ASN A 71 -0.20 -12.82 -3.79
N GLY A 72 -0.08 -13.76 -2.86
CA GLY A 72 1.11 -14.61 -2.78
C GLY A 72 2.22 -14.02 -1.90
N GLY A 73 2.07 -12.74 -1.54
CA GLY A 73 3.09 -12.06 -0.77
C GLY A 73 4.27 -11.57 -1.61
N GLY A 74 5.47 -12.08 -1.33
CA GLY A 74 6.66 -11.68 -2.07
C GLY A 74 6.96 -10.18 -1.96
N ASN A 75 6.58 -9.44 -2.99
CA ASN A 75 6.81 -7.99 -3.04
C ASN A 75 5.54 -7.19 -2.66
N VAL A 76 4.46 -7.91 -2.41
CA VAL A 76 3.16 -7.29 -2.11
C VAL A 76 3.00 -6.93 -0.62
N LEU A 77 2.27 -5.84 -0.35
CA LEU A 77 1.90 -5.45 1.01
C LEU A 77 0.42 -5.03 1.06
N ILE A 78 -0.36 -5.72 1.87
CA ILE A 78 -1.78 -5.41 2.05
C ILE A 78 -2.01 -4.48 3.26
N TYR A 79 -2.58 -3.31 2.99
CA TYR A 79 -2.96 -2.35 4.04
C TYR A 79 -4.47 -2.14 4.07
N ALA A 80 -5.12 -2.68 5.11
CA ALA A 80 -6.56 -2.52 5.28
C ALA A 80 -6.86 -1.48 6.37
N LEU A 81 -7.86 -0.63 6.13
CA LEU A 81 -8.20 0.46 7.06
C LEU A 81 -9.72 0.64 7.18
N ALA A 82 -10.22 0.73 8.41
CA ALA A 82 -11.62 1.05 8.66
C ALA A 82 -11.74 2.38 9.42
N PRO A 83 -11.89 3.51 8.68
CA PRO A 83 -11.90 4.87 9.25
C PRO A 83 -12.94 5.04 10.38
N GLU A 84 -14.10 4.41 10.21
CA GLU A 84 -15.21 4.54 11.17
C GLU A 84 -14.96 3.70 12.44
N GLU A 85 -13.98 2.81 12.39
CA GLU A 85 -13.70 1.88 13.51
C GLU A 85 -12.31 2.06 14.12
N ARG A 86 -11.55 3.06 13.65
CA ARG A 86 -10.23 3.37 14.24
C ARG A 86 -9.28 2.16 14.22
N GLN A 87 -9.44 1.28 13.24
CA GLN A 87 -8.62 0.06 13.16
C GLN A 87 -7.99 -0.12 11.76
N TYR A 88 -6.83 -0.75 11.71
CA TYR A 88 -6.12 -0.99 10.44
C TYR A 88 -5.16 -2.21 10.55
N GLY A 89 -4.64 -2.65 9.42
CA GLY A 89 -3.71 -3.78 9.42
C GLY A 89 -2.72 -3.72 8.26
N ILE A 90 -1.48 -4.15 8.51
CA ILE A 90 -0.42 -4.14 7.49
C ILE A 90 0.32 -5.48 7.44
N GLN A 91 0.31 -6.12 6.27
CA GLN A 91 1.03 -7.40 6.06
C GLN A 91 1.79 -7.39 4.73
N GLY A 92 3.09 -7.72 4.78
CA GLY A 92 3.93 -7.68 3.59
C GLY A 92 4.57 -9.03 3.25
N GLY A 93 5.08 -9.15 2.03
CA GLY A 93 5.72 -10.39 1.60
C GLY A 93 7.19 -10.50 2.04
N THR A 94 7.93 -11.43 1.43
CA THR A 94 9.33 -11.70 1.82
C THR A 94 10.27 -10.53 1.53
N GLN A 95 9.83 -9.57 0.72
CA GLN A 95 10.64 -8.38 0.42
C GLN A 95 10.42 -7.26 1.45
N TRP A 96 9.52 -7.49 2.40
CA TRP A 96 9.21 -6.49 3.43
C TRP A 96 9.77 -6.91 4.79
N THR A 97 10.89 -6.32 5.17
CA THR A 97 11.53 -6.61 6.47
C THR A 97 10.88 -5.83 7.62
N ASP A 98 11.28 -6.14 8.85
CA ASP A 98 10.82 -5.40 10.03
C ASP A 98 10.99 -3.88 9.86
N ALA A 99 12.11 -3.48 9.26
CA ALA A 99 12.38 -2.07 8.99
C ALA A 99 11.39 -1.46 7.97
N GLU A 100 11.18 -2.17 6.85
CA GLU A 100 10.23 -1.74 5.83
C GLU A 100 8.81 -1.59 6.43
N LEU A 101 8.40 -2.61 7.19
CA LEU A 101 7.10 -2.60 7.86
C LEU A 101 7.03 -1.51 8.93
N ASP A 102 8.16 -1.23 9.59
CA ASP A 102 8.24 -0.16 10.59
C ASP A 102 7.87 1.20 9.98
N ALA A 103 8.48 1.52 8.84
CA ALA A 103 8.18 2.76 8.12
C ALA A 103 6.70 2.84 7.75
N ALA A 104 6.17 1.74 7.22
CA ALA A 104 4.75 1.67 6.82
C ALA A 104 3.80 1.93 8.00
N ASN A 105 3.95 1.17 9.08
CA ASN A 105 3.07 1.30 10.25
C ASN A 105 3.20 2.68 10.91
N ASN A 106 4.42 3.19 11.01
CA ASN A 106 4.67 4.49 11.63
C ASN A 106 4.04 5.62 10.82
N ALA A 107 4.42 5.72 9.53
CA ALA A 107 3.91 6.77 8.65
C ALA A 107 2.37 6.76 8.58
N ALA A 108 1.79 5.55 8.53
CA ALA A 108 0.35 5.39 8.54
C ALA A 108 -0.27 5.90 9.86
N PHE A 109 0.24 5.41 10.99
CA PHE A 109 -0.32 5.73 12.30
C PHE A 109 -0.23 7.23 12.62
N GLN A 110 0.84 7.90 12.14
CA GLN A 110 0.98 9.35 12.29
C GLN A 110 -0.30 10.07 11.80
N ALA A 111 -0.66 9.83 10.55
CA ALA A 111 -1.85 10.41 9.94
C ALA A 111 -3.14 9.90 10.63
N LEU A 112 -3.18 8.61 10.94
CA LEU A 112 -4.33 8.01 11.62
C LEU A 112 -4.62 8.66 12.98
N SER A 113 -3.58 9.17 13.63
CA SER A 113 -3.73 9.88 14.90
C SER A 113 -4.40 11.25 14.68
N GLN A 114 -4.15 11.81 13.50
CA GLN A 114 -4.73 13.09 13.10
C GLN A 114 -6.00 12.88 12.24
N GLU A 115 -6.43 11.62 12.14
CA GLU A 115 -7.63 11.23 11.38
C GLU A 115 -7.49 11.46 9.87
N ASP A 116 -6.26 11.56 9.38
CA ASP A 116 -6.00 11.60 7.94
C ASP A 116 -6.07 10.19 7.35
N TRP A 117 -7.29 9.64 7.26
CA TRP A 117 -7.51 8.26 6.80
C TRP A 117 -6.93 8.01 5.41
N ALA A 118 -7.20 8.91 4.47
CA ALA A 118 -6.67 8.80 3.12
C ALA A 118 -5.17 9.17 3.08
N GLY A 119 -4.79 10.13 3.92
CA GLY A 119 -3.40 10.56 3.99
C GLY A 119 -2.45 9.51 4.56
N SER A 120 -2.95 8.66 5.45
CA SER A 120 -2.15 7.58 6.05
C SER A 120 -1.65 6.60 4.98
N ALA A 121 -2.58 6.17 4.12
CA ALA A 121 -2.25 5.29 2.99
C ALA A 121 -1.23 5.94 2.06
N LEU A 122 -1.44 7.22 1.73
CA LEU A 122 -0.52 7.98 0.89
C LEU A 122 0.89 8.02 1.52
N ALA A 123 0.98 8.47 2.78
CA ALA A 123 2.25 8.54 3.50
C ALA A 123 2.91 7.16 3.63
N LEU A 124 2.09 6.13 3.83
CA LEU A 124 2.56 4.75 3.88
C LEU A 124 3.34 4.40 2.61
N ALA A 125 2.82 4.82 1.46
CA ALA A 125 3.49 4.59 0.18
C ALA A 125 4.74 5.45 0.03
N GLU A 126 4.64 6.74 0.40
CA GLU A 126 5.78 7.67 0.28
C GLU A 126 6.95 7.29 1.21
N SER A 127 6.65 6.59 2.30
CA SER A 127 7.71 6.14 3.23
C SER A 127 8.70 5.20 2.51
N VAL A 128 8.16 4.32 1.67
CA VAL A 128 8.98 3.39 0.88
C VAL A 128 9.51 4.09 -0.39
N GLY A 129 8.61 4.78 -1.10
CA GLY A 129 9.01 5.61 -2.23
C GLY A 129 9.35 7.04 -1.80
N SER A 130 10.49 7.17 -1.12
CA SER A 130 10.91 8.41 -0.44
C SER A 130 10.56 9.69 -1.23
N SER A 131 9.72 10.54 -0.62
CA SER A 131 9.34 11.83 -1.22
C SER A 131 9.88 13.01 -0.40
N SER A 132 9.82 14.20 -0.98
CA SER A 132 10.35 15.41 -0.33
C SER A 132 9.35 16.05 0.66
N SER A 133 8.53 15.22 1.30
CA SER A 133 7.52 15.72 2.26
C SER A 133 8.04 15.65 3.70
N SER A 134 7.71 16.69 4.48
CA SER A 134 8.09 16.75 5.91
C SER A 134 6.86 16.66 6.82
N SER A 135 5.74 17.24 6.36
CA SER A 135 4.48 17.26 7.12
C SER A 135 4.54 18.19 8.35
N SER A 136 3.39 18.76 8.72
CA SER A 136 3.28 19.65 9.89
C SER A 136 2.20 19.18 10.87
N GLY A 137 1.18 18.50 10.35
CA GLY A 137 0.11 17.98 11.18
C GLY A 137 -0.84 19.05 11.71
N SER A 138 -1.29 18.90 12.96
CA SER A 138 -2.19 19.86 13.62
C SER A 138 -2.37 19.54 15.11
N SER A 139 -2.92 20.49 15.87
CA SER A 139 -3.13 20.30 17.31
C SER A 139 -4.32 21.13 17.82
N SER A 140 -5.15 20.53 18.67
CA SER A 140 -6.33 21.21 19.24
C SER A 140 -5.95 22.07 20.45
N LEU A 141 -5.52 21.41 21.52
CA LEU A 141 -5.10 22.10 22.76
C LEU A 141 -6.24 22.92 23.38
N GLU A 142 -7.07 22.29 24.21
CA GLU A 142 -8.18 22.99 24.88
C GLU A 142 -8.71 22.22 26.11
N HIS A 143 -9.02 22.98 27.16
CA HIS A 143 -9.61 22.44 28.41
C HIS A 143 -8.68 21.48 29.16
N HIS A 144 -8.87 21.37 30.48
CA HIS A 144 -8.03 20.50 31.31
C HIS A 144 -8.83 19.33 31.92
N HIS A 145 -9.23 19.47 33.18
CA HIS A 145 -9.86 18.40 33.96
C HIS A 145 -9.99 18.81 35.45
N HIS A 146 -10.85 18.15 36.21
CA HIS A 146 -10.98 18.44 37.64
C HIS A 146 -11.33 17.19 38.47
N HIS A 147 -10.30 16.53 38.98
CA HIS A 147 -10.45 15.38 39.88
C HIS A 147 -9.70 15.62 41.19
N HIS A 148 -9.62 14.62 42.06
CA HIS A 148 -8.84 14.73 43.29
C HIS A 148 -7.45 14.10 43.12
N THR A 1 22.31 -21.86 -12.38
CA THR A 1 22.22 -22.37 -10.98
C THR A 1 21.41 -21.42 -10.09
N GLU A 2 20.30 -21.94 -9.54
CA GLU A 2 19.40 -21.15 -8.68
C GLU A 2 18.94 -19.84 -9.33
N THR A 3 17.88 -19.91 -10.14
CA THR A 3 17.29 -18.72 -10.76
C THR A 3 15.79 -18.60 -10.45
N TYR A 4 15.30 -17.37 -10.51
CA TYR A 4 13.90 -17.07 -10.21
C TYR A 4 13.12 -16.75 -11.49
N VAL A 5 11.83 -17.06 -11.50
CA VAL A 5 10.97 -16.80 -12.66
C VAL A 5 10.36 -15.38 -12.59
N LEU A 6 10.49 -14.63 -13.68
CA LEU A 6 9.96 -13.26 -13.77
C LEU A 6 8.68 -13.20 -14.62
N ALA A 7 8.01 -12.05 -14.58
CA ALA A 7 6.85 -11.77 -15.43
C ALA A 7 5.60 -12.60 -15.06
N GLU A 8 5.65 -13.36 -13.97
CA GLU A 8 4.46 -14.04 -13.46
C GLU A 8 3.71 -13.15 -12.45
N SER A 9 4.36 -12.06 -12.05
CA SER A 9 3.73 -11.05 -11.20
C SER A 9 2.57 -10.36 -11.94
N PRO A 10 1.38 -10.25 -11.31
CA PRO A 10 0.18 -9.71 -11.95
C PRO A 10 0.24 -8.19 -12.18
N GLU A 11 -0.01 -7.76 -13.41
CA GLU A 11 -0.13 -6.34 -13.75
C GLU A 11 -1.57 -5.98 -14.12
N PHE A 12 -2.38 -7.01 -14.38
CA PHE A 12 -3.75 -6.82 -14.87
C PHE A 12 -4.71 -6.37 -13.76
N TYR A 13 -4.67 -5.08 -13.44
CA TYR A 13 -5.58 -4.49 -12.44
C TYR A 13 -5.53 -2.96 -12.50
N GLN A 14 -4.34 -2.42 -12.79
CA GLN A 14 -4.10 -0.96 -12.87
C GLN A 14 -4.22 -0.28 -11.49
N ASP A 15 -5.43 -0.27 -10.93
CA ASP A 15 -5.68 0.33 -9.62
C ASP A 15 -5.17 -0.55 -8.47
N ASN A 16 -4.41 0.05 -7.56
CA ASN A 16 -3.93 -0.62 -6.35
C ASN A 16 -4.76 -0.23 -5.12
N VAL A 17 -5.45 0.91 -5.21
CA VAL A 17 -6.28 1.40 -4.11
C VAL A 17 -7.76 1.03 -4.32
N THR A 18 -8.36 0.39 -3.30
CA THR A 18 -9.78 0.01 -3.35
C THR A 18 -10.50 0.43 -2.06
N ASP A 19 -11.64 1.10 -2.19
CA ASP A 19 -12.41 1.53 -1.02
C ASP A 19 -13.83 0.96 -1.04
N TYR A 20 -14.29 0.51 0.11
CA TYR A 20 -15.67 0.02 0.27
C TYR A 20 -16.50 1.02 1.09
N THR A 21 -16.06 2.29 1.08
CA THR A 21 -16.68 3.31 1.93
C THR A 21 -17.67 4.20 1.17
N GLY A 22 -17.29 4.62 -0.03
CA GLY A 22 -18.09 5.60 -0.77
C GLY A 22 -17.88 7.02 -0.24
N GLN A 23 -16.94 7.16 0.71
CA GLN A 23 -16.64 8.44 1.36
C GLN A 23 -15.26 8.98 0.94
N ILE A 24 -14.29 8.08 0.76
CA ILE A 24 -12.93 8.48 0.36
C ILE A 24 -12.93 9.04 -1.07
N SER A 25 -12.59 10.32 -1.20
CA SER A 25 -12.61 11.01 -2.49
C SER A 25 -11.62 10.40 -3.49
N SER A 26 -12.04 10.29 -4.75
CA SER A 26 -11.21 9.74 -5.82
C SER A 26 -9.92 10.55 -6.01
N SER A 27 -10.00 11.84 -5.74
CA SER A 27 -8.83 12.73 -5.79
C SER A 27 -7.71 12.24 -4.86
N ASP A 28 -8.08 11.87 -3.63
CA ASP A 28 -7.13 11.30 -2.66
C ASP A 28 -6.58 9.96 -3.19
N ILE A 29 -7.49 9.13 -3.68
CA ILE A 29 -7.14 7.82 -4.26
C ILE A 29 -6.09 7.96 -5.38
N THR A 30 -6.28 8.96 -6.24
CA THR A 30 -5.33 9.24 -7.32
C THR A 30 -3.93 9.54 -6.76
N ASN A 31 -3.87 10.43 -5.76
CA ASN A 31 -2.60 10.81 -5.14
C ASN A 31 -1.89 9.59 -4.51
N ILE A 32 -2.65 8.80 -3.76
CA ILE A 32 -2.13 7.57 -3.15
C ILE A 32 -1.63 6.60 -4.23
N GLN A 33 -2.46 6.40 -5.26
CA GLN A 33 -2.13 5.51 -6.38
C GLN A 33 -0.82 5.93 -7.06
N ALA A 34 -0.61 7.23 -7.21
CA ALA A 34 0.62 7.78 -7.80
C ALA A 34 1.86 7.42 -6.96
N ALA A 35 1.74 7.56 -5.63
CA ALA A 35 2.81 7.19 -4.71
C ALA A 35 3.08 5.68 -4.72
N ILE A 36 2.00 4.89 -4.75
CA ILE A 36 2.11 3.43 -4.82
C ILE A 36 2.78 2.96 -6.12
N ASP A 37 2.32 3.49 -7.25
CA ASP A 37 2.81 3.07 -8.56
C ASP A 37 4.32 3.30 -8.70
N ASP A 38 4.85 4.36 -8.07
CA ASP A 38 6.28 4.60 -8.07
C ASP A 38 7.03 3.43 -7.41
N VAL A 39 6.56 3.01 -6.23
CA VAL A 39 7.16 1.89 -5.50
C VAL A 39 7.12 0.59 -6.32
N LYS A 40 6.04 0.42 -7.09
CA LYS A 40 5.87 -0.74 -7.97
C LYS A 40 6.96 -0.77 -9.07
N ALA A 41 7.51 0.39 -9.40
CA ALA A 41 8.56 0.50 -10.42
C ALA A 41 9.96 0.62 -9.81
N SER A 42 10.08 1.34 -8.69
CA SER A 42 11.37 1.60 -8.05
C SER A 42 11.86 0.38 -7.24
N GLU A 43 11.25 0.14 -6.08
CA GLU A 43 11.62 -1.02 -5.25
C GLU A 43 10.94 -2.31 -5.75
N GLN A 44 10.21 -2.21 -6.88
CA GLN A 44 9.52 -3.37 -7.47
C GLN A 44 8.45 -3.94 -6.53
N LYS A 45 7.99 -3.10 -5.60
CA LYS A 45 7.01 -3.50 -4.59
C LYS A 45 5.58 -3.10 -4.99
N VAL A 46 4.74 -4.09 -5.20
CA VAL A 46 3.34 -3.85 -5.54
C VAL A 46 2.49 -3.64 -4.27
N ILE A 47 2.19 -2.38 -3.96
CA ILE A 47 1.44 -2.05 -2.75
C ILE A 47 -0.08 -2.07 -3.00
N PHE A 48 -0.83 -2.51 -1.99
CA PHE A 48 -2.30 -2.55 -2.07
C PHE A 48 -2.94 -1.91 -0.83
N VAL A 49 -3.80 -0.91 -1.05
CA VAL A 49 -4.49 -0.25 0.04
C VAL A 49 -6.00 -0.50 -0.03
N VAL A 50 -6.61 -0.91 1.08
CA VAL A 50 -8.04 -1.21 1.14
C VAL A 50 -8.74 -0.40 2.25
N PHE A 51 -9.63 0.51 1.86
CA PHE A 51 -10.42 1.28 2.83
C PHE A 51 -11.73 0.56 3.18
N LEU A 52 -11.78 -0.08 4.34
CA LEU A 52 -12.96 -0.83 4.77
C LEU A 52 -13.87 0.01 5.67
N SER A 53 -15.15 -0.36 5.73
CA SER A 53 -16.07 0.25 6.71
C SER A 53 -15.83 -0.36 8.10
N SER A 54 -15.38 -1.60 8.12
CA SER A 54 -15.02 -2.31 9.36
C SER A 54 -14.43 -3.68 9.03
N PHE A 55 -13.88 -4.35 10.04
CA PHE A 55 -13.30 -5.69 9.87
C PHE A 55 -14.30 -6.79 10.28
N ASP A 56 -15.57 -6.41 10.42
CA ASP A 56 -16.65 -7.36 10.79
C ASP A 56 -16.41 -7.96 12.19
N GLY A 57 -15.54 -8.96 12.25
CA GLY A 57 -15.18 -9.57 13.53
C GLY A 57 -13.77 -10.17 13.48
N VAL A 58 -12.99 -9.74 12.50
CA VAL A 58 -11.63 -10.26 12.29
C VAL A 58 -10.57 -9.28 12.80
N ASP A 59 -9.44 -9.80 13.28
CA ASP A 59 -8.32 -8.96 13.68
C ASP A 59 -7.70 -8.25 12.46
N PRO A 60 -7.48 -6.93 12.54
CA PRO A 60 -6.99 -6.14 11.39
C PRO A 60 -5.76 -6.76 10.70
N GLU A 61 -4.70 -7.02 11.46
CA GLU A 61 -3.47 -7.61 10.89
C GLU A 61 -3.75 -9.01 10.30
N THR A 62 -4.53 -9.81 11.01
CA THR A 62 -4.91 -11.16 10.53
C THR A 62 -5.65 -11.10 9.18
N TRP A 63 -6.67 -10.25 9.11
CA TRP A 63 -7.40 -10.00 7.86
C TRP A 63 -6.42 -9.62 6.74
N THR A 64 -5.54 -8.68 7.05
CA THR A 64 -4.57 -8.16 6.10
C THR A 64 -3.72 -9.27 5.46
N GLN A 65 -3.23 -10.20 6.28
CA GLN A 65 -2.42 -11.30 5.77
C GLN A 65 -3.28 -12.40 5.12
N GLN A 66 -4.51 -12.57 5.59
CA GLN A 66 -5.46 -13.48 4.93
C GLN A 66 -5.60 -13.10 3.44
N ALA A 67 -5.55 -11.81 3.16
CA ALA A 67 -5.53 -11.32 1.79
C ALA A 67 -4.17 -11.64 1.13
N LEU A 68 -3.09 -11.49 1.91
CA LEU A 68 -1.75 -11.83 1.44
C LEU A 68 -1.63 -13.29 1.00
N GLN A 69 -2.26 -14.18 1.76
CA GLN A 69 -2.27 -15.60 1.43
C GLN A 69 -2.98 -15.87 0.10
N ALA A 70 -3.83 -14.94 -0.30
CA ALA A 70 -4.41 -14.94 -1.65
C ALA A 70 -3.44 -14.32 -2.66
N ASN A 71 -2.58 -13.40 -2.18
CA ASN A 71 -1.63 -12.69 -3.05
C ASN A 71 -0.28 -13.43 -3.16
N GLY A 72 -0.07 -14.43 -2.30
CA GLY A 72 1.13 -15.26 -2.37
C GLY A 72 2.38 -14.61 -1.79
N GLY A 73 2.21 -13.53 -1.02
CA GLY A 73 3.35 -12.85 -0.43
C GLY A 73 4.27 -12.19 -1.45
N GLY A 74 5.42 -12.81 -1.74
CA GLY A 74 6.36 -12.28 -2.73
C GLY A 74 6.78 -10.83 -2.48
N ASN A 75 6.26 -9.92 -3.30
CA ASN A 75 6.56 -8.47 -3.19
C ASN A 75 5.29 -7.65 -2.93
N VAL A 76 4.21 -8.35 -2.57
CA VAL A 76 2.90 -7.71 -2.38
C VAL A 76 2.83 -6.93 -1.07
N LEU A 77 2.19 -5.77 -1.10
CA LEU A 77 1.81 -5.07 0.13
C LEU A 77 0.29 -5.08 0.26
N ILE A 78 -0.16 -5.31 1.46
CA ILE A 78 -1.57 -5.28 1.79
C ILE A 78 -1.77 -4.41 3.03
N TYR A 79 -2.47 -3.30 2.88
CA TYR A 79 -2.72 -2.41 4.00
C TYR A 79 -4.20 -2.01 4.05
N ALA A 80 -4.92 -2.59 5.01
CA ALA A 80 -6.35 -2.38 5.16
C ALA A 80 -6.66 -1.37 6.26
N LEU A 81 -7.28 -0.25 5.88
CA LEU A 81 -7.64 0.80 6.82
C LEU A 81 -9.16 0.85 7.04
N ALA A 82 -9.59 0.82 8.30
CA ALA A 82 -11.01 0.95 8.64
C ALA A 82 -11.28 2.29 9.35
N PRO A 83 -11.49 3.37 8.58
CA PRO A 83 -11.72 4.72 9.15
C PRO A 83 -12.96 4.77 10.06
N GLU A 84 -13.96 3.96 9.71
CA GLU A 84 -15.23 3.94 10.43
C GLU A 84 -15.09 3.24 11.80
N GLU A 85 -13.98 2.52 12.01
CA GLU A 85 -13.72 1.81 13.27
C GLU A 85 -12.36 2.17 13.89
N ARG A 86 -11.69 3.19 13.36
CA ARG A 86 -10.43 3.70 13.93
C ARG A 86 -9.32 2.63 14.03
N GLN A 87 -9.33 1.65 13.13
CA GLN A 87 -8.36 0.54 13.17
C GLN A 87 -7.81 0.23 11.77
N TYR A 88 -6.67 -0.47 11.72
CA TYR A 88 -6.02 -0.80 10.44
C TYR A 88 -5.06 -2.00 10.57
N GLY A 89 -4.63 -2.53 9.43
CA GLY A 89 -3.66 -3.62 9.40
C GLY A 89 -2.73 -3.55 8.21
N ILE A 90 -1.47 -3.97 8.38
CA ILE A 90 -0.47 -3.90 7.30
C ILE A 90 0.28 -5.23 7.13
N GLN A 91 0.53 -5.61 5.87
CA GLN A 91 1.23 -6.87 5.55
C GLN A 91 2.04 -6.71 4.28
N GLY A 92 3.15 -7.41 4.20
CA GLY A 92 3.96 -7.36 3.00
C GLY A 92 4.60 -8.70 2.68
N GLY A 93 4.92 -8.90 1.41
CA GLY A 93 5.52 -10.15 0.97
C GLY A 93 6.93 -10.39 1.52
N THR A 94 7.56 -11.46 1.07
CA THR A 94 8.93 -11.80 1.51
C THR A 94 9.94 -10.67 1.20
N GLN A 95 9.58 -9.79 0.26
CA GLN A 95 10.44 -8.66 -0.11
C GLN A 95 10.11 -7.38 0.67
N TRP A 96 9.15 -7.49 1.59
CA TRP A 96 8.83 -6.41 2.55
C TRP A 96 9.38 -6.77 3.94
N THR A 97 10.30 -5.96 4.45
CA THR A 97 10.93 -6.25 5.75
C THR A 97 10.02 -5.81 6.90
N ASP A 98 10.24 -6.39 8.08
CA ASP A 98 9.47 -6.04 9.28
C ASP A 98 9.63 -4.54 9.60
N ALA A 99 10.84 -4.03 9.40
CA ALA A 99 11.13 -2.61 9.62
C ALA A 99 10.30 -1.70 8.69
N GLU A 100 10.14 -2.12 7.43
CA GLU A 100 9.37 -1.36 6.45
C GLU A 100 7.86 -1.39 6.76
N LEU A 101 7.33 -2.59 7.04
CA LEU A 101 5.92 -2.75 7.41
C LEU A 101 5.60 -1.99 8.72
N ASP A 102 6.49 -2.10 9.71
CA ASP A 102 6.30 -1.39 10.98
C ASP A 102 6.43 0.12 10.79
N ALA A 103 7.43 0.55 10.01
CA ALA A 103 7.56 1.97 9.63
C ALA A 103 6.27 2.48 8.99
N ALA A 104 5.65 1.64 8.17
CA ALA A 104 4.36 1.94 7.57
C ALA A 104 3.28 2.14 8.66
N ASN A 105 3.27 1.25 9.66
CA ASN A 105 2.34 1.38 10.79
C ASN A 105 2.51 2.73 11.51
N ASN A 106 3.75 3.06 11.84
CA ASN A 106 4.08 4.33 12.51
C ASN A 106 3.72 5.55 11.63
N ALA A 107 4.25 5.57 10.40
CA ALA A 107 4.00 6.67 9.46
C ALA A 107 2.49 6.86 9.20
N ALA A 108 1.78 5.77 8.99
CA ALA A 108 0.32 5.81 8.80
C ALA A 108 -0.39 6.31 10.06
N PHE A 109 0.01 5.79 11.22
CA PHE A 109 -0.61 6.14 12.51
C PHE A 109 -0.55 7.65 12.77
N GLN A 110 0.54 8.29 12.34
CA GLN A 110 0.67 9.76 12.43
C GLN A 110 -0.56 10.46 11.83
N ALA A 111 -0.93 10.02 10.63
CA ALA A 111 -2.11 10.55 9.94
C ALA A 111 -3.42 10.06 10.58
N LEU A 112 -3.47 8.78 10.93
CA LEU A 112 -4.68 8.16 11.50
C LEU A 112 -5.06 8.79 12.85
N SER A 113 -4.05 9.23 13.60
CA SER A 113 -4.28 9.89 14.90
C SER A 113 -5.03 11.22 14.70
N GLN A 114 -4.87 11.79 13.50
CA GLN A 114 -5.51 13.04 13.11
C GLN A 114 -6.68 12.79 12.14
N GLU A 115 -7.01 11.51 11.94
CA GLU A 115 -8.07 11.09 11.01
C GLU A 115 -7.74 11.43 9.54
N ASP A 116 -6.47 11.66 9.24
CA ASP A 116 -6.04 11.79 7.83
C ASP A 116 -6.00 10.39 7.17
N TRP A 117 -7.18 9.81 6.98
CA TRP A 117 -7.31 8.43 6.50
C TRP A 117 -6.60 8.19 5.16
N ALA A 118 -6.89 9.04 4.18
CA ALA A 118 -6.25 8.92 2.87
C ALA A 118 -4.76 9.30 2.92
N GLY A 119 -4.44 10.24 3.80
CA GLY A 119 -3.06 10.69 3.95
C GLY A 119 -2.13 9.60 4.47
N SER A 120 -2.66 8.68 5.27
CA SER A 120 -1.87 7.56 5.81
C SER A 120 -1.34 6.65 4.69
N ALA A 121 -2.24 6.17 3.84
CA ALA A 121 -1.87 5.33 2.70
C ALA A 121 -0.84 6.03 1.80
N LEU A 122 -1.03 7.32 1.58
CA LEU A 122 -0.07 8.14 0.83
C LEU A 122 1.31 8.11 1.51
N ALA A 123 1.33 8.37 2.82
CA ALA A 123 2.58 8.36 3.60
C ALA A 123 3.27 6.97 3.58
N LEU A 124 2.47 5.91 3.57
CA LEU A 124 2.99 4.54 3.54
C LEU A 124 3.93 4.33 2.33
N ALA A 125 3.50 4.75 1.15
CA ALA A 125 4.32 4.65 -0.06
C ALA A 125 5.46 5.69 -0.06
N GLU A 126 5.16 6.88 0.50
CA GLU A 126 6.16 7.97 0.60
C GLU A 126 7.38 7.58 1.43
N SER A 127 7.22 6.64 2.36
CA SER A 127 8.35 6.16 3.18
C SER A 127 9.40 5.45 2.31
N VAL A 128 8.92 4.58 1.42
CA VAL A 128 9.81 3.78 0.56
C VAL A 128 10.10 4.45 -0.80
N GLY A 129 9.07 4.66 -1.61
CA GLY A 129 9.26 5.14 -2.98
C GLY A 129 9.42 6.65 -3.11
N SER A 130 9.84 7.31 -2.02
CA SER A 130 9.99 8.78 -2.02
C SER A 130 10.95 9.24 -0.93
N SER A 131 11.06 10.56 -0.75
CA SER A 131 11.88 11.14 0.32
C SER A 131 10.99 11.75 1.41
N SER A 132 10.94 11.11 2.58
CA SER A 132 10.09 11.57 3.67
C SER A 132 10.83 11.54 5.03
N SER A 133 10.77 12.65 5.76
CA SER A 133 11.40 12.74 7.09
C SER A 133 10.42 12.30 8.19
N SER A 134 10.68 11.14 8.77
CA SER A 134 9.81 10.56 9.81
C SER A 134 10.06 11.19 11.19
N SER A 135 9.26 10.79 12.17
CA SER A 135 9.39 11.32 13.54
C SER A 135 10.45 10.56 14.35
N SER A 136 10.83 11.13 15.50
CA SER A 136 11.84 10.52 16.39
C SER A 136 11.30 10.41 17.82
N GLY A 137 11.43 9.23 18.42
CA GLY A 137 10.95 9.02 19.78
C GLY A 137 11.97 9.41 20.84
N SER A 138 11.50 9.97 21.96
CA SER A 138 12.37 10.34 23.08
C SER A 138 12.14 9.41 24.28
N SER A 139 12.87 8.30 24.32
CA SER A 139 12.67 7.27 25.34
C SER A 139 13.53 7.51 26.59
N SER A 140 12.90 7.99 27.67
CA SER A 140 13.59 8.21 28.94
C SER A 140 13.53 6.96 29.83
N LEU A 141 14.56 6.75 30.66
CA LEU A 141 14.64 5.54 31.49
C LEU A 141 14.38 5.84 32.97
N GLU A 142 15.42 6.27 33.69
CA GLU A 142 15.36 6.47 35.15
C GLU A 142 15.04 5.16 35.89
N HIS A 143 16.07 4.55 36.46
CA HIS A 143 15.91 3.29 37.21
C HIS A 143 16.63 3.34 38.57
N HIS A 144 16.19 2.47 39.48
CA HIS A 144 16.85 2.26 40.78
C HIS A 144 16.61 3.40 41.78
N HIS A 145 16.14 3.04 42.98
CA HIS A 145 15.96 4.00 44.06
C HIS A 145 17.33 4.57 44.49
N HIS A 146 17.55 5.85 44.22
CA HIS A 146 18.84 6.49 44.49
C HIS A 146 19.18 6.46 45.99
N HIS A 147 20.49 6.38 46.30
CA HIS A 147 20.99 6.16 47.67
C HIS A 147 20.64 4.74 48.16
N HIS A 148 21.60 3.82 47.99
CA HIS A 148 21.40 2.41 48.35
C HIS A 148 22.73 1.72 48.72
#